data_3LUB
#
_entry.id   3LUB
#
_cell.length_a   55.906
_cell.length_b   156.790
_cell.length_c   170.161
_cell.angle_alpha   90.000
_cell.angle_beta   95.290
_cell.angle_gamma   90.000
#
_symmetry.space_group_name_H-M   'P 1 21 1'
#
loop_
_entity.id
_entity.type
_entity.pdbx_description
1 polymer 'Putative creatinine amidohydrolase'
2 non-polymer 'ZINC ION'
3 non-polymer 'CALCIUM ION'
4 non-polymer 'CHLORIDE ION'
5 non-polymer 1,2-ETHANEDIOL
6 water water
#
_entity_poly.entity_id   1
_entity_poly.type   'polypeptide(L)'
_entity_poly.pdbx_seq_one_letter_code
;G(MSE)NKEVDLSVSCLGKVKELKYDVIILPWGATEPHNLHLPYLTDCILPHDIAVEAAELALSRSGVRC(MSE)V
(MSE)PPVPFGAHNPGQRELPFCIHTRYATQQAILEDIVSSLHVQGFRKLLILSGHGGNNFKG(MSE)IRDLAFEYPDFL
IAAANWFEVVSPKGYFEAEIDDHAGESETSV(MSE)(MSE)HYHPELVNLAEAGDGESKPFAIASLNEKVAWVPRHWDKA
TVDSGVGNPKKATAEKGERYVKPIVEKLAGLFEE(MSE)AQHDLYE
;
_entity_poly.pdbx_strand_id   A,B,C,D,E,F,G,H,I,J,K,L
#
loop_
_chem_comp.id
_chem_comp.type
_chem_comp.name
_chem_comp.formula
CA non-polymer 'CALCIUM ION' 'Ca 2'
CL non-polymer 'CHLORIDE ION' 'Cl -1'
EDO non-polymer 1,2-ETHANEDIOL 'C2 H6 O2'
ZN non-polymer 'ZINC ION' 'Zn 2'
#
# COMPACT_ATOMS: atom_id res chain seq x y z
N MSE A 2 -22.71 15.79 -26.11
CA MSE A 2 -22.05 15.48 -27.41
C MSE A 2 -20.89 16.45 -27.63
O MSE A 2 -21.12 17.66 -27.56
CB MSE A 2 -23.04 15.58 -28.58
CG MSE A 2 -22.41 15.68 -30.01
SE MSE A 2 -23.76 15.63 -31.54
CE MSE A 2 -24.95 14.15 -30.62
N ASN A 3 -19.68 15.92 -27.86
CA ASN A 3 -18.46 16.75 -28.10
C ASN A 3 -17.71 16.29 -29.35
N LYS A 4 -17.95 16.99 -30.45
CA LYS A 4 -17.30 16.70 -31.71
C LYS A 4 -15.81 17.02 -31.73
N GLU A 5 -15.35 17.86 -30.80
CA GLU A 5 -13.95 18.26 -30.75
C GLU A 5 -13.01 17.11 -30.28
N VAL A 6 -13.49 16.25 -29.39
CA VAL A 6 -12.64 15.25 -28.76
C VAL A 6 -13.21 13.82 -28.85
N ASP A 7 -14.40 13.64 -29.41
CA ASP A 7 -15.04 12.34 -29.53
C ASP A 7 -15.35 12.00 -30.99
N LEU A 8 -14.52 11.15 -31.59
CA LEU A 8 -14.67 10.79 -33.01
C LEU A 8 -15.97 10.03 -33.32
N SER A 9 -16.57 9.39 -32.33
CA SER A 9 -17.79 8.68 -32.50
C SER A 9 -18.96 9.58 -32.94
N VAL A 10 -18.89 10.87 -32.60
CA VAL A 10 -19.93 11.82 -33.00
C VAL A 10 -19.42 12.95 -33.92
N SER A 11 -18.11 12.95 -34.23
CA SER A 11 -17.47 14.05 -34.95
C SER A 11 -17.49 13.85 -36.49
N CYS A 12 -17.07 14.91 -37.19
CA CYS A 12 -17.01 14.99 -38.63
C CYS A 12 -15.79 15.81 -39.01
N LEU A 13 -15.34 15.67 -40.26
CA LEU A 13 -14.13 16.33 -40.76
C LEU A 13 -14.16 17.84 -40.63
N GLY A 14 -15.32 18.44 -40.84
CA GLY A 14 -15.43 19.89 -40.70
C GLY A 14 -15.08 20.41 -39.32
N LYS A 15 -15.39 19.65 -38.28
CA LYS A 15 -15.10 20.08 -36.91
C LYS A 15 -13.60 19.99 -36.61
N VAL A 16 -12.92 18.97 -37.15
CA VAL A 16 -11.59 18.64 -36.71
C VAL A 16 -10.48 19.15 -37.63
N LYS A 17 -10.79 19.49 -38.88
CA LYS A 17 -9.72 19.65 -39.85
C LYS A 17 -8.78 20.83 -39.62
N GLU A 18 -9.27 21.88 -38.96
CA GLU A 18 -8.42 23.04 -38.67
C GLU A 18 -7.84 23.04 -37.25
N LEU A 19 -8.03 21.97 -36.50
CA LEU A 19 -7.55 21.92 -35.12
C LEU A 19 -6.26 21.09 -35.03
N LYS A 20 -5.39 21.45 -34.10
CA LYS A 20 -4.28 20.60 -33.76
C LYS A 20 -4.64 19.63 -32.65
N TYR A 21 -4.26 18.38 -32.83
CA TYR A 21 -4.41 17.34 -31.81
C TYR A 21 -3.04 16.84 -31.37
N ASP A 22 -2.87 16.74 -30.05
CA ASP A 22 -1.60 16.46 -29.42
C ASP A 22 -1.46 14.96 -29.06
N VAL A 23 -2.55 14.33 -28.61
CA VAL A 23 -2.53 12.93 -28.22
C VAL A 23 -3.78 12.24 -28.76
N ILE A 24 -3.62 11.00 -29.23
CA ILE A 24 -4.75 10.20 -29.65
C ILE A 24 -4.98 9.19 -28.53
N ILE A 25 -6.25 8.88 -28.29
CA ILE A 25 -6.66 7.94 -27.26
CA ILE A 25 -6.65 7.91 -27.28
C ILE A 25 -7.50 6.86 -27.95
N LEU A 26 -7.10 5.61 -27.76
CA LEU A 26 -7.78 4.47 -28.33
C LEU A 26 -8.41 3.63 -27.19
N PRO A 27 -9.73 3.77 -27.03
CA PRO A 27 -10.43 2.90 -26.07
C PRO A 27 -10.53 1.52 -26.67
N TRP A 28 -10.16 0.50 -25.92
CA TRP A 28 -10.20 -0.89 -26.40
C TRP A 28 -10.90 -1.75 -25.37
N GLY A 29 -12.00 -2.35 -25.77
CA GLY A 29 -12.84 -3.12 -24.94
C GLY A 29 -12.97 -4.56 -25.38
N ALA A 30 -14.21 -5.02 -25.41
CA ALA A 30 -14.57 -6.40 -25.62
C ALA A 30 -16.08 -6.47 -25.83
N THR A 31 -16.52 -7.52 -26.55
CA THR A 31 -17.96 -7.88 -26.66
C THR A 31 -18.16 -9.16 -25.83
N GLU A 32 -18.78 -9.01 -24.65
CA GLU A 32 -18.63 -9.94 -23.57
C GLU A 32 -19.79 -9.82 -22.58
N PRO A 33 -20.45 -10.93 -22.25
CA PRO A 33 -21.41 -10.99 -21.14
C PRO A 33 -20.86 -10.45 -19.81
N HIS A 34 -21.61 -9.57 -19.17
CA HIS A 34 -21.27 -9.03 -17.84
C HIS A 34 -22.36 -9.35 -16.78
N ASN A 35 -22.33 -10.55 -16.19
CA ASN A 35 -23.39 -10.99 -15.32
C ASN A 35 -24.64 -10.86 -16.20
N LEU A 36 -25.81 -10.75 -15.57
CA LEU A 36 -27.06 -10.66 -16.32
C LEU A 36 -27.52 -9.24 -16.64
N HIS A 37 -26.87 -8.23 -16.07
CA HIS A 37 -27.42 -6.87 -16.03
C HIS A 37 -26.65 -5.80 -16.82
N LEU A 38 -25.40 -6.03 -17.11
CA LEU A 38 -24.57 -4.95 -17.68
C LEU A 38 -24.46 -5.17 -19.18
N PRO A 39 -24.33 -4.11 -19.96
CA PRO A 39 -24.20 -4.27 -21.42
C PRO A 39 -23.03 -5.13 -21.89
N TYR A 40 -23.29 -5.90 -22.93
CA TYR A 40 -22.24 -6.59 -23.68
C TYR A 40 -21.06 -5.70 -24.01
N LEU A 41 -21.31 -4.41 -24.21
CA LEU A 41 -20.25 -3.46 -24.60
C LEU A 41 -19.68 -2.64 -23.44
N THR A 42 -19.97 -3.03 -22.21
CA THR A 42 -19.37 -2.37 -21.04
C THR A 42 -17.90 -1.94 -21.22
N ASP A 43 -17.07 -2.86 -21.69
CA ASP A 43 -15.62 -2.61 -21.74
C ASP A 43 -15.21 -1.62 -22.83
N CYS A 44 -16.12 -1.35 -23.76
CA CYS A 44 -15.95 -0.28 -24.71
C CYS A 44 -16.47 1.04 -24.15
N ILE A 45 -17.66 0.96 -23.55
CA ILE A 45 -18.39 2.14 -23.14
C ILE A 45 -17.69 2.91 -22.05
N LEU A 46 -17.20 2.19 -21.06
CA LEU A 46 -16.54 2.82 -19.91
C LEU A 46 -15.21 3.52 -20.22
N PRO A 47 -14.25 2.84 -20.91
CA PRO A 47 -13.07 3.64 -21.27
C PRO A 47 -13.33 4.77 -22.24
N HIS A 48 -14.36 4.64 -23.10
CA HIS A 48 -14.73 5.72 -24.00
C HIS A 48 -15.18 6.94 -23.21
N ASP A 49 -16.06 6.74 -22.24
CA ASP A 49 -16.63 7.88 -21.50
C ASP A 49 -15.60 8.52 -20.59
N ILE A 50 -14.80 7.68 -19.95
CA ILE A 50 -13.72 8.14 -19.13
C ILE A 50 -12.74 8.96 -19.98
N ALA A 51 -12.37 8.43 -21.13
CA ALA A 51 -11.42 9.11 -22.02
C ALA A 51 -11.92 10.47 -22.49
N VAL A 52 -13.21 10.55 -22.82
CA VAL A 52 -13.80 11.81 -23.29
C VAL A 52 -13.79 12.86 -22.19
N GLU A 53 -14.16 12.47 -20.97
CA GLU A 53 -14.06 13.38 -19.81
C GLU A 53 -12.64 13.84 -19.54
N ALA A 54 -11.66 12.92 -19.57
CA ALA A 54 -10.25 13.30 -19.43
C ALA A 54 -9.80 14.23 -20.53
N ALA A 55 -10.22 13.96 -21.76
CA ALA A 55 -9.85 14.81 -22.89
C ALA A 55 -10.46 16.23 -22.69
N GLU A 56 -11.71 16.28 -22.29
CA GLU A 56 -12.34 17.58 -21.98
C GLU A 56 -11.60 18.35 -20.91
N LEU A 57 -11.22 17.67 -19.82
CA LEU A 57 -10.44 18.27 -18.72
C LEU A 57 -9.07 18.76 -19.17
N ALA A 58 -8.37 17.92 -19.92
CA ALA A 58 -7.06 18.29 -20.45
C ALA A 58 -7.18 19.58 -21.30
N LEU A 59 -8.23 19.67 -22.10
CA LEU A 59 -8.39 20.85 -22.97
C LEU A 59 -8.75 22.12 -22.17
N SER A 60 -9.71 22.00 -21.27
CA SER A 60 -10.14 23.15 -20.48
C SER A 60 -9.02 23.69 -19.59
N ARG A 61 -8.29 22.74 -18.98
CA ARG A 61 -7.31 23.05 -17.96
C ARG A 61 -5.99 23.51 -18.55
N SER A 62 -5.51 22.85 -19.60
CA SER A 62 -4.18 23.10 -20.15
C SER A 62 -4.13 23.51 -21.62
N GLY A 63 -5.27 23.52 -22.30
CA GLY A 63 -5.27 23.71 -23.76
C GLY A 63 -4.70 22.54 -24.59
N VAL A 64 -4.57 21.36 -23.98
CA VAL A 64 -4.10 20.17 -24.67
C VAL A 64 -5.29 19.45 -25.27
N ARG A 65 -5.30 19.26 -26.57
CA ARG A 65 -6.43 18.66 -27.27
C ARG A 65 -6.12 17.22 -27.72
N CYS A 66 -6.97 16.30 -27.27
CA CYS A 66 -6.84 14.88 -27.56
C CYS A 66 -8.03 14.35 -28.31
N MSE A 67 -7.82 13.40 -29.19
CA MSE A 67 -8.93 12.78 -29.88
C MSE A 67 -9.16 11.40 -29.30
O MSE A 67 -8.25 10.57 -29.26
CB MSE A 67 -8.69 12.69 -31.39
CG MSE A 67 -9.84 12.08 -32.18
SE MSE A 67 -11.56 12.94 -31.89
CE MSE A 67 -11.45 14.47 -33.22
N VAL A 68 -10.40 11.15 -28.91
CA VAL A 68 -10.83 9.83 -28.50
C VAL A 68 -11.40 9.09 -29.71
N MSE A 69 -10.71 8.04 -30.16
CA MSE A 69 -11.12 7.27 -31.33
C MSE A 69 -12.29 6.35 -30.96
O MSE A 69 -12.61 6.21 -29.78
CB MSE A 69 -9.97 6.41 -31.81
CG MSE A 69 -8.75 7.17 -32.20
SE MSE A 69 -8.95 8.23 -33.81
CE MSE A 69 -9.11 6.81 -35.18
N PRO A 70 -12.96 5.75 -31.96
CA PRO A 70 -14.01 4.79 -31.68
C PRO A 70 -13.45 3.55 -30.95
N PRO A 71 -14.18 3.06 -29.94
CA PRO A 71 -13.68 1.90 -29.20
C PRO A 71 -13.51 0.63 -30.04
N VAL A 72 -12.47 -0.15 -29.75
CA VAL A 72 -12.31 -1.47 -30.41
C VAL A 72 -13.09 -2.52 -29.60
N PRO A 73 -14.14 -3.12 -30.23
CA PRO A 73 -14.90 -4.10 -29.47
C PRO A 73 -14.34 -5.54 -29.49
N PHE A 74 -13.03 -5.69 -29.75
CA PHE A 74 -12.46 -7.02 -29.96
C PHE A 74 -11.48 -7.38 -28.86
N GLY A 75 -11.97 -8.16 -27.89
CA GLY A 75 -11.22 -8.51 -26.69
C GLY A 75 -10.74 -9.95 -26.75
N ALA A 76 -9.80 -10.28 -25.85
CA ALA A 76 -9.20 -11.60 -25.71
C ALA A 76 -9.87 -12.27 -24.53
N HIS A 77 -10.46 -13.44 -24.75
CA HIS A 77 -11.30 -14.09 -23.71
C HIS A 77 -10.77 -15.45 -23.28
N ASN A 78 -11.42 -15.98 -22.25
CA ASN A 78 -11.00 -17.18 -21.53
C ASN A 78 -11.84 -18.36 -21.94
N PRO A 79 -11.35 -19.57 -21.61
CA PRO A 79 -12.14 -20.78 -21.84
C PRO A 79 -13.47 -20.68 -21.13
N GLY A 80 -14.54 -21.18 -21.79
CA GLY A 80 -15.90 -21.04 -21.26
C GLY A 80 -16.65 -19.76 -21.62
N GLN A 81 -15.93 -18.70 -22.01
CA GLN A 81 -16.59 -17.46 -22.38
C GLN A 81 -17.06 -17.46 -23.85
N ARG A 82 -16.28 -18.08 -24.72
CA ARG A 82 -16.58 -18.13 -26.16
C ARG A 82 -17.91 -18.83 -26.47
N GLU A 83 -18.26 -19.81 -25.64
CA GLU A 83 -19.53 -20.53 -25.77
C GLU A 83 -20.77 -19.69 -25.35
N LEU A 84 -20.60 -18.62 -24.57
CA LEU A 84 -21.74 -17.77 -24.17
C LEU A 84 -22.22 -16.96 -25.38
N PRO A 85 -23.53 -16.85 -25.54
CA PRO A 85 -24.01 -16.18 -26.74
C PRO A 85 -23.47 -14.75 -26.92
N PHE A 86 -23.02 -14.50 -28.13
CA PHE A 86 -22.48 -13.19 -28.60
C PHE A 86 -21.15 -12.75 -27.99
N CYS A 87 -20.48 -13.65 -27.27
CA CYS A 87 -19.13 -13.39 -26.82
C CYS A 87 -18.15 -13.65 -27.97
N ILE A 88 -17.34 -12.63 -28.30
CA ILE A 88 -16.42 -12.73 -29.42
C ILE A 88 -14.98 -12.78 -28.92
N HIS A 89 -14.40 -13.99 -28.92
CA HIS A 89 -12.95 -14.15 -28.66
C HIS A 89 -12.14 -13.65 -29.84
N THR A 90 -11.15 -12.80 -29.55
CA THR A 90 -10.28 -12.26 -30.58
C THR A 90 -8.90 -12.79 -30.29
N ARG A 91 -8.25 -13.41 -31.29
CA ARG A 91 -6.88 -13.88 -31.14
C ARG A 91 -5.90 -12.74 -31.03
N TYR A 92 -4.79 -12.98 -30.35
CA TYR A 92 -3.76 -11.92 -30.18
C TYR A 92 -3.28 -11.37 -31.52
N ALA A 93 -3.07 -12.26 -32.50
CA ALA A 93 -2.63 -11.89 -33.84
C ALA A 93 -3.64 -10.98 -34.55
N THR A 94 -4.94 -11.23 -34.35
CA THR A 94 -5.99 -10.40 -34.90
C THR A 94 -5.90 -9.01 -34.29
N GLN A 95 -5.78 -8.97 -32.96
CA GLN A 95 -5.64 -7.71 -32.24
C GLN A 95 -4.43 -6.95 -32.71
N GLN A 96 -3.32 -7.63 -32.92
CA GLN A 96 -2.06 -6.99 -33.37
C GLN A 96 -2.23 -6.39 -34.78
N ALA A 97 -2.90 -7.12 -35.67
CA ALA A 97 -3.24 -6.64 -36.99
C ALA A 97 -4.03 -5.33 -36.94
N ILE A 98 -5.04 -5.29 -36.05
CA ILE A 98 -5.87 -4.08 -35.84
C ILE A 98 -5.00 -2.91 -35.41
N LEU A 99 -4.18 -3.11 -34.37
CA LEU A 99 -3.33 -2.01 -33.87
C LEU A 99 -2.28 -1.55 -34.86
N GLU A 100 -1.67 -2.49 -35.59
CA GLU A 100 -0.81 -2.13 -36.76
C GLU A 100 -1.48 -1.20 -37.78
N ASP A 101 -2.73 -1.48 -38.12
CA ASP A 101 -3.45 -0.68 -39.11
C ASP A 101 -3.79 0.71 -38.55
N ILE A 102 -4.25 0.75 -37.31
CA ILE A 102 -4.44 2.02 -36.61
C ILE A 102 -3.15 2.87 -36.54
N VAL A 103 -2.03 2.27 -36.09
CA VAL A 103 -0.80 3.02 -35.92
C VAL A 103 -0.25 3.48 -37.28
N SER A 104 -0.35 2.61 -38.27
CA SER A 104 0.11 2.95 -39.64
C SER A 104 -0.60 4.18 -40.24
N SER A 105 -1.90 4.24 -40.04
CA SER A 105 -2.73 5.34 -40.50
C SER A 105 -2.44 6.61 -39.73
N LEU A 106 -2.44 6.49 -38.40
CA LEU A 106 -2.21 7.66 -37.55
C LEU A 106 -0.81 8.26 -37.79
N HIS A 107 0.15 7.39 -38.09
CA HIS A 107 1.50 7.82 -38.38
C HIS A 107 1.58 8.61 -39.70
N VAL A 108 0.91 8.12 -40.73
CA VAL A 108 0.83 8.82 -42.02
C VAL A 108 0.15 10.19 -41.88
N GLN A 109 -0.76 10.31 -40.93
CA GLN A 109 -1.45 11.56 -40.62
C GLN A 109 -0.62 12.55 -39.79
N GLY A 110 0.55 12.13 -39.34
CA GLY A 110 1.46 12.99 -38.57
C GLY A 110 1.38 12.86 -37.07
N PHE A 111 0.53 11.99 -36.55
CA PHE A 111 0.45 11.78 -35.12
C PHE A 111 1.60 10.90 -34.62
N ARG A 112 2.06 11.15 -33.40
CA ARG A 112 3.21 10.50 -32.81
C ARG A 112 2.98 10.11 -31.36
N LYS A 113 1.76 10.28 -30.85
CA LYS A 113 1.48 10.01 -29.45
C LYS A 113 0.14 9.32 -29.31
N LEU A 114 0.11 8.11 -28.73
CA LEU A 114 -1.10 7.30 -28.61
C LEU A 114 -1.14 6.64 -27.24
N LEU A 115 -2.30 6.75 -26.59
CA LEU A 115 -2.62 5.94 -25.40
C LEU A 115 -3.71 4.95 -25.73
N ILE A 116 -3.49 3.68 -25.45
CA ILE A 116 -4.51 2.67 -25.53
C ILE A 116 -5.14 2.56 -24.15
N LEU A 117 -6.42 2.89 -24.03
CA LEU A 117 -7.07 2.88 -22.72
C LEU A 117 -8.05 1.73 -22.74
N SER A 118 -7.68 0.65 -22.06
CA SER A 118 -8.38 -0.59 -22.08
C SER A 118 -9.45 -0.68 -21.02
N GLY A 119 -10.53 -1.38 -21.36
CA GLY A 119 -11.61 -1.66 -20.48
C GLY A 119 -11.70 -3.13 -20.14
N HIS A 120 -10.85 -3.96 -20.73
CA HIS A 120 -10.89 -5.41 -20.59
C HIS A 120 -9.51 -5.91 -20.15
N GLY A 121 -9.47 -6.50 -18.96
CA GLY A 121 -8.21 -6.96 -18.40
C GLY A 121 -7.62 -8.14 -19.13
N GLY A 122 -8.45 -8.85 -19.89
CA GLY A 122 -7.99 -9.92 -20.77
C GLY A 122 -7.06 -9.44 -21.87
N ASN A 123 -7.15 -8.15 -22.19
CA ASN A 123 -6.26 -7.53 -23.20
C ASN A 123 -4.88 -7.21 -22.65
N ASN A 124 -3.88 -7.57 -23.44
CA ASN A 124 -2.50 -7.33 -23.11
C ASN A 124 -1.82 -6.72 -24.34
N PHE A 125 -1.19 -5.57 -24.17
CA PHE A 125 -0.64 -4.82 -25.29
C PHE A 125 0.87 -4.59 -25.26
N LYS A 126 1.55 -5.09 -24.24
CA LYS A 126 2.99 -4.83 -24.08
C LYS A 126 3.80 -5.39 -25.24
N GLY A 127 3.50 -6.61 -25.66
CA GLY A 127 4.14 -7.25 -26.81
C GLY A 127 3.97 -6.48 -28.11
N MSE A 128 2.75 -6.01 -28.35
CA MSE A 128 2.44 -5.26 -29.54
C MSE A 128 3.20 -3.98 -29.55
O MSE A 128 3.73 -3.60 -30.59
CB MSE A 128 0.94 -4.91 -29.59
CG MSE A 128 0.06 -6.09 -29.64
SE MSE A 128 -1.82 -5.66 -29.82
CE MSE A 128 -2.47 -7.29 -29.20
N ILE A 129 3.21 -3.32 -28.39
CA ILE A 129 3.87 -2.04 -28.23
C ILE A 129 5.36 -2.23 -28.46
N ARG A 130 5.95 -3.29 -27.93
CA ARG A 130 7.38 -3.54 -28.16
C ARG A 130 7.73 -3.67 -29.64
N ASP A 131 6.98 -4.51 -30.34
CA ASP A 131 7.22 -4.72 -31.77
C ASP A 131 6.97 -3.47 -32.63
N LEU A 132 5.97 -2.66 -32.27
CA LEU A 132 5.70 -1.40 -32.98
C LEU A 132 6.73 -0.33 -32.70
N ALA A 133 7.39 -0.41 -31.55
CA ALA A 133 8.47 0.51 -31.19
C ALA A 133 9.61 0.41 -32.17
N PHE A 134 9.88 -0.79 -32.67
CA PHE A 134 10.94 -1.00 -33.61
C PHE A 134 10.53 -0.61 -35.04
N GLU A 135 9.27 -0.84 -35.39
CA GLU A 135 8.68 -0.47 -36.68
C GLU A 135 8.50 1.06 -36.83
N TYR A 136 8.07 1.72 -35.75
CA TYR A 136 7.83 3.16 -35.72
C TYR A 136 8.49 3.77 -34.49
N PRO A 137 9.81 4.05 -34.58
CA PRO A 137 10.53 4.50 -33.39
C PRO A 137 10.18 5.90 -32.92
N ASP A 138 9.54 6.71 -33.76
CA ASP A 138 9.17 8.06 -33.36
C ASP A 138 7.73 8.15 -32.86
N PHE A 139 7.09 6.99 -32.66
CA PHE A 139 5.67 6.94 -32.32
C PHE A 139 5.61 6.41 -30.89
N LEU A 140 5.20 7.25 -29.96
CA LEU A 140 4.98 6.84 -28.58
C LEU A 140 3.61 6.19 -28.38
N ILE A 141 3.62 4.95 -27.90
CA ILE A 141 2.37 4.27 -27.50
C ILE A 141 2.46 3.85 -26.02
N ALA A 142 1.49 4.31 -25.23
CA ALA A 142 1.29 3.86 -23.83
C ALA A 142 0.02 3.05 -23.75
N ALA A 143 -0.10 2.22 -22.73
CA ALA A 143 -1.31 1.46 -22.48
C ALA A 143 -1.63 1.48 -20.99
N ALA A 144 -2.92 1.51 -20.67
CA ALA A 144 -3.41 1.42 -19.31
C ALA A 144 -4.79 0.76 -19.30
N ASN A 145 -5.11 0.05 -18.22
CA ASN A 145 -6.48 -0.32 -17.96
C ASN A 145 -7.09 0.84 -17.17
N TRP A 146 -8.29 1.31 -17.55
CA TRP A 146 -8.92 2.41 -16.83
C TRP A 146 -9.06 2.12 -15.33
N PHE A 147 -9.37 0.87 -15.00
CA PHE A 147 -9.65 0.44 -13.62
C PHE A 147 -8.42 0.17 -12.74
N GLU A 148 -7.21 0.37 -13.29
CA GLU A 148 -5.97 0.28 -12.55
C GLU A 148 -5.35 1.66 -12.32
N VAL A 149 -5.91 2.70 -12.96
CA VAL A 149 -5.41 4.05 -12.77
C VAL A 149 -5.52 4.47 -11.29
N VAL A 150 -6.62 4.12 -10.64
CA VAL A 150 -6.81 4.33 -9.19
C VAL A 150 -7.35 2.99 -8.70
N SER A 151 -6.84 2.52 -7.57
CA SER A 151 -7.23 1.24 -7.04
C SER A 151 -8.64 1.39 -6.50
N PRO A 152 -9.48 0.37 -6.77
CA PRO A 152 -10.86 0.35 -6.28
C PRO A 152 -10.99 0.01 -4.80
N LYS A 153 -9.93 -0.51 -4.19
CA LYS A 153 -9.96 -0.82 -2.78
C LYS A 153 -10.30 0.47 -2.02
N GLY A 154 -11.36 0.42 -1.22
CA GLY A 154 -11.77 1.60 -0.47
C GLY A 154 -12.77 2.50 -1.16
N TYR A 155 -13.02 2.28 -2.45
CA TYR A 155 -14.16 2.92 -3.16
C TYR A 155 -15.42 2.01 -3.10
N PHE A 156 -15.19 0.73 -2.96
CA PHE A 156 -16.28 -0.26 -3.08
C PHE A 156 -16.22 -1.28 -1.96
N GLU A 157 -17.38 -1.80 -1.57
CA GLU A 157 -17.48 -2.69 -0.41
C GLU A 157 -17.16 -4.15 -0.76
N ALA A 158 -17.65 -4.64 -1.91
CA ALA A 158 -17.42 -6.03 -2.29
C ALA A 158 -15.92 -6.40 -2.29
N GLU A 159 -15.62 -7.52 -1.65
CA GLU A 159 -14.25 -7.98 -1.50
C GLU A 159 -13.79 -8.52 -2.84
N ILE A 160 -14.57 -9.44 -3.42
CA ILE A 160 -14.30 -9.91 -4.79
C ILE A 160 -15.08 -9.06 -5.79
N ASP A 161 -14.36 -8.54 -6.78
CA ASP A 161 -14.90 -7.59 -7.75
C ASP A 161 -13.98 -7.61 -9.01
N ASP A 162 -14.09 -8.67 -9.80
CA ASP A 162 -13.16 -8.89 -10.94
C ASP A 162 -13.81 -8.62 -12.31
N HIS A 163 -15.11 -8.90 -12.43
CA HIS A 163 -15.80 -8.75 -13.71
C HIS A 163 -17.28 -8.55 -13.49
N ALA A 164 -17.75 -7.36 -13.84
CA ALA A 164 -19.18 -6.99 -13.77
C ALA A 164 -19.68 -6.92 -12.31
N GLY A 165 -18.74 -6.59 -11.41
CA GLY A 165 -19.00 -6.53 -10.00
C GLY A 165 -19.34 -5.13 -9.60
N GLU A 166 -19.11 -4.80 -8.34
CA GLU A 166 -19.59 -3.56 -7.80
C GLU A 166 -18.98 -2.36 -8.52
N SER A 167 -17.67 -2.40 -8.78
CA SER A 167 -17.01 -1.29 -9.44
C SER A 167 -17.53 -1.02 -10.86
N GLU A 168 -17.51 -2.01 -11.77
CA GLU A 168 -18.00 -1.77 -13.14
C GLU A 168 -19.45 -1.29 -13.17
N THR A 169 -20.30 -1.93 -12.35
CA THR A 169 -21.73 -1.57 -12.27
C THR A 169 -21.95 -0.13 -11.76
N SER A 170 -21.19 0.30 -10.77
CA SER A 170 -21.31 1.62 -10.24
C SER A 170 -20.96 2.62 -11.31
N VAL A 171 -19.89 2.34 -12.03
CA VAL A 171 -19.44 3.27 -13.07
C VAL A 171 -20.44 3.31 -14.24
N MSE A 172 -21.04 2.18 -14.60
CA MSE A 172 -22.12 2.17 -15.61
C MSE A 172 -23.35 2.93 -15.14
O MSE A 172 -23.94 3.68 -15.90
CB MSE A 172 -22.55 0.73 -16.01
CG MSE A 172 -23.48 0.65 -17.24
SE MSE A 172 -22.70 1.45 -18.89
CE MSE A 172 -21.27 0.16 -19.18
N MSE A 173 -23.74 2.70 -13.88
CA MSE A 173 -24.85 3.45 -13.24
C MSE A 173 -24.63 4.95 -13.30
O MSE A 173 -25.56 5.68 -13.51
CB MSE A 173 -25.07 2.99 -11.81
CG MSE A 173 -25.71 1.59 -11.75
SE MSE A 173 -25.84 0.89 -9.98
CE MSE A 173 -27.55 1.74 -9.54
N HIS A 174 -23.39 5.36 -13.14
CA HIS A 174 -23.07 6.75 -13.22
C HIS A 174 -23.16 7.28 -14.64
N TYR A 175 -22.52 6.61 -15.59
CA TYR A 175 -22.45 7.14 -16.96
C TYR A 175 -23.70 6.88 -17.82
N HIS A 176 -24.30 5.72 -17.65
CA HIS A 176 -25.45 5.31 -18.44
C HIS A 176 -26.41 4.50 -17.55
N PRO A 177 -27.13 5.16 -16.63
CA PRO A 177 -28.10 4.44 -15.79
C PRO A 177 -29.19 3.74 -16.63
N GLU A 178 -29.47 4.29 -17.81
CA GLU A 178 -30.44 3.68 -18.72
C GLU A 178 -30.02 2.29 -19.27
N LEU A 179 -28.72 1.94 -19.20
CA LEU A 179 -28.24 0.66 -19.74
C LEU A 179 -28.07 -0.45 -18.70
N VAL A 180 -28.30 -0.11 -17.43
CA VAL A 180 -28.16 -1.07 -16.35
C VAL A 180 -29.38 -1.02 -15.42
N ASN A 181 -29.95 -2.19 -15.13
CA ASN A 181 -30.95 -2.31 -14.06
C ASN A 181 -30.35 -3.26 -13.04
N LEU A 182 -29.88 -2.72 -11.92
CA LEU A 182 -29.18 -3.52 -10.88
C LEU A 182 -30.00 -4.70 -10.35
N ALA A 183 -31.33 -4.57 -10.31
CA ALA A 183 -32.24 -5.64 -9.82
C ALA A 183 -32.08 -6.94 -10.59
N GLU A 184 -31.62 -6.85 -11.84
CA GLU A 184 -31.45 -8.04 -12.69
C GLU A 184 -30.12 -8.77 -12.43
N ALA A 185 -29.19 -8.16 -11.69
CA ALA A 185 -27.91 -8.80 -11.46
C ALA A 185 -28.10 -10.10 -10.66
N GLY A 186 -27.31 -11.13 -11.01
CA GLY A 186 -27.11 -12.31 -10.17
C GLY A 186 -25.99 -12.00 -9.18
N ASP A 187 -25.68 -12.93 -8.27
CA ASP A 187 -24.67 -12.72 -7.22
C ASP A 187 -23.21 -12.69 -7.70
N GLY A 188 -22.97 -13.16 -8.93
CA GLY A 188 -21.62 -13.28 -9.48
C GLY A 188 -20.70 -14.19 -8.67
N GLU A 189 -21.26 -15.28 -8.13
CA GLU A 189 -20.46 -16.23 -7.32
C GLU A 189 -19.42 -16.84 -8.25
N SER A 190 -18.20 -17.03 -7.70
CA SER A 190 -17.11 -17.66 -8.47
C SER A 190 -16.43 -18.77 -7.68
N LYS A 191 -15.93 -19.78 -8.41
CA LYS A 191 -15.20 -20.90 -7.81
C LYS A 191 -13.71 -20.77 -8.13
N PRO A 192 -12.84 -21.10 -7.14
CA PRO A 192 -11.40 -21.09 -7.39
C PRO A 192 -10.93 -22.37 -8.08
N PHE A 193 -9.64 -22.43 -8.37
CA PHE A 193 -9.00 -23.59 -8.95
C PHE A 193 -8.85 -24.66 -7.85
N ALA A 194 -8.75 -25.93 -8.26
CA ALA A 194 -8.45 -27.06 -7.38
C ALA A 194 -6.94 -27.24 -7.16
N ILE A 195 -6.10 -26.46 -7.87
CA ILE A 195 -4.65 -26.41 -7.70
C ILE A 195 -4.31 -25.17 -6.85
N ALA A 196 -3.97 -25.40 -5.58
CA ALA A 196 -3.83 -24.35 -4.60
C ALA A 196 -2.83 -23.29 -5.03
N SER A 197 -1.68 -23.75 -5.55
CA SER A 197 -0.59 -22.84 -5.98
C SER A 197 -1.03 -21.80 -7.05
N LEU A 198 -2.01 -22.20 -7.85
CA LEU A 198 -2.61 -21.27 -8.84
C LEU A 198 -3.50 -20.22 -8.18
N ASN A 199 -4.22 -20.55 -7.10
CA ASN A 199 -5.03 -19.55 -6.39
C ASN A 199 -4.14 -18.61 -5.62
N GLU A 200 -2.99 -19.15 -5.20
CA GLU A 200 -1.97 -18.38 -4.51
C GLU A 200 -1.17 -17.54 -5.49
N LYS A 201 -1.30 -17.86 -6.78
CA LYS A 201 -0.68 -17.09 -7.88
C LYS A 201 0.83 -17.28 -7.97
N VAL A 202 1.29 -18.49 -7.65
CA VAL A 202 2.65 -18.95 -7.93
C VAL A 202 2.85 -18.93 -9.45
N ALA A 203 1.83 -19.38 -10.17
CA ALA A 203 1.81 -19.35 -11.62
C ALA A 203 0.43 -18.84 -12.07
N TRP A 204 0.31 -18.47 -13.34
CA TRP A 204 -0.95 -18.01 -13.95
C TRP A 204 -1.52 -19.00 -14.96
N VAL A 205 -2.81 -19.31 -14.80
CA VAL A 205 -3.65 -20.05 -15.74
C VAL A 205 -4.93 -19.19 -15.88
N PRO A 206 -5.53 -19.11 -17.08
CA PRO A 206 -6.81 -18.36 -17.18
C PRO A 206 -7.97 -19.05 -16.42
N ARG A 207 -8.83 -18.26 -15.76
CA ARG A 207 -10.07 -18.75 -15.19
C ARG A 207 -10.90 -19.38 -16.30
N HIS A 208 -11.49 -20.53 -16.05
CA HIS A 208 -12.46 -21.13 -16.98
C HIS A 208 -13.84 -20.71 -16.54
N TRP A 209 -14.52 -19.89 -17.34
CA TRP A 209 -15.85 -19.32 -16.98
C TRP A 209 -16.92 -20.39 -16.77
N ASP A 210 -16.86 -21.43 -17.58
CA ASP A 210 -17.86 -22.51 -17.50
C ASP A 210 -17.76 -23.30 -16.18
N LYS A 211 -16.58 -23.33 -15.57
CA LYS A 211 -16.36 -23.98 -14.25
C LYS A 211 -16.38 -22.98 -13.08
N ALA A 212 -15.98 -21.73 -13.33
CA ALA A 212 -15.74 -20.73 -12.30
C ALA A 212 -16.90 -19.78 -12.03
N THR A 213 -17.84 -19.66 -12.96
CA THR A 213 -18.91 -18.65 -12.83
C THR A 213 -20.26 -19.30 -13.08
N VAL A 214 -21.33 -18.69 -12.58
CA VAL A 214 -22.70 -19.17 -12.82
C VAL A 214 -23.44 -18.26 -13.80
N ASP A 215 -23.35 -16.95 -13.56
CA ASP A 215 -24.09 -15.96 -14.38
C ASP A 215 -23.19 -15.13 -15.32
N SER A 216 -21.92 -15.52 -15.40
CA SER A 216 -20.85 -14.82 -16.15
C SER A 216 -20.14 -13.72 -15.35
N GLY A 217 -20.70 -13.29 -14.23
CA GLY A 217 -20.09 -12.31 -13.36
C GLY A 217 -19.08 -12.92 -12.44
N VAL A 218 -18.14 -12.10 -11.98
CA VAL A 218 -17.18 -12.46 -10.91
C VAL A 218 -17.11 -11.36 -9.88
N GLY A 219 -17.94 -11.51 -8.84
CA GLY A 219 -18.10 -10.55 -7.77
C GLY A 219 -19.54 -10.11 -7.63
N ASN A 220 -19.96 -9.87 -6.39
CA ASN A 220 -21.33 -9.45 -6.14
C ASN A 220 -21.45 -7.94 -6.38
N PRO A 221 -22.33 -7.55 -7.33
CA PRO A 221 -22.52 -6.14 -7.70
C PRO A 221 -23.59 -5.40 -6.91
N LYS A 222 -24.28 -6.11 -6.00
CA LYS A 222 -25.50 -5.58 -5.35
C LYS A 222 -25.34 -4.26 -4.61
N LYS A 223 -24.16 -3.96 -4.08
CA LYS A 223 -23.98 -2.66 -3.38
C LYS A 223 -23.60 -1.48 -4.28
N ALA A 224 -23.67 -1.69 -5.61
CA ALA A 224 -23.28 -0.69 -6.58
C ALA A 224 -24.25 0.46 -6.52
N THR A 225 -23.72 1.69 -6.63
CA THR A 225 -24.52 2.89 -6.79
C THR A 225 -23.84 3.81 -7.81
N ALA A 226 -24.63 4.67 -8.44
CA ALA A 226 -24.15 5.72 -9.34
C ALA A 226 -23.19 6.63 -8.61
N GLU A 227 -23.52 6.95 -7.36
CA GLU A 227 -22.70 7.89 -6.58
C GLU A 227 -21.28 7.32 -6.32
N LYS A 228 -21.20 6.03 -6.00
CA LYS A 228 -19.89 5.37 -5.85
C LYS A 228 -19.06 5.44 -7.13
N GLY A 229 -19.73 5.33 -8.27
CA GLY A 229 -19.08 5.37 -9.58
C GLY A 229 -18.58 6.73 -9.92
N GLU A 230 -19.40 7.73 -9.61
CA GLU A 230 -19.06 9.12 -9.79
C GLU A 230 -17.79 9.46 -9.02
N ARG A 231 -17.77 9.06 -7.75
CA ARG A 231 -16.63 9.32 -6.85
C ARG A 231 -15.35 8.64 -7.33
N TYR A 232 -15.48 7.42 -7.80
CA TYR A 232 -14.34 6.61 -8.29
C TYR A 232 -13.76 7.14 -9.60
N VAL A 233 -14.59 7.53 -10.57
CA VAL A 233 -14.03 8.04 -11.83
C VAL A 233 -13.38 9.39 -11.74
N LYS A 234 -13.77 10.22 -10.76
CA LYS A 234 -13.19 11.57 -10.70
C LYS A 234 -11.66 11.61 -10.64
N PRO A 235 -11.04 10.84 -9.73
CA PRO A 235 -9.57 10.84 -9.72
C PRO A 235 -8.93 10.09 -10.91
N ILE A 236 -9.65 9.14 -11.49
CA ILE A 236 -9.17 8.42 -12.69
C ILE A 236 -9.07 9.42 -13.86
N VAL A 237 -10.15 10.18 -14.04
CA VAL A 237 -10.19 11.20 -15.09
C VAL A 237 -9.11 12.24 -14.87
N GLU A 238 -8.89 12.64 -13.63
CA GLU A 238 -7.90 13.67 -13.31
C GLU A 238 -6.52 13.20 -13.61
N LYS A 239 -6.22 11.95 -13.22
CA LYS A 239 -4.92 11.30 -13.43
C LYS A 239 -4.64 11.10 -14.90
N LEU A 240 -5.65 10.66 -15.64
CA LEU A 240 -5.50 10.51 -17.11
C LEU A 240 -5.30 11.86 -17.80
N ALA A 241 -6.08 12.87 -17.45
CA ALA A 241 -5.91 14.24 -17.99
C ALA A 241 -4.49 14.70 -17.81
N GLY A 242 -3.96 14.48 -16.61
CA GLY A 242 -2.57 14.80 -16.31
C GLY A 242 -1.56 14.05 -17.17
N LEU A 243 -1.79 12.75 -17.38
CA LEU A 243 -0.99 11.95 -18.32
C LEU A 243 -1.00 12.61 -19.73
N PHE A 244 -2.20 12.91 -20.24
CA PHE A 244 -2.34 13.50 -21.59
C PHE A 244 -1.50 14.79 -21.68
N GLU A 245 -1.63 15.64 -20.66
CA GLU A 245 -0.94 16.89 -20.60
C GLU A 245 0.56 16.70 -20.63
N GLU A 246 1.04 15.75 -19.84
CA GLU A 246 2.50 15.51 -19.76
C GLU A 246 3.04 14.91 -21.08
N MSE A 247 2.27 14.00 -21.70
CA MSE A 247 2.59 13.42 -23.02
C MSE A 247 2.67 14.48 -24.10
O MSE A 247 3.51 14.38 -25.00
CB MSE A 247 1.53 12.41 -23.43
CG MSE A 247 1.61 11.12 -22.65
SE MSE A 247 0.31 9.77 -23.12
CE MSE A 247 1.09 9.37 -25.05
N ALA A 248 1.79 15.48 -24.04
CA ALA A 248 1.79 16.59 -24.98
C ALA A 248 2.96 17.53 -24.69
N GLN A 249 3.32 17.67 -23.42
CA GLN A 249 4.26 18.70 -23.01
C GLN A 249 5.74 18.26 -22.77
N HIS A 250 6.01 16.95 -22.72
CA HIS A 250 7.37 16.46 -22.50
C HIS A 250 7.74 15.35 -23.45
N ASP A 251 9.03 15.25 -23.75
CA ASP A 251 9.59 14.10 -24.43
C ASP A 251 9.58 12.93 -23.45
N LEU A 252 9.71 11.71 -23.95
CA LEU A 252 9.73 10.55 -23.08
C LEU A 252 10.90 10.67 -22.07
N TYR A 253 12.04 11.11 -22.57
CA TYR A 253 13.23 11.38 -21.75
C TYR A 253 13.74 12.75 -22.09
N GLU A 254 14.28 13.43 -21.09
CA GLU A 254 14.81 14.79 -21.21
C GLU A 254 16.02 14.93 -20.28
N MSE B 2 -34.66 2.12 -27.89
CA MSE B 2 -33.66 1.17 -27.32
C MSE B 2 -34.25 -0.22 -27.31
O MSE B 2 -35.29 -0.46 -26.69
CB MSE B 2 -33.27 1.56 -25.88
CG MSE B 2 -32.06 0.80 -25.31
SE MSE B 2 -31.76 0.78 -23.30
CE MSE B 2 -31.69 2.77 -23.01
N ASN B 3 -33.61 -1.15 -28.02
CA ASN B 3 -34.16 -2.51 -28.11
C ASN B 3 -33.14 -3.58 -27.80
N LYS B 4 -33.11 -3.98 -26.53
CA LYS B 4 -32.20 -5.00 -26.03
C LYS B 4 -32.42 -6.37 -26.66
N GLU B 5 -33.55 -6.57 -27.32
CA GLU B 5 -33.85 -7.86 -27.95
C GLU B 5 -33.02 -8.12 -29.21
N VAL B 6 -32.83 -7.09 -30.03
CA VAL B 6 -32.19 -7.23 -31.35
C VAL B 6 -30.96 -6.33 -31.57
N ASP B 7 -30.62 -5.53 -30.57
CA ASP B 7 -29.48 -4.66 -30.68
C ASP B 7 -28.46 -4.96 -29.58
N LEU B 8 -27.38 -5.67 -29.91
CA LEU B 8 -26.38 -6.02 -28.90
C LEU B 8 -25.70 -4.81 -28.26
N SER B 9 -25.59 -3.71 -29.01
CA SER B 9 -24.93 -2.51 -28.53
C SER B 9 -25.55 -1.95 -27.26
N VAL B 10 -26.81 -2.31 -27.00
CA VAL B 10 -27.50 -1.89 -25.76
C VAL B 10 -27.93 -3.08 -24.89
N SER B 11 -27.73 -4.30 -25.38
CA SER B 11 -28.32 -5.48 -24.74
C SER B 11 -27.44 -6.06 -23.64
N CYS B 12 -28.01 -7.01 -22.89
CA CYS B 12 -27.29 -7.70 -21.82
C CYS B 12 -27.68 -9.17 -21.79
N LEU B 13 -26.87 -9.98 -21.13
CA LEU B 13 -27.09 -11.43 -21.12
C LEU B 13 -28.45 -11.80 -20.55
N GLY B 14 -28.89 -11.10 -19.52
CA GLY B 14 -30.23 -11.33 -18.96
C GLY B 14 -31.38 -11.25 -19.98
N LYS B 15 -31.32 -10.26 -20.90
CA LYS B 15 -32.39 -10.08 -21.88
C LYS B 15 -32.30 -11.08 -23.01
N VAL B 16 -31.10 -11.60 -23.31
CA VAL B 16 -30.92 -12.48 -24.45
C VAL B 16 -30.92 -13.97 -24.14
N LYS B 17 -30.53 -14.35 -22.93
CA LYS B 17 -30.12 -15.76 -22.70
C LYS B 17 -31.19 -16.85 -22.85
N GLU B 18 -32.46 -16.48 -22.69
CA GLU B 18 -33.56 -17.45 -22.82
C GLU B 18 -34.22 -17.46 -24.20
N LEU B 19 -33.81 -16.53 -25.07
CA LEU B 19 -34.42 -16.35 -26.39
C LEU B 19 -33.67 -17.06 -27.52
N LYS B 20 -34.41 -17.55 -28.50
CA LYS B 20 -33.85 -18.20 -29.68
C LYS B 20 -33.59 -17.14 -30.76
N TYR B 21 -32.39 -17.16 -31.35
CA TYR B 21 -32.04 -16.19 -32.40
C TYR B 21 -31.82 -16.97 -33.68
N ASP B 22 -32.43 -16.52 -34.76
CA ASP B 22 -32.42 -17.24 -36.03
C ASP B 22 -31.27 -16.77 -36.92
N VAL B 23 -31.15 -15.45 -37.06
CA VAL B 23 -30.08 -14.87 -37.90
C VAL B 23 -29.25 -13.88 -37.11
N ILE B 24 -27.92 -13.90 -37.34
CA ILE B 24 -27.03 -12.87 -36.81
C ILE B 24 -26.77 -11.88 -37.93
N ILE B 25 -26.78 -10.59 -37.63
CA ILE B 25 -26.51 -9.54 -38.61
C ILE B 25 -25.29 -8.78 -38.12
N LEU B 26 -24.29 -8.66 -38.98
CA LEU B 26 -23.06 -7.97 -38.66
C LEU B 26 -22.91 -6.66 -39.48
N PRO B 27 -23.19 -5.50 -38.84
CA PRO B 27 -22.96 -4.22 -39.56
C PRO B 27 -21.48 -3.99 -39.69
N TRP B 28 -21.02 -3.61 -40.89
CA TRP B 28 -19.61 -3.46 -41.14
C TRP B 28 -19.38 -2.12 -41.87
N GLY B 29 -18.68 -1.23 -41.19
CA GLY B 29 -18.48 0.10 -41.71
C GLY B 29 -17.02 0.43 -41.98
N ALA B 30 -16.68 1.64 -41.55
CA ALA B 30 -15.39 2.29 -41.78
C ALA B 30 -15.30 3.46 -40.83
N THR B 31 -14.07 3.91 -40.58
CA THR B 31 -13.78 5.14 -39.87
C THR B 31 -13.18 6.10 -40.90
N GLU B 32 -14.00 7.01 -41.41
CA GLU B 32 -13.74 7.63 -42.71
C GLU B 32 -14.38 9.00 -42.80
N PRO B 33 -13.62 10.02 -43.19
CA PRO B 33 -14.26 11.33 -43.34
C PRO B 33 -15.30 11.29 -44.46
N HIS B 34 -16.42 11.99 -44.22
CA HIS B 34 -17.55 12.02 -45.14
C HIS B 34 -17.90 13.47 -45.49
N ASN B 35 -17.23 14.01 -46.50
CA ASN B 35 -17.32 15.44 -46.78
C ASN B 35 -16.99 16.21 -45.47
N LEU B 36 -17.47 17.44 -45.29
CA LEU B 36 -17.24 18.16 -44.06
C LEU B 36 -18.37 17.94 -43.01
N HIS B 37 -19.53 17.46 -43.44
CA HIS B 37 -20.73 17.49 -42.62
C HIS B 37 -21.10 16.17 -41.94
N LEU B 38 -20.71 15.03 -42.51
CA LEU B 38 -21.22 13.75 -42.02
C LEU B 38 -20.27 13.06 -41.02
N PRO B 39 -20.84 12.28 -40.08
CA PRO B 39 -19.92 11.62 -39.11
C PRO B 39 -18.86 10.71 -39.72
N TYR B 40 -17.69 10.70 -39.10
CA TYR B 40 -16.65 9.68 -39.36
C TYR B 40 -17.17 8.23 -39.32
N LEU B 41 -18.15 7.99 -38.47
CA LEU B 41 -18.74 6.66 -38.31
C LEU B 41 -20.02 6.43 -39.09
N THR B 42 -20.31 7.27 -40.10
CA THR B 42 -21.51 7.10 -40.97
C THR B 42 -21.73 5.67 -41.46
N ASP B 43 -20.66 5.03 -41.92
CA ASP B 43 -20.75 3.72 -42.52
C ASP B 43 -21.02 2.62 -41.55
N CYS B 44 -20.88 2.86 -40.25
CA CYS B 44 -21.29 1.95 -39.18
C CYS B 44 -22.71 2.26 -38.69
N ILE B 45 -22.97 3.55 -38.46
CA ILE B 45 -24.28 3.99 -37.95
C ILE B 45 -25.42 3.59 -38.87
N LEU B 46 -25.24 3.83 -40.17
CA LEU B 46 -26.32 3.60 -41.13
C LEU B 46 -26.69 2.13 -41.27
N PRO B 47 -25.74 1.23 -41.61
CA PRO B 47 -26.17 -0.18 -41.62
C PRO B 47 -26.71 -0.69 -40.25
N HIS B 48 -26.17 -0.18 -39.13
CA HIS B 48 -26.66 -0.56 -37.79
C HIS B 48 -28.14 -0.22 -37.64
N ASP B 49 -28.52 1.00 -37.99
CA ASP B 49 -29.87 1.46 -37.74
C ASP B 49 -30.89 0.78 -38.65
N ILE B 50 -30.50 0.58 -39.92
CA ILE B 50 -31.30 -0.14 -40.92
C ILE B 50 -31.55 -1.59 -40.48
N ALA B 51 -30.49 -2.24 -40.04
CA ALA B 51 -30.55 -3.61 -39.62
C ALA B 51 -31.38 -3.79 -38.38
N VAL B 52 -31.27 -2.85 -37.43
CA VAL B 52 -32.11 -2.89 -36.22
C VAL B 52 -33.60 -2.74 -36.61
N GLU B 53 -33.89 -1.79 -37.48
CA GLU B 53 -35.26 -1.56 -37.89
C GLU B 53 -35.81 -2.77 -38.67
N ALA B 54 -35.02 -3.33 -39.58
CA ALA B 54 -35.37 -4.56 -40.27
C ALA B 54 -35.58 -5.74 -39.33
N ALA B 55 -34.74 -5.87 -38.30
CA ALA B 55 -34.86 -6.97 -37.31
C ALA B 55 -36.11 -6.80 -36.47
N GLU B 56 -36.44 -5.57 -36.12
CA GLU B 56 -37.73 -5.28 -35.46
C GLU B 56 -38.94 -5.58 -36.32
N LEU B 57 -38.87 -5.26 -37.61
CA LEU B 57 -39.95 -5.65 -38.54
C LEU B 57 -40.10 -7.19 -38.65
N ALA B 58 -39.03 -7.93 -38.95
CA ALA B 58 -39.12 -9.40 -39.08
C ALA B 58 -39.70 -10.01 -37.81
N LEU B 59 -39.31 -9.49 -36.66
CA LEU B 59 -39.77 -10.07 -35.40
C LEU B 59 -41.27 -9.81 -35.17
N SER B 60 -41.72 -8.58 -35.37
CA SER B 60 -43.14 -8.24 -35.17
C SER B 60 -44.08 -8.92 -36.18
N ARG B 61 -43.66 -9.00 -37.44
CA ARG B 61 -44.54 -9.59 -38.46
C ARG B 61 -44.46 -11.12 -38.61
N SER B 62 -43.33 -11.74 -38.26
CA SER B 62 -43.09 -13.17 -38.49
C SER B 62 -42.70 -13.94 -37.25
N GLY B 63 -42.24 -13.21 -36.24
CA GLY B 63 -41.65 -13.85 -35.09
C GLY B 63 -40.26 -14.40 -35.33
N VAL B 64 -39.62 -14.01 -36.43
CA VAL B 64 -38.20 -14.37 -36.72
C VAL B 64 -37.28 -13.40 -35.91
N ARG B 65 -36.40 -13.92 -35.07
CA ARG B 65 -35.61 -13.08 -34.15
C ARG B 65 -34.14 -13.02 -34.58
N CYS B 66 -33.66 -11.81 -34.87
CA CYS B 66 -32.31 -11.61 -35.35
C CYS B 66 -31.54 -10.70 -34.40
N MSE B 67 -30.26 -11.00 -34.19
CA MSE B 67 -29.45 -10.19 -33.32
C MSE B 67 -28.54 -9.41 -34.22
O MSE B 67 -27.89 -10.01 -35.10
CB MSE B 67 -28.62 -11.05 -32.39
CG MSE B 67 -27.77 -10.28 -31.39
SE MSE B 67 -28.64 -8.85 -30.42
CE MSE B 67 -29.18 -9.90 -28.92
N VAL B 68 -28.49 -8.10 -33.96
CA VAL B 68 -27.62 -7.15 -34.65
C VAL B 68 -26.40 -6.87 -33.78
N MSE B 69 -25.27 -7.43 -34.21
CA MSE B 69 -24.01 -7.30 -33.50
C MSE B 69 -23.53 -5.84 -33.57
O MSE B 69 -24.03 -5.07 -34.34
CB MSE B 69 -22.95 -8.19 -34.15
CG MSE B 69 -23.30 -9.68 -34.22
SE MSE B 69 -23.46 -10.41 -32.40
CE MSE B 69 -21.53 -10.39 -31.90
N PRO B 70 -22.56 -5.45 -32.75
CA PRO B 70 -21.97 -4.11 -32.86
C PRO B 70 -21.25 -3.91 -34.18
N PRO B 71 -21.32 -2.68 -34.76
CA PRO B 71 -20.67 -2.42 -36.05
C PRO B 71 -19.14 -2.54 -36.02
N VAL B 72 -18.56 -3.12 -37.07
CA VAL B 72 -17.10 -3.22 -37.18
C VAL B 72 -16.65 -1.93 -37.86
N PRO B 73 -15.86 -1.07 -37.15
CA PRO B 73 -15.45 0.24 -37.69
C PRO B 73 -14.20 0.24 -38.58
N PHE B 74 -13.88 -0.91 -39.15
CA PHE B 74 -12.61 -1.12 -39.83
C PHE B 74 -12.80 -1.39 -41.31
N GLY B 75 -12.66 -0.34 -42.11
CA GLY B 75 -12.85 -0.41 -43.56
C GLY B 75 -11.59 -0.39 -44.40
N ALA B 76 -11.73 -0.76 -45.68
CA ALA B 76 -10.66 -0.73 -46.63
C ALA B 76 -10.79 0.54 -47.44
N HIS B 77 -9.70 1.31 -47.49
CA HIS B 77 -9.70 2.62 -48.11
C HIS B 77 -8.74 2.79 -49.30
N ASN B 78 -8.79 3.97 -49.91
CA ASN B 78 -8.19 4.24 -51.20
C ASN B 78 -6.98 5.11 -51.00
N PRO B 79 -6.09 5.16 -52.00
CA PRO B 79 -4.97 6.09 -51.91
C PRO B 79 -5.48 7.50 -51.62
N GLY B 80 -4.75 8.27 -50.82
CA GLY B 80 -5.18 9.59 -50.40
C GLY B 80 -6.08 9.69 -49.17
N GLN B 81 -6.81 8.63 -48.84
CA GLN B 81 -7.71 8.69 -47.68
C GLN B 81 -7.00 8.52 -46.35
N ARG B 82 -6.01 7.65 -46.34
CA ARG B 82 -5.23 7.30 -45.16
C ARG B 82 -4.51 8.52 -44.57
N GLU B 83 -4.18 9.48 -45.40
CA GLU B 83 -3.53 10.69 -44.94
C GLU B 83 -4.49 11.71 -44.34
N LEU B 84 -5.81 11.54 -44.50
CA LEU B 84 -6.77 12.45 -43.87
C LEU B 84 -6.92 12.12 -42.39
N PRO B 85 -7.00 13.15 -41.51
CA PRO B 85 -6.97 12.83 -40.09
C PRO B 85 -8.05 11.85 -39.65
N PHE B 86 -7.62 10.87 -38.88
CA PHE B 86 -8.46 9.89 -38.26
C PHE B 86 -9.12 8.87 -39.19
N CYS B 87 -8.77 8.87 -40.46
CA CYS B 87 -9.16 7.77 -41.36
C CYS B 87 -8.29 6.54 -41.10
N ILE B 88 -8.92 5.38 -40.99
CA ILE B 88 -8.18 4.17 -40.64
C ILE B 88 -8.33 3.14 -41.73
N HIS B 89 -7.25 2.89 -42.46
CA HIS B 89 -7.23 1.88 -43.51
C HIS B 89 -6.93 0.51 -42.90
N THR B 90 -7.79 -0.46 -43.20
CA THR B 90 -7.68 -1.81 -42.72
C THR B 90 -7.29 -2.69 -43.89
N ARG B 91 -6.18 -3.44 -43.74
CA ARG B 91 -5.81 -4.43 -44.72
C ARG B 91 -6.86 -5.53 -44.77
N TYR B 92 -7.02 -6.10 -45.97
CA TYR B 92 -7.93 -7.21 -46.20
C TYR B 92 -7.66 -8.34 -45.19
N ALA B 93 -6.37 -8.64 -44.97
CA ALA B 93 -5.98 -9.72 -44.05
C ALA B 93 -6.42 -9.45 -42.58
N THR B 94 -6.48 -8.15 -42.23
CA THR B 94 -6.96 -7.74 -40.92
C THR B 94 -8.45 -7.93 -40.85
N GLN B 95 -9.15 -7.52 -41.91
CA GLN B 95 -10.58 -7.75 -41.94
C GLN B 95 -10.88 -9.24 -41.84
N GLN B 96 -10.13 -10.06 -42.61
CA GLN B 96 -10.40 -11.49 -42.65
C GLN B 96 -10.13 -12.14 -41.29
N ALA B 97 -9.06 -11.73 -40.60
CA ALA B 97 -8.79 -12.16 -39.24
C ALA B 97 -9.96 -11.83 -38.29
N ILE B 98 -10.55 -10.64 -38.46
CA ILE B 98 -11.74 -10.23 -37.68
C ILE B 98 -12.97 -11.13 -37.90
N LEU B 99 -13.33 -11.37 -39.17
CA LEU B 99 -14.48 -12.23 -39.51
C LEU B 99 -14.29 -13.66 -39.07
N GLU B 100 -13.08 -14.20 -39.27
CA GLU B 100 -12.72 -15.53 -38.75
C GLU B 100 -12.93 -15.66 -37.26
N ASP B 101 -12.53 -14.64 -36.50
CA ASP B 101 -12.77 -14.63 -35.04
C ASP B 101 -14.25 -14.54 -34.70
N ILE B 102 -15.01 -13.71 -35.44
CA ILE B 102 -16.47 -13.58 -35.22
C ILE B 102 -17.19 -14.90 -35.51
N VAL B 103 -16.94 -15.47 -36.67
CA VAL B 103 -17.59 -16.70 -37.12
C VAL B 103 -17.19 -17.87 -36.23
N SER B 104 -15.92 -17.94 -35.83
CA SER B 104 -15.48 -19.03 -34.94
C SER B 104 -16.23 -18.95 -33.59
N SER B 105 -16.44 -17.76 -33.06
CA SER B 105 -17.21 -17.64 -31.79
C SER B 105 -18.72 -17.98 -31.96
N LEU B 106 -19.37 -17.39 -32.97
CA LEU B 106 -20.77 -17.63 -33.22
C LEU B 106 -20.98 -19.11 -33.50
N HIS B 107 -20.07 -19.73 -34.23
CA HIS B 107 -20.21 -21.15 -34.53
C HIS B 107 -20.24 -22.05 -33.26
N VAL B 108 -19.31 -21.82 -32.33
CA VAL B 108 -19.26 -22.51 -31.03
C VAL B 108 -20.52 -22.29 -30.20
N GLN B 109 -21.12 -21.13 -30.36
CA GLN B 109 -22.37 -20.78 -29.71
C GLN B 109 -23.58 -21.42 -30.38
N GLY B 110 -23.36 -22.04 -31.54
CA GLY B 110 -24.44 -22.77 -32.19
C GLY B 110 -25.15 -22.02 -33.29
N PHE B 111 -24.71 -20.79 -33.59
CA PHE B 111 -25.29 -20.02 -34.67
C PHE B 111 -24.80 -20.50 -36.04
N ARG B 112 -25.67 -20.47 -37.05
CA ARG B 112 -25.36 -21.03 -38.36
C ARG B 112 -25.69 -20.15 -39.54
N LYS B 113 -26.11 -18.90 -39.28
CA LYS B 113 -26.58 -18.01 -40.33
C LYS B 113 -26.24 -16.57 -39.98
N LEU B 114 -25.45 -15.95 -40.84
CA LEU B 114 -24.89 -14.61 -40.62
C LEU B 114 -25.10 -13.79 -41.88
N LEU B 115 -25.52 -12.53 -41.71
CA LEU B 115 -25.52 -11.53 -42.77
C LEU B 115 -24.55 -10.38 -42.40
N ILE B 116 -23.60 -10.12 -43.26
CA ILE B 116 -22.73 -8.98 -43.12
C ILE B 116 -23.41 -7.88 -43.90
N LEU B 117 -23.86 -6.86 -43.19
CA LEU B 117 -24.52 -5.74 -43.85
C LEU B 117 -23.55 -4.59 -43.83
N SER B 118 -22.98 -4.29 -44.99
CA SER B 118 -21.95 -3.31 -45.05
C SER B 118 -22.50 -1.91 -45.34
N GLY B 119 -21.78 -0.91 -44.85
CA GLY B 119 -22.02 0.47 -45.14
C GLY B 119 -20.90 1.13 -45.88
N HIS B 120 -19.89 0.37 -46.32
CA HIS B 120 -18.74 0.94 -47.02
C HIS B 120 -18.43 0.12 -48.28
N GLY B 121 -18.55 0.79 -49.43
CA GLY B 121 -18.30 0.20 -50.75
C GLY B 121 -16.90 -0.37 -50.96
N GLY B 122 -15.91 0.22 -50.27
CA GLY B 122 -14.54 -0.29 -50.27
C GLY B 122 -14.35 -1.69 -49.65
N ASN B 123 -15.33 -2.15 -48.86
CA ASN B 123 -15.30 -3.48 -48.27
C ASN B 123 -15.76 -4.53 -49.26
N ASN B 124 -15.03 -5.64 -49.31
CA ASN B 124 -15.32 -6.76 -50.20
C ASN B 124 -15.18 -8.04 -49.39
N PHE B 125 -16.24 -8.82 -49.28
CA PHE B 125 -16.25 -10.02 -48.40
C PHE B 125 -16.37 -11.34 -49.15
N LYS B 126 -16.37 -11.33 -50.48
CA LYS B 126 -16.63 -12.56 -51.21
C LYS B 126 -15.52 -13.60 -51.02
N GLY B 127 -14.27 -13.17 -51.10
CA GLY B 127 -13.11 -14.05 -50.89
C GLY B 127 -13.09 -14.61 -49.47
N MSE B 128 -13.42 -13.78 -48.47
CA MSE B 128 -13.44 -14.25 -47.08
C MSE B 128 -14.54 -15.30 -46.90
O MSE B 128 -14.31 -16.33 -46.23
CB MSE B 128 -13.76 -13.11 -46.10
CG MSE B 128 -12.84 -11.94 -46.13
SE MSE B 128 -13.29 -10.54 -44.90
CE MSE B 128 -12.43 -9.14 -45.92
N ILE B 129 -15.71 -15.01 -47.46
CA ILE B 129 -16.87 -15.89 -47.40
C ILE B 129 -16.57 -17.22 -48.10
N ARG B 130 -15.91 -17.17 -49.24
CA ARG B 130 -15.55 -18.40 -49.94
C ARG B 130 -14.64 -19.29 -49.08
N ASP B 131 -13.63 -18.67 -48.48
CA ASP B 131 -12.68 -19.40 -47.66
C ASP B 131 -13.31 -19.98 -46.40
N LEU B 132 -14.21 -19.23 -45.78
CA LEU B 132 -14.91 -19.68 -44.60
C LEU B 132 -15.98 -20.74 -44.89
N ALA B 133 -16.46 -20.79 -46.13
CA ALA B 133 -17.39 -21.84 -46.57
C ALA B 133 -16.72 -23.20 -46.55
N PHE B 134 -15.42 -23.25 -46.80
CA PHE B 134 -14.70 -24.52 -46.68
C PHE B 134 -14.35 -24.87 -45.21
N GLU B 135 -14.04 -23.87 -44.40
CA GLU B 135 -13.74 -24.11 -42.96
C GLU B 135 -15.00 -24.45 -42.19
N TYR B 136 -16.09 -23.76 -42.47
CA TYR B 136 -17.32 -24.00 -41.75
C TYR B 136 -18.45 -24.22 -42.76
N PRO B 137 -18.52 -25.42 -43.33
CA PRO B 137 -19.51 -25.72 -44.34
C PRO B 137 -20.95 -25.72 -43.88
N ASP B 138 -21.19 -25.78 -42.56
CA ASP B 138 -22.57 -25.68 -42.01
C ASP B 138 -23.00 -24.26 -41.67
N PHE B 139 -22.15 -23.26 -41.94
CA PHE B 139 -22.35 -21.87 -41.54
C PHE B 139 -22.59 -20.99 -42.80
N LEU B 140 -23.81 -20.48 -42.94
CA LEU B 140 -24.17 -19.64 -44.06
C LEU B 140 -23.76 -18.20 -43.78
N ILE B 141 -22.96 -17.66 -44.69
CA ILE B 141 -22.62 -16.25 -44.68
C ILE B 141 -23.08 -15.59 -45.97
N ALA B 142 -23.94 -14.57 -45.82
CA ALA B 142 -24.34 -13.68 -46.89
C ALA B 142 -23.74 -12.28 -46.67
N ALA B 143 -23.46 -11.54 -47.74
CA ALA B 143 -23.08 -10.15 -47.66
C ALA B 143 -23.99 -9.23 -48.54
N ALA B 144 -24.25 -8.00 -48.07
CA ALA B 144 -24.93 -6.94 -48.87
C ALA B 144 -24.44 -5.56 -48.45
N ASN B 145 -24.33 -4.62 -49.40
CA ASN B 145 -24.28 -3.19 -49.09
C ASN B 145 -25.71 -2.63 -48.91
N TRP B 146 -25.98 -1.90 -47.81
CA TRP B 146 -27.40 -1.48 -47.55
C TRP B 146 -27.86 -0.57 -48.70
N PHE B 147 -26.94 0.18 -49.29
CA PHE B 147 -27.29 1.16 -50.30
C PHE B 147 -27.48 0.57 -51.72
N GLU B 148 -27.31 -0.74 -51.85
CA GLU B 148 -27.62 -1.51 -53.08
C GLU B 148 -28.84 -2.42 -52.95
N VAL B 149 -29.49 -2.45 -51.81
CA VAL B 149 -30.70 -3.25 -51.66
C VAL B 149 -31.83 -2.64 -52.51
N VAL B 150 -31.83 -1.32 -52.63
CA VAL B 150 -32.77 -0.59 -53.50
C VAL B 150 -31.97 0.50 -54.21
N SER B 151 -32.12 0.59 -55.52
CA SER B 151 -31.35 1.57 -56.27
C SER B 151 -31.81 2.97 -55.89
N PRO B 152 -30.88 3.92 -55.73
CA PRO B 152 -31.25 5.30 -55.45
C PRO B 152 -31.89 6.06 -56.61
N LYS B 153 -31.85 5.52 -57.85
CA LYS B 153 -32.49 6.17 -59.01
C LYS B 153 -33.93 6.51 -58.67
N GLY B 154 -34.29 7.78 -58.77
CA GLY B 154 -35.67 8.21 -58.54
C GLY B 154 -36.02 8.58 -57.10
N TYR B 155 -35.08 8.35 -56.18
CA TYR B 155 -35.22 8.76 -54.77
C TYR B 155 -34.44 10.04 -54.46
N PHE B 156 -33.46 10.37 -55.28
CA PHE B 156 -32.58 11.49 -55.02
C PHE B 156 -32.31 12.21 -56.30
N GLU B 157 -31.97 13.49 -56.22
CA GLU B 157 -31.79 14.33 -57.39
C GLU B 157 -30.39 14.33 -57.98
N ALA B 158 -29.36 14.30 -57.14
CA ALA B 158 -27.98 14.41 -57.60
C ALA B 158 -27.61 13.20 -58.46
N GLU B 159 -26.89 13.46 -59.55
CA GLU B 159 -26.54 12.37 -60.45
C GLU B 159 -25.32 11.61 -59.96
N ILE B 160 -24.30 12.35 -59.56
CA ILE B 160 -23.13 11.82 -58.86
C ILE B 160 -23.44 11.78 -57.35
N ASP B 161 -23.35 10.59 -56.78
CA ASP B 161 -23.73 10.34 -55.40
C ASP B 161 -22.99 9.09 -54.92
N ASP B 162 -21.68 9.20 -54.71
CA ASP B 162 -20.82 8.03 -54.44
C ASP B 162 -20.38 7.89 -52.99
N HIS B 163 -20.17 9.01 -52.32
CA HIS B 163 -19.70 8.99 -50.94
C HIS B 163 -20.10 10.32 -50.31
N ALA B 164 -20.77 10.26 -49.17
CA ALA B 164 -21.19 11.45 -48.40
C ALA B 164 -22.03 12.36 -49.23
N GLY B 165 -22.78 11.75 -50.16
CA GLY B 165 -23.61 12.46 -51.12
C GLY B 165 -25.04 12.62 -50.62
N GLU B 166 -25.95 12.82 -51.58
CA GLU B 166 -27.36 13.10 -51.23
C GLU B 166 -28.04 11.93 -50.53
N SER B 167 -27.79 10.72 -50.96
CA SER B 167 -28.46 9.58 -50.31
C SER B 167 -27.96 9.36 -48.90
N GLU B 168 -26.66 9.26 -48.69
CA GLU B 168 -26.16 8.96 -47.33
C GLU B 168 -26.54 10.07 -46.37
N THR B 169 -26.41 11.31 -46.83
CA THR B 169 -26.79 12.47 -46.03
C THR B 169 -28.28 12.44 -45.66
N SER B 170 -29.14 12.24 -46.65
CA SER B 170 -30.60 12.16 -46.40
C SER B 170 -30.92 11.03 -45.42
N VAL B 171 -30.25 9.89 -45.55
CA VAL B 171 -30.51 8.77 -44.61
C VAL B 171 -30.03 9.11 -43.18
N MSE B 172 -28.89 9.76 -43.04
CA MSE B 172 -28.46 10.25 -41.71
C MSE B 172 -29.40 11.33 -41.15
O MSE B 172 -29.70 11.35 -39.96
CB MSE B 172 -27.04 10.84 -41.78
CG MSE B 172 -26.42 11.22 -40.43
SE MSE B 172 -26.15 9.66 -39.26
CE MSE B 172 -24.99 8.61 -40.36
N MSE B 173 -29.82 12.26 -42.00
CA MSE B 173 -30.79 13.28 -41.57
C MSE B 173 -32.08 12.65 -40.98
O MSE B 173 -32.67 13.17 -40.04
CB MSE B 173 -31.13 14.19 -42.76
CG MSE B 173 -29.97 15.07 -43.11
SE MSE B 173 -30.28 16.16 -44.61
CE MSE B 173 -31.48 17.48 -43.68
N HIS B 174 -32.49 11.51 -41.54
CA HIS B 174 -33.63 10.75 -41.06
C HIS B 174 -33.32 10.05 -39.74
N TYR B 175 -32.20 9.31 -39.66
CA TYR B 175 -31.97 8.51 -38.45
C TYR B 175 -31.35 9.33 -37.33
N HIS B 176 -30.44 10.23 -37.67
CA HIS B 176 -29.68 11.00 -36.67
C HIS B 176 -29.51 12.44 -37.12
N PRO B 177 -30.60 13.20 -37.08
CA PRO B 177 -30.50 14.59 -37.54
C PRO B 177 -29.59 15.44 -36.68
N GLU B 178 -29.39 15.05 -35.42
CA GLU B 178 -28.47 15.69 -34.47
C GLU B 178 -26.98 15.51 -34.82
N LEU B 179 -26.65 14.51 -35.64
CA LEU B 179 -25.24 14.22 -35.99
C LEU B 179 -24.78 14.82 -37.33
N VAL B 180 -25.66 15.57 -38.00
CA VAL B 180 -25.34 16.11 -39.32
C VAL B 180 -25.98 17.50 -39.51
N ASN B 181 -25.15 18.47 -39.89
CA ASN B 181 -25.65 19.77 -40.29
C ASN B 181 -25.25 19.97 -41.72
N LEU B 182 -26.25 19.92 -42.60
CA LEU B 182 -26.01 19.93 -44.05
C LEU B 182 -25.43 21.26 -44.53
N ALA B 183 -25.72 22.35 -43.84
CA ALA B 183 -25.18 23.65 -44.20
C ALA B 183 -23.65 23.66 -44.12
N GLU B 184 -23.04 22.69 -43.42
CA GLU B 184 -21.57 22.58 -43.31
C GLU B 184 -20.86 21.85 -44.47
N ALA B 185 -21.64 21.28 -45.40
CA ALA B 185 -21.13 20.42 -46.46
C ALA B 185 -20.45 21.22 -47.55
N GLY B 186 -19.40 20.65 -48.12
CA GLY B 186 -18.85 21.16 -49.36
C GLY B 186 -19.64 20.60 -50.52
N ASP B 187 -19.24 20.98 -51.74
CA ASP B 187 -19.96 20.54 -52.96
CA ASP B 187 -19.94 20.54 -52.96
C ASP B 187 -19.65 19.09 -53.37
N GLY B 188 -18.65 18.46 -52.73
CA GLY B 188 -18.28 17.09 -53.06
C GLY B 188 -17.88 16.92 -54.51
N GLU B 189 -17.17 17.91 -55.03
CA GLU B 189 -16.61 17.88 -56.39
C GLU B 189 -15.57 16.77 -56.53
N SER B 190 -15.60 16.10 -57.67
CA SER B 190 -14.70 15.00 -57.96
C SER B 190 -14.15 15.15 -59.36
N LYS B 191 -12.91 14.72 -59.55
CA LYS B 191 -12.20 14.75 -60.82
C LYS B 191 -12.02 13.32 -61.33
N PRO B 192 -12.19 13.08 -62.63
CA PRO B 192 -12.00 11.74 -63.18
C PRO B 192 -10.53 11.39 -63.40
N PHE B 193 -10.25 10.17 -63.84
CA PHE B 193 -8.89 9.80 -64.24
C PHE B 193 -8.55 10.48 -65.57
N ALA B 194 -7.27 10.59 -65.88
CA ALA B 194 -6.79 11.01 -67.21
C ALA B 194 -6.72 9.85 -68.19
N ILE B 195 -6.94 8.63 -67.70
CA ILE B 195 -6.98 7.41 -68.53
C ILE B 195 -8.46 7.15 -68.82
N ALA B 196 -8.88 7.43 -70.06
CA ALA B 196 -10.30 7.46 -70.45
C ALA B 196 -10.99 6.14 -70.22
N SER B 197 -10.31 5.04 -70.57
CA SER B 197 -10.87 3.71 -70.40
C SER B 197 -11.14 3.33 -68.92
N LEU B 198 -10.44 3.94 -67.97
CA LEU B 198 -10.76 3.73 -66.56
C LEU B 198 -12.04 4.47 -66.18
N ASN B 199 -12.24 5.66 -66.74
CA ASN B 199 -13.52 6.36 -66.58
C ASN B 199 -14.68 5.58 -67.23
N GLU B 200 -14.42 4.90 -68.34
CA GLU B 200 -15.42 4.05 -69.02
C GLU B 200 -15.56 2.68 -68.36
N LYS B 201 -14.70 2.37 -67.40
CA LYS B 201 -14.81 1.15 -66.62
C LYS B 201 -14.45 -0.12 -67.41
N VAL B 202 -13.55 0.02 -68.38
CA VAL B 202 -12.97 -1.16 -69.06
C VAL B 202 -12.16 -1.97 -68.02
N ALA B 203 -11.50 -1.25 -67.10
CA ALA B 203 -10.73 -1.83 -66.02
C ALA B 203 -10.91 -0.98 -64.77
N TRP B 204 -10.65 -1.54 -63.59
CA TRP B 204 -10.83 -0.84 -62.30
C TRP B 204 -9.49 -0.45 -61.69
N VAL B 205 -9.42 0.81 -61.25
CA VAL B 205 -8.32 1.34 -60.46
C VAL B 205 -8.99 2.12 -59.32
N PRO B 206 -8.50 1.99 -58.08
CA PRO B 206 -9.09 2.83 -57.02
C PRO B 206 -8.92 4.33 -57.28
N ARG B 207 -9.96 5.10 -56.94
CA ARG B 207 -9.93 6.55 -57.01
C ARG B 207 -8.91 7.06 -56.03
N HIS B 208 -8.04 7.98 -56.43
CA HIS B 208 -7.16 8.66 -55.46
C HIS B 208 -7.82 9.93 -54.85
N TRP B 209 -8.06 9.89 -53.55
CA TRP B 209 -8.80 10.96 -52.85
C TRP B 209 -8.11 12.32 -52.89
N ASP B 210 -6.80 12.30 -52.75
CA ASP B 210 -5.95 13.48 -52.84
C ASP B 210 -6.02 14.17 -54.22
N LYS B 211 -6.23 13.40 -55.30
CA LYS B 211 -6.26 13.93 -56.64
C LYS B 211 -7.68 14.24 -57.10
N ALA B 212 -8.64 13.49 -56.59
CA ALA B 212 -9.96 13.45 -57.13
C ALA B 212 -11.02 14.13 -56.28
N THR B 213 -10.73 14.46 -55.02
CA THR B 213 -11.71 15.16 -54.17
C THR B 213 -11.08 16.38 -53.47
N VAL B 214 -11.91 17.32 -53.05
CA VAL B 214 -11.48 18.52 -52.36
C VAL B 214 -11.81 18.45 -50.89
N ASP B 215 -13.07 18.13 -50.61
CA ASP B 215 -13.60 18.13 -49.26
C ASP B 215 -13.76 16.72 -48.69
N SER B 216 -13.30 15.71 -49.46
CA SER B 216 -13.42 14.27 -49.15
C SER B 216 -14.75 13.60 -49.56
N GLY B 217 -15.74 14.39 -49.95
CA GLY B 217 -16.97 13.87 -50.50
C GLY B 217 -16.90 13.64 -52.01
N VAL B 218 -17.69 12.70 -52.49
CA VAL B 218 -17.86 12.48 -53.91
C VAL B 218 -19.35 12.55 -54.23
N GLY B 219 -19.80 13.70 -54.75
CA GLY B 219 -21.22 13.94 -54.99
C GLY B 219 -21.73 15.08 -54.09
N ASN B 220 -22.53 15.97 -54.68
CA ASN B 220 -23.08 17.12 -53.96
C ASN B 220 -24.26 16.67 -53.10
N PRO B 221 -24.16 16.88 -51.78
CA PRO B 221 -25.27 16.51 -50.88
C PRO B 221 -26.35 17.58 -50.68
N LYS B 222 -26.23 18.72 -51.36
CA LYS B 222 -27.05 19.95 -51.10
C LYS B 222 -28.57 19.77 -50.92
N LYS B 223 -29.13 18.86 -51.72
CA LYS B 223 -30.56 18.62 -51.79
C LYS B 223 -31.03 17.53 -50.84
N ALA B 224 -30.16 17.03 -49.97
CA ALA B 224 -30.57 16.02 -49.01
C ALA B 224 -31.65 16.51 -48.04
N THR B 225 -32.57 15.62 -47.69
CA THR B 225 -33.59 15.96 -46.69
C THR B 225 -33.91 14.73 -45.89
N ALA B 226 -34.41 14.90 -44.67
CA ALA B 226 -34.91 13.77 -43.86
C ALA B 226 -36.05 13.02 -44.56
N GLU B 227 -36.90 13.79 -45.25
CA GLU B 227 -38.02 13.22 -45.98
C GLU B 227 -37.53 12.23 -46.99
N LYS B 228 -36.56 12.66 -47.80
CA LYS B 228 -36.01 11.80 -48.85
C LYS B 228 -35.37 10.56 -48.25
N GLY B 229 -34.71 10.71 -47.10
CA GLY B 229 -34.08 9.59 -46.40
C GLY B 229 -35.08 8.58 -45.88
N GLU B 230 -36.17 9.08 -45.31
CA GLU B 230 -37.23 8.22 -44.76
C GLU B 230 -37.90 7.38 -45.85
N ARG B 231 -38.02 8.00 -47.03
CA ARG B 231 -38.70 7.41 -48.16
C ARG B 231 -37.89 6.29 -48.75
N TYR B 232 -36.58 6.52 -48.91
CA TYR B 232 -35.63 5.53 -49.44
C TYR B 232 -35.43 4.34 -48.51
N VAL B 233 -35.37 4.53 -47.18
CA VAL B 233 -35.07 3.39 -46.30
C VAL B 233 -36.27 2.47 -46.08
N LYS B 234 -37.48 2.95 -46.31
CA LYS B 234 -38.65 2.10 -46.06
C LYS B 234 -38.62 0.80 -46.89
N PRO B 235 -38.41 0.90 -48.21
CA PRO B 235 -38.25 -0.35 -49.00
C PRO B 235 -36.97 -1.16 -48.69
N ILE B 236 -35.87 -0.49 -48.32
CA ILE B 236 -34.63 -1.22 -47.91
C ILE B 236 -34.94 -2.08 -46.68
N VAL B 237 -35.58 -1.47 -45.69
CA VAL B 237 -35.89 -2.14 -44.46
C VAL B 237 -36.83 -3.29 -44.70
N GLU B 238 -37.75 -3.15 -45.66
CA GLU B 238 -38.70 -4.23 -45.97
C GLU B 238 -38.06 -5.39 -46.71
N LYS B 239 -37.21 -5.09 -47.67
CA LYS B 239 -36.43 -6.10 -48.36
C LYS B 239 -35.53 -6.91 -47.42
N LEU B 240 -34.82 -6.24 -46.51
CA LEU B 240 -33.93 -6.94 -45.58
C LEU B 240 -34.71 -7.78 -44.59
N ALA B 241 -35.82 -7.25 -44.10
CA ALA B 241 -36.70 -8.04 -43.22
C ALA B 241 -37.17 -9.33 -43.91
N GLY B 242 -37.57 -9.20 -45.16
CA GLY B 242 -37.89 -10.37 -45.97
C GLY B 242 -36.76 -11.38 -46.10
N LEU B 243 -35.55 -10.90 -46.38
CA LEU B 243 -34.38 -11.78 -46.39
C LEU B 243 -34.15 -12.45 -45.03
N PHE B 244 -34.22 -11.71 -43.93
CA PHE B 244 -34.04 -12.36 -42.60
C PHE B 244 -35.02 -13.50 -42.42
N GLU B 245 -36.28 -13.26 -42.80
CA GLU B 245 -37.35 -14.27 -42.68
C GLU B 245 -37.07 -15.50 -43.50
N GLU B 246 -36.67 -15.31 -44.76
CA GLU B 246 -36.36 -16.43 -45.64
C GLU B 246 -35.09 -17.21 -45.25
N MSE B 247 -34.03 -16.51 -44.83
CA MSE B 247 -32.85 -17.19 -44.28
C MSE B 247 -33.21 -18.02 -43.04
O MSE B 247 -32.65 -19.08 -42.79
CB MSE B 247 -31.77 -16.18 -43.89
CG MSE B 247 -31.13 -15.50 -45.04
SE MSE B 247 -29.80 -14.17 -44.54
CE MSE B 247 -28.28 -15.38 -43.92
N ALA B 248 -34.14 -17.51 -42.24
CA ALA B 248 -34.60 -18.18 -41.05
C ALA B 248 -35.42 -19.43 -41.37
N GLN B 249 -36.24 -19.38 -42.42
CA GLN B 249 -37.23 -20.42 -42.64
C GLN B 249 -36.87 -21.41 -43.74
N HIS B 250 -35.87 -21.08 -44.55
CA HIS B 250 -35.44 -21.96 -45.62
C HIS B 250 -33.96 -22.32 -45.53
N ASP B 251 -33.66 -23.54 -45.97
CA ASP B 251 -32.30 -23.93 -46.32
C ASP B 251 -31.93 -23.25 -47.63
N LEU B 252 -30.61 -23.12 -47.84
CA LEU B 252 -30.08 -22.40 -48.98
C LEU B 252 -30.63 -22.99 -50.27
N TYR B 253 -30.70 -24.32 -50.28
CA TYR B 253 -31.26 -25.08 -51.38
C TYR B 253 -32.26 -26.09 -50.80
N GLU B 254 -33.34 -26.35 -51.52
CA GLU B 254 -34.35 -27.32 -51.06
C GLU B 254 -34.78 -28.30 -52.15
N MSE C 2 2.63 -17.33 -83.01
CA MSE C 2 3.67 -17.22 -81.95
C MSE C 2 4.30 -15.84 -81.96
O MSE C 2 4.80 -15.42 -82.99
CB MSE C 2 4.77 -18.25 -82.16
CG MSE C 2 5.95 -18.11 -81.15
SE MSE C 2 7.30 -19.52 -81.30
CE MSE C 2 5.96 -21.09 -81.20
N ASN C 3 4.29 -15.17 -80.81
CA ASN C 3 4.79 -13.82 -80.72
C ASN C 3 5.67 -13.60 -79.49
N LYS C 4 6.97 -13.75 -79.70
CA LYS C 4 7.95 -13.63 -78.63
C LYS C 4 8.12 -12.20 -78.13
N GLU C 5 7.61 -11.25 -78.91
CA GLU C 5 7.70 -9.87 -78.50
C GLU C 5 6.74 -9.53 -77.31
N VAL C 6 5.54 -10.09 -77.32
CA VAL C 6 4.52 -9.75 -76.35
C VAL C 6 3.93 -10.93 -75.53
N ASP C 7 4.40 -12.14 -75.77
CA ASP C 7 3.88 -13.33 -75.11
C ASP C 7 5.05 -13.99 -74.39
N LEU C 8 5.14 -13.84 -73.06
CA LEU C 8 6.25 -14.41 -72.26
C LEU C 8 6.27 -15.93 -72.26
N SER C 9 5.10 -16.54 -72.42
CA SER C 9 4.98 -17.98 -72.53
C SER C 9 5.80 -18.66 -73.64
N VAL C 10 6.14 -17.91 -74.69
CA VAL C 10 7.01 -18.39 -75.75
C VAL C 10 8.33 -17.58 -75.93
N SER C 11 8.48 -16.48 -75.22
CA SER C 11 9.58 -15.57 -75.40
C SER C 11 10.87 -16.03 -74.69
N CYS C 12 11.96 -15.33 -74.95
CA CYS C 12 13.27 -15.62 -74.36
C CYS C 12 13.98 -14.29 -74.13
N LEU C 13 14.97 -14.29 -73.25
CA LEU C 13 15.65 -13.05 -72.88
C LEU C 13 16.20 -12.30 -74.06
N GLY C 14 16.78 -13.03 -75.01
CA GLY C 14 17.33 -12.42 -76.20
C GLY C 14 16.36 -11.51 -76.94
N LYS C 15 15.11 -11.95 -77.08
CA LYS C 15 14.10 -11.21 -77.82
C LYS C 15 13.63 -9.95 -77.08
N VAL C 16 13.64 -9.98 -75.75
CA VAL C 16 13.02 -8.91 -74.97
C VAL C 16 14.02 -7.92 -74.37
N LYS C 17 15.27 -8.34 -74.21
CA LYS C 17 16.18 -7.56 -73.39
C LYS C 17 16.49 -6.16 -73.91
N GLU C 18 16.45 -5.95 -75.22
CA GLU C 18 16.74 -4.62 -75.76
C GLU C 18 15.50 -3.75 -76.12
N LEU C 19 14.31 -4.21 -75.74
CA LEU C 19 13.06 -3.49 -76.06
C LEU C 19 12.46 -2.82 -74.83
N LYS C 20 11.83 -1.67 -75.05
CA LYS C 20 11.10 -0.94 -74.01
C LYS C 20 9.69 -1.48 -73.88
N TYR C 21 9.30 -1.80 -72.65
CA TYR C 21 7.93 -2.26 -72.37
C TYR C 21 7.23 -1.21 -71.50
N ASP C 22 5.99 -0.91 -71.86
CA ASP C 22 5.24 0.18 -71.27
C ASP C 22 4.24 -0.32 -70.23
N VAL C 23 3.57 -1.43 -70.52
CA VAL C 23 2.55 -2.01 -69.64
C VAL C 23 2.73 -3.52 -69.56
N ILE C 24 2.50 -4.07 -68.37
CA ILE C 24 2.56 -5.51 -68.12
C ILE C 24 1.14 -5.99 -67.91
N ILE C 25 0.81 -7.09 -68.57
CA ILE C 25 -0.51 -7.73 -68.52
C ILE C 25 -0.34 -9.11 -67.87
N LEU C 26 -1.07 -9.30 -66.79
CA LEU C 26 -1.11 -10.56 -66.07
C LEU C 26 -2.47 -11.27 -66.24
N PRO C 27 -2.52 -12.30 -67.08
CA PRO C 27 -3.72 -13.10 -67.11
C PRO C 27 -3.83 -13.96 -65.84
N TRP C 28 -5.02 -13.97 -65.24
CA TRP C 28 -5.24 -14.72 -64.03
C TRP C 28 -6.49 -15.56 -64.20
N GLY C 29 -6.33 -16.88 -64.16
CA GLY C 29 -7.39 -17.78 -64.44
C GLY C 29 -7.73 -18.65 -63.22
N ALA C 30 -7.86 -19.94 -63.47
CA ALA C 30 -8.35 -20.92 -62.52
C ALA C 30 -8.10 -22.28 -63.15
N THR C 31 -7.97 -23.30 -62.31
CA THR C 31 -7.97 -24.69 -62.70
C THR C 31 -9.34 -25.25 -62.25
N GLU C 32 -10.25 -25.39 -63.22
CA GLU C 32 -11.66 -25.54 -62.93
C GLU C 32 -12.40 -26.33 -64.01
N PRO C 33 -13.21 -27.34 -63.62
CA PRO C 33 -14.10 -28.00 -64.57
C PRO C 33 -15.07 -26.99 -65.22
N HIS C 34 -15.21 -27.08 -66.54
CA HIS C 34 -16.05 -26.22 -67.34
C HIS C 34 -17.07 -27.07 -68.15
N ASN C 35 -18.18 -27.46 -67.53
CA ASN C 35 -19.13 -28.40 -68.13
C ASN C 35 -18.25 -29.60 -68.50
N LEU C 36 -18.69 -30.42 -69.45
CA LEU C 36 -17.99 -31.64 -69.81
C LEU C 36 -16.99 -31.42 -70.94
N HIS C 37 -17.11 -30.31 -71.63
CA HIS C 37 -16.48 -30.16 -72.94
C HIS C 37 -15.35 -29.16 -72.98
N LEU C 38 -15.30 -28.21 -72.05
CA LEU C 38 -14.27 -27.16 -72.12
C LEU C 38 -13.05 -27.55 -71.26
N PRO C 39 -11.85 -27.06 -71.64
CA PRO C 39 -10.64 -27.30 -70.83
C PRO C 39 -10.68 -26.80 -69.37
N TYR C 40 -9.99 -27.54 -68.51
CA TYR C 40 -9.73 -27.12 -67.14
C TYR C 40 -9.04 -25.75 -67.07
N LEU C 41 -8.23 -25.40 -68.07
CA LEU C 41 -7.49 -24.14 -68.05
C LEU C 41 -8.16 -23.01 -68.90
N THR C 42 -9.44 -23.17 -69.22
CA THR C 42 -10.20 -22.15 -69.97
C THR C 42 -9.98 -20.75 -69.48
N ASP C 43 -10.01 -20.57 -68.16
CA ASP C 43 -9.89 -19.23 -67.55
C ASP C 43 -8.50 -18.64 -67.61
N CYS C 44 -7.50 -19.48 -67.87
CA CYS C 44 -6.15 -19.02 -68.19
C CYS C 44 -5.98 -18.73 -69.69
N ILE C 45 -6.41 -19.67 -70.50
CA ILE C 45 -6.26 -19.60 -71.97
C ILE C 45 -6.98 -18.39 -72.57
N LEU C 46 -8.24 -18.17 -72.21
CA LEU C 46 -8.99 -17.09 -72.85
C LEU C 46 -8.41 -15.69 -72.61
N PRO C 47 -8.21 -15.30 -71.34
CA PRO C 47 -7.60 -13.99 -71.16
C PRO C 47 -6.17 -13.89 -71.71
N HIS C 48 -5.41 -14.99 -71.71
CA HIS C 48 -4.10 -14.98 -72.32
C HIS C 48 -4.16 -14.63 -73.80
N ASP C 49 -5.06 -15.29 -74.51
CA ASP C 49 -5.18 -15.10 -75.97
C ASP C 49 -5.72 -13.72 -76.33
N ILE C 50 -6.69 -13.24 -75.54
CA ILE C 50 -7.24 -11.90 -75.71
C ILE C 50 -6.19 -10.82 -75.44
N ALA C 51 -5.43 -10.98 -74.36
CA ALA C 51 -4.37 -10.05 -74.02
C ALA C 51 -3.29 -9.98 -75.10
N VAL C 52 -2.87 -11.14 -75.62
CA VAL C 52 -1.84 -11.17 -76.67
C VAL C 52 -2.34 -10.41 -77.91
N GLU C 53 -3.57 -10.67 -78.32
CA GLU C 53 -4.13 -9.98 -79.49
CA GLU C 53 -4.14 -10.00 -79.49
C GLU C 53 -4.25 -8.49 -79.24
N ALA C 54 -4.74 -8.11 -78.05
CA ALA C 54 -4.81 -6.72 -77.66
C ALA C 54 -3.41 -6.07 -77.67
N ALA C 55 -2.40 -6.76 -77.14
CA ALA C 55 -1.01 -6.22 -77.13
C ALA C 55 -0.45 -6.02 -78.52
N GLU C 56 -0.71 -6.98 -79.40
CA GLU C 56 -0.35 -6.89 -80.82
C GLU C 56 -1.00 -5.70 -81.55
N LEU C 57 -2.29 -5.48 -81.27
CA LEU C 57 -2.99 -4.33 -81.83
C LEU C 57 -2.43 -3.01 -81.29
N ALA C 58 -2.22 -2.90 -79.99
CA ALA C 58 -1.63 -1.68 -79.42
C ALA C 58 -0.23 -1.36 -80.00
N LEU C 59 0.56 -2.41 -80.24
CA LEU C 59 1.89 -2.29 -80.81
C LEU C 59 1.79 -1.80 -82.27
N SER C 60 1.02 -2.52 -83.09
CA SER C 60 0.92 -2.16 -84.51
C SER C 60 0.32 -0.75 -84.73
N ARG C 61 -0.69 -0.42 -83.92
CA ARG C 61 -1.50 0.78 -84.07
C ARG C 61 -0.86 2.03 -83.47
N SER C 62 -0.18 1.89 -82.33
CA SER C 62 0.33 3.04 -81.56
C SER C 62 1.83 2.96 -81.20
N GLY C 63 2.47 1.82 -81.43
CA GLY C 63 3.84 1.61 -80.96
C GLY C 63 3.98 1.44 -79.45
N VAL C 64 2.88 1.19 -78.75
CA VAL C 64 2.91 0.87 -77.33
C VAL C 64 3.17 -0.64 -77.20
N ARG C 65 4.25 -1.00 -76.49
CA ARG C 65 4.65 -2.40 -76.32
C ARG C 65 4.34 -2.92 -74.91
N CYS C 66 3.55 -3.98 -74.88
CA CYS C 66 3.12 -4.60 -73.63
C CYS C 66 3.58 -6.06 -73.59
N MSE C 67 3.90 -6.57 -72.39
CA MSE C 67 4.25 -7.97 -72.17
C MSE C 67 3.13 -8.69 -71.44
O MSE C 67 2.69 -8.26 -70.36
CB MSE C 67 5.54 -8.10 -71.37
CG MSE C 67 5.96 -9.54 -71.07
SE MSE C 67 6.15 -10.53 -72.75
CE MSE C 67 8.02 -9.84 -73.08
N VAL C 68 2.66 -9.79 -72.06
CA VAL C 68 1.66 -10.64 -71.46
C VAL C 68 2.37 -11.76 -70.71
N MSE C 69 2.26 -11.71 -69.38
CA MSE C 69 2.92 -12.68 -68.52
C MSE C 69 2.23 -14.05 -68.63
O MSE C 69 1.17 -14.15 -69.21
CB MSE C 69 2.82 -12.20 -67.06
CG MSE C 69 3.51 -10.90 -66.79
SE MSE C 69 5.46 -10.94 -67.10
CE MSE C 69 6.08 -12.11 -65.47
N PRO C 70 2.86 -15.11 -68.10
CA PRO C 70 2.16 -16.36 -68.13
C PRO C 70 0.94 -16.34 -67.20
N PRO C 71 -0.11 -17.04 -67.58
CA PRO C 71 -1.30 -17.02 -66.75
C PRO C 71 -1.16 -17.66 -65.38
N VAL C 72 -1.84 -17.10 -64.39
CA VAL C 72 -1.85 -17.66 -63.05
C VAL C 72 -3.02 -18.66 -63.00
N PRO C 73 -2.73 -19.96 -62.81
CA PRO C 73 -3.84 -20.94 -62.77
C PRO C 73 -4.51 -21.18 -61.42
N PHE C 74 -4.50 -20.18 -60.53
CA PHE C 74 -4.93 -20.39 -59.14
C PHE C 74 -6.11 -19.48 -58.82
N GLY C 75 -7.33 -20.00 -58.98
CA GLY C 75 -8.54 -19.22 -58.78
C GLY C 75 -9.21 -19.52 -57.47
N ALA C 76 -10.14 -18.66 -57.08
CA ALA C 76 -10.98 -18.82 -55.88
C ALA C 76 -12.28 -19.47 -56.27
N HIS C 77 -12.63 -20.56 -55.59
CA HIS C 77 -13.79 -21.37 -55.99
C HIS C 77 -14.87 -21.50 -54.89
N ASN C 78 -15.96 -22.17 -55.26
CA ASN C 78 -17.19 -22.15 -54.51
C ASN C 78 -17.42 -23.50 -53.86
N PRO C 79 -18.27 -23.52 -52.83
CA PRO C 79 -18.64 -24.78 -52.25
C PRO C 79 -19.12 -25.73 -53.33
N GLY C 80 -18.73 -27.00 -53.19
CA GLY C 80 -19.05 -28.05 -54.15
C GLY C 80 -18.14 -28.22 -55.34
N GLN C 81 -17.27 -27.24 -55.60
CA GLN C 81 -16.33 -27.33 -56.71
C GLN C 81 -15.02 -28.03 -56.34
N ARG C 82 -14.59 -27.83 -55.11
CA ARG C 82 -13.32 -28.35 -54.61
C ARG C 82 -13.32 -29.89 -54.58
N GLU C 83 -14.50 -30.50 -54.53
CA GLU C 83 -14.64 -31.96 -54.60
C GLU C 83 -14.64 -32.52 -56.01
N LEU C 84 -14.75 -31.67 -57.03
CA LEU C 84 -14.66 -32.12 -58.41
C LEU C 84 -13.18 -32.43 -58.77
N PRO C 85 -12.92 -33.56 -59.46
CA PRO C 85 -11.51 -33.95 -59.68
C PRO C 85 -10.70 -32.86 -60.35
N PHE C 86 -9.54 -32.56 -59.72
CA PHE C 86 -8.53 -31.60 -60.22
C PHE C 86 -8.91 -30.10 -60.19
N CYS C 87 -10.02 -29.75 -59.55
CA CYS C 87 -10.34 -28.35 -59.30
C CYS C 87 -9.51 -27.87 -58.12
N ILE C 88 -8.71 -26.80 -58.28
CA ILE C 88 -7.83 -26.33 -57.19
C ILE C 88 -8.32 -24.98 -56.62
N HIS C 89 -8.86 -25.03 -55.39
CA HIS C 89 -9.29 -23.82 -54.70
C HIS C 89 -8.11 -23.07 -54.09
N THR C 90 -7.96 -21.80 -54.43
CA THR C 90 -6.88 -20.98 -53.91
C THR C 90 -7.42 -20.03 -52.85
N ARG C 91 -6.83 -20.03 -51.64
CA ARG C 91 -7.20 -19.03 -50.63
C ARG C 91 -6.83 -17.63 -51.07
N TYR C 92 -7.61 -16.64 -50.60
CA TYR C 92 -7.37 -15.25 -50.92
C TYR C 92 -5.95 -14.90 -50.53
N ALA C 93 -5.52 -15.32 -49.35
CA ALA C 93 -4.18 -15.01 -48.87
C ALA C 93 -3.09 -15.58 -49.78
N THR C 94 -3.36 -16.74 -50.37
CA THR C 94 -2.41 -17.37 -51.29
C THR C 94 -2.35 -16.52 -52.55
N GLN C 95 -3.49 -16.08 -53.06
CA GLN C 95 -3.48 -15.22 -54.25
C GLN C 95 -2.76 -13.93 -53.98
N GLN C 96 -2.99 -13.33 -52.80
CA GLN C 96 -2.32 -12.09 -52.43
C GLN C 96 -0.81 -12.25 -52.36
N ALA C 97 -0.35 -13.36 -51.78
CA ALA C 97 1.09 -13.66 -51.72
C ALA C 97 1.68 -13.76 -53.15
N ILE C 98 0.93 -14.36 -54.08
CA ILE C 98 1.36 -14.47 -55.46
C ILE C 98 1.52 -13.10 -56.09
N LEU C 99 0.49 -12.27 -55.95
CA LEU C 99 0.47 -10.92 -56.56
C LEU C 99 1.58 -10.02 -55.99
N GLU C 100 1.77 -10.07 -54.67
CA GLU C 100 2.86 -9.42 -53.97
C GLU C 100 4.24 -9.80 -54.53
N ASP C 101 4.47 -11.09 -54.75
CA ASP C 101 5.73 -11.55 -55.35
C ASP C 101 5.95 -11.05 -56.78
N ILE C 102 4.91 -11.15 -57.61
CA ILE C 102 4.91 -10.63 -58.99
C ILE C 102 5.15 -9.12 -58.99
N VAL C 103 4.45 -8.37 -58.15
CA VAL C 103 4.64 -6.92 -58.11
C VAL C 103 6.02 -6.52 -57.60
N SER C 104 6.52 -7.21 -56.59
CA SER C 104 7.83 -6.91 -56.03
C SER C 104 8.92 -7.08 -57.12
N SER C 105 8.83 -8.16 -57.88
CA SER C 105 9.80 -8.42 -58.96
C SER C 105 9.69 -7.38 -60.08
N LEU C 106 8.47 -7.14 -60.57
CA LEU C 106 8.24 -6.15 -61.64
C LEU C 106 8.68 -4.73 -61.24
N HIS C 107 8.42 -4.34 -59.99
CA HIS C 107 8.86 -3.05 -59.48
C HIS C 107 10.38 -2.88 -59.50
N VAL C 108 11.10 -3.90 -59.05
CA VAL C 108 12.54 -3.94 -59.08
C VAL C 108 13.09 -3.85 -60.49
N GLN C 109 12.35 -4.40 -61.47
CA GLN C 109 12.75 -4.37 -62.88
C GLN C 109 12.50 -3.01 -63.57
N GLY C 110 11.77 -2.14 -62.89
CA GLY C 110 11.50 -0.78 -63.33
C GLY C 110 10.10 -0.54 -63.88
N PHE C 111 9.27 -1.58 -63.86
CA PHE C 111 7.91 -1.45 -64.38
C PHE C 111 7.04 -0.77 -63.35
N ARG C 112 6.07 -0.02 -63.84
CA ARG C 112 5.23 0.81 -63.00
C ARG C 112 3.72 0.72 -63.37
N LYS C 113 3.39 -0.16 -64.31
CA LYS C 113 2.01 -0.31 -64.80
C LYS C 113 1.68 -1.76 -65.06
N LEU C 114 0.65 -2.26 -64.38
CA LEU C 114 0.19 -3.62 -64.49
C LEU C 114 -1.32 -3.62 -64.71
N LEU C 115 -1.78 -4.43 -65.64
CA LEU C 115 -3.20 -4.82 -65.71
C LEU C 115 -3.34 -6.31 -65.42
N ILE C 116 -4.17 -6.65 -64.42
CA ILE C 116 -4.61 -8.01 -64.18
C ILE C 116 -5.82 -8.31 -65.05
N LEU C 117 -5.68 -9.26 -65.97
CA LEU C 117 -6.83 -9.64 -66.82
C LEU C 117 -7.31 -11.02 -66.34
N SER C 118 -8.43 -10.99 -65.62
CA SER C 118 -9.01 -12.17 -65.07
C SER C 118 -9.94 -12.88 -66.03
N GLY C 119 -9.87 -14.21 -65.99
CA GLY C 119 -10.74 -15.09 -66.74
C GLY C 119 -11.72 -15.80 -65.86
N HIS C 120 -11.69 -15.51 -64.54
CA HIS C 120 -12.51 -16.22 -63.58
C HIS C 120 -13.18 -15.21 -62.65
N GLY C 121 -14.52 -15.25 -62.63
CA GLY C 121 -15.32 -14.30 -61.89
C GLY C 121 -15.18 -14.40 -60.40
N GLY C 122 -14.80 -15.60 -59.93
CA GLY C 122 -14.59 -15.86 -58.51
C GLY C 122 -13.33 -15.23 -57.95
N ASN C 123 -12.44 -14.75 -58.84
CA ASN C 123 -11.29 -13.94 -58.46
C ASN C 123 -11.72 -12.47 -58.26
N ASN C 124 -11.21 -11.90 -57.16
CA ASN C 124 -11.50 -10.55 -56.75
C ASN C 124 -10.20 -9.92 -56.28
N PHE C 125 -9.79 -8.82 -56.91
CA PHE C 125 -8.46 -8.21 -56.68
C PHE C 125 -8.49 -6.81 -56.09
N LYS C 126 -9.67 -6.27 -55.81
CA LYS C 126 -9.78 -4.87 -55.37
C LYS C 126 -9.07 -4.63 -54.06
N GLY C 127 -9.28 -5.54 -53.11
CA GLY C 127 -8.61 -5.48 -51.81
C GLY C 127 -7.08 -5.53 -51.91
N MSE C 128 -6.58 -6.50 -52.70
CA MSE C 128 -5.14 -6.65 -52.94
C MSE C 128 -4.55 -5.43 -53.58
O MSE C 128 -3.43 -5.00 -53.24
CB MSE C 128 -4.89 -7.82 -53.89
CG MSE C 128 -5.27 -9.15 -53.37
SE MSE C 128 -4.92 -10.54 -54.66
CE MSE C 128 -6.37 -11.72 -54.19
N ILE C 129 -5.26 -4.88 -54.54
CA ILE C 129 -4.85 -3.62 -55.21
C ILE C 129 -4.81 -2.46 -54.20
N ARG C 130 -5.81 -2.38 -53.31
CA ARG C 130 -5.82 -1.31 -52.29
C ARG C 130 -4.64 -1.41 -51.34
N ASP C 131 -4.36 -2.61 -50.86
CA ASP C 131 -3.25 -2.80 -49.95
C ASP C 131 -1.88 -2.57 -50.61
N LEU C 132 -1.76 -2.91 -51.88
CA LEU C 132 -0.52 -2.74 -52.60
C LEU C 132 -0.27 -1.28 -52.99
N ALA C 133 -1.33 -0.48 -53.07
CA ALA C 133 -1.19 0.94 -53.47
C ALA C 133 -0.48 1.69 -52.37
N PHE C 134 -0.66 1.25 -51.14
CA PHE C 134 0.04 1.83 -49.99
C PHE C 134 1.54 1.38 -49.93
N GLU C 135 1.81 0.11 -50.23
CA GLU C 135 3.16 -0.42 -50.28
C GLU C 135 3.98 0.06 -51.48
N TYR C 136 3.34 0.18 -52.66
CA TYR C 136 4.01 0.59 -53.88
C TYR C 136 3.22 1.77 -54.50
N PRO C 137 3.36 2.96 -53.93
CA PRO C 137 2.55 4.10 -54.40
C PRO C 137 2.80 4.58 -55.82
N ASP C 138 3.91 4.17 -56.42
CA ASP C 138 4.26 4.60 -57.77
C ASP C 138 3.93 3.49 -58.79
N PHE C 139 3.23 2.46 -58.35
CA PHE C 139 2.91 1.30 -59.19
C PHE C 139 1.38 1.26 -59.43
N LEU C 140 0.95 1.52 -60.66
CA LEU C 140 -0.45 1.46 -61.00
C LEU C 140 -0.85 0.02 -61.29
N ILE C 141 -1.85 -0.49 -60.59
CA ILE C 141 -2.42 -1.79 -60.89
C ILE C 141 -3.91 -1.62 -61.17
N ALA C 142 -4.34 -2.10 -62.34
CA ALA C 142 -5.73 -2.10 -62.74
C ALA C 142 -6.18 -3.55 -62.83
N ALA C 143 -7.48 -3.81 -62.73
CA ALA C 143 -8.05 -5.19 -62.89
C ALA C 143 -9.36 -5.14 -63.69
N ALA C 144 -9.53 -6.16 -64.54
CA ALA C 144 -10.71 -6.39 -65.36
C ALA C 144 -10.93 -7.89 -65.56
N ASN C 145 -12.19 -8.29 -65.60
CA ASN C 145 -12.57 -9.58 -66.17
C ASN C 145 -12.73 -9.40 -67.68
N TRP C 146 -12.15 -10.26 -68.51
CA TRP C 146 -12.20 -10.03 -69.94
C TRP C 146 -13.63 -10.00 -70.48
N PHE C 147 -14.50 -10.80 -69.86
CA PHE C 147 -15.88 -10.97 -70.27
C PHE C 147 -16.81 -9.88 -69.77
N GLU C 148 -16.28 -8.91 -69.05
CA GLU C 148 -17.01 -7.75 -68.64
C GLU C 148 -16.60 -6.49 -69.38
N VAL C 149 -15.61 -6.60 -70.25
CA VAL C 149 -15.17 -5.47 -71.07
C VAL C 149 -16.26 -5.06 -72.10
N VAL C 150 -16.92 -6.05 -72.68
CA VAL C 150 -18.08 -5.87 -73.53
C VAL C 150 -19.10 -6.82 -72.92
N SER C 151 -20.32 -6.37 -72.67
CA SER C 151 -21.37 -7.28 -72.18
C SER C 151 -21.62 -8.32 -73.25
N PRO C 152 -21.89 -9.57 -72.88
CA PRO C 152 -22.18 -10.61 -73.87
C PRO C 152 -23.61 -10.62 -74.35
N LYS C 153 -24.52 -10.04 -73.55
CA LYS C 153 -25.90 -9.87 -74.00
C LYS C 153 -25.91 -9.05 -75.32
N GLY C 154 -26.60 -9.55 -76.33
CA GLY C 154 -26.43 -9.06 -77.71
C GLY C 154 -25.65 -10.01 -78.64
N TYR C 155 -24.58 -10.58 -78.10
CA TYR C 155 -23.65 -11.40 -78.86
C TYR C 155 -24.00 -12.91 -78.83
N PHE C 156 -24.81 -13.29 -77.86
CA PHE C 156 -25.18 -14.70 -77.63
C PHE C 156 -26.67 -14.91 -77.29
N GLU C 157 -27.17 -16.08 -77.64
CA GLU C 157 -28.60 -16.40 -77.51
C GLU C 157 -29.05 -16.86 -76.09
N ALA C 158 -28.31 -17.81 -75.51
CA ALA C 158 -28.68 -18.44 -74.25
C ALA C 158 -28.99 -17.44 -73.15
N GLU C 159 -30.06 -17.70 -72.41
CA GLU C 159 -30.52 -16.80 -71.35
C GLU C 159 -29.54 -16.74 -70.17
N ILE C 160 -29.10 -17.91 -69.75
CA ILE C 160 -28.08 -18.02 -68.72
C ILE C 160 -26.76 -18.43 -69.34
N ASP C 161 -25.71 -17.79 -68.87
CA ASP C 161 -24.39 -17.96 -69.48
C ASP C 161 -23.34 -17.52 -68.46
N ASP C 162 -23.29 -18.21 -67.33
CA ASP C 162 -22.45 -17.77 -66.20
C ASP C 162 -21.08 -18.47 -66.18
N HIS C 163 -21.02 -19.73 -66.61
CA HIS C 163 -19.79 -20.50 -66.54
C HIS C 163 -19.82 -21.60 -67.58
N ALA C 164 -18.84 -21.61 -68.48
CA ALA C 164 -18.75 -22.62 -69.54
C ALA C 164 -19.98 -22.64 -70.45
N GLY C 165 -20.60 -21.48 -70.66
CA GLY C 165 -21.79 -21.36 -71.44
C GLY C 165 -21.49 -21.04 -72.89
N GLU C 166 -22.42 -20.34 -73.54
CA GLU C 166 -22.31 -20.03 -74.95
C GLU C 166 -21.14 -19.13 -75.23
N SER C 167 -20.89 -18.14 -74.37
CA SER C 167 -19.81 -17.18 -74.62
C SER C 167 -18.41 -17.77 -74.50
N GLU C 168 -18.09 -18.37 -73.36
CA GLU C 168 -16.81 -19.07 -73.20
C GLU C 168 -16.63 -20.18 -74.23
N THR C 169 -17.68 -20.94 -74.52
CA THR C 169 -17.54 -22.01 -75.50
C THR C 169 -17.22 -21.44 -76.89
N SER C 170 -17.88 -20.34 -77.26
CA SER C 170 -17.72 -19.74 -78.61
C SER C 170 -16.33 -19.18 -78.77
N VAL C 171 -15.87 -18.49 -77.73
CA VAL C 171 -14.56 -17.89 -77.71
C VAL C 171 -13.45 -18.96 -77.73
N MSE C 172 -13.66 -20.08 -77.05
CA MSE C 172 -12.69 -21.16 -77.10
C MSE C 172 -12.69 -21.83 -78.48
O MSE C 172 -11.63 -22.20 -78.98
CB MSE C 172 -12.98 -22.24 -76.03
CG MSE C 172 -11.92 -23.39 -76.04
SE MSE C 172 -10.11 -22.81 -75.47
CE MSE C 172 -10.61 -22.15 -73.69
N MSE C 173 -13.86 -22.01 -79.08
CA MSE C 173 -13.93 -22.53 -80.46
C MSE C 173 -13.23 -21.62 -81.49
O MSE C 173 -12.66 -22.11 -82.48
CB MSE C 173 -15.40 -22.74 -80.85
CG MSE C 173 -16.13 -23.87 -80.09
SE MSE C 173 -18.03 -23.87 -80.47
CE MSE C 173 -18.00 -24.72 -82.18
N HIS C 174 -13.25 -20.30 -81.27
CA HIS C 174 -12.51 -19.32 -82.10
C HIS C 174 -11.01 -19.47 -81.94
N TYR C 175 -10.53 -19.36 -80.69
CA TYR C 175 -9.10 -19.41 -80.41
C TYR C 175 -8.48 -20.83 -80.50
N HIS C 176 -9.18 -21.84 -79.99
CA HIS C 176 -8.68 -23.23 -79.92
C HIS C 176 -9.76 -24.25 -80.22
N PRO C 177 -10.14 -24.35 -81.48
CA PRO C 177 -11.15 -25.33 -81.80
C PRO C 177 -10.74 -26.75 -81.46
N GLU C 178 -9.44 -27.05 -81.48
CA GLU C 178 -8.89 -28.38 -81.18
C GLU C 178 -9.05 -28.85 -79.71
N LEU C 179 -9.26 -27.90 -78.80
CA LEU C 179 -9.42 -28.18 -77.38
C LEU C 179 -10.87 -28.38 -76.92
N VAL C 180 -11.85 -28.24 -77.84
CA VAL C 180 -13.26 -28.37 -77.48
C VAL C 180 -14.06 -29.12 -78.53
N ASN C 181 -14.80 -30.15 -78.11
CA ASN C 181 -15.77 -30.83 -78.94
C ASN C 181 -17.14 -30.50 -78.37
N LEU C 182 -17.84 -29.58 -79.05
CA LEU C 182 -19.18 -29.15 -78.63
C LEU C 182 -20.18 -30.31 -78.39
N ALA C 183 -20.07 -31.37 -79.20
CA ALA C 183 -20.89 -32.59 -79.05
C ALA C 183 -20.85 -33.25 -77.66
N GLU C 184 -19.77 -33.02 -76.89
CA GLU C 184 -19.65 -33.56 -75.50
C GLU C 184 -20.33 -32.75 -74.38
N ALA C 185 -20.73 -31.53 -74.71
CA ALA C 185 -21.31 -30.60 -73.73
C ALA C 185 -22.62 -31.14 -73.18
N GLY C 186 -22.85 -30.96 -71.89
CA GLY C 186 -24.19 -31.06 -71.33
C GLY C 186 -24.94 -29.74 -71.42
N ASP C 187 -26.18 -29.73 -70.94
CA ASP C 187 -27.07 -28.58 -71.08
CA ASP C 187 -27.07 -28.57 -71.09
C ASP C 187 -26.80 -27.46 -70.06
N GLY C 188 -25.99 -27.76 -69.05
CA GLY C 188 -25.63 -26.80 -68.03
C GLY C 188 -26.78 -26.23 -67.25
N GLU C 189 -27.74 -27.08 -66.96
CA GLU C 189 -28.90 -26.70 -66.17
C GLU C 189 -28.45 -26.36 -64.74
N SER C 190 -29.02 -25.30 -64.18
CA SER C 190 -28.62 -24.80 -62.87
C SER C 190 -29.85 -24.53 -61.98
N LYS C 191 -29.76 -24.88 -60.70
CA LYS C 191 -30.86 -24.66 -59.77
C LYS C 191 -30.55 -23.41 -58.97
N PRO C 192 -31.56 -22.56 -58.73
CA PRO C 192 -31.43 -21.37 -57.90
C PRO C 192 -31.48 -21.67 -56.40
N PHE C 193 -31.28 -20.65 -55.57
CA PHE C 193 -31.44 -20.83 -54.12
C PHE C 193 -32.93 -21.04 -53.78
N ALA C 194 -33.20 -21.58 -52.59
CA ALA C 194 -34.54 -21.64 -52.02
C ALA C 194 -34.88 -20.40 -51.20
N ILE C 195 -33.89 -19.54 -50.96
CA ILE C 195 -34.09 -18.23 -50.32
C ILE C 195 -34.31 -17.21 -51.46
N ALA C 196 -35.55 -16.71 -51.57
CA ALA C 196 -35.98 -15.86 -52.69
C ALA C 196 -35.14 -14.62 -52.85
N SER C 197 -34.87 -13.95 -51.74
CA SER C 197 -34.12 -12.68 -51.74
C SER C 197 -32.69 -12.84 -52.26
N LEU C 198 -32.09 -14.02 -52.06
CA LEU C 198 -30.73 -14.28 -52.62
C LEU C 198 -30.78 -14.41 -54.16
N ASN C 199 -31.81 -15.04 -54.69
CA ASN C 199 -32.02 -15.08 -56.15
C ASN C 199 -32.28 -13.71 -56.74
N GLU C 200 -32.95 -12.84 -55.97
CA GLU C 200 -33.23 -11.46 -56.36
C GLU C 200 -32.03 -10.54 -56.05
N LYS C 201 -31.02 -11.07 -55.37
CA LYS C 201 -29.72 -10.37 -55.13
C LYS C 201 -29.79 -9.26 -54.11
N VAL C 202 -30.67 -9.41 -53.12
CA VAL C 202 -30.71 -8.47 -52.01
C VAL C 202 -29.38 -8.62 -51.27
N ALA C 203 -28.88 -9.85 -51.18
CA ALA C 203 -27.57 -10.17 -50.58
C ALA C 203 -26.91 -11.25 -51.45
N TRP C 204 -25.59 -11.37 -51.35
CA TRP C 204 -24.79 -12.38 -52.08
C TRP C 204 -24.42 -13.58 -51.18
N VAL C 205 -24.61 -14.78 -51.74
CA VAL C 205 -24.11 -16.02 -51.18
C VAL C 205 -23.55 -16.75 -52.38
N PRO C 206 -22.40 -17.41 -52.22
CA PRO C 206 -21.86 -18.16 -53.37
C PRO C 206 -22.77 -19.33 -53.76
N ARG C 207 -22.86 -19.59 -55.05
CA ARG C 207 -23.55 -20.77 -55.55
C ARG C 207 -22.82 -22.02 -55.05
N HIS C 208 -23.58 -23.04 -54.62
CA HIS C 208 -23.05 -24.36 -54.28
C HIS C 208 -23.17 -25.25 -55.50
N TRP C 209 -22.02 -25.59 -56.08
CA TRP C 209 -21.96 -26.36 -57.33
C TRP C 209 -22.58 -27.75 -57.21
N ASP C 210 -22.43 -28.38 -56.05
CA ASP C 210 -22.97 -29.73 -55.81
C ASP C 210 -24.51 -29.72 -55.78
N LYS C 211 -25.11 -28.62 -55.32
CA LYS C 211 -26.57 -28.49 -55.27
C LYS C 211 -27.12 -27.85 -56.53
N ALA C 212 -26.32 -27.05 -57.22
CA ALA C 212 -26.79 -26.11 -58.22
C ALA C 212 -26.58 -26.52 -59.66
N THR C 213 -25.65 -27.44 -59.92
CA THR C 213 -25.30 -27.87 -61.28
CA THR C 213 -25.32 -27.88 -61.27
C THR C 213 -25.22 -29.40 -61.35
N VAL C 214 -25.32 -29.92 -62.56
CA VAL C 214 -25.26 -31.34 -62.79
C VAL C 214 -23.95 -31.71 -63.49
N ASP C 215 -23.58 -30.94 -64.50
CA ASP C 215 -22.41 -31.25 -65.31
C ASP C 215 -21.24 -30.29 -65.02
N SER C 216 -21.39 -29.48 -63.97
CA SER C 216 -20.47 -28.39 -63.61
C SER C 216 -20.61 -27.08 -64.44
N GLY C 217 -21.38 -27.07 -65.53
CA GLY C 217 -21.64 -25.82 -66.28
C GLY C 217 -22.81 -25.04 -65.73
N VAL C 218 -22.84 -23.74 -65.95
CA VAL C 218 -23.99 -22.91 -65.62
C VAL C 218 -24.35 -22.11 -66.88
N GLY C 219 -25.25 -22.68 -67.69
CA GLY C 219 -25.65 -22.08 -68.94
C GLY C 219 -25.54 -23.09 -70.06
N ASN C 220 -26.53 -23.07 -70.95
CA ASN C 220 -26.58 -24.00 -72.09
C ASN C 220 -25.65 -23.46 -73.14
N PRO C 221 -24.61 -24.22 -73.52
CA PRO C 221 -23.59 -23.79 -74.47
C PRO C 221 -23.83 -24.22 -75.92
N LYS C 222 -24.88 -24.96 -76.18
CA LYS C 222 -25.02 -25.71 -77.45
C LYS C 222 -25.24 -24.88 -78.73
N LYS C 223 -25.62 -23.61 -78.62
CA LYS C 223 -25.65 -22.72 -79.79
C LYS C 223 -24.33 -21.99 -80.06
N ALA C 224 -23.29 -22.35 -79.32
CA ALA C 224 -21.95 -21.79 -79.48
C ALA C 224 -21.37 -22.07 -80.86
N THR C 225 -20.67 -21.06 -81.42
CA THR C 225 -19.93 -21.17 -82.66
C THR C 225 -18.65 -20.32 -82.62
N ALA C 226 -17.65 -20.75 -83.39
CA ALA C 226 -16.44 -19.98 -83.55
C ALA C 226 -16.70 -18.54 -84.05
N GLU C 227 -17.66 -18.35 -84.96
CA GLU C 227 -17.98 -17.03 -85.52
C GLU C 227 -18.55 -16.09 -84.50
N LYS C 228 -19.41 -16.61 -83.65
CA LYS C 228 -19.92 -15.86 -82.51
C LYS C 228 -18.80 -15.43 -81.55
N GLY C 229 -17.82 -16.31 -81.34
CA GLY C 229 -16.70 -16.03 -80.47
C GLY C 229 -15.80 -14.97 -81.08
N GLU C 230 -15.53 -15.12 -82.37
CA GLU C 230 -14.76 -14.14 -83.12
C GLU C 230 -15.39 -12.76 -83.04
N ARG C 231 -16.69 -12.69 -83.30
CA ARG C 231 -17.47 -11.47 -83.26
C ARG C 231 -17.38 -10.75 -81.89
N TYR C 232 -17.51 -11.52 -80.82
CA TYR C 232 -17.48 -10.99 -79.46
C TYR C 232 -16.10 -10.52 -79.04
N VAL C 233 -15.05 -11.25 -79.38
CA VAL C 233 -13.70 -10.84 -78.92
C VAL C 233 -13.19 -9.60 -79.66
N LYS C 234 -13.61 -9.38 -80.90
CA LYS C 234 -13.14 -8.20 -81.67
C LYS C 234 -13.23 -6.89 -80.88
N PRO C 235 -14.44 -6.50 -80.39
CA PRO C 235 -14.52 -5.28 -79.62
C PRO C 235 -13.86 -5.31 -78.23
N ILE C 236 -13.71 -6.49 -77.64
CA ILE C 236 -12.99 -6.67 -76.36
C ILE C 236 -11.52 -6.39 -76.61
N VAL C 237 -10.98 -7.01 -77.66
CA VAL C 237 -9.57 -6.80 -78.04
C VAL C 237 -9.26 -5.32 -78.34
N GLU C 238 -10.19 -4.63 -79.01
CA GLU C 238 -10.04 -3.18 -79.32
C GLU C 238 -10.10 -2.29 -78.09
N LYS C 239 -11.04 -2.55 -77.20
CA LYS C 239 -11.14 -1.75 -75.98
C LYS C 239 -9.91 -1.90 -75.08
N LEU C 240 -9.48 -3.14 -74.91
CA LEU C 240 -8.26 -3.43 -74.12
C LEU C 240 -7.02 -2.82 -74.72
N ALA C 241 -6.84 -2.92 -76.04
CA ALA C 241 -5.73 -2.24 -76.73
C ALA C 241 -5.74 -0.75 -76.45
N GLY C 242 -6.92 -0.14 -76.55
CA GLY C 242 -7.07 1.25 -76.20
C GLY C 242 -6.73 1.59 -74.75
N LEU C 243 -7.11 0.75 -73.80
CA LEU C 243 -6.70 0.92 -72.39
C LEU C 243 -5.18 0.80 -72.23
N PHE C 244 -4.54 -0.17 -72.89
CA PHE C 244 -3.08 -0.30 -72.80
C PHE C 244 -2.39 0.98 -73.30
N GLU C 245 -2.86 1.53 -74.42
CA GLU C 245 -2.30 2.75 -75.02
C GLU C 245 -2.46 3.95 -74.09
N GLU C 246 -3.63 4.10 -73.50
CA GLU C 246 -3.86 5.19 -72.55
C GLU C 246 -3.06 5.02 -71.28
N MSE C 247 -2.95 3.79 -70.77
CA MSE C 247 -2.11 3.50 -69.60
C MSE C 247 -0.65 3.88 -69.83
O MSE C 247 0.00 4.46 -68.94
CB MSE C 247 -2.19 2.03 -69.19
CG MSE C 247 -3.43 1.71 -68.44
SE MSE C 247 -3.56 -0.16 -67.89
CE MSE C 247 -2.29 0.03 -66.28
N ALA C 248 -0.17 3.57 -71.03
CA ALA C 248 1.20 3.86 -71.44
C ALA C 248 1.45 5.36 -71.63
N GLN C 249 0.43 6.09 -72.04
CA GLN C 249 0.61 7.46 -72.49
C GLN C 249 0.18 8.52 -71.50
N HIS C 250 -0.51 8.12 -70.43
CA HIS C 250 -1.01 9.07 -69.43
C HIS C 250 -0.70 8.65 -68.03
N ASP C 251 -0.47 9.63 -67.16
CA ASP C 251 -0.51 9.40 -65.74
C ASP C 251 -1.97 9.12 -65.34
N LEU C 252 -2.17 8.55 -64.15
CA LEU C 252 -3.52 8.21 -63.70
C LEU C 252 -4.38 9.46 -63.60
N TYR C 253 -3.81 10.51 -63.05
CA TYR C 253 -4.37 11.85 -63.04
C TYR C 253 -3.38 12.81 -63.72
N GLU C 254 -3.89 13.83 -64.40
CA GLU C 254 -3.03 14.81 -65.06
C GLU C 254 -3.62 16.22 -64.89
N MSE D 2 -1.46 -34.63 -78.18
CA MSE D 2 -2.47 -34.10 -77.19
C MSE D 2 -3.19 -35.27 -76.48
O MSE D 2 -3.90 -36.04 -77.13
CB MSE D 2 -3.51 -33.22 -77.88
CG MSE D 2 -4.73 -32.91 -76.97
SE MSE D 2 -6.22 -31.81 -77.71
CE MSE D 2 -4.98 -30.33 -78.36
N ASN D 3 -3.05 -35.35 -75.15
CA ASN D 3 -3.56 -36.48 -74.38
C ASN D 3 -4.40 -36.03 -73.19
N LYS D 4 -5.71 -35.96 -73.40
CA LYS D 4 -6.63 -35.50 -72.38
C LYS D 4 -6.71 -36.44 -71.17
N GLU D 5 -6.26 -37.66 -71.32
CA GLU D 5 -6.33 -38.63 -70.24
C GLU D 5 -5.36 -38.33 -69.07
N VAL D 6 -4.17 -37.83 -69.37
CA VAL D 6 -3.09 -37.67 -68.40
C VAL D 6 -2.48 -36.25 -68.37
N ASP D 7 -2.95 -35.33 -69.23
CA ASP D 7 -2.40 -33.97 -69.26
C ASP D 7 -3.52 -32.94 -69.02
N LEU D 8 -3.62 -32.42 -67.79
CA LEU D 8 -4.73 -31.54 -67.42
C LEU D 8 -4.77 -30.24 -68.21
N SER D 9 -3.63 -29.80 -68.73
CA SER D 9 -3.51 -28.55 -69.47
C SER D 9 -4.35 -28.55 -70.74
N VAL D 10 -4.67 -29.76 -71.24
CA VAL D 10 -5.53 -29.93 -72.42
C VAL D 10 -6.83 -30.71 -72.10
N SER D 11 -6.98 -31.20 -70.88
CA SER D 11 -8.10 -32.09 -70.54
C SER D 11 -9.38 -31.31 -70.20
N CYS D 12 -10.48 -32.07 -70.09
CA CYS D 12 -11.78 -31.55 -69.74
C CYS D 12 -12.47 -32.58 -68.86
N LEU D 13 -13.46 -32.13 -68.09
CA LEU D 13 -14.11 -33.00 -67.11
C LEU D 13 -14.70 -34.26 -67.72
N GLY D 14 -15.30 -34.11 -68.90
CA GLY D 14 -15.91 -35.21 -69.60
C GLY D 14 -14.97 -36.38 -69.85
N LYS D 15 -13.71 -36.09 -70.13
CA LYS D 15 -12.69 -37.14 -70.36
C LYS D 15 -12.26 -37.87 -69.06
N VAL D 16 -12.24 -37.14 -67.94
CA VAL D 16 -11.62 -37.66 -66.73
C VAL D 16 -12.60 -38.21 -65.69
N LYS D 17 -13.87 -37.80 -65.75
CA LYS D 17 -14.75 -37.96 -64.58
C LYS D 17 -15.07 -39.40 -64.18
N GLU D 18 -14.94 -40.31 -65.14
CA GLU D 18 -15.26 -41.71 -64.92
C GLU D 18 -13.98 -42.59 -64.78
N LEU D 19 -12.80 -41.96 -64.82
CA LEU D 19 -11.55 -42.69 -64.73
C LEU D 19 -10.95 -42.66 -63.34
N LYS D 20 -10.38 -43.78 -62.94
CA LYS D 20 -9.60 -43.87 -61.72
C LYS D 20 -8.21 -43.32 -61.93
N TYR D 21 -7.81 -42.36 -61.12
CA TYR D 21 -6.45 -41.86 -61.12
C TYR D 21 -5.73 -42.36 -59.87
N ASP D 22 -4.49 -42.81 -60.06
CA ASP D 22 -3.67 -43.41 -59.00
C ASP D 22 -2.67 -42.41 -58.36
N VAL D 23 -1.96 -41.67 -59.19
CA VAL D 23 -0.96 -40.73 -58.69
C VAL D 23 -1.11 -39.40 -59.44
N ILE D 24 -0.92 -38.30 -58.71
CA ILE D 24 -0.94 -36.96 -59.25
C ILE D 24 0.50 -36.49 -59.39
N ILE D 25 0.83 -35.88 -60.54
CA ILE D 25 2.17 -35.33 -60.83
C ILE D 25 2.02 -33.82 -60.95
N LEU D 26 2.79 -33.09 -60.15
CA LEU D 26 2.76 -31.63 -60.15
C LEU D 26 4.06 -31.09 -60.72
N PRO D 27 4.07 -30.69 -62.01
CA PRO D 27 5.28 -30.01 -62.47
C PRO D 27 5.46 -28.64 -61.84
N TRP D 28 6.67 -28.34 -61.38
CA TRP D 28 6.90 -27.08 -60.72
C TRP D 28 8.13 -26.45 -61.29
N GLY D 29 7.91 -25.30 -61.92
CA GLY D 29 8.94 -24.61 -62.66
C GLY D 29 9.31 -23.29 -62.07
N ALA D 30 9.53 -22.33 -62.99
CA ALA D 30 9.98 -20.97 -62.71
C ALA D 30 9.73 -20.12 -63.95
N THR D 31 9.58 -18.81 -63.72
CA THR D 31 9.58 -17.81 -64.80
C THR D 31 10.94 -17.10 -64.75
N GLU D 32 11.85 -17.49 -65.65
CA GLU D 32 13.27 -17.20 -65.48
C GLU D 32 14.03 -17.11 -66.80
N PRO D 33 14.82 -16.04 -67.00
CA PRO D 33 15.66 -16.00 -68.18
C PRO D 33 16.63 -17.20 -68.24
N HIS D 34 16.76 -17.79 -69.42
CA HIS D 34 17.57 -18.98 -69.66
C HIS D 34 18.56 -18.67 -70.79
N ASN D 35 19.66 -17.99 -70.49
CA ASN D 35 20.59 -17.53 -71.53
C ASN D 35 19.73 -16.65 -72.44
N LEU D 36 20.14 -16.42 -73.70
CA LEU D 36 19.40 -15.57 -74.64
C LEU D 36 18.35 -16.33 -75.41
N HIS D 37 18.48 -17.66 -75.49
CA HIS D 37 17.81 -18.46 -76.50
C HIS D 37 16.65 -19.35 -76.03
N LEU D 38 16.62 -19.69 -74.75
CA LEU D 38 15.63 -20.66 -74.23
C LEU D 38 14.47 -19.90 -73.61
N PRO D 39 13.27 -20.52 -73.61
CA PRO D 39 12.12 -19.82 -73.09
C PRO D 39 12.17 -19.52 -71.60
N TYR D 40 11.50 -18.42 -71.23
CA TYR D 40 11.32 -18.03 -69.83
C TYR D 40 10.63 -19.16 -69.05
N LEU D 41 9.80 -19.96 -69.72
CA LEU D 41 9.07 -21.07 -69.06
C LEU D 41 9.71 -22.45 -69.19
N THR D 42 11.00 -22.49 -69.57
CA THR D 42 11.76 -23.75 -69.74
C THR D 42 11.59 -24.73 -68.58
N ASP D 43 11.67 -24.22 -67.35
CA ASP D 43 11.58 -25.05 -66.15
C ASP D 43 10.19 -25.58 -65.82
N CYS D 44 9.15 -25.01 -66.45
CA CYS D 44 7.80 -25.55 -66.43
C CYS D 44 7.55 -26.53 -67.58
N ILE D 45 7.93 -26.12 -68.79
CA ILE D 45 7.69 -26.92 -69.98
C ILE D 45 8.39 -28.29 -69.90
N LEU D 46 9.66 -28.32 -69.49
CA LEU D 46 10.42 -29.58 -69.52
C LEU D 46 9.89 -30.69 -68.58
N PRO D 47 9.72 -30.39 -67.27
CA PRO D 47 9.13 -31.40 -66.42
C PRO D 47 7.69 -31.74 -66.80
N HIS D 48 6.97 -30.81 -67.43
CA HIS D 48 5.62 -31.10 -67.90
C HIS D 48 5.61 -32.18 -68.97
N ASP D 49 6.46 -32.02 -69.98
CA ASP D 49 6.55 -32.90 -71.12
C ASP D 49 7.10 -34.25 -70.75
N ILE D 50 8.16 -34.25 -69.95
CA ILE D 50 8.70 -35.50 -69.36
C ILE D 50 7.64 -36.24 -68.50
N ALA D 51 6.93 -35.51 -67.66
CA ALA D 51 5.87 -36.14 -66.84
C ALA D 51 4.75 -36.78 -67.67
N VAL D 52 4.33 -36.08 -68.72
CA VAL D 52 3.28 -36.61 -69.59
C VAL D 52 3.77 -37.90 -70.25
N GLU D 53 5.02 -37.94 -70.69
CA GLU D 53 5.57 -39.14 -71.37
C GLU D 53 5.68 -40.31 -70.44
N ALA D 54 6.11 -40.05 -69.22
CA ALA D 54 6.20 -41.07 -68.19
C ALA D 54 4.83 -41.56 -67.79
N ALA D 55 3.84 -40.65 -67.72
CA ALA D 55 2.44 -41.02 -67.42
C ALA D 55 1.85 -41.93 -68.52
N GLU D 56 2.11 -41.60 -69.77
CA GLU D 56 1.73 -42.45 -70.90
C GLU D 56 2.35 -43.83 -70.84
N LEU D 57 3.64 -43.91 -70.51
CA LEU D 57 4.36 -45.17 -70.41
C LEU D 57 3.81 -45.99 -69.27
N ALA D 58 3.66 -45.38 -68.09
CA ALA D 58 3.09 -46.09 -66.95
C ALA D 58 1.71 -46.70 -67.28
N LEU D 59 0.90 -45.96 -68.05
CA LEU D 59 -0.46 -46.40 -68.35
C LEU D 59 -0.44 -47.55 -69.38
N SER D 60 0.35 -47.38 -70.43
CA SER D 60 0.43 -48.38 -71.48
C SER D 60 1.08 -49.68 -70.98
N ARG D 61 2.09 -49.55 -70.14
CA ARG D 61 2.88 -50.67 -69.65
C ARG D 61 2.23 -51.41 -68.46
N SER D 62 1.58 -50.68 -67.54
CA SER D 62 1.06 -51.29 -66.30
CA SER D 62 1.05 -51.29 -66.31
C SER D 62 -0.42 -50.99 -66.03
N GLY D 63 -1.06 -50.15 -66.84
CA GLY D 63 -2.42 -49.73 -66.55
C GLY D 63 -2.54 -48.77 -65.37
N VAL D 64 -1.40 -48.22 -64.90
CA VAL D 64 -1.39 -47.27 -63.82
C VAL D 64 -1.66 -45.88 -64.45
N ARG D 65 -2.70 -45.21 -63.95
CA ARG D 65 -3.14 -43.93 -64.51
C ARG D 65 -2.77 -42.73 -63.62
N CYS D 66 -2.00 -41.81 -64.16
CA CYS D 66 -1.56 -40.61 -63.44
C CYS D 66 -2.02 -39.34 -64.18
N MSE D 67 -2.35 -38.31 -63.41
CA MSE D 67 -2.71 -36.99 -63.98
C MSE D 67 -1.56 -35.99 -63.81
O MSE D 67 -1.15 -35.73 -62.69
CB MSE D 67 -3.97 -36.44 -63.32
CG MSE D 67 -4.38 -35.07 -63.79
SE MSE D 67 -4.62 -35.07 -65.76
CE MSE D 67 -6.43 -35.68 -65.86
N VAL D 68 -1.12 -35.41 -64.91
CA VAL D 68 -0.14 -34.33 -64.86
C VAL D 68 -0.84 -32.99 -64.75
N MSE D 69 -0.69 -32.34 -63.60
CA MSE D 69 -1.33 -31.06 -63.31
C MSE D 69 -0.69 -29.96 -64.14
O MSE D 69 0.39 -30.13 -64.67
CB MSE D 69 -1.22 -30.72 -61.81
CG MSE D 69 -1.93 -31.71 -60.86
SE MSE D 69 -3.86 -31.84 -61.16
CE MSE D 69 -4.37 -29.93 -60.62
N PRO D 70 -1.36 -28.80 -64.26
CA PRO D 70 -0.66 -27.69 -64.93
C PRO D 70 0.60 -27.27 -64.16
N PRO D 71 1.67 -26.88 -64.89
CA PRO D 71 2.89 -26.51 -64.19
C PRO D 71 2.74 -25.25 -63.34
N VAL D 72 3.46 -25.18 -62.23
CA VAL D 72 3.46 -24.02 -61.36
C VAL D 72 4.61 -23.14 -61.77
N PRO D 73 4.32 -21.93 -62.26
CA PRO D 73 5.42 -21.10 -62.81
C PRO D 73 6.16 -20.22 -61.81
N PHE D 74 6.10 -20.56 -60.52
CA PHE D 74 6.59 -19.70 -59.42
C PHE D 74 7.81 -20.32 -58.72
N GLY D 75 8.99 -19.85 -59.15
CA GLY D 75 10.28 -20.35 -58.69
C GLY D 75 10.92 -19.40 -57.68
N ALA D 76 11.85 -19.95 -56.89
CA ALA D 76 12.70 -19.21 -55.97
C ALA D 76 13.99 -18.89 -56.67
N HIS D 77 14.38 -17.62 -56.67
CA HIS D 77 15.51 -17.13 -57.43
C HIS D 77 16.62 -16.45 -56.58
N ASN D 78 17.72 -16.11 -57.24
CA ASN D 78 18.96 -15.71 -56.58
C ASN D 78 19.12 -14.20 -56.70
N PRO D 79 20.01 -13.62 -55.89
CA PRO D 79 20.28 -12.21 -56.13
C PRO D 79 20.81 -11.99 -57.58
N GLY D 80 20.41 -10.89 -58.18
CA GLY D 80 20.72 -10.58 -59.57
C GLY D 80 19.71 -11.05 -60.61
N GLN D 81 18.88 -12.03 -60.24
CA GLN D 81 17.92 -12.59 -61.18
C GLN D 81 16.65 -11.76 -61.17
N ARG D 82 16.28 -11.23 -60.02
CA ARG D 82 15.02 -10.50 -59.86
C ARG D 82 14.98 -9.22 -60.71
N GLU D 83 16.16 -8.66 -60.97
CA GLU D 83 16.31 -7.41 -61.70
C GLU D 83 16.24 -7.62 -63.24
N LEU D 84 16.38 -8.87 -63.68
CA LEU D 84 16.25 -9.23 -65.10
C LEU D 84 14.76 -9.14 -65.47
N PRO D 85 14.43 -8.59 -66.66
CA PRO D 85 13.03 -8.39 -66.98
C PRO D 85 12.21 -9.67 -66.96
N PHE D 86 11.08 -9.59 -66.30
CA PHE D 86 10.07 -10.63 -66.24
C PHE D 86 10.47 -11.90 -65.46
N CYS D 87 11.56 -11.85 -64.70
CA CYS D 87 11.91 -12.88 -63.76
C CYS D 87 11.13 -12.65 -62.46
N ILE D 88 10.41 -13.67 -62.03
CA ILE D 88 9.54 -13.56 -60.89
C ILE D 88 10.06 -14.43 -59.76
N HIS D 89 10.58 -13.76 -58.73
CA HIS D 89 11.01 -14.44 -57.52
C HIS D 89 9.82 -14.71 -56.63
N THR D 90 9.68 -15.96 -56.20
CA THR D 90 8.64 -16.36 -55.28
C THR D 90 9.24 -16.68 -53.92
N ARG D 91 8.74 -16.03 -52.86
CA ARG D 91 9.12 -16.38 -51.47
C ARG D 91 8.73 -17.82 -51.13
N TYR D 92 9.51 -18.47 -50.27
CA TYR D 92 9.20 -19.84 -49.79
C TYR D 92 7.77 -19.96 -49.26
N ALA D 93 7.34 -18.96 -48.51
CA ALA D 93 6.02 -18.97 -47.88
C ALA D 93 4.93 -18.92 -48.93
N THR D 94 5.18 -18.21 -50.04
CA THR D 94 4.21 -18.16 -51.12
C THR D 94 4.08 -19.52 -51.78
N GLN D 95 5.24 -20.13 -52.07
CA GLN D 95 5.28 -21.48 -52.63
C GLN D 95 4.55 -22.48 -51.72
N GLN D 96 4.78 -22.40 -50.41
CA GLN D 96 4.15 -23.30 -49.46
C GLN D 96 2.66 -23.07 -49.38
N ALA D 97 2.21 -21.81 -49.39
CA ALA D 97 0.77 -21.55 -49.46
C ALA D 97 0.13 -22.18 -50.71
N ILE D 98 0.77 -22.04 -51.88
CA ILE D 98 0.34 -22.74 -53.11
C ILE D 98 0.27 -24.28 -52.96
N LEU D 99 1.32 -24.93 -52.43
CA LEU D 99 1.26 -26.39 -52.21
C LEU D 99 0.21 -26.77 -51.18
N GLU D 100 0.03 -25.93 -50.17
CA GLU D 100 -1.01 -26.21 -49.19
C GLU D 100 -2.41 -26.26 -49.82
N ASP D 101 -2.63 -25.33 -50.75
CA ASP D 101 -3.90 -25.24 -51.48
C ASP D 101 -4.13 -26.37 -52.45
N ILE D 102 -3.09 -26.76 -53.18
CA ILE D 102 -3.19 -27.89 -54.10
C ILE D 102 -3.48 -29.16 -53.31
N VAL D 103 -2.77 -29.41 -52.22
CA VAL D 103 -2.93 -30.68 -51.47
C VAL D 103 -4.30 -30.74 -50.78
N SER D 104 -4.75 -29.60 -50.27
CA SER D 104 -6.03 -29.55 -49.62
C SER D 104 -7.14 -29.96 -50.60
N SER D 105 -7.08 -29.42 -51.81
CA SER D 105 -8.05 -29.73 -52.85
C SER D 105 -7.96 -31.19 -53.28
N LEU D 106 -6.76 -31.67 -53.58
CA LEU D 106 -6.54 -33.04 -54.02
C LEU D 106 -6.99 -34.02 -52.93
N HIS D 107 -6.77 -33.67 -51.66
CA HIS D 107 -7.14 -34.56 -50.56
C HIS D 107 -8.67 -34.71 -50.49
N VAL D 108 -9.38 -33.58 -50.62
CA VAL D 108 -10.86 -33.57 -50.64
C VAL D 108 -11.41 -34.46 -51.74
N GLN D 109 -10.71 -34.49 -52.85
CA GLN D 109 -11.06 -35.28 -54.00
C GLN D 109 -10.68 -36.76 -53.87
N GLY D 110 -10.07 -37.17 -52.77
CA GLY D 110 -9.77 -38.59 -52.54
C GLY D 110 -8.36 -39.04 -52.88
N PHE D 111 -7.55 -38.13 -53.43
CA PHE D 111 -6.18 -38.49 -53.84
C PHE D 111 -5.29 -38.55 -52.61
N ARG D 112 -4.33 -39.48 -52.64
CA ARG D 112 -3.45 -39.72 -51.50
C ARG D 112 -1.97 -39.81 -51.89
N LYS D 113 -1.64 -39.55 -53.16
CA LYS D 113 -0.28 -39.68 -53.67
C LYS D 113 0.07 -38.58 -54.70
N LEU D 114 1.17 -37.86 -54.44
CA LEU D 114 1.61 -36.75 -55.26
C LEU D 114 3.13 -36.78 -55.45
N LEU D 115 3.58 -36.62 -56.70
CA LEU D 115 4.97 -36.36 -56.99
C LEU D 115 5.08 -34.94 -57.51
N ILE D 116 5.94 -34.16 -56.88
CA ILE D 116 6.32 -32.86 -57.38
C ILE D 116 7.55 -33.11 -58.23
N LEU D 117 7.44 -32.79 -59.51
CA LEU D 117 8.55 -32.90 -60.47
C LEU D 117 9.02 -31.51 -60.83
N SER D 118 10.13 -31.13 -60.24
CA SER D 118 10.67 -29.79 -60.38
C SER D 118 11.57 -29.67 -61.60
N GLY D 119 11.51 -28.49 -62.23
CA GLY D 119 12.34 -28.13 -63.35
C GLY D 119 13.38 -27.09 -62.98
N HIS D 120 13.35 -26.63 -61.73
CA HIS D 120 14.15 -25.54 -61.23
C HIS D 120 14.83 -25.94 -59.92
N GLY D 121 16.16 -25.96 -59.95
CA GLY D 121 16.99 -26.37 -58.81
C GLY D 121 16.96 -25.40 -57.64
N GLY D 122 16.58 -24.15 -57.89
CA GLY D 122 16.28 -23.18 -56.82
C GLY D 122 15.07 -23.58 -55.96
N ASN D 123 14.18 -24.41 -56.49
CA ASN D 123 13.06 -24.93 -55.72
C ASN D 123 13.48 -26.05 -54.76
N ASN D 124 13.04 -25.94 -53.51
CA ASN D 124 13.34 -26.87 -52.44
C ASN D 124 12.04 -27.13 -51.71
N PHE D 125 11.62 -28.39 -51.66
CA PHE D 125 10.30 -28.81 -51.15
C PHE D 125 10.31 -29.66 -49.86
N LYS D 126 11.48 -30.00 -49.32
CA LYS D 126 11.59 -30.93 -48.20
C LYS D 126 10.95 -30.39 -46.94
N GLY D 127 11.17 -29.11 -46.65
CA GLY D 127 10.48 -28.47 -45.53
C GLY D 127 8.96 -28.48 -45.64
N MSE D 128 8.46 -28.13 -46.83
CA MSE D 128 7.01 -28.09 -47.06
C MSE D 128 6.43 -29.48 -46.90
O MSE D 128 5.36 -29.68 -46.30
CB MSE D 128 6.69 -27.62 -48.49
CG MSE D 128 7.06 -26.17 -48.78
SE MSE D 128 6.69 -25.76 -50.63
CE MSE D 128 8.27 -24.61 -51.02
N ILE D 129 7.11 -30.44 -47.48
CA ILE D 129 6.70 -31.83 -47.41
C ILE D 129 6.70 -32.32 -45.95
N ARG D 130 7.69 -31.94 -45.16
CA ARG D 130 7.72 -32.32 -43.74
C ARG D 130 6.50 -31.78 -43.02
N ASP D 131 6.21 -30.51 -43.22
CA ASP D 131 5.12 -29.87 -42.53
C ASP D 131 3.76 -30.42 -42.95
N LEU D 132 3.62 -30.78 -44.22
CA LEU D 132 2.38 -31.36 -44.71
C LEU D 132 2.14 -32.82 -44.33
N ALA D 133 3.20 -33.56 -44.02
CA ALA D 133 3.14 -34.94 -43.58
C ALA D 133 2.44 -35.04 -42.25
N PHE D 134 2.62 -34.01 -41.41
CA PHE D 134 1.95 -33.94 -40.12
C PHE D 134 0.52 -33.46 -40.25
N GLU D 135 0.24 -32.59 -41.22
CA GLU D 135 -1.12 -32.12 -41.49
C GLU D 135 -2.01 -33.17 -42.17
N TYR D 136 -1.42 -33.91 -43.10
CA TYR D 136 -2.14 -34.89 -43.92
C TYR D 136 -1.37 -36.19 -43.86
N PRO D 137 -1.44 -36.92 -42.74
CA PRO D 137 -0.61 -38.12 -42.55
C PRO D 137 -0.90 -39.29 -43.50
N ASP D 138 -2.02 -39.21 -44.20
CA ASP D 138 -2.41 -40.25 -45.13
C ASP D 138 -2.11 -39.86 -46.58
N PHE D 139 -1.44 -38.73 -46.78
CA PHE D 139 -1.17 -38.18 -48.12
C PHE D 139 0.36 -38.22 -48.36
N LEU D 140 0.81 -39.10 -49.26
CA LEU D 140 2.22 -39.23 -49.62
C LEU D 140 2.63 -38.15 -50.62
N ILE D 141 3.65 -37.36 -50.27
CA ILE D 141 4.26 -36.44 -51.23
C ILE D 141 5.75 -36.75 -51.42
N ALA D 142 6.14 -36.95 -52.67
CA ALA D 142 7.52 -37.14 -53.08
C ALA D 142 7.93 -35.94 -53.94
N ALA D 143 9.22 -35.64 -53.98
CA ALA D 143 9.77 -34.58 -54.83
C ALA D 143 10.98 -35.10 -55.59
N ALA D 144 11.09 -34.70 -56.87
CA ALA D 144 12.31 -34.93 -57.69
C ALA D 144 12.61 -33.78 -58.65
N ASN D 145 13.90 -33.53 -58.89
CA ASN D 145 14.31 -32.72 -60.03
C ASN D 145 14.47 -33.65 -61.22
N TRP D 146 13.82 -33.33 -62.34
CA TRP D 146 13.91 -34.20 -63.52
C TRP D 146 15.33 -34.36 -63.99
N PHE D 147 16.12 -33.30 -63.88
CA PHE D 147 17.49 -33.28 -64.33
C PHE D 147 18.49 -34.00 -63.40
N GLU D 148 18.01 -34.63 -62.33
CA GLU D 148 18.85 -35.41 -61.43
C GLU D 148 18.52 -36.89 -61.48
N VAL D 149 17.50 -37.26 -62.26
CA VAL D 149 17.09 -38.65 -62.34
C VAL D 149 18.18 -39.50 -63.02
N VAL D 150 18.85 -38.90 -64.01
CA VAL D 150 19.91 -39.56 -64.77
C VAL D 150 21.12 -38.60 -64.88
N SER D 151 22.32 -39.11 -64.60
CA SER D 151 23.55 -38.33 -64.79
C SER D 151 23.73 -37.90 -66.25
N PRO D 152 24.21 -36.68 -66.49
CA PRO D 152 24.49 -36.26 -67.85
C PRO D 152 25.77 -36.88 -68.47
N LYS D 153 26.57 -37.63 -67.69
CA LYS D 153 27.81 -38.20 -68.20
C LYS D 153 27.57 -39.17 -69.38
N GLY D 154 28.27 -38.88 -70.47
CA GLY D 154 28.14 -39.64 -71.68
C GLY D 154 27.01 -39.17 -72.56
N TYR D 155 26.10 -38.34 -72.03
CA TYR D 155 25.02 -37.76 -72.83
C TYR D 155 25.38 -36.41 -73.41
N PHE D 156 26.13 -35.60 -72.66
CA PHE D 156 26.49 -34.25 -73.09
C PHE D 156 27.99 -34.00 -72.98
N GLU D 157 28.47 -33.02 -73.74
CA GLU D 157 29.90 -32.74 -73.81
C GLU D 157 30.35 -31.68 -72.83
N ALA D 158 29.69 -30.52 -72.79
CA ALA D 158 30.09 -29.40 -71.89
C ALA D 158 30.23 -29.90 -70.46
N GLU D 159 31.30 -29.44 -69.83
CA GLU D 159 31.61 -29.78 -68.43
C GLU D 159 30.72 -28.97 -67.48
N ILE D 160 30.68 -27.66 -67.69
CA ILE D 160 29.78 -26.79 -66.94
C ILE D 160 28.47 -26.72 -67.71
N ASP D 161 27.40 -27.04 -67.00
CA ASP D 161 26.06 -27.10 -67.53
C ASP D 161 25.12 -27.04 -66.31
N ASP D 162 24.91 -25.82 -65.82
CA ASP D 162 24.11 -25.59 -64.61
C ASP D 162 22.76 -24.96 -64.92
N HIS D 163 22.68 -24.16 -65.96
CA HIS D 163 21.47 -23.43 -66.25
C HIS D 163 21.45 -23.02 -67.72
N ALA D 164 20.41 -23.43 -68.45
CA ALA D 164 20.26 -23.08 -69.85
C ALA D 164 21.47 -23.52 -70.69
N GLY D 165 22.11 -24.63 -70.30
CA GLY D 165 23.29 -25.15 -70.96
C GLY D 165 22.92 -26.22 -71.94
N GLU D 166 23.86 -27.14 -72.17
CA GLU D 166 23.71 -28.10 -73.22
C GLU D 166 22.55 -29.07 -72.96
N SER D 167 22.37 -29.52 -71.71
CA SER D 167 21.32 -30.48 -71.43
C SER D 167 19.90 -29.88 -71.55
N GLU D 168 19.67 -28.73 -70.92
CA GLU D 168 18.37 -28.10 -71.06
C GLU D 168 18.09 -27.70 -72.52
N THR D 169 19.11 -27.20 -73.21
CA THR D 169 18.96 -26.72 -74.57
C THR D 169 18.63 -27.89 -75.48
N SER D 170 19.34 -29.01 -75.29
CA SER D 170 19.06 -30.25 -76.04
C SER D 170 17.66 -30.79 -75.82
N VAL D 171 17.21 -30.80 -74.56
CA VAL D 171 15.91 -31.35 -74.22
C VAL D 171 14.76 -30.44 -74.78
N MSE D 172 14.94 -29.13 -74.76
CA MSE D 172 14.01 -28.21 -75.40
C MSE D 172 13.98 -28.36 -76.95
O MSE D 172 12.90 -28.36 -77.56
CB MSE D 172 14.34 -26.76 -75.04
CG MSE D 172 13.23 -25.73 -75.45
SE MSE D 172 11.46 -26.09 -74.67
CE MSE D 172 11.90 -25.65 -72.86
N MSE D 173 15.15 -28.51 -77.56
CA MSE D 173 15.23 -28.78 -79.00
C MSE D 173 14.46 -30.06 -79.34
O MSE D 173 13.78 -30.14 -80.36
CB MSE D 173 16.70 -28.83 -79.49
CG MSE D 173 17.39 -27.49 -79.46
SE MSE D 173 19.26 -27.57 -79.86
CE MSE D 173 19.08 -27.67 -81.86
N HIS D 174 14.51 -31.05 -78.46
CA HIS D 174 13.75 -32.30 -78.66
C HIS D 174 12.24 -32.09 -78.55
N TYR D 175 11.78 -31.55 -77.42
CA TYR D 175 10.34 -31.45 -77.19
C TYR D 175 9.65 -30.31 -77.92
N HIS D 176 10.32 -29.16 -78.05
CA HIS D 176 9.75 -27.98 -78.67
C HIS D 176 10.79 -27.23 -79.44
N PRO D 177 11.20 -27.78 -80.59
CA PRO D 177 12.20 -27.10 -81.41
C PRO D 177 11.74 -25.71 -81.86
N GLU D 178 10.45 -25.55 -82.03
CA GLU D 178 9.85 -24.28 -82.37
C GLU D 178 10.11 -23.16 -81.34
N LEU D 179 10.48 -23.49 -80.09
CA LEU D 179 10.63 -22.49 -79.02
C LEU D 179 12.07 -22.07 -78.74
N VAL D 180 13.02 -22.64 -79.48
CA VAL D 180 14.44 -22.39 -79.25
C VAL D 180 15.16 -22.35 -80.59
N ASN D 181 15.94 -21.28 -80.75
CA ASN D 181 16.89 -21.10 -81.85
C ASN D 181 18.29 -21.12 -81.25
N LEU D 182 18.97 -22.23 -81.39
CA LEU D 182 20.33 -22.38 -80.88
C LEU D 182 21.29 -21.26 -81.34
N ALA D 183 21.15 -20.78 -82.57
CA ALA D 183 22.02 -19.73 -83.10
C ALA D 183 21.98 -18.43 -82.28
N GLU D 184 20.93 -18.22 -81.47
CA GLU D 184 20.79 -17.01 -80.63
C GLU D 184 21.52 -17.07 -79.28
N ALA D 185 22.02 -18.25 -78.93
CA ALA D 185 22.59 -18.50 -77.62
C ALA D 185 23.90 -17.75 -77.40
N GLY D 186 24.10 -17.27 -76.17
CA GLY D 186 25.43 -16.81 -75.70
C GLY D 186 26.25 -17.96 -75.13
N ASP D 187 27.49 -17.67 -74.73
CA ASP D 187 28.42 -18.73 -74.29
C ASP D 187 28.16 -19.23 -72.87
N GLY D 188 27.34 -18.48 -72.13
CA GLY D 188 26.99 -18.85 -70.76
C GLY D 188 28.19 -18.87 -69.84
N GLU D 189 29.09 -17.91 -70.02
CA GLU D 189 30.28 -17.80 -69.20
C GLU D 189 29.86 -17.44 -67.76
N SER D 190 30.52 -18.01 -66.78
CA SER D 190 30.24 -17.77 -65.37
C SER D 190 31.51 -17.43 -64.59
N LYS D 191 31.34 -16.70 -63.49
CA LYS D 191 32.46 -16.30 -62.65
C LYS D 191 32.25 -16.77 -61.23
N PRO D 192 33.31 -17.21 -60.58
CA PRO D 192 33.20 -17.72 -59.23
C PRO D 192 33.16 -16.61 -58.17
N PHE D 193 33.00 -17.05 -56.93
CA PHE D 193 33.12 -16.17 -55.78
C PHE D 193 34.58 -15.75 -55.52
N ALA D 194 34.73 -14.68 -54.77
CA ALA D 194 36.03 -14.24 -54.26
C ALA D 194 36.40 -14.97 -52.99
N ILE D 195 35.47 -15.76 -52.44
CA ILE D 195 35.67 -16.49 -51.20
C ILE D 195 35.87 -17.95 -51.59
N ALA D 196 37.14 -18.37 -51.56
CA ALA D 196 37.57 -19.64 -52.08
C ALA D 196 36.79 -20.77 -51.46
N SER D 197 36.57 -20.74 -50.14
CA SER D 197 35.83 -21.82 -49.44
C SER D 197 34.39 -21.97 -49.93
N LEU D 198 33.79 -20.90 -50.44
CA LEU D 198 32.44 -21.00 -51.05
C LEU D 198 32.48 -21.73 -52.42
N ASN D 199 33.52 -21.48 -53.21
CA ASN D 199 33.75 -22.24 -54.47
C ASN D 199 34.06 -23.73 -54.18
N GLU D 200 34.70 -24.00 -53.05
CA GLU D 200 35.00 -25.38 -52.62
C GLU D 200 33.80 -26.04 -51.92
N LYS D 201 32.72 -25.29 -51.74
CA LYS D 201 31.46 -25.81 -51.17
C LYS D 201 31.55 -26.21 -49.70
N VAL D 202 32.44 -25.53 -48.95
CA VAL D 202 32.55 -25.72 -47.48
C VAL D 202 31.23 -25.23 -46.84
N ALA D 203 30.73 -24.15 -47.42
CA ALA D 203 29.41 -23.65 -47.11
C ALA D 203 28.73 -23.16 -48.39
N TRP D 204 27.41 -22.97 -48.29
CA TRP D 204 26.56 -22.52 -49.39
C TRP D 204 26.11 -21.05 -49.25
N VAL D 205 26.28 -20.30 -50.33
CA VAL D 205 25.70 -18.97 -50.55
C VAL D 205 25.13 -19.03 -51.98
N PRO D 206 24.03 -18.33 -52.25
CA PRO D 206 23.56 -18.32 -53.64
C PRO D 206 24.45 -17.50 -54.58
N ARG D 207 24.70 -18.02 -55.78
CA ARG D 207 25.39 -17.26 -56.82
C ARG D 207 24.62 -15.95 -57.10
N HIS D 208 25.32 -14.85 -57.30
CA HIS D 208 24.66 -13.59 -57.68
C HIS D 208 24.74 -13.51 -59.18
N TRP D 209 23.58 -13.55 -59.82
CA TRP D 209 23.51 -13.55 -61.29
C TRP D 209 24.14 -12.33 -61.91
N ASP D 210 23.97 -11.18 -61.24
CA ASP D 210 24.51 -9.94 -61.77
C ASP D 210 26.05 -9.92 -61.75
N LYS D 211 26.71 -10.77 -60.94
CA LYS D 211 28.18 -10.82 -60.89
C LYS D 211 28.78 -12.07 -61.55
N ALA D 212 27.99 -13.13 -61.58
CA ALA D 212 28.46 -14.44 -61.99
C ALA D 212 28.14 -14.83 -63.45
N THR D 213 27.22 -14.11 -64.10
CA THR D 213 26.81 -14.43 -65.48
C THR D 213 26.84 -13.15 -66.30
N VAL D 214 26.85 -13.30 -67.63
CA VAL D 214 26.73 -12.17 -68.56
C VAL D 214 25.40 -12.26 -69.32
N ASP D 215 25.09 -13.45 -69.82
CA ASP D 215 23.88 -13.67 -70.63
C ASP D 215 22.72 -14.32 -69.85
N SER D 216 22.93 -14.57 -68.56
CA SER D 216 21.98 -15.27 -67.65
C SER D 216 22.11 -16.80 -67.66
N GLY D 217 22.88 -17.32 -68.59
CA GLY D 217 23.10 -18.76 -68.61
C GLY D 217 24.33 -19.09 -67.82
N VAL D 218 24.39 -20.35 -67.38
CA VAL D 218 25.60 -20.92 -66.76
C VAL D 218 25.94 -22.25 -67.49
N GLY D 219 26.86 -22.16 -68.42
CA GLY D 219 27.22 -23.30 -69.23
C GLY D 219 27.06 -23.02 -70.70
N ASN D 220 28.05 -23.44 -71.48
CA ASN D 220 28.00 -23.32 -72.94
C ASN D 220 27.02 -24.34 -73.55
N PRO D 221 25.94 -23.82 -74.19
CA PRO D 221 24.92 -24.68 -74.83
C PRO D 221 25.17 -25.07 -76.31
N LYS D 222 26.29 -24.65 -76.85
CA LYS D 222 26.39 -24.58 -78.30
C LYS D 222 26.52 -25.92 -78.99
N LYS D 223 26.86 -26.97 -78.25
CA LYS D 223 26.87 -28.31 -78.80
C LYS D 223 25.56 -29.06 -78.56
N ALA D 224 24.52 -28.36 -78.14
CA ALA D 224 23.19 -28.95 -78.00
C ALA D 224 22.65 -29.44 -79.34
N THR D 225 21.94 -30.56 -79.28
CA THR D 225 21.15 -31.07 -80.40
C THR D 225 19.84 -31.71 -79.91
N ALA D 226 18.85 -31.76 -80.77
CA ALA D 226 17.61 -32.45 -80.47
C ALA D 226 17.83 -33.94 -80.21
N GLU D 227 18.76 -34.56 -80.93
CA GLU D 227 18.97 -35.98 -80.80
C GLU D 227 19.61 -36.33 -79.44
N LYS D 228 20.49 -35.47 -78.95
CA LYS D 228 21.03 -35.58 -77.60
C LYS D 228 19.95 -35.51 -76.52
N GLY D 229 18.98 -34.60 -76.71
CA GLY D 229 17.85 -34.48 -75.81
C GLY D 229 16.92 -35.69 -75.82
N GLU D 230 16.64 -36.16 -77.01
CA GLU D 230 15.82 -37.34 -77.20
C GLU D 230 16.39 -38.55 -76.53
N ARG D 231 17.71 -38.75 -76.67
CA ARG D 231 18.42 -39.87 -76.07
C ARG D 231 18.44 -39.81 -74.52
N TYR D 232 18.70 -38.63 -73.99
CA TYR D 232 18.76 -38.38 -72.55
C TYR D 232 17.43 -38.60 -71.81
N VAL D 233 16.34 -38.09 -72.36
CA VAL D 233 15.04 -38.18 -71.68
C VAL D 233 14.47 -39.59 -71.67
N LYS D 234 14.88 -40.47 -72.59
CA LYS D 234 14.40 -41.86 -72.61
CA LYS D 234 14.37 -41.85 -72.61
C LYS D 234 14.56 -42.60 -71.26
N PRO D 235 15.78 -42.66 -70.72
CA PRO D 235 15.90 -43.28 -69.38
C PRO D 235 15.28 -42.48 -68.21
N ILE D 236 15.21 -41.16 -68.30
CA ILE D 236 14.52 -40.31 -67.30
C ILE D 236 13.04 -40.71 -67.25
N VAL D 237 12.40 -40.70 -68.42
CA VAL D 237 11.01 -41.13 -68.57
C VAL D 237 10.77 -42.56 -68.05
N GLU D 238 11.69 -43.48 -68.35
CA GLU D 238 11.53 -44.85 -67.93
C GLU D 238 11.65 -45.00 -66.40
N LYS D 239 12.62 -44.34 -65.78
CA LYS D 239 12.74 -44.37 -64.32
C LYS D 239 11.57 -43.69 -63.60
N LEU D 240 11.12 -42.54 -64.12
CA LEU D 240 9.93 -41.89 -63.55
C LEU D 240 8.68 -42.76 -63.73
N ALA D 241 8.48 -43.34 -64.91
CA ALA D 241 7.37 -44.27 -65.11
C ALA D 241 7.33 -45.36 -64.04
N GLY D 242 8.49 -45.94 -63.75
CA GLY D 242 8.67 -46.95 -62.71
C GLY D 242 8.30 -46.47 -61.31
N LEU D 243 8.74 -45.26 -60.97
CA LEU D 243 8.35 -44.63 -59.71
C LEU D 243 6.86 -44.41 -59.60
N PHE D 244 6.22 -43.96 -60.68
CA PHE D 244 4.77 -43.76 -60.66
C PHE D 244 4.06 -45.10 -60.40
N GLU D 245 4.48 -46.16 -61.09
CA GLU D 245 3.92 -47.51 -60.90
C GLU D 245 4.11 -48.01 -59.47
N GLU D 246 5.31 -47.87 -58.93
CA GLU D 246 5.60 -48.33 -57.57
C GLU D 246 4.80 -47.50 -56.56
N MSE D 247 4.72 -46.20 -56.78
CA MSE D 247 3.85 -45.37 -55.94
C MSE D 247 2.37 -45.79 -55.94
O MSE D 247 1.72 -45.73 -54.90
CB MSE D 247 3.97 -43.90 -56.35
CG MSE D 247 5.31 -43.28 -56.00
SE MSE D 247 5.38 -41.36 -56.46
CE MSE D 247 4.27 -40.62 -54.92
N ALA D 248 1.86 -46.24 -57.10
CA ALA D 248 0.47 -46.69 -57.22
C ALA D 248 0.25 -48.05 -56.62
N GLN D 249 1.26 -48.91 -56.67
CA GLN D 249 1.09 -50.31 -56.35
C GLN D 249 1.59 -50.73 -54.95
N HIS D 250 2.36 -49.88 -54.28
CA HIS D 250 2.92 -50.21 -52.95
C HIS D 250 2.59 -49.13 -51.94
N ASP D 251 2.38 -49.54 -50.70
CA ASP D 251 2.46 -48.62 -49.59
C ASP D 251 3.93 -48.20 -49.47
N LEU D 252 4.18 -47.07 -48.82
CA LEU D 252 5.53 -46.56 -48.61
C LEU D 252 6.42 -47.55 -47.86
N TYR D 253 5.85 -48.22 -46.86
CA TYR D 253 6.52 -49.27 -46.13
C TYR D 253 5.59 -50.49 -46.11
N GLU D 254 6.16 -51.66 -46.31
CA GLU D 254 5.39 -52.90 -46.39
CA GLU D 254 5.38 -52.89 -46.36
C GLU D 254 6.03 -53.99 -45.51
N MSE E 2 36.39 -22.63 -21.31
CA MSE E 2 35.45 -21.48 -21.37
C MSE E 2 36.11 -20.31 -22.11
O MSE E 2 37.18 -19.86 -21.69
CB MSE E 2 35.03 -21.05 -19.97
CG MSE E 2 34.19 -19.79 -19.91
SE MSE E 2 33.51 -19.41 -18.11
CE MSE E 2 32.65 -21.18 -17.87
N ASN E 3 35.47 -19.83 -23.17
CA ASN E 3 36.01 -18.70 -23.94
C ASN E 3 35.00 -17.55 -24.15
N LYS E 4 35.08 -16.52 -23.30
CA LYS E 4 34.10 -15.40 -23.37
C LYS E 4 34.24 -14.52 -24.61
N GLU E 5 35.41 -14.59 -25.27
CA GLU E 5 35.63 -13.79 -26.45
C GLU E 5 34.79 -14.25 -27.66
N VAL E 6 34.58 -15.56 -27.81
CA VAL E 6 33.94 -16.12 -29.01
C VAL E 6 32.71 -16.99 -28.78
N ASP E 7 32.34 -17.20 -27.53
CA ASP E 7 31.27 -18.08 -27.18
C ASP E 7 30.24 -17.30 -26.36
N LEU E 8 29.13 -16.89 -26.99
CA LEU E 8 28.13 -16.07 -26.30
C LEU E 8 27.46 -16.80 -25.13
N SER E 9 27.45 -18.11 -25.19
CA SER E 9 26.81 -18.91 -24.16
C SER E 9 27.43 -18.71 -22.76
N VAL E 10 28.67 -18.27 -22.72
CA VAL E 10 29.35 -17.96 -21.45
C VAL E 10 29.80 -16.48 -21.35
N SER E 11 29.59 -15.69 -22.40
CA SER E 11 30.12 -14.34 -22.43
C SER E 11 29.21 -13.31 -21.72
N CYS E 12 29.76 -12.10 -21.58
CA CYS E 12 29.06 -10.97 -20.98
C CYS E 12 29.49 -9.70 -21.72
N LEU E 13 28.71 -8.66 -21.57
CA LEU E 13 28.91 -7.41 -22.33
C LEU E 13 30.25 -6.77 -22.06
N GLY E 14 30.70 -6.86 -20.81
CA GLY E 14 32.01 -6.33 -20.44
C GLY E 14 33.15 -6.82 -21.31
N LYS E 15 33.07 -8.08 -21.70
CA LYS E 15 34.13 -8.73 -22.43
C LYS E 15 34.06 -8.41 -23.93
N VAL E 16 32.84 -8.21 -24.46
CA VAL E 16 32.67 -8.00 -25.89
C VAL E 16 32.58 -6.54 -26.35
N LYS E 17 32.22 -5.62 -25.48
CA LYS E 17 31.79 -4.31 -25.93
C LYS E 17 32.87 -3.49 -26.66
N GLU E 18 34.13 -3.70 -26.32
CA GLU E 18 35.22 -2.94 -26.95
C GLU E 18 35.95 -3.73 -28.05
N LEU E 19 35.49 -4.93 -28.40
CA LEU E 19 36.13 -5.77 -29.41
C LEU E 19 35.39 -5.67 -30.73
N LYS E 20 36.14 -5.75 -31.82
CA LYS E 20 35.55 -5.80 -33.15
C LYS E 20 35.30 -7.25 -33.56
N TYR E 21 34.09 -7.52 -34.06
CA TYR E 21 33.70 -8.84 -34.50
C TYR E 21 33.44 -8.77 -36.00
N ASP E 22 34.02 -9.69 -36.75
CA ASP E 22 33.92 -9.69 -38.20
C ASP E 22 32.76 -10.58 -38.73
N VAL E 23 32.63 -11.77 -38.15
CA VAL E 23 31.67 -12.80 -38.63
C VAL E 23 30.87 -13.36 -37.46
N ILE E 24 29.57 -13.50 -37.63
CA ILE E 24 28.73 -14.14 -36.66
C ILE E 24 28.46 -15.59 -37.05
N ILE E 25 28.55 -16.51 -36.11
CA ILE E 25 28.27 -17.92 -36.35
C ILE E 25 27.04 -18.36 -35.54
N LEU E 26 26.06 -18.98 -36.20
CA LEU E 26 24.83 -19.43 -35.57
C LEU E 26 24.73 -20.94 -35.67
N PRO E 27 25.02 -21.61 -34.56
CA PRO E 27 24.82 -23.02 -34.50
C PRO E 27 23.30 -23.31 -34.49
N TRP E 28 22.87 -24.25 -35.31
CA TRP E 28 21.45 -24.59 -35.44
C TRP E 28 21.26 -26.11 -35.37
N GLY E 29 20.57 -26.56 -34.33
CA GLY E 29 20.37 -27.97 -34.14
C GLY E 29 18.92 -28.39 -34.15
N ALA E 30 18.58 -29.16 -33.11
CA ALA E 30 17.32 -29.86 -32.97
C ALA E 30 17.25 -30.44 -31.57
N THR E 31 16.02 -30.61 -31.06
CA THR E 31 15.72 -31.36 -29.86
C THR E 31 15.13 -32.67 -30.32
N GLU E 32 15.94 -33.72 -30.25
CA GLU E 32 15.71 -34.97 -30.98
C GLU E 32 16.39 -36.17 -30.31
N PRO E 33 15.65 -37.27 -30.14
CA PRO E 33 16.28 -38.46 -29.67
C PRO E 33 17.33 -38.98 -30.65
N HIS E 34 18.49 -39.37 -30.11
CA HIS E 34 19.62 -39.87 -30.88
C HIS E 34 20.00 -41.30 -30.44
N ASN E 35 19.38 -42.32 -31.03
CA ASN E 35 19.52 -43.70 -30.49
C ASN E 35 19.21 -43.59 -28.97
N LEU E 36 19.66 -44.54 -28.16
CA LEU E 36 19.39 -44.49 -26.71
C LEU E 36 20.47 -43.79 -25.90
N HIS E 37 21.63 -43.55 -26.50
CA HIS E 37 22.84 -43.15 -25.75
C HIS E 37 23.27 -41.69 -25.87
N LEU E 38 22.86 -41.02 -26.93
CA LEU E 38 23.30 -39.67 -27.18
C LEU E 38 22.27 -38.64 -26.68
N PRO E 39 22.77 -37.46 -26.26
CA PRO E 39 21.91 -36.41 -25.79
C PRO E 39 20.86 -35.93 -26.81
N TYR E 40 19.68 -35.60 -26.29
CA TYR E 40 18.64 -34.90 -27.05
C TYR E 40 19.14 -33.66 -27.79
N LEU E 41 20.12 -32.97 -27.20
CA LEU E 41 20.71 -31.73 -27.76
C LEU E 41 22.04 -31.92 -28.55
N THR E 42 22.32 -33.14 -29.00
CA THR E 42 23.49 -33.45 -29.84
C THR E 42 23.65 -32.48 -31.02
N ASP E 43 22.58 -32.18 -31.75
CA ASP E 43 22.70 -31.34 -32.95
C ASP E 43 22.93 -29.87 -32.68
N CYS E 44 22.68 -29.46 -31.45
CA CYS E 44 23.13 -28.15 -30.95
C CYS E 44 24.57 -28.13 -30.43
N ILE E 45 24.89 -29.11 -29.59
CA ILE E 45 26.19 -29.17 -28.88
C ILE E 45 27.35 -29.33 -29.87
N LEU E 46 27.22 -30.23 -30.84
CA LEU E 46 28.34 -30.53 -31.76
C LEU E 46 28.75 -29.31 -32.63
N PRO E 47 27.79 -28.69 -33.35
CA PRO E 47 28.14 -27.47 -34.09
C PRO E 47 28.58 -26.29 -33.22
N HIS E 48 28.05 -26.18 -32.01
CA HIS E 48 28.53 -25.15 -31.10
C HIS E 48 30.03 -25.32 -30.77
N ASP E 49 30.40 -26.51 -30.32
CA ASP E 49 31.80 -26.81 -29.92
C ASP E 49 32.78 -26.74 -31.10
N ILE E 50 32.34 -27.23 -32.26
CA ILE E 50 33.11 -27.11 -33.50
C ILE E 50 33.27 -25.65 -33.90
N ALA E 51 32.18 -24.88 -33.84
CA ALA E 51 32.22 -23.44 -34.18
C ALA E 51 33.15 -22.65 -33.27
N VAL E 52 33.11 -22.91 -31.97
CA VAL E 52 33.97 -22.24 -31.02
C VAL E 52 35.44 -22.53 -31.37
N GLU E 53 35.77 -23.80 -31.60
CA GLU E 53 37.15 -24.15 -32.02
C GLU E 53 37.63 -23.49 -33.33
N ALA E 54 36.76 -23.45 -34.32
CA ALA E 54 37.04 -22.76 -35.59
C ALA E 54 37.23 -21.26 -35.35
N ALA E 55 36.41 -20.68 -34.47
CA ALA E 55 36.55 -19.26 -34.08
C ALA E 55 37.86 -18.98 -33.37
N GLU E 56 38.24 -19.85 -32.46
CA GLU E 56 39.55 -19.76 -31.79
C GLU E 56 40.74 -19.83 -32.78
N LEU E 57 40.69 -20.77 -33.71
CA LEU E 57 41.70 -20.87 -34.75
C LEU E 57 41.76 -19.64 -35.66
N ALA E 58 40.61 -19.16 -36.13
CA ALA E 58 40.62 -17.97 -36.97
C ALA E 58 41.20 -16.75 -36.24
N LEU E 59 40.91 -16.63 -34.95
CA LEU E 59 41.48 -15.54 -34.17
C LEU E 59 43.00 -15.72 -34.01
N SER E 60 43.44 -16.87 -33.53
CA SER E 60 44.89 -17.03 -33.28
C SER E 60 45.71 -17.05 -34.57
N ARG E 61 45.12 -17.58 -35.64
CA ARG E 61 45.79 -17.70 -36.91
C ARG E 61 45.84 -16.44 -37.78
N SER E 62 44.76 -15.66 -37.83
CA SER E 62 44.67 -14.51 -38.72
CA SER E 62 44.70 -14.49 -38.69
C SER E 62 44.18 -13.24 -38.03
N GLY E 63 43.81 -13.31 -36.74
CA GLY E 63 43.24 -12.13 -36.04
C GLY E 63 41.81 -11.78 -36.46
N VAL E 64 41.10 -12.74 -37.04
CA VAL E 64 39.71 -12.58 -37.43
C VAL E 64 38.87 -13.02 -36.25
N ARG E 65 38.03 -12.13 -35.73
CA ARG E 65 37.26 -12.45 -34.53
C ARG E 65 35.78 -12.71 -34.85
N CYS E 66 35.34 -13.91 -34.52
CA CYS E 66 33.97 -14.36 -34.78
C CYS E 66 33.25 -14.59 -33.45
N MSE E 67 31.96 -14.28 -33.39
CA MSE E 67 31.13 -14.64 -32.23
C MSE E 67 30.28 -15.82 -32.57
O MSE E 67 29.56 -15.78 -33.56
CB MSE E 67 30.21 -13.46 -31.78
CG MSE E 67 29.31 -13.77 -30.57
SE MSE E 67 30.40 -14.37 -29.04
CE MSE E 67 30.87 -12.67 -28.24
N VAL E 68 30.29 -16.83 -31.71
CA VAL E 68 29.38 -17.98 -31.80
C VAL E 68 28.19 -17.74 -30.89
N MSE E 69 27.02 -17.62 -31.52
CA MSE E 69 25.78 -17.36 -30.86
C MSE E 69 25.31 -18.63 -30.18
O MSE E 69 25.82 -19.72 -30.41
CB MSE E 69 24.76 -16.87 -31.91
CG MSE E 69 25.13 -15.60 -32.60
SE MSE E 69 25.09 -14.06 -31.45
CE MSE E 69 23.14 -14.03 -31.02
N PRO E 70 24.34 -18.48 -29.26
CA PRO E 70 23.77 -19.66 -28.65
C PRO E 70 23.05 -20.53 -29.69
N PRO E 71 23.13 -21.86 -29.56
CA PRO E 71 22.56 -22.69 -30.61
C PRO E 71 21.04 -22.68 -30.60
N VAL E 72 20.43 -22.78 -31.77
CA VAL E 72 18.97 -22.85 -31.93
C VAL E 72 18.51 -24.32 -31.82
N PRO E 73 17.68 -24.63 -30.81
CA PRO E 73 17.29 -26.01 -30.57
C PRO E 73 16.02 -26.44 -31.31
N PHE E 74 15.69 -25.78 -32.42
CA PHE E 74 14.42 -26.02 -33.07
C PHE E 74 14.61 -26.51 -34.47
N GLY E 75 14.47 -27.84 -34.61
CA GLY E 75 14.80 -28.54 -35.85
C GLY E 75 13.56 -29.03 -36.55
N ALA E 76 13.69 -29.33 -37.83
CA ALA E 76 12.59 -29.92 -38.63
C ALA E 76 12.70 -31.43 -38.64
N HIS E 77 11.60 -32.10 -38.30
CA HIS E 77 11.62 -33.55 -38.13
C HIS E 77 10.66 -34.32 -39.05
N ASN E 78 10.77 -35.64 -38.99
CA ASN E 78 10.10 -36.55 -39.90
C ASN E 78 8.89 -37.19 -39.24
N PRO E 79 8.00 -37.78 -40.07
CA PRO E 79 6.92 -38.61 -39.53
C PRO E 79 7.53 -39.69 -38.62
N GLY E 80 6.84 -39.99 -37.51
CA GLY E 80 7.36 -40.92 -36.51
C GLY E 80 8.26 -40.38 -35.39
N GLN E 81 8.91 -39.25 -35.62
CA GLN E 81 9.81 -38.61 -34.65
C GLN E 81 9.07 -37.75 -33.64
N ARG E 82 8.04 -37.06 -34.11
CA ARG E 82 7.31 -36.13 -33.23
C ARG E 82 6.66 -36.86 -32.07
N GLU E 83 6.30 -38.14 -32.30
CA GLU E 83 5.65 -38.96 -31.28
C GLU E 83 6.63 -39.49 -30.21
N LEU E 84 7.92 -39.49 -30.49
CA LEU E 84 8.93 -39.85 -29.48
C LEU E 84 8.98 -38.76 -28.42
N PRO E 85 9.13 -39.15 -27.14
CA PRO E 85 9.05 -38.14 -26.09
C PRO E 85 10.12 -37.02 -26.17
N PHE E 86 9.65 -35.77 -26.13
CA PHE E 86 10.49 -34.57 -26.07
C PHE E 86 11.19 -34.21 -27.39
N CYS E 87 10.78 -34.85 -28.47
CA CYS E 87 11.19 -34.43 -29.79
C CYS E 87 10.30 -33.29 -30.23
N ILE E 88 10.89 -32.15 -30.54
CA ILE E 88 10.12 -30.94 -30.94
C ILE E 88 10.21 -30.68 -32.45
N HIS E 89 9.11 -30.89 -33.16
CA HIS E 89 9.07 -30.54 -34.58
C HIS E 89 8.79 -29.05 -34.75
N THR E 90 9.61 -28.40 -35.57
CA THR E 90 9.51 -26.98 -35.85
C THR E 90 9.15 -26.80 -37.33
N ARG E 91 8.03 -26.11 -37.57
CA ARG E 91 7.63 -25.74 -38.90
C ARG E 91 8.66 -24.82 -39.51
N TYR E 92 8.77 -24.88 -40.84
CA TYR E 92 9.66 -24.05 -41.62
C TYR E 92 9.41 -22.59 -41.34
N ALA E 93 8.12 -22.18 -41.34
CA ALA E 93 7.75 -20.78 -41.06
C ALA E 93 8.24 -20.31 -39.68
N THR E 94 8.23 -21.20 -38.69
CA THR E 94 8.71 -20.90 -37.33
C THR E 94 10.22 -20.66 -37.38
N GLN E 95 10.93 -21.57 -38.04
CA GLN E 95 12.37 -21.41 -38.22
C GLN E 95 12.72 -20.09 -38.96
N GLN E 96 11.95 -19.79 -40.01
CA GLN E 96 12.16 -18.56 -40.76
C GLN E 96 11.89 -17.33 -39.90
N ALA E 97 10.86 -17.39 -39.05
CA ALA E 97 10.56 -16.26 -38.17
C ALA E 97 11.76 -16.03 -37.25
N ILE E 98 12.33 -17.12 -36.73
CA ILE E 98 13.50 -17.03 -35.84
C ILE E 98 14.72 -16.42 -36.52
N LEU E 99 15.06 -16.91 -37.72
CA LEU E 99 16.22 -16.39 -38.44
C LEU E 99 16.01 -14.92 -38.78
N GLU E 100 14.79 -14.56 -39.18
CA GLU E 100 14.42 -13.17 -39.41
C GLU E 100 14.66 -12.27 -38.23
N ASP E 101 14.27 -12.72 -37.07
CA ASP E 101 14.48 -11.92 -35.88
C ASP E 101 15.98 -11.78 -35.53
N ILE E 102 16.76 -12.85 -35.74
CA ILE E 102 18.19 -12.83 -35.51
C ILE E 102 18.88 -11.90 -36.48
N VAL E 103 18.58 -12.01 -37.77
CA VAL E 103 19.22 -11.19 -38.79
C VAL E 103 18.84 -9.71 -38.61
N SER E 104 17.57 -9.43 -38.30
CA SER E 104 17.13 -8.05 -38.05
C SER E 104 17.98 -7.36 -36.95
N SER E 105 18.13 -8.04 -35.82
CA SER E 105 18.90 -7.56 -34.67
C SER E 105 20.38 -7.44 -35.00
N LEU E 106 20.97 -8.46 -35.60
CA LEU E 106 22.40 -8.39 -35.99
C LEU E 106 22.64 -7.26 -36.96
N HIS E 107 21.68 -7.03 -37.85
CA HIS E 107 21.83 -5.99 -38.81
C HIS E 107 21.83 -4.61 -38.18
N VAL E 108 20.93 -4.37 -37.23
CA VAL E 108 20.86 -3.13 -36.48
C VAL E 108 22.19 -2.92 -35.77
N GLN E 109 22.77 -3.99 -35.26
CA GLN E 109 24.03 -3.93 -34.53
C GLN E 109 25.24 -3.66 -35.42
N GLY E 110 25.08 -3.66 -36.76
CA GLY E 110 26.18 -3.33 -37.66
C GLY E 110 26.80 -4.55 -38.32
N PHE E 111 26.34 -5.76 -37.97
CA PHE E 111 26.90 -6.96 -38.53
C PHE E 111 26.38 -7.21 -39.90
N ARG E 112 27.22 -7.84 -40.73
CA ARG E 112 26.94 -7.97 -42.14
C ARG E 112 27.32 -9.35 -42.67
N LYS E 113 27.80 -10.24 -41.82
CA LYS E 113 28.25 -11.58 -42.22
C LYS E 113 27.84 -12.64 -41.21
N LEU E 114 27.05 -13.58 -41.67
CA LEU E 114 26.54 -14.68 -40.85
C LEU E 114 26.79 -16.04 -41.52
N LEU E 115 27.24 -17.02 -40.73
CA LEU E 115 27.24 -18.38 -41.16
C LEU E 115 26.34 -19.22 -40.24
N ILE E 116 25.36 -19.92 -40.83
CA ILE E 116 24.52 -20.87 -40.10
C ILE E 116 25.22 -22.24 -40.12
N LEU E 117 25.58 -22.75 -38.95
CA LEU E 117 26.26 -24.03 -38.86
C LEU E 117 25.32 -25.03 -38.21
N SER E 118 24.80 -25.88 -39.07
CA SER E 118 23.74 -26.78 -38.72
C SER E 118 24.30 -28.11 -38.27
N GLY E 119 23.67 -28.67 -37.26
CA GLY E 119 23.98 -29.98 -36.75
C GLY E 119 22.88 -30.97 -37.04
N HIS E 120 21.84 -30.55 -37.78
CA HIS E 120 20.69 -31.37 -38.12
C HIS E 120 20.40 -31.37 -39.62
N GLY E 121 20.44 -32.56 -40.24
CA GLY E 121 20.25 -32.69 -41.67
C GLY E 121 18.85 -32.37 -42.19
N GLY E 122 17.85 -32.46 -41.31
CA GLY E 122 16.48 -32.06 -41.60
C GLY E 122 16.31 -30.56 -41.76
N ASN E 123 17.27 -29.76 -41.30
CA ASN E 123 17.19 -28.31 -41.47
C ASN E 123 17.66 -27.95 -42.89
N ASN E 124 16.90 -27.08 -43.52
CA ASN E 124 17.21 -26.54 -44.84
C ASN E 124 17.06 -25.03 -44.76
N PHE E 125 18.08 -24.31 -45.17
CA PHE E 125 18.10 -22.88 -45.03
C PHE E 125 18.21 -22.10 -46.36
N LYS E 126 18.23 -22.79 -47.49
CA LYS E 126 18.47 -22.12 -48.77
C LYS E 126 17.36 -21.16 -49.13
N GLY E 127 16.12 -21.61 -49.01
CA GLY E 127 14.98 -20.75 -49.22
C GLY E 127 14.94 -19.53 -48.33
N MSE E 128 15.22 -19.71 -47.03
CA MSE E 128 15.26 -18.60 -46.07
C MSE E 128 16.34 -17.62 -46.46
O MSE E 128 16.15 -16.40 -46.38
CB MSE E 128 15.61 -19.09 -44.65
CG MSE E 128 14.80 -20.18 -44.15
SE MSE E 128 15.06 -20.53 -42.24
CE MSE E 128 14.23 -22.30 -42.38
N ILE E 129 17.49 -18.14 -46.88
CA ILE E 129 18.60 -17.27 -47.29
C ILE E 129 18.31 -16.47 -48.56
N ARG E 130 17.66 -17.09 -49.55
CA ARG E 130 17.24 -16.36 -50.76
C ARG E 130 16.28 -15.23 -50.40
N ASP E 131 15.28 -15.53 -49.58
CA ASP E 131 14.32 -14.51 -49.16
C ASP E 131 14.97 -13.35 -48.39
N LEU E 132 15.93 -13.65 -47.51
CA LEU E 132 16.62 -12.59 -46.77
C LEU E 132 17.64 -11.81 -47.60
N ALA E 133 18.15 -12.43 -48.66
CA ALA E 133 19.05 -11.76 -49.58
C ALA E 133 18.38 -10.55 -50.20
N PHE E 134 17.07 -10.64 -50.42
CA PHE E 134 16.29 -9.54 -50.99
C PHE E 134 15.88 -8.50 -49.97
N GLU E 135 15.55 -8.92 -48.75
CA GLU E 135 15.26 -7.98 -47.65
C GLU E 135 16.49 -7.24 -47.16
N TYR E 136 17.63 -7.93 -47.09
CA TYR E 136 18.88 -7.36 -46.53
C TYR E 136 19.99 -7.60 -47.55
N PRO E 137 19.98 -6.82 -48.65
CA PRO E 137 20.93 -7.05 -49.74
C PRO E 137 22.41 -6.94 -49.34
N ASP E 138 22.66 -6.24 -48.22
CA ASP E 138 24.03 -5.99 -47.73
C ASP E 138 24.52 -7.00 -46.66
N PHE E 139 23.72 -8.03 -46.40
CA PHE E 139 23.94 -8.96 -45.32
C PHE E 139 24.18 -10.34 -45.94
N LEU E 140 25.41 -10.82 -45.82
CA LEU E 140 25.81 -12.11 -46.36
C LEU E 140 25.41 -13.20 -45.39
N ILE E 141 24.62 -14.17 -45.85
CA ILE E 141 24.35 -15.37 -45.07
C ILE E 141 24.75 -16.63 -45.85
N ALA E 142 25.61 -17.45 -45.21
CA ALA E 142 26.06 -18.74 -45.69
C ALA E 142 25.48 -19.83 -44.79
N ALA E 143 25.44 -21.05 -45.30
CA ALA E 143 24.95 -22.20 -44.55
C ALA E 143 25.76 -23.46 -44.85
N ALA E 144 26.04 -24.23 -43.79
CA ALA E 144 26.70 -25.53 -43.86
C ALA E 144 26.21 -26.48 -42.79
N ASN E 145 26.20 -27.78 -43.12
CA ASN E 145 26.18 -28.82 -42.11
C ASN E 145 27.62 -29.17 -41.71
N TRP E 146 27.91 -29.25 -40.41
CA TRP E 146 29.32 -29.43 -39.97
C TRP E 146 29.81 -30.79 -40.48
N PHE E 147 28.88 -31.73 -40.58
CA PHE E 147 29.21 -33.11 -40.92
C PHE E 147 29.35 -33.34 -42.42
N GLU E 148 29.23 -32.30 -43.23
CA GLU E 148 29.44 -32.40 -44.64
C GLU E 148 30.71 -31.62 -45.06
N VAL E 149 31.41 -30.99 -44.10
CA VAL E 149 32.62 -30.24 -44.43
C VAL E 149 33.75 -31.19 -44.87
N VAL E 150 33.87 -32.33 -44.20
CA VAL E 150 34.89 -33.36 -44.48
C VAL E 150 34.19 -34.70 -44.61
N SER E 151 34.50 -35.44 -45.68
CA SER E 151 33.92 -36.77 -45.88
C SER E 151 34.33 -37.68 -44.72
N PRO E 152 33.43 -38.58 -44.28
CA PRO E 152 33.77 -39.52 -43.23
C PRO E 152 34.60 -40.72 -43.69
N LYS E 153 34.98 -40.80 -44.98
CA LYS E 153 35.82 -41.89 -45.47
C LYS E 153 37.24 -41.86 -44.89
N GLY E 154 37.61 -42.95 -44.20
CA GLY E 154 38.91 -43.10 -43.59
C GLY E 154 38.86 -42.71 -42.14
N TYR E 155 37.76 -42.06 -41.74
CA TYR E 155 37.61 -41.60 -40.35
C TYR E 155 36.74 -42.56 -39.54
N PHE E 156 35.82 -43.27 -40.18
CA PHE E 156 34.89 -44.15 -39.48
C PHE E 156 34.74 -45.49 -40.24
N GLU E 157 34.40 -46.57 -39.52
CA GLU E 157 34.24 -47.91 -40.09
CA GLU E 157 34.24 -47.90 -40.12
C GLU E 157 32.81 -48.20 -40.58
N ALA E 158 31.81 -47.83 -39.79
CA ALA E 158 30.39 -48.06 -40.16
C ALA E 158 30.05 -47.43 -41.51
N GLU E 159 29.42 -48.20 -42.38
CA GLU E 159 29.05 -47.71 -43.71
C GLU E 159 27.76 -46.89 -43.65
N ILE E 160 26.73 -47.44 -42.99
CA ILE E 160 25.54 -46.68 -42.64
C ILE E 160 25.82 -45.87 -41.36
N ASP E 161 25.63 -44.57 -41.47
CA ASP E 161 25.93 -43.66 -40.40
C ASP E 161 25.18 -42.37 -40.68
N ASP E 162 23.86 -42.39 -40.52
CA ASP E 162 23.04 -41.20 -40.83
C ASP E 162 22.60 -40.39 -39.60
N HIS E 163 22.45 -41.03 -38.45
CA HIS E 163 21.92 -40.36 -37.30
C HIS E 163 22.29 -41.14 -36.05
N ALA E 164 22.97 -40.45 -35.11
CA ALA E 164 23.35 -41.05 -33.84
C ALA E 164 24.25 -42.28 -34.08
N GLY E 165 25.00 -42.24 -35.19
CA GLY E 165 25.85 -43.36 -35.56
C GLY E 165 27.25 -43.16 -35.06
N GLU E 166 28.21 -43.73 -35.79
CA GLU E 166 29.61 -43.75 -35.35
C GLU E 166 30.23 -42.38 -35.27
N SER E 167 29.98 -41.55 -36.29
CA SER E 167 30.55 -40.22 -36.36
C SER E 167 30.02 -39.29 -35.25
N GLU E 168 28.70 -39.19 -35.12
CA GLU E 168 28.11 -38.34 -34.05
C GLU E 168 28.55 -38.82 -32.66
N THR E 169 28.55 -40.13 -32.44
CA THR E 169 28.93 -40.67 -31.16
C THR E 169 30.42 -40.41 -30.85
N SER E 170 31.28 -40.60 -31.85
CA SER E 170 32.70 -40.35 -31.66
C SER E 170 32.95 -38.89 -31.36
N VAL E 171 32.33 -38.00 -32.13
CA VAL E 171 32.53 -36.56 -31.90
C VAL E 171 31.99 -36.16 -30.51
N MSE E 172 30.85 -36.72 -30.11
CA MSE E 172 30.36 -36.44 -28.76
C MSE E 172 31.29 -36.94 -27.66
O MSE E 172 31.47 -36.26 -26.64
CB MSE E 172 28.93 -37.02 -28.54
CG MSE E 172 28.31 -36.62 -27.17
SE MSE E 172 27.99 -34.69 -26.94
CE MSE E 172 26.63 -34.62 -28.29
N MSE E 173 31.86 -38.13 -27.85
CA MSE E 173 32.80 -38.72 -26.90
C MSE E 173 34.04 -37.87 -26.71
O MSE E 173 34.54 -37.74 -25.61
CB MSE E 173 33.16 -40.15 -27.35
CG MSE E 173 32.04 -41.17 -27.11
SE MSE E 173 32.44 -42.98 -27.95
CE MSE E 173 33.80 -43.57 -26.67
N HIS E 174 34.51 -37.26 -27.79
CA HIS E 174 35.59 -36.30 -27.76
C HIS E 174 35.28 -35.04 -26.98
N TYR E 175 34.20 -34.35 -27.35
CA TYR E 175 33.88 -33.06 -26.75
C TYR E 175 33.27 -33.19 -25.35
N HIS E 176 32.42 -34.19 -25.16
CA HIS E 176 31.69 -34.38 -23.87
C HIS E 176 31.50 -35.85 -23.54
N PRO E 177 32.59 -36.53 -23.17
CA PRO E 177 32.50 -37.95 -22.79
C PRO E 177 31.51 -38.21 -21.65
N GLU E 178 31.32 -37.22 -20.81
CA GLU E 178 30.39 -37.32 -19.66
C GLU E 178 28.90 -37.39 -20.07
N LEU E 179 28.61 -37.05 -21.34
CA LEU E 179 27.25 -36.99 -21.85
C LEU E 179 26.82 -38.23 -22.63
N VAL E 180 27.73 -39.19 -22.80
CA VAL E 180 27.42 -40.40 -23.56
C VAL E 180 28.11 -41.63 -23.00
N ASN E 181 27.30 -42.67 -22.74
CA ASN E 181 27.82 -44.01 -22.37
CA ASN E 181 27.78 -43.97 -22.36
C ASN E 181 27.52 -44.92 -23.53
N LEU E 182 28.56 -45.23 -24.31
CA LEU E 182 28.43 -46.02 -25.51
C LEU E 182 27.77 -47.37 -25.28
N ALA E 183 28.02 -47.97 -24.12
CA ALA E 183 27.42 -49.27 -23.76
C ALA E 183 25.86 -49.29 -23.78
N GLU E 184 25.26 -48.11 -23.70
CA GLU E 184 23.81 -47.97 -23.72
C GLU E 184 23.23 -47.95 -25.14
N ALA E 185 24.07 -47.87 -26.15
CA ALA E 185 23.59 -47.72 -27.52
C ALA E 185 22.91 -48.99 -28.00
N GLY E 186 21.83 -48.83 -28.77
CA GLY E 186 21.33 -49.90 -29.62
C GLY E 186 22.11 -49.96 -30.94
N ASP E 187 21.76 -50.95 -31.77
CA ASP E 187 22.40 -51.16 -33.07
C ASP E 187 22.08 -50.16 -34.14
N GLY E 188 21.01 -49.40 -33.95
CA GLY E 188 20.59 -48.45 -34.95
C GLY E 188 20.20 -49.06 -36.29
N GLU E 189 19.56 -50.25 -36.26
CA GLU E 189 19.09 -50.92 -37.48
C GLU E 189 18.05 -50.04 -38.17
N SER E 190 18.12 -49.99 -39.50
CA SER E 190 17.21 -49.17 -40.29
C SER E 190 16.59 -50.00 -41.44
N LYS E 191 15.36 -49.65 -41.80
CA LYS E 191 14.63 -50.37 -42.84
C LYS E 191 14.32 -49.46 -44.03
N PRO E 192 14.48 -49.98 -45.25
CA PRO E 192 14.20 -49.18 -46.45
C PRO E 192 12.71 -49.04 -46.80
N PHE E 193 12.40 -48.14 -47.72
CA PHE E 193 11.04 -48.02 -48.25
C PHE E 193 10.69 -49.28 -49.06
N ALA E 194 9.38 -49.50 -49.21
CA ALA E 194 8.82 -50.53 -50.07
C ALA E 194 8.76 -50.11 -51.55
N ILE E 195 9.03 -48.84 -51.83
CA ILE E 195 9.00 -48.31 -53.18
C ILE E 195 10.45 -48.21 -53.63
N ALA E 196 10.90 -49.14 -54.48
CA ALA E 196 12.32 -49.27 -54.78
C ALA E 196 12.94 -47.99 -55.30
N SER E 197 12.22 -47.30 -56.18
CA SER E 197 12.68 -46.03 -56.78
C SER E 197 13.07 -44.98 -55.73
N LEU E 198 12.36 -44.94 -54.59
CA LEU E 198 12.73 -44.05 -53.46
C LEU E 198 14.07 -44.43 -52.78
N ASN E 199 14.34 -45.73 -52.67
CA ASN E 199 15.62 -46.22 -52.15
C ASN E 199 16.74 -45.94 -53.15
N GLU E 200 16.42 -45.95 -54.46
CA GLU E 200 17.36 -45.60 -55.55
C GLU E 200 17.52 -44.08 -55.74
N LYS E 201 16.78 -43.31 -54.95
CA LYS E 201 16.83 -41.85 -54.92
C LYS E 201 16.38 -41.20 -56.23
N VAL E 202 15.44 -41.85 -56.92
CA VAL E 202 14.80 -41.22 -58.09
C VAL E 202 13.99 -39.94 -57.63
N ALA E 203 13.37 -40.06 -56.47
CA ALA E 203 12.62 -39.02 -55.83
C ALA E 203 12.85 -39.17 -54.31
N TRP E 204 12.51 -38.13 -53.57
CA TRP E 204 12.70 -38.05 -52.12
C TRP E 204 11.37 -38.04 -51.41
N VAL E 205 11.32 -38.81 -50.34
CA VAL E 205 10.23 -38.83 -49.36
C VAL E 205 10.95 -38.95 -48.02
N PRO E 206 10.46 -38.25 -46.97
CA PRO E 206 11.14 -38.39 -45.68
C PRO E 206 10.96 -39.79 -45.12
N ARG E 207 12.02 -40.33 -44.54
CA ARG E 207 11.98 -41.57 -43.78
C ARG E 207 10.98 -41.45 -42.61
N HIS E 208 10.14 -42.45 -42.44
CA HIS E 208 9.22 -42.50 -41.33
C HIS E 208 9.93 -43.27 -40.22
N TRP E 209 10.16 -42.61 -39.08
CA TRP E 209 10.99 -43.14 -38.01
C TRP E 209 10.37 -44.34 -37.32
N ASP E 210 9.05 -44.34 -37.22
CA ASP E 210 8.31 -45.45 -36.62
C ASP E 210 8.34 -46.72 -37.48
N LYS E 211 8.50 -46.60 -38.80
CA LYS E 211 8.64 -47.78 -39.66
C LYS E 211 10.11 -48.16 -39.94
N ALA E 212 11.01 -47.18 -39.92
CA ALA E 212 12.37 -47.34 -40.44
C ALA E 212 13.44 -47.59 -39.37
N THR E 213 13.15 -47.30 -38.11
CA THR E 213 14.14 -47.42 -37.06
C THR E 213 13.51 -48.14 -35.87
N VAL E 214 14.35 -48.61 -34.95
CA VAL E 214 13.93 -49.37 -33.77
C VAL E 214 14.21 -48.56 -32.52
N ASP E 215 15.45 -48.08 -32.40
CA ASP E 215 15.92 -47.32 -31.23
C ASP E 215 16.04 -45.78 -31.48
N SER E 216 15.62 -45.35 -32.68
CA SER E 216 15.67 -43.99 -33.19
C SER E 216 17.02 -43.62 -33.84
N GLY E 217 18.02 -44.50 -33.74
CA GLY E 217 19.29 -44.27 -34.45
C GLY E 217 19.23 -44.81 -35.87
N VAL E 218 20.05 -44.23 -36.75
CA VAL E 218 20.27 -44.78 -38.08
C VAL E 218 21.77 -45.00 -38.25
N GLY E 219 22.17 -46.24 -38.00
CA GLY E 219 23.57 -46.61 -38.08
C GLY E 219 24.12 -47.15 -36.79
N ASN E 220 25.00 -48.14 -36.90
CA ASN E 220 25.59 -48.76 -35.71
C ASN E 220 26.73 -47.90 -35.15
N PRO E 221 26.59 -47.41 -33.89
CA PRO E 221 27.61 -46.56 -33.29
C PRO E 221 28.75 -47.29 -32.54
N LYS E 222 28.73 -48.64 -32.51
CA LYS E 222 29.57 -49.47 -31.60
C LYS E 222 31.08 -49.27 -31.68
N LYS E 223 31.57 -48.90 -32.85
CA LYS E 223 33.02 -48.69 -33.03
C LYS E 223 33.44 -47.24 -32.78
N ALA E 224 32.52 -46.42 -32.27
CA ALA E 224 32.82 -45.01 -31.99
C ALA E 224 33.84 -44.91 -30.88
N THR E 225 34.79 -43.98 -31.05
CA THR E 225 35.72 -43.63 -29.97
C THR E 225 35.96 -42.13 -29.93
N ALA E 226 36.40 -41.66 -28.78
CA ALA E 226 36.80 -40.26 -28.61
C ALA E 226 37.92 -39.87 -29.57
N GLU E 227 38.90 -40.75 -29.75
CA GLU E 227 40.05 -40.47 -30.61
C GLU E 227 39.61 -40.28 -32.05
N LYS E 228 38.67 -41.13 -32.52
CA LYS E 228 38.11 -41.00 -33.87
C LYS E 228 37.43 -39.63 -34.03
N GLY E 229 36.72 -39.21 -32.99
CA GLY E 229 36.06 -37.90 -32.99
C GLY E 229 37.03 -36.75 -33.04
N GLU E 230 38.09 -36.87 -32.24
CA GLU E 230 39.14 -35.86 -32.20
C GLU E 230 39.82 -35.66 -33.55
N ARG E 231 40.10 -36.77 -34.20
CA ARG E 231 40.77 -36.75 -35.49
C ARG E 231 39.89 -36.19 -36.62
N TYR E 232 38.61 -36.57 -36.62
CA TYR E 232 37.62 -36.09 -37.61
C TYR E 232 37.36 -34.61 -37.55
N VAL E 233 37.23 -34.04 -36.35
CA VAL E 233 36.89 -32.64 -36.21
C VAL E 233 38.04 -31.71 -36.55
N LYS E 234 39.29 -32.19 -36.50
CA LYS E 234 40.42 -31.29 -36.78
C LYS E 234 40.41 -30.66 -38.19
N PRO E 235 40.32 -31.46 -39.27
CA PRO E 235 40.14 -30.84 -40.59
C PRO E 235 38.82 -30.04 -40.76
N ILE E 236 37.75 -30.44 -40.07
CA ILE E 236 36.48 -29.68 -40.10
C ILE E 236 36.70 -28.26 -39.54
N VAL E 237 37.29 -28.18 -38.36
CA VAL E 237 37.64 -26.91 -37.72
C VAL E 237 38.55 -26.05 -38.63
N GLU E 238 39.54 -26.69 -39.26
CA GLU E 238 40.52 -25.99 -40.11
C GLU E 238 39.82 -25.36 -41.31
N LYS E 239 39.00 -26.13 -42.00
CA LYS E 239 38.27 -25.61 -43.16
C LYS E 239 37.28 -24.53 -42.77
N LEU E 240 36.57 -24.70 -41.66
CA LEU E 240 35.62 -23.68 -41.20
C LEU E 240 36.34 -22.38 -40.84
N ALA E 241 37.48 -22.48 -40.15
CA ALA E 241 38.30 -21.29 -39.82
C ALA E 241 38.76 -20.54 -41.07
N GLY E 242 39.16 -21.28 -42.10
CA GLY E 242 39.49 -20.67 -43.37
C GLY E 242 38.31 -19.93 -44.00
N LEU E 243 37.12 -20.52 -43.97
CA LEU E 243 35.90 -19.85 -44.44
C LEU E 243 35.64 -18.54 -43.66
N PHE E 244 35.70 -18.59 -42.33
CA PHE E 244 35.52 -17.41 -41.49
C PHE E 244 36.52 -16.35 -41.87
N GLU E 245 37.78 -16.73 -42.03
CA GLU E 245 38.83 -15.79 -42.43
C GLU E 245 38.51 -15.15 -43.77
N GLU E 246 38.11 -15.96 -44.73
CA GLU E 246 37.86 -15.46 -46.09
C GLU E 246 36.61 -14.59 -46.14
N MSE E 247 35.57 -14.98 -45.38
CA MSE E 247 34.35 -14.16 -45.27
C MSE E 247 34.66 -12.80 -44.67
O MSE E 247 34.10 -11.81 -45.06
CB MSE E 247 33.28 -14.86 -44.44
CG MSE E 247 32.61 -16.01 -45.15
SE MSE E 247 31.35 -16.96 -44.01
CE MSE E 247 29.89 -15.56 -44.09
N ALA E 248 35.58 -12.79 -43.69
CA ALA E 248 36.03 -11.55 -43.07
C ALA E 248 36.85 -10.69 -44.04
N GLN E 249 37.69 -11.33 -44.84
CA GLN E 249 38.71 -10.63 -45.61
C GLN E 249 38.37 -10.27 -47.05
N HIS E 250 37.28 -10.83 -47.57
CA HIS E 250 36.86 -10.61 -48.96
C HIS E 250 35.37 -10.24 -49.05
N ASP E 251 35.03 -9.41 -50.04
CA ASP E 251 33.65 -9.32 -50.49
C ASP E 251 33.34 -10.63 -51.20
N LEU E 252 32.05 -10.96 -51.31
CA LEU E 252 31.59 -12.17 -51.98
C LEU E 252 32.09 -12.26 -53.43
N TYR E 253 32.08 -11.12 -54.11
CA TYR E 253 32.62 -10.98 -55.47
C TYR E 253 33.55 -9.77 -55.50
N GLU E 254 34.69 -9.89 -56.16
CA GLU E 254 35.64 -8.77 -56.26
C GLU E 254 36.04 -8.53 -57.70
N GLY F 1 24.20 -31.92 -9.49
CA GLY F 1 25.02 -32.55 -10.56
C GLY F 1 24.11 -33.04 -11.66
N MSE F 2 24.73 -33.47 -12.76
CA MSE F 2 23.99 -33.93 -13.95
C MSE F 2 22.81 -34.86 -13.61
O MSE F 2 23.02 -35.90 -12.97
CB MSE F 2 24.95 -34.70 -14.85
CG MSE F 2 24.30 -35.43 -16.01
SE MSE F 2 25.66 -36.09 -17.22
CE MSE F 2 26.79 -34.39 -17.22
N ASN F 3 21.61 -34.49 -14.04
CA ASN F 3 20.41 -35.31 -13.82
C ASN F 3 19.62 -35.56 -15.11
N LYS F 4 19.87 -36.73 -15.72
CA LYS F 4 19.25 -37.10 -17.00
C LYS F 4 17.77 -37.41 -16.84
N GLU F 5 17.33 -37.62 -15.61
CA GLU F 5 15.92 -37.96 -15.36
C GLU F 5 14.96 -36.77 -15.55
N VAL F 6 15.43 -35.58 -15.16
CA VAL F 6 14.59 -34.38 -15.19
C VAL F 6 15.19 -33.19 -16.00
N ASP F 7 16.43 -33.30 -16.49
CA ASP F 7 17.08 -32.18 -17.25
C ASP F 7 17.36 -32.62 -18.69
N LEU F 8 16.50 -32.20 -19.62
CA LEU F 8 16.58 -32.66 -21.00
C LEU F 8 17.88 -32.23 -21.69
N SER F 9 18.44 -31.11 -21.24
CA SER F 9 19.73 -30.65 -21.76
C SER F 9 20.90 -31.64 -21.63
N VAL F 10 20.83 -32.57 -20.68
CA VAL F 10 21.83 -33.59 -20.53
C VAL F 10 21.29 -35.02 -20.74
N SER F 11 19.99 -35.17 -21.02
CA SER F 11 19.33 -36.47 -21.04
C SER F 11 19.37 -37.19 -22.41
N CYS F 12 19.00 -38.48 -22.42
CA CYS F 12 18.95 -39.24 -23.67
C CYS F 12 17.76 -40.16 -23.65
N LEU F 13 17.36 -40.64 -24.82
CA LEU F 13 16.17 -41.44 -24.94
C LEU F 13 16.18 -42.67 -24.01
N GLY F 14 17.34 -43.31 -23.85
CA GLY F 14 17.44 -44.54 -23.04
C GLY F 14 17.01 -44.33 -21.60
N LYS F 15 17.38 -43.17 -21.06
CA LYS F 15 17.04 -42.81 -19.69
C LYS F 15 15.57 -42.40 -19.54
N VAL F 16 14.99 -41.80 -20.56
CA VAL F 16 13.63 -41.28 -20.40
C VAL F 16 12.53 -42.22 -20.88
N LYS F 17 12.85 -43.16 -21.77
CA LYS F 17 11.80 -43.86 -22.51
C LYS F 17 10.88 -44.81 -21.68
N GLU F 18 11.33 -45.27 -20.53
CA GLU F 18 10.46 -46.14 -19.71
C GLU F 18 9.88 -45.46 -18.43
N LEU F 19 9.91 -44.13 -18.42
CA LEU F 19 9.51 -43.38 -17.23
C LEU F 19 8.29 -42.57 -17.53
N LYS F 20 7.45 -42.42 -16.51
CA LYS F 20 6.23 -41.62 -16.61
C LYS F 20 6.51 -40.20 -16.20
N TYR F 21 6.20 -39.25 -17.07
CA TYR F 21 6.34 -37.84 -16.74
C TYR F 21 4.97 -37.22 -16.58
N ASP F 22 4.82 -36.43 -15.54
CA ASP F 22 3.55 -35.79 -15.17
C ASP F 22 3.45 -34.35 -15.68
N VAL F 23 4.50 -33.56 -15.42
CA VAL F 23 4.51 -32.14 -15.81
C VAL F 23 5.73 -31.83 -16.63
N ILE F 24 5.58 -30.95 -17.64
CA ILE F 24 6.73 -30.45 -18.45
C ILE F 24 6.99 -29.01 -18.03
N ILE F 25 8.26 -28.66 -17.90
CA ILE F 25 8.63 -27.29 -17.53
C ILE F 25 9.43 -26.73 -18.67
N LEU F 26 8.99 -25.60 -19.21
CA LEU F 26 9.70 -24.91 -20.27
C LEU F 26 10.34 -23.63 -19.73
N PRO F 27 11.67 -23.66 -19.50
CA PRO F 27 12.32 -22.41 -19.17
C PRO F 27 12.41 -21.51 -20.43
N TRP F 28 12.09 -20.24 -20.26
CA TRP F 28 12.08 -19.31 -21.37
C TRP F 28 12.79 -18.06 -20.96
N GLY F 29 13.87 -17.81 -21.68
CA GLY F 29 14.79 -16.75 -21.38
C GLY F 29 14.88 -15.64 -22.41
N ALA F 30 16.11 -15.21 -22.64
CA ALA F 30 16.45 -14.11 -23.53
C ALA F 30 17.95 -14.19 -23.77
N THR F 31 18.39 -13.57 -24.88
CA THR F 31 19.79 -13.35 -25.20
C THR F 31 19.99 -11.81 -25.12
N GLU F 32 20.61 -11.37 -24.03
CA GLU F 32 20.45 -10.01 -23.53
C GLU F 32 21.61 -9.62 -22.63
N PRO F 33 22.25 -8.48 -22.92
CA PRO F 33 23.28 -7.98 -22.03
C PRO F 33 22.70 -7.71 -20.61
N HIS F 34 23.49 -8.05 -19.59
CA HIS F 34 23.13 -7.92 -18.18
C HIS F 34 24.20 -7.15 -17.44
N ASN F 35 24.13 -5.82 -17.47
CA ASN F 35 25.23 -4.99 -16.99
C ASN F 35 26.49 -5.46 -17.75
N LEU F 36 27.68 -5.29 -17.16
CA LEU F 36 28.90 -5.73 -17.80
C LEU F 36 29.34 -7.07 -17.34
N HIS F 37 28.73 -7.60 -16.28
CA HIS F 37 29.34 -8.71 -15.53
C HIS F 37 28.58 -10.03 -15.60
N LEU F 38 27.30 -10.00 -16.00
CA LEU F 38 26.54 -11.26 -16.04
C LEU F 38 26.45 -11.78 -17.47
N PRO F 39 26.26 -13.09 -17.61
CA PRO F 39 26.11 -13.70 -18.91
C PRO F 39 24.92 -13.22 -19.73
N TYR F 40 25.15 -13.14 -21.05
CA TYR F 40 24.09 -12.92 -22.05
C TYR F 40 22.91 -13.87 -21.91
N LEU F 41 23.17 -15.08 -21.43
CA LEU F 41 22.10 -16.08 -21.23
C LEU F 41 21.58 -16.23 -19.83
N THR F 42 21.84 -15.26 -18.96
CA THR F 42 21.31 -15.23 -17.57
C THR F 42 19.84 -15.59 -17.47
N ASP F 43 19.01 -15.06 -18.36
CA ASP F 43 17.55 -15.32 -18.30
C ASP F 43 17.13 -16.70 -18.71
N CYS F 44 18.03 -17.46 -19.33
CA CYS F 44 17.83 -18.88 -19.62
C CYS F 44 18.39 -19.75 -18.49
N ILE F 45 19.59 -19.43 -18.05
CA ILE F 45 20.32 -20.21 -17.07
C ILE F 45 19.60 -20.29 -15.74
N LEU F 46 19.14 -19.15 -15.22
CA LEU F 46 18.53 -19.11 -13.91
C LEU F 46 17.24 -19.91 -13.78
N PRO F 47 16.25 -19.70 -14.69
CA PRO F 47 15.07 -20.59 -14.61
C PRO F 47 15.32 -22.06 -14.87
N HIS F 48 16.29 -22.39 -15.73
CA HIS F 48 16.64 -23.79 -15.96
C HIS F 48 17.12 -24.42 -14.63
N ASP F 49 18.09 -23.77 -13.99
CA ASP F 49 18.65 -24.29 -12.71
C ASP F 49 17.62 -24.37 -11.58
N ILE F 50 16.79 -23.32 -11.42
CA ILE F 50 15.68 -23.38 -10.46
C ILE F 50 14.71 -24.52 -10.75
N ALA F 51 14.30 -24.65 -12.00
CA ALA F 51 13.30 -25.67 -12.37
C ALA F 51 13.81 -27.08 -12.18
N VAL F 52 15.07 -27.32 -12.51
CA VAL F 52 15.69 -28.65 -12.28
C VAL F 52 15.73 -28.96 -10.76
N GLU F 53 16.14 -27.99 -9.97
CA GLU F 53 16.13 -28.14 -8.51
C GLU F 53 14.72 -28.45 -7.97
N ALA F 54 13.70 -27.76 -8.47
CA ALA F 54 12.33 -28.00 -8.00
C ALA F 54 11.81 -29.34 -8.50
N ALA F 55 12.20 -29.74 -9.71
CA ALA F 55 11.85 -31.06 -10.26
C ALA F 55 12.44 -32.18 -9.39
N GLU F 56 13.69 -32.01 -8.99
CA GLU F 56 14.37 -32.96 -8.14
C GLU F 56 13.69 -33.05 -6.78
N LEU F 57 13.30 -31.90 -6.22
CA LEU F 57 12.57 -31.89 -4.95
C LEU F 57 11.20 -32.57 -5.07
N ALA F 58 10.43 -32.27 -6.11
CA ALA F 58 9.12 -32.91 -6.27
C ALA F 58 9.26 -34.41 -6.42
N LEU F 59 10.29 -34.86 -7.14
CA LEU F 59 10.50 -36.29 -7.35
C LEU F 59 10.88 -36.98 -6.04
N SER F 60 11.83 -36.43 -5.29
CA SER F 60 12.29 -37.10 -4.09
C SER F 60 11.23 -37.11 -2.99
N ARG F 61 10.45 -36.03 -2.94
CA ARG F 61 9.41 -35.81 -1.95
C ARG F 61 8.07 -36.50 -2.24
N SER F 62 7.63 -36.54 -3.49
CA SER F 62 6.30 -37.08 -3.83
C SER F 62 6.27 -38.12 -4.93
N GLY F 63 7.41 -38.38 -5.56
CA GLY F 63 7.42 -39.28 -6.71
C GLY F 63 6.78 -38.66 -7.97
N VAL F 64 6.55 -37.36 -7.94
CA VAL F 64 6.03 -36.67 -9.11
C VAL F 64 7.24 -36.32 -9.99
N ARG F 65 7.19 -36.76 -11.25
CA ARG F 65 8.32 -36.64 -12.18
C ARG F 65 8.05 -35.65 -13.29
N CYS F 66 8.88 -34.61 -13.35
CA CYS F 66 8.75 -33.55 -14.33
C CYS F 66 9.97 -33.52 -15.25
N MSE F 67 9.76 -33.09 -16.48
CA MSE F 67 10.88 -32.89 -17.39
C MSE F 67 11.11 -31.42 -17.57
O MSE F 67 10.22 -30.70 -17.98
CB MSE F 67 10.57 -33.49 -18.76
CG MSE F 67 11.74 -33.44 -19.75
SE MSE F 67 13.47 -34.03 -19.04
CE MSE F 67 13.57 -35.89 -19.72
N VAL F 68 12.35 -30.99 -17.37
CA VAL F 68 12.76 -29.64 -17.73
C VAL F 68 13.36 -29.60 -19.14
N MSE F 69 12.66 -28.89 -20.03
CA MSE F 69 13.05 -28.76 -21.39
C MSE F 69 14.27 -27.79 -21.57
O MSE F 69 14.65 -27.05 -20.66
CB MSE F 69 11.86 -28.29 -22.23
CG MSE F 69 10.64 -29.18 -22.19
SE MSE F 69 10.90 -30.92 -23.04
CE MSE F 69 11.22 -30.30 -25.01
N PRO F 70 14.90 -27.82 -22.76
CA PRO F 70 15.95 -26.84 -22.99
C PRO F 70 15.40 -25.41 -22.93
N PRO F 71 16.13 -24.50 -22.31
CA PRO F 71 15.64 -23.11 -22.29
C PRO F 71 15.46 -22.43 -23.68
N VAL F 72 14.45 -21.59 -23.85
CA VAL F 72 14.24 -20.89 -25.09
C VAL F 72 14.99 -19.57 -24.97
N PRO F 73 15.97 -19.31 -25.85
CA PRO F 73 16.75 -18.10 -25.66
C PRO F 73 16.21 -16.88 -26.43
N PHE F 74 14.90 -16.85 -26.71
CA PHE F 74 14.31 -15.82 -27.58
C PHE F 74 13.35 -14.97 -26.76
N GLY F 75 13.88 -13.82 -26.31
CA GLY F 75 13.17 -12.82 -25.51
C GLY F 75 12.63 -11.67 -26.32
N ALA F 76 11.64 -10.97 -25.74
CA ALA F 76 11.09 -9.72 -26.25
C ALA F 76 11.77 -8.58 -25.51
N HIS F 77 12.37 -7.67 -26.27
CA HIS F 77 13.23 -6.61 -25.74
C HIS F 77 12.76 -5.20 -26.04
N ASN F 78 13.42 -4.23 -25.38
CA ASN F 78 12.95 -2.85 -25.41
C ASN F 78 13.71 -2.01 -26.41
N PRO F 79 13.15 -0.82 -26.69
CA PRO F 79 13.91 0.13 -27.48
C PRO F 79 15.28 0.45 -26.86
N GLY F 80 16.29 0.53 -27.71
CA GLY F 80 17.66 0.74 -27.28
C GLY F 80 18.43 -0.53 -26.96
N GLN F 81 17.77 -1.65 -26.73
CA GLN F 81 18.45 -2.91 -26.44
C GLN F 81 18.88 -3.67 -27.68
N ARG F 82 18.11 -3.56 -28.75
CA ARG F 82 18.39 -4.29 -29.96
C ARG F 82 19.75 -3.88 -30.58
N GLU F 83 20.12 -2.61 -30.43
CA GLU F 83 21.38 -2.09 -30.90
C GLU F 83 22.60 -2.54 -30.06
N LEU F 84 22.37 -3.11 -28.87
CA LEU F 84 23.50 -3.63 -28.10
C LEU F 84 23.94 -4.95 -28.73
N PRO F 85 25.27 -5.15 -28.88
CA PRO F 85 25.76 -6.29 -29.62
C PRO F 85 25.29 -7.63 -29.05
N PHE F 86 24.77 -8.46 -29.96
CA PHE F 86 24.34 -9.82 -29.72
C PHE F 86 23.03 -9.96 -28.95
N CYS F 87 22.35 -8.86 -28.70
CA CYS F 87 21.01 -8.90 -28.10
C CYS F 87 20.03 -9.22 -29.25
N ILE F 88 19.15 -10.20 -29.03
CA ILE F 88 18.24 -10.64 -30.09
C ILE F 88 16.78 -10.37 -29.70
N HIS F 89 16.14 -9.38 -30.35
CA HIS F 89 14.72 -9.12 -30.09
C HIS F 89 13.90 -10.17 -30.86
N THR F 90 12.98 -10.80 -30.18
CA THR F 90 12.06 -11.70 -30.81
C THR F 90 10.67 -11.10 -30.84
N ARG F 91 10.04 -11.07 -32.02
CA ARG F 91 8.64 -10.64 -32.13
C ARG F 91 7.71 -11.61 -31.42
N TYR F 92 6.61 -11.08 -30.89
CA TYR F 92 5.60 -11.89 -30.21
C TYR F 92 5.12 -13.04 -31.10
N ALA F 93 4.93 -12.79 -32.40
CA ALA F 93 4.44 -13.82 -33.33
C ALA F 93 5.43 -14.96 -33.47
N THR F 94 6.71 -14.63 -33.39
CA THR F 94 7.77 -15.62 -33.51
C THR F 94 7.73 -16.49 -32.27
N GLN F 95 7.59 -15.87 -31.09
CA GLN F 95 7.47 -16.60 -29.83
C GLN F 95 6.26 -17.50 -29.85
N GLN F 96 5.16 -16.98 -30.36
CA GLN F 96 3.93 -17.75 -30.39
C GLN F 96 4.09 -18.95 -31.31
N ALA F 97 4.75 -18.79 -32.42
CA ALA F 97 5.02 -19.89 -33.32
C ALA F 97 5.84 -20.96 -32.63
N ILE F 98 6.84 -20.54 -31.85
CA ILE F 98 7.67 -21.46 -31.08
C ILE F 98 6.82 -22.29 -30.12
N LEU F 99 6.01 -21.61 -29.30
CA LEU F 99 5.15 -22.29 -28.30
C LEU F 99 4.13 -23.20 -28.96
N GLU F 100 3.53 -22.75 -30.05
CA GLU F 100 2.67 -23.62 -30.87
C GLU F 100 3.36 -24.89 -31.25
N ASP F 101 4.60 -24.80 -31.71
CA ASP F 101 5.32 -26.01 -32.17
C ASP F 101 5.67 -26.93 -31.01
N ILE F 102 6.03 -26.36 -29.86
CA ILE F 102 6.35 -27.14 -28.67
C ILE F 102 5.12 -27.88 -28.16
N VAL F 103 4.01 -27.17 -28.04
CA VAL F 103 2.75 -27.73 -27.54
C VAL F 103 2.16 -28.80 -28.48
N SER F 104 2.17 -28.53 -29.78
CA SER F 104 1.78 -29.51 -30.76
C SER F 104 2.52 -30.84 -30.57
N SER F 105 3.83 -30.76 -30.48
CA SER F 105 4.68 -31.94 -30.27
C SER F 105 4.39 -32.64 -28.95
N LEU F 106 4.45 -31.89 -27.86
CA LEU F 106 4.14 -32.47 -26.53
C LEU F 106 2.73 -33.11 -26.47
N HIS F 107 1.76 -32.50 -27.14
CA HIS F 107 0.42 -33.05 -27.17
C HIS F 107 0.37 -34.39 -27.91
N VAL F 108 1.02 -34.49 -29.06
CA VAL F 108 1.10 -35.75 -29.79
C VAL F 108 1.72 -36.83 -28.92
N GLN F 109 2.68 -36.43 -28.09
CA GLN F 109 3.41 -37.37 -27.22
C GLN F 109 2.61 -37.86 -26.02
N GLY F 110 1.45 -37.24 -25.74
CA GLY F 110 0.54 -37.64 -24.66
C GLY F 110 0.55 -36.73 -23.44
N PHE F 111 1.39 -35.69 -23.47
CA PHE F 111 1.50 -34.77 -22.36
C PHE F 111 0.36 -33.77 -22.37
N ARG F 112 -0.03 -33.34 -21.18
CA ARG F 112 -1.18 -32.46 -21.02
C ARG F 112 -1.00 -31.35 -20.02
N LYS F 113 0.19 -31.16 -19.46
CA LYS F 113 0.42 -30.13 -18.48
C LYS F 113 1.81 -29.52 -18.68
N LEU F 114 1.85 -28.19 -18.80
CA LEU F 114 3.09 -27.49 -19.08
C LEU F 114 3.16 -26.24 -18.24
N LEU F 115 4.31 -25.99 -17.62
CA LEU F 115 4.59 -24.70 -17.00
C LEU F 115 5.68 -24.02 -17.78
N ILE F 116 5.42 -22.78 -18.19
CA ILE F 116 6.44 -21.90 -18.75
C ILE F 116 7.07 -21.12 -17.60
N LEU F 117 8.35 -21.36 -17.32
CA LEU F 117 9.06 -20.65 -16.27
C LEU F 117 10.00 -19.61 -16.91
N SER F 118 9.57 -18.36 -16.89
CA SER F 118 10.31 -17.31 -17.56
C SER F 118 11.39 -16.72 -16.67
N GLY F 119 12.51 -16.38 -17.31
CA GLY F 119 13.59 -15.65 -16.67
C GLY F 119 13.65 -14.21 -17.10
N HIS F 120 12.76 -13.81 -18.00
CA HIS F 120 12.80 -12.47 -18.57
C HIS F 120 11.43 -11.76 -18.45
N GLY F 121 11.39 -10.65 -17.73
CA GLY F 121 10.14 -9.92 -17.49
C GLY F 121 9.51 -9.28 -18.73
N GLY F 122 10.30 -9.12 -19.80
CA GLY F 122 9.83 -8.69 -21.12
C GLY F 122 8.98 -9.70 -21.83
N ASN F 123 9.07 -10.99 -21.45
CA ASN F 123 8.21 -12.01 -21.99
C ASN F 123 6.82 -12.00 -21.34
N ASN F 124 5.80 -12.13 -22.18
CA ASN F 124 4.39 -12.13 -21.78
C ASN F 124 3.69 -13.24 -22.55
N PHE F 125 3.09 -14.19 -21.83
CA PHE F 125 2.53 -15.39 -22.39
C PHE F 125 1.04 -15.54 -22.26
N LYS F 126 0.34 -14.58 -21.65
CA LYS F 126 -1.08 -14.73 -21.39
C LYS F 126 -1.91 -14.85 -22.65
N GLY F 127 -1.65 -14.00 -23.64
CA GLY F 127 -2.34 -14.10 -24.94
C GLY F 127 -2.13 -15.43 -25.67
N MSE F 128 -0.89 -15.93 -25.70
CA MSE F 128 -0.58 -17.20 -26.36
C MSE F 128 -1.33 -18.35 -25.69
O MSE F 128 -1.80 -19.25 -26.35
CB MSE F 128 0.89 -17.50 -26.26
CG MSE F 128 1.80 -16.53 -26.93
SE MSE F 128 3.68 -16.95 -26.73
CE MSE F 128 4.18 -15.12 -26.67
N ILE F 129 -1.36 -18.31 -24.36
CA ILE F 129 -2.02 -19.32 -23.55
C ILE F 129 -3.53 -19.30 -23.80
N ARG F 130 -4.13 -18.11 -23.75
CA ARG F 130 -5.55 -17.98 -24.11
C ARG F 130 -5.82 -18.59 -25.48
N ASP F 131 -5.04 -18.21 -26.49
CA ASP F 131 -5.27 -18.75 -27.85
C ASP F 131 -5.06 -20.28 -27.96
N LEU F 132 -4.05 -20.80 -27.27
CA LEU F 132 -3.78 -22.24 -27.27
C LEU F 132 -4.82 -23.01 -26.48
N ALA F 133 -5.48 -22.34 -25.52
CA ALA F 133 -6.55 -22.96 -24.69
C ALA F 133 -7.75 -23.41 -25.52
N PHE F 134 -8.00 -22.72 -26.63
CA PHE F 134 -9.08 -23.06 -27.53
C PHE F 134 -8.66 -24.13 -28.55
N GLU F 135 -7.40 -24.11 -28.97
CA GLU F 135 -6.89 -25.10 -29.92
C GLU F 135 -6.66 -26.44 -29.26
N TYR F 136 -6.18 -26.44 -28.01
CA TYR F 136 -5.87 -27.65 -27.26
C TYR F 136 -6.56 -27.56 -25.90
N PRO F 137 -7.91 -27.74 -25.87
CA PRO F 137 -8.69 -27.59 -24.62
C PRO F 137 -8.36 -28.62 -23.49
N ASP F 138 -7.67 -29.70 -23.81
CA ASP F 138 -7.24 -30.70 -22.84
C ASP F 138 -5.79 -30.50 -22.32
N PHE F 139 -5.14 -29.41 -22.72
CA PHE F 139 -3.71 -29.18 -22.43
C PHE F 139 -3.59 -27.97 -21.50
N LEU F 140 -3.13 -28.18 -20.29
CA LEU F 140 -3.01 -27.13 -19.30
C LEU F 140 -1.65 -26.43 -19.45
N ILE F 141 -1.64 -25.12 -19.67
CA ILE F 141 -0.42 -24.32 -19.72
C ILE F 141 -0.49 -23.21 -18.67
N ALA F 142 0.44 -23.24 -17.70
CA ALA F 142 0.63 -22.16 -16.73
C ALA F 142 1.87 -21.34 -17.09
N ALA F 143 1.97 -20.11 -16.58
CA ALA F 143 3.16 -19.28 -16.76
C ALA F 143 3.53 -18.58 -15.47
N ALA F 144 4.84 -18.48 -15.21
CA ALA F 144 5.36 -17.72 -14.06
C ALA F 144 6.71 -17.16 -14.41
N ASN F 145 7.03 -15.98 -13.88
CA ASN F 145 8.41 -15.51 -13.79
C ASN F 145 9.03 -16.13 -12.52
N TRP F 146 10.23 -16.75 -12.58
CA TRP F 146 10.83 -17.35 -11.37
C TRP F 146 10.99 -16.28 -10.28
N PHE F 147 11.27 -15.04 -10.67
CA PHE F 147 11.63 -14.01 -9.71
C PHE F 147 10.40 -13.33 -9.11
N GLU F 148 9.21 -13.82 -9.44
CA GLU F 148 7.96 -13.40 -8.81
C GLU F 148 7.34 -14.46 -7.91
N VAL F 149 7.91 -15.65 -7.88
CA VAL F 149 7.37 -16.72 -7.05
C VAL F 149 7.48 -16.32 -5.57
N VAL F 150 8.61 -15.68 -5.22
CA VAL F 150 8.86 -15.07 -3.91
C VAL F 150 9.40 -13.68 -4.20
N SER F 151 8.91 -12.66 -3.50
CA SER F 151 9.42 -11.28 -3.66
C SER F 151 10.86 -11.16 -3.16
N PRO F 152 11.71 -10.45 -3.90
CA PRO F 152 13.10 -10.27 -3.50
C PRO F 152 13.25 -9.33 -2.32
N LYS F 153 12.25 -8.48 -2.14
CA LYS F 153 12.22 -7.59 -1.00
C LYS F 153 12.37 -8.39 0.31
N GLY F 154 13.30 -7.94 1.14
CA GLY F 154 13.78 -8.72 2.30
C GLY F 154 15.07 -9.50 2.06
N TYR F 155 15.24 -10.06 0.86
CA TYR F 155 16.39 -10.94 0.58
C TYR F 155 17.64 -10.18 0.11
N PHE F 156 17.44 -8.93 -0.32
CA PHE F 156 18.50 -8.12 -0.90
C PHE F 156 18.40 -6.69 -0.38
N GLU F 157 19.52 -5.96 -0.46
CA GLU F 157 19.61 -4.61 0.10
C GLU F 157 19.25 -3.53 -0.91
N ALA F 158 19.82 -3.60 -2.12
CA ALA F 158 19.57 -2.57 -3.12
C ALA F 158 18.07 -2.39 -3.34
N GLU F 159 17.65 -1.14 -3.39
CA GLU F 159 16.21 -0.84 -3.52
C GLU F 159 15.79 -0.91 -4.99
N ILE F 160 16.62 -0.34 -5.88
CA ILE F 160 16.45 -0.52 -7.31
C ILE F 160 17.18 -1.83 -7.72
N ASP F 161 16.42 -2.72 -8.34
CA ASP F 161 16.91 -4.05 -8.68
C ASP F 161 15.97 -4.65 -9.71
N ASP F 162 16.02 -4.12 -10.94
CA ASP F 162 15.15 -4.58 -12.02
C ASP F 162 15.87 -5.47 -13.05
N HIS F 163 17.15 -5.22 -13.33
CA HIS F 163 17.84 -5.98 -14.37
C HIS F 163 19.33 -6.10 -14.08
N ALA F 164 19.82 -7.34 -13.95
CA ALA F 164 21.26 -7.58 -13.71
C ALA F 164 21.70 -6.94 -12.38
N GLY F 165 20.79 -6.87 -11.43
CA GLY F 165 21.00 -6.16 -10.19
C GLY F 165 21.45 -7.12 -9.13
N GLU F 166 21.12 -6.83 -7.89
CA GLU F 166 21.65 -7.59 -6.77
C GLU F 166 21.11 -8.97 -6.75
N SER F 167 19.82 -9.13 -6.98
CA SER F 167 19.16 -10.41 -6.93
C SER F 167 19.61 -11.37 -8.03
N GLU F 168 19.60 -10.89 -9.29
CA GLU F 168 20.03 -11.74 -10.39
C GLU F 168 21.51 -12.08 -10.25
N THR F 169 22.32 -11.11 -9.82
CA THR F 169 23.76 -11.38 -9.63
C THR F 169 23.98 -12.40 -8.53
N SER F 170 23.26 -12.28 -7.42
CA SER F 170 23.42 -13.20 -6.29
C SER F 170 23.07 -14.60 -6.70
N VAL F 171 21.96 -14.77 -7.41
CA VAL F 171 21.49 -16.10 -7.78
C VAL F 171 22.46 -16.72 -8.80
N MSE F 172 23.04 -15.92 -9.69
CA MSE F 172 24.08 -16.42 -10.62
C MSE F 172 25.32 -16.83 -9.81
O MSE F 172 25.93 -17.85 -10.11
CB MSE F 172 24.48 -15.38 -11.66
CG MSE F 172 25.41 -15.90 -12.74
SE MSE F 172 24.61 -17.42 -13.79
CE MSE F 172 23.17 -16.52 -14.79
N MSE F 173 25.71 -16.03 -8.82
CA MSE F 173 26.89 -16.34 -8.02
C MSE F 173 26.72 -17.66 -7.31
O MSE F 173 27.69 -18.41 -7.15
CB MSE F 173 27.21 -15.22 -7.03
CG MSE F 173 27.83 -14.00 -7.67
SE MSE F 173 27.88 -12.48 -6.43
CE MSE F 173 29.60 -12.89 -5.33
N HIS F 174 25.49 -17.95 -6.90
CA HIS F 174 25.16 -19.23 -6.27
C HIS F 174 25.25 -20.40 -7.22
N TYR F 175 24.51 -20.31 -8.31
CA TYR F 175 24.43 -21.41 -9.26
C TYR F 175 25.65 -21.54 -10.15
N HIS F 176 26.19 -20.44 -10.66
CA HIS F 176 27.35 -20.50 -11.56
C HIS F 176 28.37 -19.42 -11.23
N PRO F 177 29.08 -19.57 -10.11
CA PRO F 177 30.08 -18.60 -9.73
C PRO F 177 31.20 -18.32 -10.77
N GLU F 178 31.52 -19.32 -11.57
CA GLU F 178 32.50 -19.23 -12.63
C GLU F 178 32.06 -18.32 -13.79
N LEU F 179 30.77 -17.97 -13.87
CA LEU F 179 30.24 -17.19 -14.98
C LEU F 179 30.16 -15.71 -14.66
N VAL F 180 30.43 -15.33 -13.42
CA VAL F 180 30.27 -13.94 -13.00
C VAL F 180 31.49 -13.41 -12.23
N ASN F 181 32.08 -12.32 -12.71
CA ASN F 181 33.13 -11.63 -11.99
C ASN F 181 32.55 -10.31 -11.53
N LEU F 182 32.09 -10.29 -10.27
CA LEU F 182 31.46 -9.10 -9.70
C LEU F 182 32.29 -7.83 -9.87
N ALA F 183 33.64 -7.94 -9.82
CA ALA F 183 34.53 -6.77 -9.99
C ALA F 183 34.38 -6.07 -11.34
N GLU F 184 33.75 -6.75 -12.28
CA GLU F 184 33.51 -6.17 -13.61
C GLU F 184 32.23 -5.34 -13.74
N ALA F 185 31.37 -5.39 -12.72
CA ALA F 185 30.08 -4.72 -12.72
C ALA F 185 30.19 -3.19 -12.75
N GLY F 186 29.29 -2.55 -13.48
CA GLY F 186 29.02 -1.14 -13.32
C GLY F 186 27.94 -0.95 -12.26
N ASP F 187 27.65 0.31 -11.93
CA ASP F 187 26.68 0.63 -10.86
C ASP F 187 25.24 0.43 -11.29
N GLY F 188 24.99 0.19 -12.57
CA GLY F 188 23.62 0.01 -13.03
C GLY F 188 22.73 1.22 -12.79
N GLU F 189 23.31 2.42 -12.90
CA GLU F 189 22.53 3.64 -12.72
C GLU F 189 21.43 3.72 -13.81
N SER F 190 20.22 4.12 -13.40
CA SER F 190 19.07 4.26 -14.29
C SER F 190 18.42 5.66 -14.20
N LYS F 191 17.74 6.04 -15.27
CA LYS F 191 17.18 7.36 -15.41
C LYS F 191 15.68 7.15 -15.66
N PRO F 192 14.82 7.90 -14.95
CA PRO F 192 13.38 7.73 -15.14
C PRO F 192 12.89 8.47 -16.37
N PHE F 193 11.61 8.32 -16.68
CA PHE F 193 10.95 9.08 -17.76
C PHE F 193 10.82 10.54 -17.35
N ALA F 194 10.74 11.43 -18.35
CA ALA F 194 10.45 12.85 -18.14
C ALA F 194 8.94 13.13 -18.04
N ILE F 195 8.13 12.11 -18.34
CA ILE F 195 6.66 12.14 -18.19
C ILE F 195 6.26 11.52 -16.83
N ALA F 196 5.97 12.37 -15.82
CA ALA F 196 5.80 11.90 -14.42
C ALA F 196 4.80 10.75 -14.25
N SER F 197 3.64 10.89 -14.90
CA SER F 197 2.57 9.88 -14.85
C SER F 197 3.04 8.50 -15.28
N LEU F 198 4.03 8.45 -16.18
CA LEU F 198 4.60 7.15 -16.56
C LEU F 198 5.50 6.61 -15.46
N ASN F 199 6.19 7.49 -14.74
CA ASN F 199 6.99 7.04 -13.58
C ASN F 199 6.04 6.54 -12.46
N GLU F 200 4.90 7.22 -12.33
CA GLU F 200 3.88 6.87 -11.36
C GLU F 200 3.09 5.64 -11.76
N LYS F 201 3.22 5.20 -13.01
CA LYS F 201 2.53 4.01 -13.52
C LYS F 201 1.02 4.16 -13.74
N VAL F 202 0.59 5.38 -14.08
CA VAL F 202 -0.81 5.62 -14.56
C VAL F 202 -1.00 4.84 -15.88
N ALA F 203 0.03 4.84 -16.72
CA ALA F 203 0.09 4.02 -17.92
C ALA F 203 1.51 3.42 -18.09
N TRP F 204 1.65 2.48 -19.03
CA TRP F 204 2.91 1.78 -19.28
C TRP F 204 3.49 2.08 -20.66
N VAL F 205 4.77 2.45 -20.67
CA VAL F 205 5.61 2.58 -21.85
C VAL F 205 6.86 1.74 -21.53
N PRO F 206 7.47 1.11 -22.56
CA PRO F 206 8.74 0.44 -22.28
C PRO F 206 9.88 1.44 -22.00
N ARG F 207 10.72 1.10 -21.04
CA ARG F 207 11.96 1.81 -20.81
C ARG F 207 12.80 1.78 -22.09
N HIS F 208 13.39 2.92 -22.45
CA HIS F 208 14.36 2.97 -23.53
C HIS F 208 15.76 2.79 -22.94
N TRP F 209 16.41 1.69 -23.29
CA TRP F 209 17.67 1.30 -22.69
C TRP F 209 18.78 2.30 -23.00
N ASP F 210 18.74 2.86 -24.21
CA ASP F 210 19.72 3.89 -24.64
C ASP F 210 19.64 5.19 -23.84
N LYS F 211 18.45 5.54 -23.39
CA LYS F 211 18.26 6.77 -22.62
C LYS F 211 18.37 6.51 -21.13
N ALA F 212 17.95 5.32 -20.69
CA ALA F 212 17.72 5.01 -19.28
C ALA F 212 18.90 4.38 -18.54
N THR F 213 19.88 3.81 -19.26
CA THR F 213 20.94 3.00 -18.69
CA THR F 213 20.98 3.14 -18.59
C THR F 213 22.32 3.29 -19.31
N VAL F 214 23.37 3.13 -18.53
CA VAL F 214 24.73 3.42 -18.95
C VAL F 214 25.47 2.12 -19.30
N ASP F 215 25.33 1.12 -18.46
CA ASP F 215 26.03 -0.17 -18.65
C ASP F 215 25.10 -1.34 -19.01
N SER F 216 23.82 -1.03 -19.26
CA SER F 216 22.75 -1.99 -19.61
C SER F 216 22.10 -2.62 -18.38
N GLY F 217 22.66 -2.40 -17.20
CA GLY F 217 22.02 -2.84 -15.96
C GLY F 217 21.05 -1.80 -15.44
N VAL F 218 20.05 -2.27 -14.71
CA VAL F 218 19.13 -1.40 -13.95
C VAL F 218 19.16 -1.87 -12.49
N GLY F 219 19.99 -1.21 -11.66
CA GLY F 219 20.20 -1.60 -10.27
C GLY F 219 21.67 -1.90 -9.99
N ASN F 220 22.16 -1.41 -8.83
CA ASN F 220 23.52 -1.68 -8.36
C ASN F 220 23.61 -3.10 -7.79
N PRO F 221 24.44 -3.98 -8.43
CA PRO F 221 24.59 -5.37 -8.05
C PRO F 221 25.74 -5.63 -7.09
N LYS F 222 26.41 -4.59 -6.63
CA LYS F 222 27.69 -4.74 -5.96
C LYS F 222 27.69 -5.32 -4.52
N LYS F 223 26.55 -5.40 -3.84
CA LYS F 223 26.45 -6.13 -2.57
C LYS F 223 25.95 -7.56 -2.75
N ALA F 224 25.86 -8.00 -4.01
CA ALA F 224 25.52 -9.38 -4.36
C ALA F 224 26.49 -10.42 -3.71
N THR F 225 25.95 -11.53 -3.21
CA THR F 225 26.78 -12.63 -2.73
C THR F 225 26.11 -13.97 -3.08
N ALA F 226 26.89 -15.04 -3.19
CA ALA F 226 26.37 -16.38 -3.41
C ALA F 226 25.36 -16.80 -2.33
N GLU F 227 25.64 -16.46 -1.09
CA GLU F 227 24.76 -16.80 0.01
C GLU F 227 23.42 -16.09 -0.03
N LYS F 228 23.40 -14.81 -0.35
CA LYS F 228 22.11 -14.17 -0.57
C LYS F 228 21.28 -14.91 -1.64
N GLY F 229 21.92 -15.35 -2.70
CA GLY F 229 21.24 -16.04 -3.81
C GLY F 229 20.72 -17.38 -3.38
N GLU F 230 21.54 -18.11 -2.62
CA GLU F 230 21.18 -19.42 -2.08
C GLU F 230 19.95 -19.36 -1.22
N ARG F 231 19.87 -18.34 -0.38
CA ARG F 231 18.75 -18.21 0.54
C ARG F 231 17.41 -17.82 -0.13
N TYR F 232 17.49 -16.92 -1.09
CA TYR F 232 16.35 -16.54 -1.90
C TYR F 232 15.80 -17.69 -2.72
N VAL F 233 16.64 -18.55 -3.30
CA VAL F 233 16.10 -19.58 -4.19
C VAL F 233 15.46 -20.70 -3.42
N LYS F 234 15.89 -20.91 -2.17
CA LYS F 234 15.29 -21.98 -1.35
C LYS F 234 13.76 -21.95 -1.34
N PRO F 235 13.15 -20.82 -0.90
CA PRO F 235 11.68 -20.77 -0.96
C PRO F 235 11.04 -20.83 -2.38
N ILE F 236 11.72 -20.26 -3.38
CA ILE F 236 11.26 -20.29 -4.79
C ILE F 236 11.15 -21.75 -5.21
N VAL F 237 12.22 -22.50 -4.96
CA VAL F 237 12.29 -23.92 -5.31
C VAL F 237 11.22 -24.75 -4.65
N GLU F 238 10.98 -24.48 -3.37
CA GLU F 238 9.98 -25.21 -2.60
C GLU F 238 8.54 -24.92 -3.06
N LYS F 239 8.25 -23.64 -3.32
CA LYS F 239 6.94 -23.28 -3.90
C LYS F 239 6.71 -23.88 -5.29
N LEU F 240 7.72 -23.87 -6.14
CA LEU F 240 7.60 -24.44 -7.48
C LEU F 240 7.37 -25.95 -7.41
N ALA F 241 8.15 -26.62 -6.56
CA ALA F 241 7.96 -28.05 -6.31
C ALA F 241 6.51 -28.36 -5.93
N GLY F 242 5.96 -27.56 -5.02
CA GLY F 242 4.56 -27.68 -4.64
C GLY F 242 3.55 -27.52 -5.79
N LEU F 243 3.79 -26.54 -6.65
CA LEU F 243 2.99 -26.35 -7.84
C LEU F 243 3.10 -27.50 -8.81
N PHE F 244 4.33 -28.00 -9.03
CA PHE F 244 4.51 -29.20 -9.86
C PHE F 244 3.66 -30.36 -9.30
N GLU F 245 3.75 -30.60 -8.01
CA GLU F 245 3.01 -31.74 -7.41
C GLU F 245 1.50 -31.61 -7.57
N GLU F 246 0.97 -30.44 -7.27
CA GLU F 246 -0.48 -30.21 -7.38
C GLU F 246 -0.96 -30.21 -8.82
N MSE F 247 -0.17 -29.69 -9.74
CA MSE F 247 -0.49 -29.84 -11.18
C MSE F 247 -0.59 -31.29 -11.59
O MSE F 247 -1.50 -31.64 -12.34
CB MSE F 247 0.53 -29.13 -12.06
CG MSE F 247 0.38 -27.62 -12.07
SE MSE F 247 1.74 -26.77 -13.19
CE MSE F 247 1.00 -27.28 -14.96
N ALA F 248 0.33 -32.13 -11.10
CA ALA F 248 0.33 -33.57 -11.37
C ALA F 248 -0.84 -34.33 -10.74
N GLN F 249 -1.26 -33.89 -9.56
CA GLN F 249 -2.20 -34.68 -8.74
C GLN F 249 -3.67 -34.19 -8.81
N HIS F 250 -3.89 -33.02 -9.40
CA HIS F 250 -5.24 -32.47 -9.53
C HIS F 250 -5.49 -31.97 -10.92
N ASP F 251 -6.75 -32.03 -11.30
CA ASP F 251 -7.23 -31.29 -12.45
C ASP F 251 -7.42 -29.83 -12.02
N LEU F 252 -7.51 -28.96 -13.03
CA LEU F 252 -7.62 -27.52 -12.79
C LEU F 252 -8.83 -27.15 -11.92
N TYR F 253 -9.94 -27.82 -12.16
CA TYR F 253 -11.18 -27.68 -11.36
C TYR F 253 -11.68 -29.10 -11.08
N GLU F 254 -12.28 -29.31 -9.92
CA GLU F 254 -12.72 -30.65 -9.55
C GLU F 254 -14.12 -30.67 -8.93
N MSE G 2 -25.88 36.44 15.90
CA MSE G 2 -24.53 35.81 15.88
C MSE G 2 -23.44 36.88 15.79
O MSE G 2 -23.46 37.72 14.89
CB MSE G 2 -24.42 34.86 14.68
CG MSE G 2 -23.00 34.38 14.36
SE MSE G 2 -22.86 33.18 12.80
CE MSE G 2 -24.50 31.98 13.20
N ASN G 3 -22.48 36.85 16.70
CA ASN G 3 -21.46 37.89 16.74
C ASN G 3 -20.05 37.31 16.78
N LYS G 4 -19.46 37.12 15.61
CA LYS G 4 -18.12 36.53 15.52
C LYS G 4 -16.99 37.42 16.12
N GLU G 5 -17.26 38.69 16.35
CA GLU G 5 -16.26 39.53 16.99
C GLU G 5 -16.04 39.26 18.48
N VAL G 6 -17.07 38.84 19.22
CA VAL G 6 -16.97 38.73 20.69
C VAL G 6 -17.44 37.40 21.26
N ASP G 7 -17.83 36.47 20.41
CA ASP G 7 -18.37 35.18 20.84
C ASP G 7 -17.56 34.00 20.19
N LEU G 8 -16.61 33.45 20.94
CA LEU G 8 -15.69 32.50 20.33
C LEU G 8 -16.43 31.27 19.81
N SER G 9 -17.56 30.93 20.44
CA SER G 9 -18.41 29.83 20.02
C SER G 9 -18.87 29.86 18.57
N VAL G 10 -18.93 31.04 17.95
CA VAL G 10 -19.28 31.11 16.53
C VAL G 10 -18.16 31.78 15.66
N SER G 11 -17.08 32.23 16.30
CA SER G 11 -16.05 32.96 15.61
C SER G 11 -15.02 32.07 14.87
N CYS G 12 -14.19 32.71 14.07
CA CYS G 12 -13.13 32.05 13.33
C CYS G 12 -11.89 32.91 13.33
N LEU G 13 -10.72 32.32 12.99
CA LEU G 13 -9.45 33.04 13.11
C LEU G 13 -9.47 34.29 12.21
N GLY G 14 -10.04 34.17 11.01
CA GLY G 14 -10.06 35.28 10.08
C GLY G 14 -10.75 36.53 10.61
N LYS G 15 -11.72 36.35 11.50
CA LYS G 15 -12.48 37.46 12.05
C LYS G 15 -11.73 38.10 13.23
N VAL G 16 -10.96 37.33 13.96
CA VAL G 16 -10.33 37.87 15.17
C VAL G 16 -8.86 38.25 15.06
N LYS G 17 -8.17 37.77 14.02
CA LYS G 17 -6.70 37.82 14.01
C LYS G 17 -6.10 39.24 13.94
N GLU G 18 -6.78 40.17 13.29
CA GLU G 18 -6.28 41.54 13.18
C GLU G 18 -6.93 42.50 14.18
N LEU G 19 -7.69 41.99 15.15
CA LEU G 19 -8.34 42.84 16.16
C LEU G 19 -7.58 42.74 17.49
N LYS G 20 -7.63 43.84 18.26
CA LYS G 20 -7.07 43.91 19.61
C LYS G 20 -8.15 43.59 20.65
N TYR G 21 -7.86 42.70 21.59
CA TYR G 21 -8.82 42.32 22.61
C TYR G 21 -8.26 42.74 23.96
N ASP G 22 -9.10 43.38 24.74
CA ASP G 22 -8.71 43.96 26.04
C ASP G 22 -8.94 43.00 27.24
N VAL G 23 -10.11 42.35 27.27
CA VAL G 23 -10.46 41.48 28.38
C VAL G 23 -11.04 40.17 27.81
N ILE G 24 -10.76 39.06 28.49
CA ILE G 24 -11.29 37.75 28.11
C ILE G 24 -12.30 37.40 29.17
N ILE G 25 -13.44 36.90 28.71
CA ILE G 25 -14.51 36.47 29.57
C ILE G 25 -14.66 34.94 29.43
N LEU G 26 -14.74 34.28 30.57
CA LEU G 26 -14.89 32.83 30.64
C LEU G 26 -16.21 32.48 31.35
N PRO G 27 -17.24 32.12 30.58
CA PRO G 27 -18.42 31.65 31.24
C PRO G 27 -18.12 30.25 31.79
N TRP G 28 -18.57 29.99 33.01
CA TRP G 28 -18.32 28.71 33.66
C TRP G 28 -19.62 28.26 34.29
N GLY G 29 -20.14 27.17 33.76
CA GLY G 29 -21.40 26.63 34.16
C GLY G 29 -21.30 25.31 34.88
N ALA G 30 -22.13 24.37 34.42
CA ALA G 30 -22.33 23.04 34.99
C ALA G 30 -23.24 22.22 34.07
N THR G 31 -23.24 20.88 34.25
CA THR G 31 -24.11 19.96 33.53
C THR G 31 -24.95 19.36 34.64
N GLU G 32 -26.19 19.86 34.75
CA GLU G 32 -26.98 19.76 35.98
C GLU G 32 -28.49 19.79 35.73
N PRO G 33 -29.24 18.80 36.26
CA PRO G 33 -30.70 18.93 36.18
C PRO G 33 -31.20 20.23 36.83
N HIS G 34 -32.22 20.82 36.20
CA HIS G 34 -32.78 22.10 36.61
C HIS G 34 -34.29 21.98 36.66
N ASN G 35 -34.80 21.40 37.76
CA ASN G 35 -36.20 21.05 37.83
C ASN G 35 -36.45 20.15 36.61
N LEU G 36 -37.69 20.05 36.16
CA LEU G 36 -38.04 19.22 34.99
C LEU G 36 -37.96 19.95 33.66
N HIS G 37 -37.93 21.27 33.70
CA HIS G 37 -38.23 22.11 32.52
C HIS G 37 -37.03 22.83 31.87
N LEU G 38 -35.97 23.02 32.66
CA LEU G 38 -34.87 23.84 32.19
C LEU G 38 -33.75 22.97 31.66
N PRO G 39 -33.00 23.49 30.68
CA PRO G 39 -31.90 22.70 30.14
C PRO G 39 -30.81 22.29 31.16
N TYR G 40 -30.23 21.11 30.93
CA TYR G 40 -29.05 20.67 31.67
C TYR G 40 -27.91 21.66 31.64
N LEU G 41 -27.76 22.38 30.53
CA LEU G 41 -26.66 23.36 30.34
C LEU G 41 -27.06 24.80 30.67
N THR G 42 -28.20 24.96 31.38
CA THR G 42 -28.62 26.29 31.89
C THR G 42 -27.50 27.16 32.43
N ASP G 43 -26.63 26.59 33.26
CA ASP G 43 -25.54 27.37 33.90
C ASP G 43 -24.42 27.79 32.99
N CYS G 44 -24.32 27.17 31.82
CA CYS G 44 -23.43 27.63 30.75
C CYS G 44 -24.06 28.68 29.84
N ILE G 45 -25.29 28.38 29.41
CA ILE G 45 -26.02 29.23 28.44
C ILE G 45 -26.23 30.67 28.96
N LEU G 46 -26.65 30.80 30.21
CA LEU G 46 -27.04 32.09 30.76
C LEU G 46 -25.86 33.04 30.93
N PRO G 47 -24.77 32.62 31.61
CA PRO G 47 -23.64 33.55 31.64
C PRO G 47 -22.99 33.75 30.27
N HIS G 48 -23.11 32.79 29.35
CA HIS G 48 -22.62 33.04 27.99
C HIS G 48 -23.39 34.18 27.31
N ASP G 49 -24.71 34.11 27.38
CA ASP G 49 -25.59 35.03 26.67
C ASP G 49 -25.52 36.43 27.27
N ILE G 50 -25.49 36.49 28.60
CA ILE G 50 -25.24 37.71 29.33
C ILE G 50 -23.89 38.31 29.01
N ALA G 51 -22.83 37.51 29.02
CA ALA G 51 -21.49 38.05 28.73
C ALA G 51 -21.38 38.63 27.33
N VAL G 52 -21.96 37.96 26.35
CA VAL G 52 -21.94 38.42 24.96
C VAL G 52 -22.67 39.79 24.81
N GLU G 53 -23.85 39.93 25.42
CA GLU G 53 -24.54 41.24 25.47
C GLU G 53 -23.66 42.32 26.08
N ALA G 54 -23.08 42.04 27.25
CA ALA G 54 -22.19 42.98 27.95
C ALA G 54 -20.97 43.38 27.13
N ALA G 55 -20.39 42.42 26.40
CA ALA G 55 -19.25 42.67 25.52
C ALA G 55 -19.64 43.53 24.31
N GLU G 56 -20.82 43.25 23.76
CA GLU G 56 -21.43 44.09 22.71
C GLU G 56 -21.66 45.54 23.18
N LEU G 57 -22.21 45.71 24.39
CA LEU G 57 -22.40 47.04 24.99
C LEU G 57 -21.08 47.75 25.26
N ALA G 58 -20.14 47.07 25.92
CA ALA G 58 -18.82 47.67 26.12
C ALA G 58 -18.21 48.08 24.79
N LEU G 59 -18.34 47.29 23.73
CA LEU G 59 -17.70 47.63 22.45
C LEU G 59 -18.33 48.88 21.82
N SER G 60 -19.65 48.90 21.76
CA SER G 60 -20.38 49.95 21.11
C SER G 60 -20.18 51.26 21.84
N ARG G 61 -20.20 51.18 23.17
CA ARG G 61 -20.25 52.40 23.96
C ARG G 61 -18.88 52.99 24.32
N SER G 62 -17.87 52.15 24.46
CA SER G 62 -16.54 52.60 24.84
CA SER G 62 -16.53 52.57 24.85
C SER G 62 -15.43 52.14 23.90
N GLY G 63 -15.75 51.29 22.92
CA GLY G 63 -14.71 50.72 22.04
C GLY G 63 -13.86 49.60 22.66
N VAL G 64 -14.16 49.21 23.89
CA VAL G 64 -13.43 48.14 24.58
C VAL G 64 -13.90 46.82 24.00
N ARG G 65 -12.97 46.02 23.47
CA ARG G 65 -13.33 44.75 22.85
C ARG G 65 -12.91 43.58 23.72
N CYS G 66 -13.90 42.76 24.07
CA CYS G 66 -13.74 41.60 24.96
C CYS G 66 -14.11 40.35 24.19
N MSE G 67 -13.39 39.25 24.43
CA MSE G 67 -13.77 37.95 23.87
C MSE G 67 -14.42 37.08 24.92
O MSE G 67 -13.82 36.87 25.99
CB MSE G 67 -12.55 37.18 23.34
CG MSE G 67 -12.91 35.84 22.71
SE MSE G 67 -14.21 35.98 21.28
CE MSE G 67 -13.11 36.53 19.71
N VAL G 68 -15.59 36.52 24.60
CA VAL G 68 -16.26 35.53 25.43
C VAL G 68 -15.94 34.12 24.94
N MSE G 69 -15.20 33.40 25.77
CA MSE G 69 -14.74 32.06 25.47
C MSE G 69 -15.92 31.09 25.54
O MSE G 69 -16.97 31.44 26.09
CB MSE G 69 -13.65 31.64 26.46
CG MSE G 69 -12.44 32.57 26.52
SE MSE G 69 -11.40 32.48 24.85
CE MSE G 69 -10.97 30.41 24.92
N PRO G 70 -15.76 29.86 25.01
CA PRO G 70 -16.85 28.92 25.13
C PRO G 70 -17.03 28.55 26.61
N PRO G 71 -18.29 28.30 27.04
CA PRO G 71 -18.60 27.99 28.43
C PRO G 71 -18.02 26.66 28.90
N VAL G 72 -17.52 26.62 30.13
CA VAL G 72 -17.01 25.41 30.72
C VAL G 72 -18.16 24.71 31.41
N PRO G 73 -18.53 23.50 30.94
CA PRO G 73 -19.66 22.76 31.44
C PRO G 73 -19.40 21.89 32.68
N PHE G 74 -18.35 22.19 33.44
CA PHE G 74 -17.92 21.29 34.52
C PHE G 74 -18.03 21.99 35.84
N GLY G 75 -19.12 21.68 36.56
CA GLY G 75 -19.37 22.27 37.86
C GLY G 75 -19.22 21.33 39.02
N ALA G 76 -19.21 21.91 40.21
CA ALA G 76 -19.08 21.21 41.46
C ALA G 76 -20.47 21.05 42.04
N HIS G 77 -20.82 19.81 42.34
CA HIS G 77 -22.19 19.47 42.74
C HIS G 77 -22.29 18.88 44.15
N ASN G 78 -23.52 18.73 44.64
CA ASN G 78 -23.78 18.33 46.02
C ASN G 78 -24.11 16.87 46.15
N PRO G 79 -24.14 16.35 47.40
CA PRO G 79 -24.60 14.97 47.55
C PRO G 79 -26.04 14.85 47.07
N GLY G 80 -26.35 13.70 46.47
CA GLY G 80 -27.65 13.48 45.84
C GLY G 80 -27.82 13.93 44.41
N GLN G 81 -26.95 14.82 43.95
CA GLN G 81 -27.01 15.31 42.58
C GLN G 81 -26.34 14.39 41.58
N ARG G 82 -25.21 13.82 41.96
CA ARG G 82 -24.41 12.96 41.08
C ARG G 82 -25.15 11.70 40.59
N GLU G 83 -26.12 11.24 41.37
CA GLU G 83 -26.91 10.07 40.99
C GLU G 83 -28.07 10.46 40.01
N LEU G 84 -28.34 11.73 39.82
CA LEU G 84 -29.33 12.12 38.84
C LEU G 84 -28.72 11.91 37.46
N PRO G 85 -29.50 11.37 36.54
CA PRO G 85 -28.91 11.09 35.22
C PRO G 85 -28.29 12.29 34.53
N PHE G 86 -27.05 12.10 34.06
CA PHE G 86 -26.27 13.07 33.26
C PHE G 86 -25.77 14.29 34.03
N CYS G 87 -25.92 14.29 35.34
CA CYS G 87 -25.25 15.26 36.17
C CYS G 87 -23.76 14.88 36.31
N ILE G 88 -22.88 15.79 35.93
CA ILE G 88 -21.45 15.55 36.00
C ILE G 88 -20.78 16.34 37.11
N HIS G 89 -20.45 15.69 38.24
CA HIS G 89 -19.68 16.33 39.30
C HIS G 89 -18.20 16.42 38.94
N THR G 90 -17.63 17.61 39.07
CA THR G 90 -16.24 17.90 38.77
C THR G 90 -15.52 18.21 40.09
N ARG G 91 -14.41 17.50 40.33
CA ARG G 91 -13.59 17.79 41.49
C ARG G 91 -12.94 19.17 41.36
N TYR G 92 -12.69 19.81 42.50
CA TYR G 92 -11.97 21.08 42.57
C TYR G 92 -10.64 21.03 41.83
N ALA G 93 -9.85 19.96 42.00
CA ALA G 93 -8.55 19.85 41.35
C ALA G 93 -8.68 19.75 39.82
N THR G 94 -9.79 19.15 39.34
CA THR G 94 -10.11 19.09 37.90
C THR G 94 -10.39 20.47 37.34
N GLN G 95 -11.25 21.21 38.03
CA GLN G 95 -11.55 22.57 37.68
C GLN G 95 -10.28 23.44 37.70
N GLN G 96 -9.45 23.24 38.71
CA GLN G 96 -8.19 23.96 38.79
C GLN G 96 -7.25 23.65 37.63
N ALA G 97 -7.15 22.38 37.26
CA ALA G 97 -6.40 21.95 36.10
C ALA G 97 -6.86 22.66 34.82
N ILE G 98 -8.18 22.70 34.64
CA ILE G 98 -8.77 23.40 33.50
C ILE G 98 -8.40 24.88 33.53
N LEU G 99 -8.59 25.56 34.68
CA LEU G 99 -8.28 27.00 34.79
C LEU G 99 -6.81 27.26 34.49
N GLU G 100 -5.92 26.47 35.08
CA GLU G 100 -4.49 26.54 34.80
C GLU G 100 -4.16 26.43 33.32
N ASP G 101 -4.78 25.47 32.64
CA ASP G 101 -4.54 25.30 31.21
C ASP G 101 -5.06 26.51 30.36
N ILE G 102 -6.22 27.06 30.73
CA ILE G 102 -6.75 28.24 30.04
C ILE G 102 -5.80 29.43 30.24
N VAL G 103 -5.44 29.70 31.49
CA VAL G 103 -4.54 30.83 31.82
C VAL G 103 -3.18 30.70 31.15
N SER G 104 -2.61 29.51 31.20
CA SER G 104 -1.33 29.31 30.60
C SER G 104 -1.39 29.69 29.12
N SER G 105 -2.41 29.20 28.42
CA SER G 105 -2.54 29.50 27.01
C SER G 105 -2.74 30.97 26.71
N LEU G 106 -3.71 31.60 27.39
CA LEU G 106 -4.07 33.02 27.20
C LEU G 106 -2.88 33.95 27.48
N HIS G 107 -2.12 33.62 28.51
CA HIS G 107 -0.89 34.34 28.88
C HIS G 107 0.19 34.31 27.81
N VAL G 108 0.45 33.12 27.27
CA VAL G 108 1.36 33.03 26.12
C VAL G 108 0.84 33.87 24.96
N GLN G 109 -0.47 33.94 24.79
CA GLN G 109 -1.03 34.73 23.69
C GLN G 109 -0.91 36.22 23.88
N GLY G 110 -0.49 36.66 25.07
CA GLY G 110 -0.31 38.08 25.37
C GLY G 110 -1.42 38.70 26.20
N PHE G 111 -2.44 37.93 26.61
CA PHE G 111 -3.55 38.48 27.39
C PHE G 111 -3.22 38.52 28.86
N ARG G 112 -3.77 39.50 29.54
CA ARG G 112 -3.42 39.74 30.96
C ARG G 112 -4.62 40.06 31.84
N LYS G 113 -5.83 39.86 31.31
CA LYS G 113 -7.08 40.18 32.03
C LYS G 113 -8.21 39.22 31.70
N LEU G 114 -8.74 38.57 32.73
CA LEU G 114 -9.74 37.52 32.63
C LEU G 114 -10.84 37.71 33.68
N LEU G 115 -12.08 37.61 33.23
CA LEU G 115 -13.22 37.50 34.13
C LEU G 115 -13.88 36.13 33.96
N ILE G 116 -13.99 35.41 35.06
CA ILE G 116 -14.75 34.20 35.12
C ILE G 116 -16.16 34.64 35.52
N LEU G 117 -17.11 34.38 34.61
CA LEU G 117 -18.52 34.67 34.86
C LEU G 117 -19.24 33.36 35.03
N SER G 118 -19.50 33.01 36.29
CA SER G 118 -20.08 31.75 36.66
C SER G 118 -21.57 31.80 36.61
N GLY G 119 -22.13 30.67 36.19
CA GLY G 119 -23.54 30.43 36.20
C GLY G 119 -23.98 29.42 37.25
N HIS G 120 -23.05 28.87 38.02
CA HIS G 120 -23.31 27.84 39.00
C HIS G 120 -22.71 28.24 40.36
N GLY G 121 -23.59 28.36 41.35
CA GLY G 121 -23.25 28.82 42.70
C GLY G 121 -22.35 27.84 43.44
N GLY G 122 -22.42 26.56 43.04
CA GLY G 122 -21.53 25.50 43.51
C GLY G 122 -20.07 25.71 43.14
N ASN G 123 -19.81 26.53 42.12
CA ASN G 123 -18.43 26.82 41.70
C ASN G 123 -17.85 27.88 42.60
N ASN G 124 -16.61 27.65 42.99
CA ASN G 124 -15.86 28.54 43.88
C ASN G 124 -14.47 28.67 43.31
N PHE G 125 -14.04 29.89 43.03
CA PHE G 125 -12.80 30.17 42.29
C PHE G 125 -11.73 30.92 43.08
N LYS G 126 -12.00 31.30 44.33
CA LYS G 126 -11.10 32.20 45.05
C LYS G 126 -9.74 31.55 45.29
N GLY G 127 -9.73 30.29 45.71
CA GLY G 127 -8.49 29.57 45.92
C GLY G 127 -7.62 29.43 44.68
N MSE G 128 -8.27 29.09 43.58
CA MSE G 128 -7.63 28.97 42.30
C MSE G 128 -7.04 30.27 41.90
O MSE G 128 -5.94 30.32 41.38
CB MSE G 128 -8.64 28.62 41.22
CG MSE G 128 -9.15 27.26 41.30
SE MSE G 128 -10.46 26.84 39.86
CE MSE G 128 -11.61 25.81 40.95
N ILE G 129 -7.79 31.33 42.10
CA ILE G 129 -7.34 32.66 41.70
C ILE G 129 -6.13 33.07 42.57
N ARG G 130 -6.18 32.78 43.88
CA ARG G 130 -5.05 33.08 44.76
C ARG G 130 -3.77 32.39 44.31
N ASP G 131 -3.86 31.10 44.01
CA ASP G 131 -2.69 30.33 43.57
C ASP G 131 -2.11 30.80 42.26
N LEU G 132 -2.98 31.08 41.32
CA LEU G 132 -2.56 31.57 40.04
C LEU G 132 -2.01 33.01 40.10
N ALA G 133 -2.41 33.78 41.10
CA ALA G 133 -1.89 35.13 41.32
C ALA G 133 -0.39 35.10 41.63
N PHE G 134 0.09 34.00 42.19
CA PHE G 134 1.50 33.80 42.50
C PHE G 134 2.25 33.21 41.29
N GLU G 135 1.60 32.31 40.54
CA GLU G 135 2.20 31.78 39.31
C GLU G 135 2.28 32.81 38.19
N TYR G 136 1.24 33.62 38.05
CA TYR G 136 1.13 34.60 36.97
C TYR G 136 0.85 35.95 37.58
N PRO G 137 1.87 36.57 38.21
CA PRO G 137 1.65 37.86 38.91
C PRO G 137 1.20 39.01 38.02
N ASP G 138 1.38 38.87 36.72
CA ASP G 138 1.01 39.92 35.78
C ASP G 138 -0.39 39.71 35.12
N PHE G 139 -1.15 38.73 35.61
CA PHE G 139 -2.38 38.27 34.98
C PHE G 139 -3.51 38.45 36.00
N LEU G 140 -4.42 39.36 35.67
CA LEU G 140 -5.53 39.71 36.54
C LEU G 140 -6.68 38.75 36.25
N ILE G 141 -7.15 38.06 37.29
CA ILE G 141 -8.34 37.23 37.24
C ILE G 141 -9.37 37.69 38.28
N ALA G 142 -10.57 38.05 37.78
CA ALA G 142 -11.75 38.33 38.62
C ALA G 142 -12.76 37.19 38.47
N ALA G 143 -13.63 36.99 39.47
CA ALA G 143 -14.76 36.08 39.37
C ALA G 143 -16.04 36.75 39.79
N ALA G 144 -17.16 36.42 39.14
CA ALA G 144 -18.50 36.85 39.57
C ALA G 144 -19.57 35.82 39.23
N ASN G 145 -20.59 35.70 40.06
CA ASN G 145 -21.80 35.00 39.65
C ASN G 145 -22.69 36.00 38.96
N TRP G 146 -23.20 35.69 37.76
CA TRP G 146 -24.03 36.66 37.01
C TRP G 146 -25.27 37.01 37.85
N PHE G 147 -25.75 36.06 38.66
CA PHE G 147 -26.99 36.21 39.40
C PHE G 147 -26.81 36.95 40.71
N GLU G 148 -25.60 37.37 40.99
CA GLU G 148 -25.30 38.22 42.12
C GLU G 148 -24.98 39.66 41.74
N VAL G 149 -24.90 39.99 40.46
CA VAL G 149 -24.60 41.38 40.03
C VAL G 149 -25.68 42.41 40.49
N VAL G 150 -26.94 42.01 40.33
CA VAL G 150 -28.11 42.80 40.70
C VAL G 150 -29.03 41.93 41.56
N SER G 151 -29.50 42.46 42.69
CA SER G 151 -30.45 41.77 43.55
C SER G 151 -31.77 41.44 42.84
N PRO G 152 -32.32 40.24 43.11
CA PRO G 152 -33.60 39.88 42.50
C PRO G 152 -34.82 40.63 43.06
N LYS G 153 -34.68 41.31 44.19
CA LYS G 153 -35.84 41.95 44.83
C LYS G 153 -36.47 43.02 43.89
N GLY G 154 -37.79 42.98 43.78
CA GLY G 154 -38.49 43.83 42.84
C GLY G 154 -38.56 43.26 41.43
N TYR G 155 -37.78 42.21 41.13
CA TYR G 155 -37.76 41.64 39.77
C TYR G 155 -38.55 40.33 39.68
N PHE G 156 -38.61 39.58 40.77
CA PHE G 156 -39.30 38.31 40.78
C PHE G 156 -40.12 38.20 42.05
N GLU G 157 -41.20 37.43 41.97
CA GLU G 157 -42.17 37.26 43.07
C GLU G 157 -41.76 36.20 44.08
N ALA G 158 -41.43 35.01 43.60
CA ALA G 158 -41.17 33.87 44.48
C ALA G 158 -40.06 34.25 45.47
N GLU G 159 -40.25 33.92 46.74
CA GLU G 159 -39.25 34.28 47.75
C GLU G 159 -38.08 33.30 47.85
N ILE G 160 -38.36 32.00 47.76
CA ILE G 160 -37.31 30.99 47.58
C ILE G 160 -37.05 30.82 46.07
N ASP G 161 -35.79 30.98 45.70
CA ASP G 161 -35.37 30.99 44.30
C ASP G 161 -33.87 30.70 44.26
N ASP G 162 -33.52 29.43 44.54
CA ASP G 162 -32.12 29.04 44.64
C ASP G 162 -31.56 28.33 43.42
N HIS G 163 -32.39 27.54 42.74
CA HIS G 163 -31.95 26.71 41.62
C HIS G 163 -33.13 26.36 40.71
N ALA G 164 -33.06 26.76 39.44
CA ALA G 164 -34.11 26.48 38.46
C ALA G 164 -35.43 27.13 38.88
N GLY G 165 -35.33 28.28 39.54
CA GLY G 165 -36.51 28.96 40.05
C GLY G 165 -37.05 29.96 39.09
N GLU G 166 -37.63 31.02 39.64
CA GLU G 166 -38.27 32.04 38.86
C GLU G 166 -37.28 32.86 38.05
N SER G 167 -36.14 33.21 38.65
CA SER G 167 -35.14 34.03 37.97
C SER G 167 -34.44 33.31 36.83
N GLU G 168 -33.90 32.13 37.08
CA GLU G 168 -33.25 31.36 36.02
C GLU G 168 -34.27 31.04 34.93
N THR G 169 -35.46 30.63 35.35
CA THR G 169 -36.51 30.33 34.37
C THR G 169 -36.83 31.53 33.49
N SER G 170 -36.98 32.70 34.08
CA SER G 170 -37.32 33.91 33.35
C SER G 170 -36.23 34.35 32.41
N VAL G 171 -34.99 34.24 32.87
CA VAL G 171 -33.86 34.59 32.00
C VAL G 171 -33.75 33.61 30.82
N MSE G 172 -33.95 32.33 31.06
CA MSE G 172 -33.97 31.36 29.95
C MSE G 172 -35.12 31.61 28.92
O MSE G 172 -34.89 31.54 27.69
CB MSE G 172 -34.02 29.93 30.46
CG MSE G 172 -33.83 28.86 29.36
SE MSE G 172 -32.07 28.97 28.50
CE MSE G 172 -30.99 28.47 30.12
N MSE G 173 -36.31 31.94 29.42
CA MSE G 173 -37.45 32.28 28.57
C MSE G 173 -37.13 33.50 27.68
O MSE G 173 -37.57 33.55 26.53
CB MSE G 173 -38.69 32.55 29.41
CG MSE G 173 -39.24 31.31 30.03
SE MSE G 173 -40.69 31.53 31.29
CE MSE G 173 -42.18 31.79 29.97
N HIS G 174 -36.37 34.46 28.23
CA HIS G 174 -35.93 35.62 27.50
C HIS G 174 -34.95 35.23 26.37
N TYR G 175 -33.84 34.63 26.75
CA TYR G 175 -32.79 34.29 25.79
C TYR G 175 -33.11 33.14 24.87
N HIS G 176 -33.77 32.10 25.40
CA HIS G 176 -34.09 30.87 24.63
C HIS G 176 -35.45 30.27 24.96
N PRO G 177 -36.53 30.94 24.52
CA PRO G 177 -37.86 30.42 24.81
C PRO G 177 -38.07 28.99 24.28
N GLU G 178 -37.43 28.66 23.16
CA GLU G 178 -37.55 27.33 22.57
C GLU G 178 -36.99 26.22 23.49
N LEU G 179 -36.15 26.56 24.45
CA LEU G 179 -35.51 25.54 25.28
C LEU G 179 -36.23 25.27 26.60
N VAL G 180 -37.28 26.02 26.91
CA VAL G 180 -38.03 25.83 28.13
C VAL G 180 -39.54 25.84 27.82
N ASN G 181 -40.24 24.83 28.32
CA ASN G 181 -41.70 24.85 28.38
C ASN G 181 -42.14 24.87 29.85
N LEU G 182 -42.55 26.05 30.32
CA LEU G 182 -42.81 26.27 31.75
C LEU G 182 -43.87 25.34 32.34
N ALA G 183 -44.79 24.88 31.48
CA ALA G 183 -45.85 23.96 31.89
C ALA G 183 -45.34 22.60 32.40
N GLU G 184 -44.12 22.22 32.00
CA GLU G 184 -43.47 21.00 32.50
C GLU G 184 -42.81 21.13 33.90
N ALA G 185 -42.69 22.36 34.44
CA ALA G 185 -41.99 22.53 35.71
C ALA G 185 -42.78 21.88 36.82
N GLY G 186 -42.08 21.28 37.78
CA GLY G 186 -42.63 20.98 39.10
C GLY G 186 -42.50 22.20 40.00
N ASP G 187 -43.01 22.12 41.22
CA ASP G 187 -43.04 23.24 42.16
C ASP G 187 -41.69 23.67 42.78
N GLY G 188 -40.66 22.83 42.62
CA GLY G 188 -39.35 23.07 43.24
C GLY G 188 -39.41 23.19 44.75
N GLU G 189 -40.22 22.35 45.39
CA GLU G 189 -40.33 22.36 46.84
C GLU G 189 -39.03 21.81 47.41
N SER G 190 -38.58 22.39 48.52
CA SER G 190 -37.34 21.98 49.20
C SER G 190 -37.52 21.80 50.72
N LYS G 191 -36.72 20.92 51.30
CA LYS G 191 -36.75 20.63 52.72
C LYS G 191 -35.47 21.15 53.36
N PRO G 192 -35.58 21.69 54.60
CA PRO G 192 -34.44 22.17 55.35
C PRO G 192 -33.73 21.07 56.13
N PHE G 193 -32.59 21.42 56.76
CA PHE G 193 -31.87 20.47 57.60
C PHE G 193 -32.66 20.24 58.90
N ALA G 194 -32.34 19.15 59.56
CA ALA G 194 -32.86 18.81 60.91
C ALA G 194 -32.03 19.48 61.99
N ILE G 195 -30.89 20.07 61.59
CA ILE G 195 -29.95 20.77 62.50
C ILE G 195 -30.21 22.25 62.33
N ALA G 196 -30.91 22.85 63.30
CA ALA G 196 -31.41 24.22 63.24
C ALA G 196 -30.31 25.22 62.94
N SER G 197 -29.16 25.07 63.61
CA SER G 197 -27.99 25.95 63.44
C SER G 197 -27.52 25.99 62.00
N LEU G 198 -27.66 24.90 61.27
CA LEU G 198 -27.31 24.91 59.84
C LEU G 198 -28.33 25.68 59.01
N ASN G 199 -29.63 25.60 59.36
CA ASN G 199 -30.64 26.48 58.70
C ASN G 199 -30.39 27.95 59.00
N GLU G 200 -29.92 28.26 60.21
CA GLU G 200 -29.58 29.62 60.63
C GLU G 200 -28.24 30.07 60.08
N LYS G 201 -27.48 29.17 59.47
CA LYS G 201 -26.22 29.51 58.82
C LYS G 201 -25.11 29.90 59.79
N VAL G 202 -25.14 29.30 60.98
CA VAL G 202 -24.07 29.37 61.95
C VAL G 202 -22.83 28.68 61.31
N ALA G 203 -23.09 27.57 60.59
CA ALA G 203 -22.10 26.80 59.84
C ALA G 203 -22.69 26.37 58.50
N TRP G 204 -21.82 26.03 57.55
CA TRP G 204 -22.25 25.57 56.22
C TRP G 204 -22.01 24.08 56.00
N VAL G 205 -23.04 23.44 55.42
CA VAL G 205 -23.05 22.07 54.92
C VAL G 205 -23.79 22.11 53.60
N PRO G 206 -23.36 21.30 52.61
CA PRO G 206 -24.11 21.30 51.37
C PRO G 206 -25.50 20.64 51.50
N ARG G 207 -26.46 21.22 50.78
CA ARG G 207 -27.76 20.62 50.66
C ARG G 207 -27.60 19.27 50.00
N HIS G 208 -28.30 18.25 50.54
CA HIS G 208 -28.40 16.92 49.93
C HIS G 208 -29.66 16.93 49.05
N TRP G 209 -29.46 16.85 47.73
CA TRP G 209 -30.54 17.03 46.75
C TRP G 209 -31.57 15.92 46.86
N ASP G 210 -31.07 14.71 47.13
CA ASP G 210 -31.92 13.54 47.36
C ASP G 210 -32.88 13.72 48.55
N LYS G 211 -32.45 14.40 49.60
CA LYS G 211 -33.27 14.64 50.78
C LYS G 211 -34.00 15.98 50.75
N ALA G 212 -33.46 16.94 50.03
CA ALA G 212 -33.99 18.31 50.03
C ALA G 212 -34.95 18.65 48.90
N THR G 213 -34.92 17.94 47.78
CA THR G 213 -35.70 18.33 46.59
CA THR G 213 -35.81 18.34 46.69
C THR G 213 -36.47 17.12 46.05
N VAL G 214 -37.55 17.38 45.31
CA VAL G 214 -38.36 16.32 44.71
C VAL G 214 -38.05 16.19 43.23
N ASP G 215 -37.99 17.34 42.56
CA ASP G 215 -37.89 17.40 41.11
C ASP G 215 -36.56 17.98 40.64
N SER G 216 -35.68 18.22 41.63
CA SER G 216 -34.33 18.77 41.47
C SER G 216 -34.26 20.32 41.46
N GLY G 217 -35.40 21.01 41.42
CA GLY G 217 -35.45 22.45 41.57
C GLY G 217 -35.46 22.88 43.03
N VAL G 218 -35.03 24.11 43.27
CA VAL G 218 -35.17 24.72 44.61
C VAL G 218 -35.80 26.10 44.44
N GLY G 219 -37.12 26.15 44.55
CA GLY G 219 -37.90 27.35 44.32
C GLY G 219 -38.90 27.11 43.22
N ASN G 220 -40.10 27.68 43.41
CA ASN G 220 -41.20 27.56 42.46
C ASN G 220 -41.04 28.50 41.27
N PRO G 221 -40.91 27.92 40.07
CA PRO G 221 -40.63 28.69 38.86
C PRO G 221 -41.85 29.24 38.12
N LYS G 222 -43.06 28.93 38.61
CA LYS G 222 -44.27 29.05 37.76
C LYS G 222 -44.74 30.47 37.38
N LYS G 223 -44.27 31.50 38.11
CA LYS G 223 -44.57 32.88 37.78
C LYS G 223 -43.51 33.51 36.89
N ALA G 224 -42.62 32.68 36.35
CA ALA G 224 -41.59 33.13 35.42
C ALA G 224 -42.20 33.59 34.12
N THR G 225 -41.69 34.70 33.60
CA THR G 225 -41.98 35.16 32.25
C THR G 225 -40.70 35.63 31.50
N ALA G 226 -40.76 35.65 30.19
CA ALA G 226 -39.70 36.22 29.37
C ALA G 226 -39.49 37.68 29.72
N GLU G 227 -40.59 38.39 29.94
CA GLU G 227 -40.53 39.81 30.22
C GLU G 227 -39.76 40.13 31.51
N LYS G 228 -40.04 39.39 32.57
CA LYS G 228 -39.27 39.48 33.82
C LYS G 228 -37.78 39.22 33.63
N GLY G 229 -37.43 38.25 32.79
CA GLY G 229 -36.02 37.95 32.51
C GLY G 229 -35.31 39.05 31.76
N GLU G 230 -35.99 39.63 30.77
CA GLU G 230 -35.44 40.75 29.98
C GLU G 230 -35.14 41.96 30.87
N ARG G 231 -36.05 42.24 31.78
CA ARG G 231 -35.92 43.40 32.66
C ARG G 231 -34.75 43.22 33.61
N TYR G 232 -34.63 42.01 34.19
CA TYR G 232 -33.57 41.70 35.12
C TYR G 232 -32.16 41.76 34.50
N VAL G 233 -31.96 41.13 33.35
CA VAL G 233 -30.66 41.15 32.71
C VAL G 233 -30.20 42.52 32.20
N LYS G 234 -31.11 43.42 31.89
CA LYS G 234 -30.69 44.75 31.42
C LYS G 234 -29.62 45.43 32.35
N PRO G 235 -29.93 45.61 33.65
CA PRO G 235 -28.94 46.15 34.59
C PRO G 235 -27.68 45.25 34.89
N ILE G 236 -27.86 43.94 34.83
CA ILE G 236 -26.74 42.96 34.92
C ILE G 236 -25.73 43.20 33.80
N VAL G 237 -26.24 43.26 32.58
CA VAL G 237 -25.46 43.54 31.37
C VAL G 237 -24.73 44.90 31.46
N GLU G 238 -25.48 45.92 31.85
CA GLU G 238 -24.91 47.26 32.00
C GLU G 238 -23.78 47.28 33.06
N LYS G 239 -24.01 46.68 34.23
CA LYS G 239 -22.97 46.63 35.27
C LYS G 239 -21.72 45.85 34.83
N LEU G 240 -21.93 44.76 34.13
CA LEU G 240 -20.83 43.94 33.66
C LEU G 240 -20.06 44.65 32.56
N ALA G 241 -20.77 45.34 31.67
CA ALA G 241 -20.13 46.17 30.63
C ALA G 241 -19.21 47.22 31.24
N GLY G 242 -19.67 47.89 32.30
CA GLY G 242 -18.87 48.86 33.02
C GLY G 242 -17.62 48.23 33.62
N LEU G 243 -17.76 47.05 34.24
CA LEU G 243 -16.64 46.29 34.74
C LEU G 243 -15.64 45.94 33.65
N PHE G 244 -16.11 45.49 32.49
CA PHE G 244 -15.19 45.19 31.37
C PHE G 244 -14.40 46.42 30.94
N GLU G 245 -15.10 47.55 30.81
CA GLU G 245 -14.47 48.84 30.50
C GLU G 245 -13.42 49.24 31.52
N GLU G 246 -13.78 49.22 32.81
CA GLU G 246 -12.85 49.60 33.89
C GLU G 246 -11.63 48.65 33.89
N MSE G 247 -11.88 47.36 33.71
CA MSE G 247 -10.81 46.36 33.65
C MSE G 247 -9.83 46.62 32.49
O MSE G 247 -8.62 46.48 32.65
CB MSE G 247 -11.38 44.94 33.54
CG MSE G 247 -11.84 44.36 34.87
SE MSE G 247 -12.61 42.56 34.69
CE MSE G 247 -10.85 41.47 34.60
N ALA G 248 -10.37 47.00 31.35
CA ALA G 248 -9.54 47.33 30.18
C ALA G 248 -8.77 48.65 30.34
N GLN G 249 -9.33 49.60 31.09
CA GLN G 249 -8.83 50.99 31.09
C GLN G 249 -7.99 51.34 32.33
N HIS G 250 -7.98 50.48 33.33
CA HIS G 250 -7.20 50.72 34.52
C HIS G 250 -6.33 49.55 34.92
N ASP G 251 -5.25 49.85 35.64
CA ASP G 251 -4.54 48.83 36.38
C ASP G 251 -5.33 48.59 37.65
N LEU G 252 -5.17 47.41 38.24
CA LEU G 252 -5.90 47.05 39.48
C LEU G 252 -5.75 48.13 40.59
N TYR G 253 -4.51 48.59 40.80
CA TYR G 253 -4.22 49.69 41.73
C TYR G 253 -3.45 50.73 40.95
N GLU G 254 -3.69 52.00 41.25
CA GLU G 254 -2.94 53.05 40.55
C GLU G 254 -2.53 54.08 41.59
N MSE H 2 -33.86 20.03 16.62
CA MSE H 2 -33.68 19.94 18.10
C MSE H 2 -34.26 18.64 18.65
O MSE H 2 -35.44 18.37 18.45
CB MSE H 2 -34.35 21.12 18.81
CG MSE H 2 -34.29 21.08 20.34
SE MSE H 2 -35.22 22.61 21.22
CE MSE H 2 -34.27 24.02 20.34
N ASN H 3 -33.44 17.85 19.33
CA ASN H 3 -33.88 16.54 19.86
C ASN H 3 -33.46 16.34 21.33
N LYS H 4 -34.40 16.59 22.23
CA LYS H 4 -34.15 16.47 23.66
C LYS H 4 -34.00 15.02 24.14
N GLU H 5 -34.38 14.06 23.31
CA GLU H 5 -34.29 12.66 23.68
C GLU H 5 -32.85 12.12 23.65
N VAL H 6 -32.02 12.68 22.76
CA VAL H 6 -30.67 12.18 22.52
C VAL H 6 -29.55 13.26 22.52
N ASP H 7 -29.92 14.51 22.68
CA ASP H 7 -28.95 15.61 22.68
C ASP H 7 -29.03 16.35 24.01
N LEU H 8 -28.09 16.07 24.93
CA LEU H 8 -28.14 16.72 26.26
C LEU H 8 -28.06 18.23 26.23
N SER H 9 -27.40 18.78 25.21
CA SER H 9 -27.20 20.23 25.09
C SER H 9 -28.48 21.06 24.94
N VAL H 10 -29.58 20.39 24.58
CA VAL H 10 -30.92 20.99 24.54
C VAL H 10 -31.96 20.25 25.45
N SER H 11 -31.55 19.20 26.14
CA SER H 11 -32.46 18.40 26.92
C SER H 11 -32.67 18.91 28.34
N CYS H 12 -33.69 18.34 28.98
CA CYS H 12 -34.02 18.63 30.36
C CYS H 12 -34.45 17.36 31.06
N LEU H 13 -34.40 17.39 32.38
CA LEU H 13 -34.67 16.19 33.19
C LEU H 13 -36.03 15.60 32.95
N GLY H 14 -37.04 16.44 32.77
CA GLY H 14 -38.39 15.94 32.49
C GLY H 14 -38.43 15.02 31.28
N LYS H 15 -37.69 15.35 30.24
CA LYS H 15 -37.67 14.54 29.04
C LYS H 15 -36.91 13.22 29.23
N VAL H 16 -35.81 13.24 29.98
CA VAL H 16 -34.97 12.06 30.03
C VAL H 16 -35.31 11.10 31.18
N LYS H 17 -35.99 11.56 32.24
CA LYS H 17 -36.05 10.78 33.51
C LYS H 17 -36.82 9.46 33.41
N GLU H 18 -37.81 9.39 32.54
CA GLU H 18 -38.59 8.16 32.41
C GLU H 18 -38.05 7.19 31.34
N LEU H 19 -37.00 7.60 30.61
CA LEU H 19 -36.49 6.82 29.47
C LEU H 19 -35.23 6.04 29.80
N LYS H 20 -35.09 4.89 29.17
CA LYS H 20 -33.94 4.01 29.34
C LYS H 20 -32.89 4.37 28.32
N TYR H 21 -31.63 4.50 28.76
CA TYR H 21 -30.53 4.81 27.88
C TYR H 21 -29.51 3.69 27.95
N ASP H 22 -29.06 3.25 26.77
CA ASP H 22 -28.20 2.07 26.62
C ASP H 22 -26.71 2.40 26.52
N VAL H 23 -26.38 3.45 25.76
CA VAL H 23 -25.00 3.88 25.53
C VAL H 23 -24.92 5.40 25.71
N ILE H 24 -23.82 5.89 26.26
CA ILE H 24 -23.53 7.31 26.36
C ILE H 24 -22.47 7.62 25.32
N ILE H 25 -22.62 8.79 24.66
CA ILE H 25 -21.66 9.25 23.67
C ILE H 25 -21.10 10.58 24.17
N LEU H 26 -19.78 10.67 24.19
CA LEU H 26 -19.08 11.84 24.64
C LEU H 26 -18.29 12.44 23.47
N PRO H 27 -18.84 13.52 22.88
CA PRO H 27 -18.03 14.29 21.91
C PRO H 27 -16.86 15.01 22.57
N TRP H 28 -15.67 14.89 21.99
CA TRP H 28 -14.51 15.52 22.51
C TRP H 28 -13.77 16.26 21.40
N GLY H 29 -13.71 17.58 21.54
CA GLY H 29 -13.11 18.45 20.54
C GLY H 29 -11.87 19.20 21.06
N ALA H 30 -11.84 20.48 20.71
CA ALA H 30 -10.71 21.35 20.91
C ALA H 30 -11.22 22.76 20.62
N THR H 31 -10.55 23.74 21.21
CA THR H 31 -10.73 25.16 20.92
C THR H 31 -9.48 25.59 20.15
N GLU H 32 -9.63 25.73 18.82
CA GLU H 32 -8.50 25.72 17.89
C GLU H 32 -8.80 26.47 16.58
N PRO H 33 -7.93 27.41 16.19
CA PRO H 33 -8.07 28.02 14.86
C PRO H 33 -8.10 26.96 13.73
N HIS H 34 -9.01 27.13 12.78
CA HIS H 34 -9.15 26.23 11.63
C HIS H 34 -9.06 27.01 10.31
N ASN H 35 -7.84 27.28 9.86
CA ASN H 35 -7.65 28.19 8.72
C ASN H 35 -8.34 29.52 9.14
N LEU H 36 -8.74 30.33 8.18
CA LEU H 36 -9.33 31.61 8.53
C LEU H 36 -10.84 31.51 8.64
N HIS H 37 -11.43 30.46 8.08
CA HIS H 37 -12.86 30.44 7.76
C HIS H 37 -13.71 29.56 8.68
N LEU H 38 -13.13 28.51 9.24
CA LEU H 38 -13.92 27.58 10.05
C LEU H 38 -13.98 28.00 11.55
N PRO H 39 -15.07 27.64 12.22
CA PRO H 39 -15.20 27.89 13.66
C PRO H 39 -14.06 27.33 14.52
N TYR H 40 -13.69 28.12 15.54
CA TYR H 40 -12.83 27.68 16.63
C TYR H 40 -13.28 26.40 17.28
N LEU H 41 -14.62 26.16 17.32
CA LEU H 41 -15.19 24.93 17.88
C LEU H 41 -15.58 23.81 16.88
N THR H 42 -15.08 23.92 15.68
CA THR H 42 -15.27 22.87 14.67
C THR H 42 -15.11 21.48 15.27
N ASP H 43 -14.06 21.23 16.04
CA ASP H 43 -13.82 19.87 16.54
C ASP H 43 -14.79 19.40 17.62
N CYS H 44 -15.52 20.33 18.20
CA CYS H 44 -16.66 19.98 19.07
C CYS H 44 -17.93 19.78 18.28
N ILE H 45 -18.23 20.75 17.42
CA ILE H 45 -19.47 20.81 16.62
C ILE H 45 -19.67 19.56 15.76
N LEU H 46 -18.65 19.19 14.99
CA LEU H 46 -18.80 18.09 14.03
C LEU H 46 -19.07 16.73 14.67
N PRO H 47 -18.25 16.28 15.65
CA PRO H 47 -18.63 15.01 16.31
C PRO H 47 -19.96 15.06 17.12
N HIS H 48 -20.32 16.22 17.65
CA HIS H 48 -21.63 16.39 18.29
C HIS H 48 -22.77 16.10 17.30
N ASP H 49 -22.74 16.76 16.15
CA ASP H 49 -23.81 16.66 15.13
C ASP H 49 -23.88 15.25 14.52
N ILE H 50 -22.72 14.69 14.20
CA ILE H 50 -22.62 13.30 13.78
C ILE H 50 -23.16 12.34 14.80
N ALA H 51 -22.80 12.53 16.06
CA ALA H 51 -23.21 11.62 17.14
C ALA H 51 -24.72 11.62 17.29
N VAL H 52 -25.31 12.81 17.21
CA VAL H 52 -26.77 12.98 17.34
C VAL H 52 -27.50 12.27 16.19
N GLU H 53 -27.05 12.50 14.97
CA GLU H 53 -27.64 11.82 13.83
CA GLU H 53 -27.59 11.81 13.80
C GLU H 53 -27.50 10.28 13.95
N ALA H 54 -26.34 9.81 14.43
CA ALA H 54 -26.10 8.39 14.60
C ALA H 54 -26.98 7.85 15.72
N ALA H 55 -27.16 8.64 16.79
CA ALA H 55 -28.08 8.30 17.91
C ALA H 55 -29.56 8.24 17.46
N GLU H 56 -29.96 9.18 16.62
CA GLU H 56 -31.28 9.20 15.99
C GLU H 56 -31.52 8.01 15.06
N LEU H 57 -30.48 7.63 14.32
CA LEU H 57 -30.55 6.46 13.46
C LEU H 57 -30.65 5.15 14.24
N ALA H 58 -29.89 5.01 15.31
CA ALA H 58 -29.91 3.78 16.14
C ALA H 58 -31.26 3.57 16.82
N LEU H 59 -31.88 4.66 17.23
CA LEU H 59 -33.18 4.60 17.85
C LEU H 59 -34.25 4.27 16.82
N SER H 60 -34.33 5.06 15.75
CA SER H 60 -35.35 4.84 14.71
C SER H 60 -35.33 3.43 14.08
N ARG H 61 -34.16 2.86 13.89
CA ARG H 61 -34.06 1.56 13.22
C ARG H 61 -33.93 0.36 14.16
N SER H 62 -33.43 0.56 15.37
CA SER H 62 -33.23 -0.56 16.30
C SER H 62 -33.79 -0.40 17.70
N GLY H 63 -34.34 0.76 18.01
CA GLY H 63 -34.90 1.02 19.33
C GLY H 63 -33.84 1.15 20.43
N VAL H 64 -32.59 1.31 20.03
CA VAL H 64 -31.50 1.53 20.95
C VAL H 64 -31.35 3.04 21.18
N ARG H 65 -31.40 3.45 22.44
CA ARG H 65 -31.40 4.84 22.82
C ARG H 65 -30.10 5.27 23.49
N CYS H 66 -29.46 6.27 22.86
CA CYS H 66 -28.17 6.78 23.31
C CYS H 66 -28.29 8.24 23.69
N MSE H 67 -27.48 8.71 24.64
CA MSE H 67 -27.46 10.09 25.01
C MSE H 67 -26.16 10.64 24.56
O MSE H 67 -25.14 10.09 24.90
CB MSE H 67 -27.61 10.29 26.53
CG MSE H 67 -27.60 11.72 26.99
SE MSE H 67 -28.92 12.87 26.06
CE MSE H 67 -30.45 12.50 27.18
N VAL H 68 -26.21 11.72 23.78
CA VAL H 68 -25.03 12.50 23.40
C VAL H 68 -24.80 13.64 24.41
N MSE H 69 -23.69 13.54 25.14
CA MSE H 69 -23.30 14.54 26.13
C MSE H 69 -22.81 15.83 25.48
O MSE H 69 -22.57 15.89 24.24
CB MSE H 69 -22.22 13.96 27.04
CG MSE H 69 -22.56 12.66 27.79
SE MSE H 69 -23.96 12.90 29.13
CE MSE H 69 -22.87 13.78 30.44
N PRO H 70 -22.68 16.90 26.28
CA PRO H 70 -22.09 18.12 25.78
C PRO H 70 -20.64 17.92 25.35
N PRO H 71 -20.25 18.49 24.22
CA PRO H 71 -18.86 18.32 23.79
C PRO H 71 -17.82 18.90 24.76
N VAL H 72 -16.68 18.22 24.88
CA VAL H 72 -15.59 18.72 25.71
C VAL H 72 -14.68 19.61 24.83
N PRO H 73 -14.59 20.91 25.17
CA PRO H 73 -13.83 21.81 24.30
C PRO H 73 -12.32 21.85 24.51
N PHE H 74 -11.74 20.83 25.14
CA PHE H 74 -10.40 20.90 25.72
C PHE H 74 -9.52 19.84 25.09
N GLY H 75 -8.79 20.27 24.06
CA GLY H 75 -7.92 19.41 23.23
C GLY H 75 -6.43 19.59 23.50
N ALA H 76 -5.65 18.63 23.00
CA ALA H 76 -4.20 18.63 23.14
C ALA H 76 -3.64 19.19 21.87
N HIS H 77 -2.76 20.19 21.99
CA HIS H 77 -2.26 20.88 20.81
C HIS H 77 -0.73 20.84 20.67
N ASN H 78 -0.29 21.41 19.55
CA ASN H 78 1.05 21.25 19.06
C ASN H 78 1.83 22.50 19.27
N PRO H 79 3.16 22.40 19.18
CA PRO H 79 3.99 23.58 19.23
C PRO H 79 3.54 24.58 18.17
N GLY H 80 3.58 25.87 18.53
CA GLY H 80 3.10 26.95 17.64
C GLY H 80 1.60 27.23 17.66
N GLN H 81 0.81 26.30 18.16
CA GLN H 81 -0.64 26.50 18.18
C GLN H 81 -1.09 27.35 19.38
N ARG H 82 -0.45 27.11 20.51
CA ARG H 82 -0.80 27.76 21.75
C ARG H 82 -0.69 29.28 21.68
N GLU H 83 0.18 29.77 20.81
CA GLU H 83 0.37 31.21 20.66
C GLU H 83 -0.66 31.86 19.73
N LEU H 84 -1.47 31.08 19.01
CA LEU H 84 -2.52 31.66 18.19
C LEU H 84 -3.66 32.12 19.13
N PRO H 85 -4.25 33.30 18.88
CA PRO H 85 -5.23 33.79 19.86
C PRO H 85 -6.40 32.79 20.10
N PHE H 86 -6.68 32.52 21.38
CA PHE H 86 -7.84 31.76 21.85
C PHE H 86 -7.72 30.27 21.66
N CYS H 87 -6.56 29.81 21.18
CA CYS H 87 -6.26 28.38 21.20
C CYS H 87 -5.91 27.87 22.62
N ILE H 88 -6.65 26.88 23.13
CA ILE H 88 -6.44 26.45 24.53
C ILE H 88 -5.79 25.06 24.55
N HIS H 89 -4.50 24.98 24.86
CA HIS H 89 -3.82 23.67 25.00
C HIS H 89 -4.15 23.04 26.34
N THR H 90 -4.59 21.79 26.30
CA THR H 90 -4.98 21.03 27.50
C THR H 90 -3.96 19.92 27.73
N ARG H 91 -3.37 19.91 28.93
CA ARG H 91 -2.46 18.84 29.31
C ARG H 91 -3.22 17.51 29.37
N TYR H 92 -2.49 16.43 29.08
CA TYR H 92 -3.04 15.08 29.17
C TYR H 92 -3.64 14.84 30.57
N ALA H 93 -2.93 15.26 31.62
CA ALA H 93 -3.40 15.01 32.96
C ALA H 93 -4.73 15.73 33.24
N THR H 94 -4.92 16.89 32.63
CA THR H 94 -6.18 17.64 32.73
C THR H 94 -7.32 16.90 32.06
N GLN H 95 -7.06 16.43 30.85
CA GLN H 95 -8.04 15.63 30.10
C GLN H 95 -8.45 14.35 30.86
N GLN H 96 -7.46 13.67 31.42
CA GLN H 96 -7.70 12.49 32.24
C GLN H 96 -8.55 12.79 33.48
N ALA H 97 -8.30 13.92 34.14
CA ALA H 97 -9.08 14.32 35.31
C ALA H 97 -10.55 14.51 34.89
N ILE H 98 -10.75 15.13 33.73
CA ILE H 98 -12.09 15.35 33.19
C ILE H 98 -12.74 14.03 32.91
N LEU H 99 -12.08 13.13 32.14
CA LEU H 99 -12.66 11.82 31.83
C LEU H 99 -13.00 11.00 33.10
N GLU H 100 -12.09 11.01 34.06
CA GLU H 100 -12.34 10.43 35.40
C GLU H 100 -13.58 10.96 36.07
N ASP H 101 -13.82 12.27 36.01
CA ASP H 101 -15.02 12.85 36.64
C ASP H 101 -16.31 12.47 35.90
N ILE H 102 -16.26 12.49 34.55
CA ILE H 102 -17.39 12.06 33.75
C ILE H 102 -17.69 10.59 34.01
N VAL H 103 -16.69 9.70 33.95
CA VAL H 103 -16.93 8.27 34.21
C VAL H 103 -17.44 7.99 35.61
N SER H 104 -16.86 8.66 36.60
CA SER H 104 -17.31 8.52 38.00
C SER H 104 -18.83 8.82 38.16
N SER H 105 -19.28 9.95 37.63
CA SER H 105 -20.70 10.28 37.70
C SER H 105 -21.58 9.26 36.91
N LEU H 106 -21.23 8.98 35.67
CA LEU H 106 -22.03 8.10 34.82
C LEU H 106 -22.16 6.74 35.45
N HIS H 107 -21.09 6.30 36.13
CA HIS H 107 -21.08 5.02 36.81
C HIS H 107 -22.03 4.96 37.99
N VAL H 108 -22.03 6.00 38.84
CA VAL H 108 -22.97 6.11 39.97
CA VAL H 108 -22.96 6.04 39.97
C VAL H 108 -24.41 6.11 39.45
N GLN H 109 -24.61 6.68 38.26
CA GLN H 109 -25.93 6.73 37.62
C GLN H 109 -26.42 5.41 37.02
N GLY H 110 -25.55 4.42 36.96
CA GLY H 110 -25.91 3.09 36.49
C GLY H 110 -25.44 2.80 35.09
N PHE H 111 -24.77 3.74 34.45
CA PHE H 111 -24.35 3.54 33.08
C PHE H 111 -23.06 2.75 33.06
N ARG H 112 -22.86 1.96 32.00
CA ARG H 112 -21.75 1.02 31.85
C ARG H 112 -21.12 0.99 30.48
N LYS H 113 -21.61 1.83 29.56
CA LYS H 113 -21.13 1.83 28.18
C LYS H 113 -21.00 3.25 27.67
N LEU H 114 -19.79 3.59 27.24
CA LEU H 114 -19.46 4.94 26.80
C LEU H 114 -18.60 4.90 25.53
N LEU H 115 -18.93 5.75 24.57
CA LEU H 115 -18.08 5.99 23.42
C LEU H 115 -17.58 7.42 23.46
N ILE H 116 -16.26 7.58 23.36
CA ILE H 116 -15.66 8.90 23.14
C ILE H 116 -15.52 9.13 21.65
N LEU H 117 -16.26 10.11 21.12
CA LEU H 117 -16.17 10.47 19.72
C LEU H 117 -15.42 11.75 19.57
N SER H 118 -14.18 11.65 19.12
CA SER H 118 -13.30 12.79 19.06
C SER H 118 -13.32 13.49 17.68
N GLY H 119 -13.22 14.82 17.72
CA GLY H 119 -13.16 15.65 16.53
C GLY H 119 -11.76 16.17 16.32
N HIS H 120 -10.85 15.81 17.22
CA HIS H 120 -9.51 16.35 17.20
C HIS H 120 -8.48 15.23 17.29
N GLY H 121 -7.67 15.10 16.25
CA GLY H 121 -6.68 14.04 16.14
C GLY H 121 -5.54 14.10 17.15
N GLY H 122 -5.25 15.29 17.65
CA GLY H 122 -4.34 15.49 18.75
C GLY H 122 -4.80 14.90 20.07
N ASN H 123 -6.09 14.60 20.20
CA ASN H 123 -6.56 13.88 21.38
C ASN H 123 -6.23 12.41 21.25
N ASN H 124 -5.70 11.86 22.35
CA ASN H 124 -5.37 10.44 22.47
C ASN H 124 -5.91 9.93 23.79
N PHE H 125 -6.72 8.88 23.73
CA PHE H 125 -7.48 8.36 24.88
C PHE H 125 -7.16 6.91 25.32
N LYS H 126 -6.27 6.24 24.62
CA LYS H 126 -6.01 4.82 24.91
C LYS H 126 -5.44 4.56 26.32
N GLY H 127 -4.44 5.34 26.71
CA GLY H 127 -3.88 5.32 28.07
C GLY H 127 -4.91 5.55 29.18
N MSE H 128 -5.78 6.55 29.01
CA MSE H 128 -6.86 6.85 29.96
C MSE H 128 -7.85 5.71 30.05
O MSE H 128 -8.30 5.34 31.14
CB MSE H 128 -7.67 8.09 29.52
CG MSE H 128 -6.86 9.33 29.28
SE MSE H 128 -7.96 10.84 28.82
CE MSE H 128 -6.55 11.95 28.03
N ILE H 129 -8.22 5.18 28.90
CA ILE H 129 -9.11 4.04 28.85
C ILE H 129 -8.51 2.81 29.53
N ARG H 130 -7.23 2.54 29.30
CA ARG H 130 -6.56 1.41 29.94
C ARG H 130 -6.58 1.55 31.49
N ASP H 131 -6.26 2.75 31.95
CA ASP H 131 -6.19 3.06 33.38
C ASP H 131 -7.56 3.02 34.02
N LEU H 132 -8.58 3.49 33.31
CA LEU H 132 -9.95 3.40 33.81
C LEU H 132 -10.53 1.97 33.74
N ALA H 133 -10.02 1.11 32.84
CA ALA H 133 -10.49 -0.29 32.81
C ALA H 133 -10.18 -1.03 34.09
N PHE H 134 -9.08 -0.65 34.72
CA PHE H 134 -8.71 -1.19 36.01
C PHE H 134 -9.50 -0.57 37.18
N GLU H 135 -9.84 0.73 37.13
CA GLU H 135 -10.65 1.39 38.18
CA GLU H 135 -10.63 1.32 38.22
C GLU H 135 -12.10 0.94 38.13
N TYR H 136 -12.61 0.82 36.90
CA TYR H 136 -14.02 0.50 36.62
C TYR H 136 -14.10 -0.65 35.64
N PRO H 137 -13.87 -1.87 36.13
CA PRO H 137 -13.82 -3.04 35.26
C PRO H 137 -15.12 -3.42 34.59
N ASP H 138 -16.24 -2.93 35.11
CA ASP H 138 -17.56 -3.20 34.55
C ASP H 138 -18.04 -2.10 33.60
N PHE H 139 -17.18 -1.15 33.24
CA PHE H 139 -17.58 0.06 32.48
C PHE H 139 -16.79 0.04 31.21
N LEU H 140 -17.47 -0.14 30.08
CA LEU H 140 -16.85 -0.26 28.76
C LEU H 140 -16.68 1.14 28.16
N ILE H 141 -15.45 1.49 27.83
CA ILE H 141 -15.14 2.77 27.17
C ILE H 141 -14.49 2.42 25.83
N ALA H 142 -15.10 2.88 24.72
CA ALA H 142 -14.51 2.87 23.38
C ALA H 142 -14.18 4.30 22.92
N ALA H 143 -13.23 4.42 22.00
CA ALA H 143 -12.86 5.73 21.45
C ALA H 143 -12.73 5.65 19.94
N ALA H 144 -13.18 6.70 19.26
CA ALA H 144 -12.94 6.86 17.81
C ALA H 144 -12.84 8.35 17.44
N ASN H 145 -12.02 8.63 16.43
CA ASN H 145 -12.08 9.88 15.67
C ASN H 145 -13.18 9.74 14.60
N TRP H 146 -14.12 10.68 14.55
CA TRP H 146 -15.26 10.54 13.60
C TRP H 146 -14.74 10.43 12.15
N PHE H 147 -13.65 11.15 11.85
CA PHE H 147 -13.09 11.27 10.50
C PHE H 147 -12.18 10.08 10.16
N GLU H 148 -12.10 9.10 11.06
CA GLU H 148 -11.42 7.82 10.76
C GLU H 148 -12.42 6.68 10.64
N VAL H 149 -13.71 6.89 10.97
CA VAL H 149 -14.74 5.83 10.79
C VAL H 149 -14.85 5.40 9.28
N VAL H 150 -14.79 6.39 8.38
CA VAL H 150 -14.73 6.18 6.92
C VAL H 150 -13.63 7.10 6.44
N SER H 151 -12.71 6.56 5.65
CA SER H 151 -11.61 7.36 5.09
C SER H 151 -12.15 8.46 4.21
N PRO H 152 -11.62 9.68 4.34
CA PRO H 152 -12.05 10.74 3.46
C PRO H 152 -11.46 10.68 2.10
N LYS H 153 -10.41 9.87 1.92
N LYS H 153 -10.42 9.88 1.93
CA LYS H 153 -9.63 9.83 0.65
CA LYS H 153 -9.81 9.69 0.63
C LYS H 153 -10.46 9.76 -0.62
C LYS H 153 -10.85 8.99 -0.24
N GLY H 154 -11.53 8.96 -0.58
N GLY H 154 -11.18 9.60 -1.36
CA GLY H 154 -12.38 8.77 -1.75
CA GLY H 154 -12.27 9.09 -2.18
C GLY H 154 -13.67 9.57 -1.78
C GLY H 154 -13.55 9.88 -2.07
N TYR H 155 -13.73 10.66 -1.00
CA TYR H 155 -14.89 11.55 -0.88
C TYR H 155 -14.53 13.01 -1.23
N PHE H 156 -13.23 13.32 -1.25
CA PHE H 156 -12.72 14.69 -1.43
C PHE H 156 -11.57 14.71 -2.41
N GLU H 157 -11.37 15.83 -3.08
CA GLU H 157 -10.39 15.97 -4.17
C GLU H 157 -8.99 16.32 -3.69
N ALA H 158 -8.87 17.28 -2.77
CA ALA H 158 -7.56 17.72 -2.29
C ALA H 158 -6.77 16.53 -1.72
N GLU H 159 -5.52 16.42 -2.14
CA GLU H 159 -4.65 15.30 -1.72
C GLU H 159 -4.16 15.50 -0.29
N ILE H 160 -3.75 16.72 0.04
CA ILE H 160 -3.50 17.12 1.42
C ILE H 160 -4.77 17.67 2.04
N ASP H 161 -5.17 17.08 3.18
CA ASP H 161 -6.45 17.38 3.80
C ASP H 161 -6.40 16.94 5.27
N ASP H 162 -5.57 17.59 6.09
CA ASP H 162 -5.35 17.17 7.51
C ASP H 162 -6.07 18.01 8.55
N HIS H 163 -6.23 19.31 8.30
CA HIS H 163 -6.83 20.23 9.29
C HIS H 163 -7.46 21.41 8.59
N ALA H 164 -8.78 21.56 8.76
CA ALA H 164 -9.55 22.68 8.22
C ALA H 164 -9.49 22.69 6.72
N GLY H 165 -9.36 21.51 6.12
CA GLY H 165 -9.27 21.38 4.68
C GLY H 165 -10.62 21.08 4.05
N GLU H 166 -10.57 20.37 2.93
CA GLU H 166 -11.76 20.07 2.14
C GLU H 166 -12.79 19.23 2.88
N SER H 167 -12.36 18.20 3.63
CA SER H 167 -13.30 17.34 4.35
C SER H 167 -14.03 18.04 5.51
N GLU H 168 -13.28 18.65 6.43
CA GLU H 168 -13.88 19.38 7.55
C GLU H 168 -14.72 20.55 7.07
N THR H 169 -14.22 21.30 6.07
CA THR H 169 -15.00 22.40 5.52
C THR H 169 -16.35 21.93 4.93
N SER H 170 -16.32 20.87 4.13
CA SER H 170 -17.53 20.29 3.53
C SER H 170 -18.55 19.86 4.60
N VAL H 171 -18.09 19.14 5.60
CA VAL H 171 -18.96 18.66 6.65
C VAL H 171 -19.54 19.83 7.47
N MSE H 172 -18.76 20.88 7.70
CA MSE H 172 -19.31 22.08 8.34
C MSE H 172 -20.35 22.74 7.43
O MSE H 172 -21.39 23.14 7.90
CB MSE H 172 -18.22 23.08 8.72
CG MSE H 172 -18.73 24.28 9.53
SE MSE H 172 -19.46 23.82 11.28
CE MSE H 172 -17.89 23.28 12.26
N MSE H 173 -20.05 22.84 6.12
CA MSE H 173 -20.99 23.48 5.19
C MSE H 173 -22.32 22.74 5.15
O MSE H 173 -23.40 23.34 5.01
CB MSE H 173 -20.37 23.55 3.81
CG MSE H 173 -19.31 24.59 3.67
SE MSE H 173 -18.42 24.50 1.92
CE MSE H 173 -19.95 25.29 0.90
N HIS H 174 -22.26 21.43 5.35
CA HIS H 174 -23.45 20.59 5.44
C HIS H 174 -24.25 20.85 6.71
N TYR H 175 -23.58 20.78 7.86
CA TYR H 175 -24.25 20.83 9.14
C TYR H 175 -24.58 22.23 9.58
N HIS H 176 -23.67 23.18 9.36
CA HIS H 176 -23.88 24.58 9.76
C HIS H 176 -23.38 25.56 8.74
N PRO H 177 -24.09 25.70 7.60
CA PRO H 177 -23.56 26.60 6.55
C PRO H 177 -23.40 28.04 7.04
N GLU H 178 -24.17 28.42 8.05
CA GLU H 178 -24.14 29.77 8.61
C GLU H 178 -22.90 30.08 9.41
N LEU H 179 -22.10 29.06 9.74
CA LEU H 179 -20.90 29.24 10.55
C LEU H 179 -19.63 29.28 9.70
N VAL H 180 -19.75 29.05 8.40
CA VAL H 180 -18.58 29.03 7.54
C VAL H 180 -18.87 29.77 6.23
N ASN H 181 -17.95 30.66 5.86
CA ASN H 181 -17.93 31.32 4.55
C ASN H 181 -16.68 30.87 3.77
N LEU H 182 -16.85 29.94 2.86
CA LEU H 182 -15.74 29.32 2.13
C LEU H 182 -14.80 30.32 1.45
N ALA H 183 -15.33 31.45 0.98
CA ALA H 183 -14.50 32.44 0.27
C ALA H 183 -13.51 33.16 1.19
N GLU H 184 -13.68 33.06 2.51
CA GLU H 184 -12.72 33.59 3.47
C GLU H 184 -11.47 32.72 3.73
N ALA H 185 -11.49 31.49 3.22
CA ALA H 185 -10.45 30.51 3.50
C ALA H 185 -9.18 30.92 2.77
N GLY H 186 -8.04 30.75 3.45
CA GLY H 186 -6.73 30.79 2.78
C GLY H 186 -6.45 29.44 2.15
N ASP H 187 -5.32 29.31 1.47
CA ASP H 187 -5.02 28.09 0.74
C ASP H 187 -4.55 26.92 1.63
N GLY H 188 -4.27 27.17 2.90
CA GLY H 188 -3.82 26.11 3.82
C GLY H 188 -2.52 25.42 3.43
N GLU H 189 -1.58 26.20 2.92
CA GLU H 189 -0.26 25.68 2.52
C GLU H 189 0.51 25.17 3.75
N SER H 190 1.24 24.08 3.56
CA SER H 190 2.00 23.47 4.64
C SER H 190 3.44 23.11 4.20
N LYS H 191 4.30 22.93 5.21
CA LYS H 191 5.69 22.69 5.02
C LYS H 191 6.03 21.41 5.82
N PRO H 192 6.77 20.48 5.19
CA PRO H 192 7.24 19.29 5.90
C PRO H 192 8.49 19.52 6.76
N PHE H 193 8.89 18.48 7.51
CA PHE H 193 10.13 18.55 8.30
C PHE H 193 11.37 18.59 7.38
N ALA H 194 12.49 19.04 7.96
CA ALA H 194 13.81 19.04 7.33
C ALA H 194 14.49 17.67 7.55
N ILE H 195 13.95 16.91 8.50
CA ILE H 195 14.41 15.55 8.80
C ILE H 195 13.56 14.58 7.98
N ALA H 196 14.14 14.10 6.86
CA ALA H 196 13.42 13.27 5.87
C ALA H 196 12.74 12.04 6.48
N SER H 197 13.41 11.35 7.40
CA SER H 197 12.84 10.16 8.06
C SER H 197 11.54 10.42 8.80
N LEU H 198 11.36 11.61 9.36
CA LEU H 198 10.10 12.00 9.98
C LEU H 198 8.98 12.15 8.96
N ASN H 199 9.26 12.76 7.82
CA ASN H 199 8.27 12.80 6.74
C ASN H 199 7.91 11.38 6.23
N GLU H 200 8.87 10.47 6.26
CA GLU H 200 8.65 9.07 5.88
C GLU H 200 7.94 8.26 7.00
N LYS H 201 7.82 8.89 8.18
CA LYS H 201 7.15 8.29 9.35
C LYS H 201 7.93 7.16 9.96
N VAL H 202 9.27 7.23 9.88
CA VAL H 202 10.13 6.31 10.66
C VAL H 202 9.88 6.54 12.17
N ALA H 203 9.66 7.81 12.53
CA ALA H 203 9.31 8.17 13.90
C ALA H 203 8.37 9.38 13.81
N TRP H 204 7.72 9.69 14.94
CA TRP H 204 6.74 10.75 15.03
C TRP H 204 7.28 11.92 15.90
N VAL H 205 7.13 13.14 15.36
CA VAL H 205 7.32 14.38 16.08
C VAL H 205 6.08 15.23 15.74
N PRO H 206 5.59 16.05 16.70
CA PRO H 206 4.46 16.88 16.33
C PRO H 206 4.81 17.99 15.33
N ARG H 207 3.90 18.23 14.37
CA ARG H 207 4.02 19.37 13.45
C ARG H 207 4.06 20.65 14.30
N HIS H 208 5.01 21.53 14.00
CA HIS H 208 5.08 22.86 14.57
C HIS H 208 4.30 23.83 13.69
N TRP H 209 3.20 24.36 14.25
CA TRP H 209 2.25 25.15 13.48
C TRP H 209 2.86 26.45 12.99
N ASP H 210 3.73 27.04 13.80
CA ASP H 210 4.43 28.27 13.44
C ASP H 210 5.43 28.08 12.28
N LYS H 211 5.96 26.88 12.10
CA LYS H 211 6.93 26.62 11.03
C LYS H 211 6.32 25.99 9.78
N ALA H 212 5.20 25.30 9.97
CA ALA H 212 4.63 24.42 8.98
C ALA H 212 3.31 24.90 8.35
N THR H 213 2.70 25.97 8.87
CA THR H 213 1.45 26.53 8.30
C THR H 213 1.54 28.06 8.14
N VAL H 214 0.65 28.60 7.32
CA VAL H 214 0.55 30.05 7.09
C VAL H 214 -0.70 30.60 7.78
N ASP H 215 -1.84 30.00 7.46
CA ASP H 215 -3.16 30.50 7.92
C ASP H 215 -3.75 29.61 9.02
N SER H 216 -2.95 28.65 9.49
CA SER H 216 -3.29 27.64 10.51
C SER H 216 -3.95 26.39 9.90
N GLY H 217 -4.32 26.45 8.63
CA GLY H 217 -4.92 25.30 7.96
C GLY H 217 -3.87 24.36 7.39
N VAL H 218 -4.23 23.09 7.28
CA VAL H 218 -3.40 22.11 6.58
C VAL H 218 -4.21 21.42 5.44
N GLY H 219 -4.11 21.98 4.23
CA GLY H 219 -4.86 21.50 3.10
C GLY H 219 -5.72 22.60 2.52
N ASN H 220 -5.79 22.67 1.19
CA ASN H 220 -6.60 23.69 0.49
C ASN H 220 -8.07 23.26 0.54
N PRO H 221 -8.92 24.07 1.22
CA PRO H 221 -10.33 23.71 1.34
C PRO H 221 -11.22 24.13 0.14
N LYS H 222 -10.64 24.75 -0.90
CA LYS H 222 -11.40 25.49 -1.94
C LYS H 222 -12.47 24.70 -2.72
N LYS H 223 -12.31 23.40 -2.83
CA LYS H 223 -13.28 22.54 -3.52
C LYS H 223 -14.36 21.96 -2.61
N ALA H 224 -14.36 22.38 -1.36
CA ALA H 224 -15.39 22.00 -0.39
C ALA H 224 -16.81 22.39 -0.85
N THR H 225 -17.74 21.46 -0.68
CA THR H 225 -19.16 21.71 -0.86
C THR H 225 -19.99 20.98 0.22
N ALA H 226 -21.18 21.54 0.50
CA ALA H 226 -22.18 20.93 1.40
C ALA H 226 -22.54 19.54 0.97
N GLU H 227 -22.67 19.31 -0.32
CA GLU H 227 -23.12 18.00 -0.79
C GLU H 227 -22.05 16.94 -0.57
N LYS H 228 -20.78 17.29 -0.84
CA LYS H 228 -19.69 16.38 -0.56
C LYS H 228 -19.66 16.00 0.92
N GLY H 229 -19.92 16.95 1.81
CA GLY H 229 -20.03 16.70 3.24
C GLY H 229 -21.16 15.77 3.62
N GLU H 230 -22.32 16.00 3.03
CA GLU H 230 -23.47 15.15 3.23
C GLU H 230 -23.23 13.71 2.85
N ARG H 231 -22.58 13.51 1.70
CA ARG H 231 -22.21 12.19 1.16
CA ARG H 231 -22.30 12.17 1.22
C ARG H 231 -21.23 11.45 2.06
N TYR H 232 -20.27 12.20 2.60
CA TYR H 232 -19.25 11.63 3.47
C TYR H 232 -19.82 11.18 4.79
N VAL H 233 -20.66 12.01 5.41
CA VAL H 233 -21.12 11.72 6.76
C VAL H 233 -22.14 10.61 6.75
N LYS H 234 -22.79 10.35 5.61
CA LYS H 234 -23.81 9.32 5.58
C LYS H 234 -23.35 7.93 6.03
N PRO H 235 -22.30 7.39 5.43
CA PRO H 235 -21.73 6.10 5.90
C PRO H 235 -21.08 6.14 7.28
N ILE H 236 -20.60 7.31 7.70
CA ILE H 236 -20.04 7.49 9.06
C ILE H 236 -21.16 7.34 10.09
N VAL H 237 -22.29 8.03 9.87
CA VAL H 237 -23.46 7.97 10.75
C VAL H 237 -24.00 6.54 10.82
N GLU H 238 -24.03 5.90 9.66
CA GLU H 238 -24.49 4.50 9.54
C GLU H 238 -23.60 3.51 10.32
N LYS H 239 -22.27 3.63 10.17
CA LYS H 239 -21.36 2.75 10.88
C LYS H 239 -21.38 3.00 12.40
N LEU H 240 -21.48 4.27 12.81
CA LEU H 240 -21.58 4.60 14.23
C LEU H 240 -22.88 4.05 14.87
N ALA H 241 -24.02 4.20 14.17
CA ALA H 241 -25.32 3.66 14.58
C ALA H 241 -25.23 2.16 14.78
N GLY H 242 -24.59 1.48 13.83
CA GLY H 242 -24.26 0.06 13.96
C GLY H 242 -23.43 -0.27 15.20
N LEU H 243 -22.35 0.48 15.45
CA LEU H 243 -21.59 0.36 16.71
C LEU H 243 -22.46 0.56 17.97
N PHE H 244 -23.27 1.64 17.98
CA PHE H 244 -24.09 1.92 19.17
C PHE H 244 -25.02 0.72 19.45
N GLU H 245 -25.65 0.22 18.38
CA GLU H 245 -26.55 -0.91 18.46
C GLU H 245 -25.86 -2.14 19.03
N GLU H 246 -24.66 -2.43 18.54
CA GLU H 246 -23.93 -3.63 18.97
C GLU H 246 -23.44 -3.50 20.41
N MSE H 247 -22.97 -2.31 20.80
CA MSE H 247 -22.59 -2.05 22.19
C MSE H 247 -23.76 -2.25 23.14
O MSE H 247 -23.59 -2.80 24.20
CB MSE H 247 -22.02 -0.64 22.39
CG MSE H 247 -20.68 -0.44 21.76
SE MSE H 247 -20.03 1.39 21.90
CE MSE H 247 -19.33 1.55 23.69
N ALA H 248 -24.96 -1.80 22.74
CA ALA H 248 -26.16 -1.98 23.52
C ALA H 248 -26.60 -3.45 23.62
N GLN H 249 -26.32 -4.22 22.59
CA GLN H 249 -26.94 -5.54 22.45
C GLN H 249 -26.03 -6.73 22.74
N HIS H 250 -24.73 -6.49 22.87
CA HIS H 250 -23.76 -7.56 23.13
C HIS H 250 -22.84 -7.17 24.27
N ASP H 251 -22.34 -8.17 25.00
CA ASP H 251 -21.21 -7.95 25.89
C ASP H 251 -19.99 -7.85 25.01
N LEU H 252 -18.90 -7.33 25.56
CA LEU H 252 -17.65 -7.21 24.83
C LEU H 252 -17.21 -8.58 24.34
N TYR H 253 -17.32 -9.58 25.20
CA TYR H 253 -16.99 -10.94 24.80
C TYR H 253 -18.17 -11.84 25.13
N GLU H 254 -18.45 -12.81 24.26
CA GLU H 254 -19.63 -13.63 24.41
C GLU H 254 -19.33 -15.06 23.99
N MSE I 2 29.74 -6.16 23.11
CA MSE I 2 29.72 -5.15 24.22
C MSE I 2 30.33 -3.84 23.73
O MSE I 2 31.48 -3.81 23.34
CB MSE I 2 30.50 -5.66 25.44
CG MSE I 2 30.97 -4.57 26.42
SE MSE I 2 31.38 -5.16 28.31
CE MSE I 2 29.95 -6.51 28.37
N ASN I 3 29.54 -2.76 23.76
CA ASN I 3 29.98 -1.46 23.25
C ASN I 3 29.73 -0.34 24.24
N LYS I 4 30.77 0.05 24.96
CA LYS I 4 30.65 1.03 26.02
C LYS I 4 30.47 2.44 25.46
N GLU I 5 30.79 2.63 24.18
CA GLU I 5 30.66 3.93 23.54
C GLU I 5 29.19 4.35 23.38
N VAL I 6 28.32 3.39 23.07
CA VAL I 6 26.92 3.66 22.72
C VAL I 6 25.88 2.91 23.52
N ASP I 7 26.31 2.06 24.45
CA ASP I 7 25.41 1.25 25.23
C ASP I 7 25.58 1.52 26.75
N LEU I 8 24.73 2.40 27.29
CA LEU I 8 24.84 2.80 28.71
C LEU I 8 24.76 1.63 29.68
N SER I 9 24.05 0.57 29.29
CA SER I 9 23.87 -0.60 30.13
C SER I 9 25.21 -1.28 30.51
N VAL I 10 26.25 -1.08 29.72
CA VAL I 10 27.58 -1.63 30.04
C VAL I 10 28.68 -0.55 30.22
N SER I 11 28.34 0.72 30.03
CA SER I 11 29.31 1.78 29.97
C SER I 11 29.66 2.33 31.36
N CYS I 12 30.71 3.13 31.40
CA CYS I 12 31.17 3.83 32.59
C CYS I 12 31.58 5.24 32.23
N LEU I 13 31.68 6.12 33.23
CA LEU I 13 31.93 7.55 32.99
C LEU I 13 33.23 7.82 32.24
N GLY I 14 34.25 7.00 32.50
CA GLY I 14 35.56 7.14 31.87
C GLY I 14 35.53 6.99 30.37
N LYS I 15 34.69 6.09 29.88
CA LYS I 15 34.56 5.80 28.45
C LYS I 15 33.73 6.90 27.77
N VAL I 16 32.87 7.59 28.51
CA VAL I 16 31.95 8.55 27.89
C VAL I 16 32.33 10.02 28.04
N LYS I 17 33.02 10.37 29.11
CA LYS I 17 33.07 11.79 29.53
C LYS I 17 33.73 12.75 28.55
N GLU I 18 34.64 12.26 27.71
CA GLU I 18 35.31 13.13 26.75
C GLU I 18 34.69 13.08 25.31
N LEU I 19 33.61 12.31 25.14
CA LEU I 19 33.00 12.12 23.81
C LEU I 19 31.78 13.02 23.64
N LYS I 20 31.59 13.51 22.41
CA LYS I 20 30.38 14.26 22.07
C LYS I 20 29.28 13.27 21.69
N TYR I 21 28.12 13.47 22.29
CA TYR I 21 26.93 12.70 21.93
C TYR I 21 25.94 13.62 21.24
N ASP I 22 25.38 13.14 20.12
CA ASP I 22 24.49 13.91 19.26
C ASP I 22 23.01 13.65 19.54
N VAL I 23 22.65 12.37 19.71
CA VAL I 23 21.27 11.96 19.95
C VAL I 23 21.21 10.92 21.08
N ILE I 24 20.18 11.01 21.92
CA ILE I 24 19.95 10.00 22.97
C ILE I 24 18.81 9.10 22.53
N ILE I 25 18.99 7.79 22.74
CA ILE I 25 17.97 6.81 22.36
C ILE I 25 17.50 6.17 23.65
N LEU I 26 16.21 6.27 23.93
CA LEU I 26 15.60 5.69 25.12
C LEU I 26 14.77 4.45 24.71
N PRO I 27 15.33 3.25 24.88
CA PRO I 27 14.45 2.12 24.63
C PRO I 27 13.36 2.03 25.73
N TRP I 28 12.13 1.71 25.36
CA TRP I 28 11.04 1.68 26.33
C TRP I 28 10.22 0.46 26.05
N GLY I 29 10.12 -0.39 27.05
CA GLY I 29 9.51 -1.72 26.91
C GLY I 29 8.38 -1.99 27.85
N ALA I 30 8.40 -3.18 28.43
CA ALA I 30 7.33 -3.63 29.31
C ALA I 30 7.83 -4.89 30.02
N THR I 31 7.18 -5.22 31.15
CA THR I 31 7.38 -6.50 31.86
C THR I 31 6.10 -7.29 31.68
N GLU I 32 6.12 -8.23 30.74
CA GLU I 32 4.91 -8.74 30.12
C GLU I 32 5.14 -10.16 29.63
N PRO I 33 4.28 -11.10 30.04
CA PRO I 33 4.31 -12.44 29.47
C PRO I 33 4.19 -12.43 27.94
N HIS I 34 5.06 -13.19 27.26
CA HIS I 34 5.05 -13.30 25.79
C HIS I 34 4.84 -14.73 25.30
N ASN I 35 3.59 -15.20 25.27
CA ASN I 35 3.30 -16.62 25.02
C ASN I 35 4.03 -17.37 26.14
N LEU I 36 4.28 -18.67 25.96
CA LEU I 36 4.95 -19.49 26.99
C LEU I 36 6.45 -19.42 26.84
N HIS I 37 6.94 -18.95 25.70
CA HIS I 37 8.31 -19.20 25.28
C HIS I 37 9.26 -17.97 25.28
N LEU I 38 8.72 -16.77 25.20
CA LEU I 38 9.56 -15.60 25.04
C LEU I 38 9.72 -14.92 26.41
N PRO I 39 10.86 -14.23 26.60
CA PRO I 39 11.16 -13.58 27.89
C PRO I 39 10.17 -12.48 28.28
N TYR I 40 9.94 -12.35 29.58
CA TYR I 40 9.16 -11.26 30.15
C TYR I 40 9.64 -9.89 29.71
N LEU I 41 10.95 -9.76 29.46
CA LEU I 41 11.56 -8.49 29.04
C LEU I 41 11.77 -8.34 27.51
N THR I 42 11.07 -9.13 26.71
CA THR I 42 11.17 -9.03 25.23
C THR I 42 11.10 -7.57 24.72
N ASP I 43 10.18 -6.77 25.28
CA ASP I 43 9.91 -5.44 24.78
C ASP I 43 10.95 -4.43 25.14
N CYS I 44 11.79 -4.77 26.10
CA CYS I 44 12.96 -4.01 26.45
C CYS I 44 14.17 -4.44 25.67
N ILE I 45 14.39 -5.75 25.57
CA ILE I 45 15.58 -6.30 24.92
C ILE I 45 15.61 -5.97 23.44
N LEU I 46 14.51 -6.16 22.72
CA LEU I 46 14.59 -5.98 21.27
C LEU I 46 14.88 -4.55 20.86
N PRO I 47 14.12 -3.56 21.38
CA PRO I 47 14.49 -2.22 20.95
C PRO I 47 15.87 -1.79 21.45
N HIS I 48 16.32 -2.33 22.58
CA HIS I 48 17.70 -2.07 23.04
C HIS I 48 18.76 -2.52 22.02
N ASP I 49 18.63 -3.77 21.59
CA ASP I 49 19.62 -4.36 20.67
C ASP I 49 19.60 -3.71 19.29
N ILE I 50 18.41 -3.42 18.80
CA ILE I 50 18.28 -2.71 17.52
C ILE I 50 18.86 -1.29 17.61
N ALA I 51 18.60 -0.60 18.74
CA ALA I 51 19.09 0.76 18.89
C ALA I 51 20.62 0.78 18.89
N VAL I 52 21.22 -0.22 19.55
CA VAL I 52 22.69 -0.33 19.65
C VAL I 52 23.27 -0.58 18.29
N GLU I 53 22.69 -1.51 17.52
CA GLU I 53 23.15 -1.74 16.14
C GLU I 53 23.04 -0.47 15.30
N ALA I 54 21.92 0.23 15.41
CA ALA I 54 21.66 1.44 14.63
C ALA I 54 22.65 2.52 14.99
N ALA I 55 22.90 2.67 16.30
CA ALA I 55 23.87 3.63 16.81
C ALA I 55 25.29 3.28 16.29
N GLU I 56 25.61 1.99 16.28
CA GLU I 56 26.91 1.51 15.76
C GLU I 56 27.10 1.85 14.27
N LEU I 57 26.05 1.63 13.49
CA LEU I 57 26.04 1.94 12.06
C LEU I 57 26.10 3.47 11.84
N ALA I 58 25.32 4.27 12.58
CA ALA I 58 25.41 5.73 12.36
C ALA I 58 26.82 6.28 12.66
N LEU I 59 27.45 5.71 13.68
CA LEU I 59 28.77 6.15 14.10
C LEU I 59 29.85 5.78 13.08
N SER I 60 29.82 4.53 12.60
CA SER I 60 30.80 4.08 11.58
C SER I 60 30.62 4.77 10.24
N ARG I 61 29.37 4.96 9.86
CA ARG I 61 29.00 5.48 8.55
C ARG I 61 29.12 7.01 8.49
N SER I 62 28.74 7.72 9.54
CA SER I 62 28.69 9.17 9.49
C SER I 62 29.41 9.91 10.61
N GLY I 63 29.95 9.17 11.56
CA GLY I 63 30.54 9.76 12.73
C GLY I 63 29.53 10.41 13.65
N VAL I 64 28.25 10.05 13.51
CA VAL I 64 27.22 10.53 14.41
C VAL I 64 27.16 9.59 15.63
N ARG I 65 27.37 10.13 16.83
CA ARG I 65 27.43 9.32 18.04
C ARG I 65 26.18 9.46 18.92
N CYS I 66 25.52 8.34 19.19
CA CYS I 66 24.26 8.28 19.94
C CYS I 66 24.45 7.42 21.18
N MSE I 67 23.75 7.75 22.26
CA MSE I 67 23.79 6.91 23.45
C MSE I 67 22.46 6.21 23.65
O MSE I 67 21.43 6.85 23.69
CB MSE I 67 24.08 7.74 24.66
CG MSE I 67 24.09 6.96 25.94
SE MSE I 67 25.31 5.44 25.97
CE MSE I 67 26.98 6.40 26.26
N VAL I 68 22.49 4.90 23.77
CA VAL I 68 21.32 4.12 24.04
C VAL I 68 21.27 3.98 25.55
N MSE I 69 20.25 4.58 26.14
CA MSE I 69 20.02 4.51 27.57
C MSE I 69 19.51 3.12 27.98
O MSE I 69 19.14 2.32 27.14
CB MSE I 69 18.99 5.55 28.01
CG MSE I 69 19.39 6.98 27.67
SE MSE I 69 20.90 7.64 28.67
CE MSE I 69 19.94 7.83 30.51
N PRO I 70 19.50 2.82 29.29
CA PRO I 70 18.91 1.58 29.73
C PRO I 70 17.40 1.58 29.45
N PRO I 71 16.88 0.42 29.03
CA PRO I 71 15.46 0.30 28.69
C PRO I 71 14.56 0.52 29.88
N VAL I 72 13.41 1.14 29.65
CA VAL I 72 12.42 1.34 30.70
C VAL I 72 11.51 0.10 30.69
N PRO I 73 11.46 -0.67 31.78
CA PRO I 73 10.62 -1.88 31.75
C PRO I 73 9.16 -1.69 32.15
N PHE I 74 8.65 -0.46 32.05
CA PHE I 74 7.33 -0.13 32.57
C PHE I 74 6.38 0.23 31.44
N GLY I 75 5.58 -0.77 31.05
CA GLY I 75 4.59 -0.65 30.00
C GLY I 75 3.16 -0.50 30.49
N ALA I 76 2.29 -0.04 29.58
CA ALA I 76 0.88 0.08 29.80
C ALA I 76 0.17 -1.17 29.26
N HIS I 77 -0.64 -1.83 30.08
CA HIS I 77 -1.18 -3.14 29.73
C HIS I 77 -2.71 -3.14 29.73
N ASN I 78 -3.29 -4.29 29.38
CA ASN I 78 -4.70 -4.43 29.01
C ASN I 78 -5.40 -5.18 30.10
N PRO I 79 -6.74 -5.07 30.15
CA PRO I 79 -7.50 -5.94 31.06
C PRO I 79 -7.12 -7.38 30.88
N GLY I 80 -6.96 -8.12 31.96
CA GLY I 80 -6.60 -9.53 31.86
C GLY I 80 -5.11 -9.85 31.97
N GLN I 81 -4.27 -8.86 31.65
CA GLN I 81 -2.84 -9.03 31.65
C GLN I 81 -2.25 -8.81 33.05
N ARG I 82 -2.84 -7.89 33.80
CA ARG I 82 -2.34 -7.54 35.11
C ARG I 82 -2.41 -8.74 36.08
N GLU I 83 -3.35 -9.66 35.86
CA GLU I 83 -3.52 -10.80 36.74
C GLU I 83 -2.55 -11.94 36.43
N LEU I 84 -1.82 -11.86 35.32
CA LEU I 84 -0.81 -12.87 34.97
C LEU I 84 0.42 -12.65 35.81
N PRO I 85 1.03 -13.73 36.34
CA PRO I 85 2.17 -13.46 37.26
C PRO I 85 3.30 -12.62 36.65
N PHE I 86 3.72 -11.63 37.43
CA PHE I 86 4.84 -10.70 37.17
C PHE I 86 4.62 -9.73 36.01
N CYS I 87 3.41 -9.66 35.51
CA CYS I 87 3.05 -8.58 34.60
C CYS I 87 2.85 -7.26 35.37
N ILE I 88 3.55 -6.21 34.96
CA ILE I 88 3.45 -4.93 35.69
C ILE I 88 2.78 -3.87 34.84
N HIS I 89 1.55 -3.50 35.22
CA HIS I 89 0.83 -2.42 34.52
C HIS I 89 1.29 -1.11 35.09
N THR I 90 1.67 -0.19 34.20
CA THR I 90 2.12 1.16 34.57
C THR I 90 1.10 2.18 34.10
N ARG I 91 0.57 2.96 35.02
CA ARG I 91 -0.33 4.07 34.69
C ARG I 91 0.37 5.10 33.75
N TYR I 92 -0.41 5.76 32.91
CA TYR I 92 0.11 6.79 32.01
C TYR I 92 0.87 7.85 32.80
N ALA I 93 0.29 8.26 33.91
CA ALA I 93 0.86 9.31 34.77
C ALA I 93 2.20 8.93 35.37
N THR I 94 2.40 7.65 35.60
CA THR I 94 3.66 7.14 36.12
C THR I 94 4.68 7.17 35.01
N GLN I 95 4.29 6.68 33.83
CA GLN I 95 5.17 6.77 32.68
C GLN I 95 5.56 8.20 32.37
N GLN I 96 4.61 9.14 32.47
CA GLN I 96 4.88 10.56 32.20
C GLN I 96 5.86 11.14 33.23
N ALA I 97 5.70 10.76 34.50
CA ALA I 97 6.62 11.13 35.55
C ALA I 97 8.04 10.62 35.24
N ILE I 98 8.16 9.36 34.83
CA ILE I 98 9.47 8.83 34.38
C ILE I 98 10.09 9.66 33.22
N LEU I 99 9.33 9.88 32.16
CA LEU I 99 9.86 10.64 31.01
C LEU I 99 10.22 12.08 31.41
N GLU I 100 9.42 12.69 32.28
CA GLU I 100 9.72 14.04 32.81
C GLU I 100 11.07 14.09 33.51
N ASP I 101 11.33 13.09 34.35
CA ASP I 101 12.61 13.01 35.07
C ASP I 101 13.80 12.77 34.13
N ILE I 102 13.61 11.90 33.15
CA ILE I 102 14.65 11.61 32.16
C ILE I 102 14.95 12.87 31.37
N VAL I 103 13.93 13.56 30.92
CA VAL I 103 14.10 14.76 30.14
C VAL I 103 14.72 15.93 30.96
N SER I 104 14.28 16.14 32.18
CA SER I 104 14.84 17.20 33.04
CA SER I 104 14.85 17.23 32.97
C SER I 104 16.36 17.02 33.17
N SER I 105 16.78 15.79 33.42
CA SER I 105 18.20 15.46 33.61
C SER I 105 19.02 15.65 32.34
N LEU I 106 18.57 15.04 31.26
CA LEU I 106 19.24 15.14 29.97
C LEU I 106 19.33 16.59 29.52
N HIS I 107 18.31 17.38 29.82
CA HIS I 107 18.34 18.79 29.45
C HIS I 107 19.43 19.56 30.23
N VAL I 108 19.52 19.34 31.53
CA VAL I 108 20.53 19.96 32.38
C VAL I 108 21.95 19.58 31.94
N GLN I 109 22.08 18.38 31.37
CA GLN I 109 23.32 17.86 30.83
C GLN I 109 23.69 18.42 29.46
N GLY I 110 22.77 19.19 28.85
CA GLY I 110 23.03 19.86 27.57
C GLY I 110 22.50 19.12 26.35
N PHE I 111 21.81 18.00 26.55
CA PHE I 111 21.27 17.24 25.41
C PHE I 111 19.96 17.87 24.95
N ARG I 112 19.72 17.82 23.64
CA ARG I 112 18.57 18.46 23.02
C ARG I 112 17.79 17.60 22.01
N LYS I 113 18.11 16.32 21.92
CA LYS I 113 17.44 15.43 20.96
C LYS I 113 17.32 14.01 21.50
N LEU I 114 16.10 13.52 21.53
CA LEU I 114 15.76 12.21 22.13
C LEU I 114 14.81 11.44 21.21
N LEU I 115 15.13 10.19 20.92
CA LEU I 115 14.19 9.27 20.31
C LEU I 115 13.80 8.25 21.36
N ILE I 116 12.50 8.14 21.62
CA ILE I 116 11.94 7.02 22.39
C ILE I 116 11.68 5.92 21.36
N LEU I 117 12.37 4.79 21.54
CA LEU I 117 12.17 3.57 20.74
C LEU I 117 11.46 2.52 21.57
N SER I 118 10.18 2.36 21.29
CA SER I 118 9.35 1.48 22.06
C SER I 118 9.36 0.06 21.51
N GLY I 119 9.28 -0.90 22.43
CA GLY I 119 9.07 -2.27 22.10
C GLY I 119 7.68 -2.81 22.43
N HIS I 120 6.79 -1.91 22.88
CA HIS I 120 5.47 -2.30 23.37
C HIS I 120 4.41 -1.39 22.81
N GLY I 121 3.51 -2.00 22.03
CA GLY I 121 2.44 -1.31 21.33
C GLY I 121 1.45 -0.64 22.24
N GLY I 122 1.31 -1.16 23.45
CA GLY I 122 0.52 -0.52 24.50
C GLY I 122 1.02 0.83 24.94
N ASN I 123 2.29 1.14 24.67
CA ASN I 123 2.88 2.42 25.08
C ASN I 123 2.51 3.50 24.06
N ASN I 124 2.11 4.66 24.56
CA ASN I 124 1.71 5.78 23.70
C ASN I 124 2.36 7.00 24.28
N PHE I 125 3.12 7.73 23.47
CA PHE I 125 3.93 8.83 23.98
C PHE I 125 3.54 10.20 23.42
N LYS I 126 2.52 10.28 22.58
CA LYS I 126 2.21 11.54 21.90
C LYS I 126 1.77 12.65 22.88
N GLY I 127 0.91 12.32 23.82
CA GLY I 127 0.47 13.25 24.87
C GLY I 127 1.61 13.84 25.67
N MSE I 128 2.51 12.96 26.11
CA MSE I 128 3.68 13.32 26.88
C MSE I 128 4.58 14.21 26.08
O MSE I 128 5.12 15.18 26.59
CB MSE I 128 4.49 12.07 27.27
CG MSE I 128 3.74 11.04 28.10
SE MSE I 128 4.84 9.49 28.58
CE MSE I 128 3.34 8.10 28.83
N ILE I 129 4.82 13.80 24.84
CA ILE I 129 5.68 14.59 23.97
C ILE I 129 5.13 16.00 23.77
N ARG I 130 3.81 16.11 23.55
CA ARG I 130 3.19 17.44 23.41
C ARG I 130 3.33 18.31 24.63
N ASP I 131 3.11 17.72 25.78
CA ASP I 131 3.22 18.45 27.06
C ASP I 131 4.65 18.86 27.35
N LEU I 132 5.62 18.00 27.05
CA LEU I 132 7.05 18.35 27.19
C LEU I 132 7.57 19.41 26.19
N ALA I 133 6.94 19.49 25.03
CA ALA I 133 7.28 20.45 24.01
C ALA I 133 7.06 21.88 24.48
N PHE I 134 6.07 22.10 25.32
CA PHE I 134 5.86 23.41 25.94
C PHE I 134 6.76 23.68 27.17
N GLU I 135 7.08 22.64 27.93
CA GLU I 135 8.00 22.78 29.05
C GLU I 135 9.43 23.00 28.57
N TYR I 136 9.82 22.26 27.51
CA TYR I 136 11.20 22.27 26.99
C TYR I 136 11.20 22.51 25.50
N PRO I 137 10.93 23.76 25.07
CA PRO I 137 10.75 24.04 23.64
C PRO I 137 11.95 23.83 22.77
N ASP I 138 13.13 23.77 23.37
CA ASP I 138 14.39 23.52 22.65
C ASP I 138 14.84 22.05 22.67
N PHE I 139 13.98 21.16 23.13
CA PHE I 139 14.34 19.76 23.31
C PHE I 139 13.41 18.97 22.39
N LEU I 140 14.01 18.33 21.38
CA LEU I 140 13.27 17.52 20.40
C LEU I 140 13.08 16.09 20.89
N ILE I 141 11.82 15.63 20.94
CA ILE I 141 11.50 14.25 21.25
C ILE I 141 10.74 13.60 20.11
N ALA I 142 11.27 12.50 19.59
CA ALA I 142 10.56 11.64 18.63
C ALA I 142 10.18 10.30 19.29
N ALA I 143 9.13 9.67 18.79
CA ALA I 143 8.75 8.33 19.23
C ALA I 143 8.51 7.45 18.02
N ALA I 144 8.89 6.17 18.17
CA ALA I 144 8.68 5.14 17.16
C ALA I 144 8.62 3.78 17.85
N ASN I 145 7.73 2.90 17.38
CA ASN I 145 7.80 1.45 17.69
C ASN I 145 8.76 0.80 16.71
N TRP I 146 9.69 -0.02 17.21
CA TRP I 146 10.72 -0.60 16.31
C TRP I 146 10.08 -1.45 15.22
N PHE I 147 9.02 -2.15 15.60
CA PHE I 147 8.31 -3.04 14.69
C PHE I 147 7.40 -2.34 13.69
N GLU I 148 7.41 -1.01 13.68
CA GLU I 148 6.66 -0.24 12.67
C GLU I 148 7.55 0.47 11.66
N VAL I 149 8.85 0.42 11.90
CA VAL I 149 9.85 1.06 11.06
C VAL I 149 9.80 0.43 9.65
N VAL I 150 9.63 -0.89 9.64
CA VAL I 150 9.40 -1.68 8.45
C VAL I 150 8.26 -2.60 8.77
N SER I 151 7.30 -2.68 7.86
CA SER I 151 6.18 -3.61 7.99
C SER I 151 6.68 -5.05 7.95
N PRO I 152 6.19 -5.88 8.85
CA PRO I 152 6.56 -7.29 8.81
C PRO I 152 5.87 -8.05 7.69
N LYS I 153 4.75 -7.52 7.22
CA LYS I 153 4.05 -8.11 6.06
C LYS I 153 5.07 -8.29 4.93
N GLY I 154 5.29 -9.54 4.54
CA GLY I 154 6.35 -9.86 3.59
C GLY I 154 7.48 -10.64 4.24
N TYR I 155 7.75 -10.34 5.50
CA TYR I 155 8.91 -10.91 6.19
C TYR I 155 8.58 -12.19 6.95
N PHE I 156 7.30 -12.36 7.24
CA PHE I 156 6.85 -13.49 8.03
C PHE I 156 5.62 -14.09 7.41
N GLU I 157 5.34 -15.35 7.74
CA GLU I 157 4.25 -16.09 7.11
C GLU I 157 2.93 -15.96 7.84
N ALA I 158 2.95 -16.03 9.17
CA ALA I 158 1.72 -15.92 9.97
C ALA I 158 0.97 -14.63 9.64
N GLU I 159 -0.33 -14.76 9.43
CA GLU I 159 -1.16 -13.62 9.05
C GLU I 159 -1.45 -12.79 10.30
N ILE I 160 -1.87 -13.46 11.38
CA ILE I 160 -1.98 -12.81 12.70
C ILE I 160 -0.62 -12.87 13.43
N ASP I 161 -0.13 -11.69 13.80
CA ASP I 161 1.15 -11.53 14.46
C ASP I 161 1.15 -10.23 15.26
N ASP I 162 0.47 -10.25 16.39
CA ASP I 162 0.30 -9.06 17.22
C ASP I 162 1.20 -9.05 18.46
N HIS I 163 1.44 -10.21 19.05
CA HIS I 163 2.18 -10.27 20.30
C HIS I 163 2.80 -11.67 20.54
N ALA I 164 4.12 -11.71 20.67
CA ALA I 164 4.85 -12.92 20.91
C ALA I 164 4.71 -13.89 19.72
N GLY I 165 4.52 -13.34 18.53
CA GLY I 165 4.24 -14.17 17.37
C GLY I 165 5.49 -14.36 16.55
N GLU I 166 5.28 -14.54 15.25
CA GLU I 166 6.38 -14.96 14.38
C GLU I 166 7.48 -13.90 14.32
N SER I 167 7.10 -12.62 14.19
CA SER I 167 8.11 -11.57 14.08
C SER I 167 8.95 -11.43 15.36
N GLU I 168 8.31 -11.22 16.51
CA GLU I 168 9.05 -11.03 17.78
C GLU I 168 9.93 -12.25 18.06
N THR I 169 9.34 -13.43 17.85
CA THR I 169 10.01 -14.67 18.07
C THR I 169 11.24 -14.80 17.19
N SER I 170 11.15 -14.43 15.91
CA SER I 170 12.28 -14.55 14.99
C SER I 170 13.39 -13.57 15.35
N VAL I 171 13.02 -12.33 15.69
CA VAL I 171 14.00 -11.30 16.08
C VAL I 171 14.67 -11.72 17.39
N MSE I 172 13.95 -12.26 18.36
CA MSE I 172 14.58 -12.75 19.60
C MSE I 172 15.54 -13.93 19.34
O MSE I 172 16.59 -13.99 19.94
CB MSE I 172 13.55 -13.15 20.65
CG MSE I 172 14.17 -13.50 22.05
SE MSE I 172 15.17 -12.07 22.93
CE MSE I 172 13.73 -10.86 23.25
N MSE I 173 15.17 -14.84 18.46
CA MSE I 173 16.03 -15.96 18.07
C MSE I 173 17.34 -15.51 17.41
O MSE I 173 18.40 -16.11 17.62
CB MSE I 173 15.26 -16.87 17.10
CG MSE I 173 14.26 -17.75 17.76
SE MSE I 173 13.11 -18.76 16.52
CE MSE I 173 14.24 -20.40 16.34
N HIS I 174 17.25 -14.42 16.62
CA HIS I 174 18.42 -13.79 16.04
C HIS I 174 19.35 -13.20 17.08
N TYR I 175 18.84 -12.27 17.90
CA TYR I 175 19.67 -11.59 18.89
C TYR I 175 20.00 -12.41 20.10
N HIS I 176 19.10 -13.25 20.55
CA HIS I 176 19.35 -14.02 21.76
C HIS I 176 18.71 -15.41 21.71
N PRO I 177 19.27 -16.32 20.88
CA PRO I 177 18.77 -17.67 20.77
C PRO I 177 18.75 -18.41 22.08
N GLU I 178 19.63 -18.03 22.99
CA GLU I 178 19.70 -18.63 24.31
C GLU I 178 18.49 -18.29 25.22
N LEU I 179 17.74 -17.22 24.89
CA LEU I 179 16.60 -16.80 25.75
C LEU I 179 15.25 -17.35 25.30
N VAL I 180 15.23 -18.08 24.20
CA VAL I 180 13.98 -18.60 23.62
C VAL I 180 14.12 -20.03 23.12
N ASN I 181 13.21 -20.88 23.57
CA ASN I 181 13.09 -22.22 23.05
C ASN I 181 11.76 -22.32 22.32
N LEU I 182 11.82 -22.27 20.99
CA LEU I 182 10.62 -22.28 20.16
C LEU I 182 9.69 -23.47 20.42
N ALA I 183 10.23 -24.64 20.73
CA ALA I 183 9.39 -25.82 21.08
C ALA I 183 8.45 -25.61 22.28
N GLU I 184 8.74 -24.62 23.13
CA GLU I 184 7.90 -24.34 24.32
C GLU I 184 6.66 -23.49 24.01
N ALA I 185 6.61 -22.92 22.80
CA ALA I 185 5.55 -22.00 22.41
C ALA I 185 4.18 -22.69 22.27
N GLY I 186 3.14 -21.97 22.71
CA GLY I 186 1.76 -22.32 22.39
C GLY I 186 1.36 -21.78 21.04
N ASP I 187 0.16 -22.12 20.58
CA ASP I 187 -0.25 -21.70 19.23
CA ASP I 187 -0.32 -21.73 19.25
C ASP I 187 -0.66 -20.21 19.13
N GLY I 188 -0.75 -19.52 20.26
CA GLY I 188 -1.10 -18.10 20.26
C GLY I 188 -2.47 -17.79 19.67
N GLU I 189 -3.42 -18.69 19.91
CA GLU I 189 -4.79 -18.53 19.38
C GLU I 189 -5.44 -17.35 20.06
N SER I 190 -6.20 -16.58 19.27
CA SER I 190 -6.86 -15.37 19.76
C SER I 190 -8.33 -15.38 19.38
N LYS I 191 -9.12 -14.69 20.18
CA LYS I 191 -10.54 -14.62 19.98
C LYS I 191 -10.94 -13.17 19.81
N PRO I 192 -11.92 -12.92 18.93
CA PRO I 192 -12.40 -11.55 18.70
C PRO I 192 -13.40 -11.10 19.75
N PHE I 193 -13.81 -9.83 19.62
CA PHE I 193 -14.91 -9.28 20.37
C PHE I 193 -16.25 -9.87 19.85
N ALA I 194 -17.27 -9.82 20.71
CA ALA I 194 -18.66 -10.09 20.32
C ALA I 194 -19.34 -8.92 19.57
N ILE I 195 -18.68 -7.75 19.60
CA ILE I 195 -19.16 -6.48 19.03
C ILE I 195 -18.42 -6.30 17.69
N ALA I 196 -19.15 -6.57 16.62
CA ALA I 196 -18.58 -6.66 15.29
C ALA I 196 -17.88 -5.38 14.87
N SER I 197 -18.47 -4.21 15.14
CA SER I 197 -17.85 -2.93 14.77
C SER I 197 -16.48 -2.70 15.40
N LEU I 198 -16.25 -3.29 16.59
CA LEU I 198 -14.97 -3.18 17.24
C LEU I 198 -13.90 -4.05 16.57
N ASN I 199 -14.30 -5.23 16.08
CA ASN I 199 -13.41 -6.04 15.25
C ASN I 199 -13.09 -5.33 13.93
N GLU I 200 -14.06 -4.61 13.39
CA GLU I 200 -13.88 -3.86 12.14
C GLU I 200 -13.12 -2.55 12.36
N LYS I 201 -12.89 -2.20 13.63
CA LYS I 201 -12.12 -1.04 14.07
C LYS I 201 -12.83 0.30 13.85
N VAL I 202 -14.15 0.28 13.86
CA VAL I 202 -14.95 1.52 13.83
C VAL I 202 -14.63 2.36 15.07
N ALA I 203 -14.46 1.67 16.20
CA ALA I 203 -13.93 2.28 17.42
C ALA I 203 -12.89 1.34 18.07
N TRP I 204 -12.07 1.89 18.98
CA TRP I 204 -11.03 1.12 19.69
C TRP I 204 -11.42 0.86 21.15
N VAL I 205 -11.30 -0.41 21.54
CA VAL I 205 -11.41 -0.87 22.93
C VAL I 205 -10.22 -1.82 23.17
N PRO I 206 -9.57 -1.79 24.35
CA PRO I 206 -8.46 -2.75 24.47
C PRO I 206 -8.91 -4.23 24.55
N ARG I 207 -8.18 -5.10 23.87
CA ARG I 207 -8.40 -6.54 23.93
C ARG I 207 -8.30 -6.94 25.40
N HIS I 208 -9.16 -7.86 25.85
CA HIS I 208 -9.04 -8.44 27.17
C HIS I 208 -8.32 -9.78 27.07
N TRP I 209 -7.16 -9.85 27.72
CA TRP I 209 -6.30 -11.00 27.58
C TRP I 209 -6.88 -12.26 28.13
N ASP I 210 -7.64 -12.14 29.21
CA ASP I 210 -8.25 -13.30 29.84
C ASP I 210 -9.39 -13.94 29.03
N LYS I 211 -9.98 -13.20 28.10
CA LYS I 211 -11.03 -13.70 27.23
C LYS I 211 -10.55 -13.95 25.81
N ALA I 212 -9.49 -13.24 25.39
CA ALA I 212 -9.00 -13.21 24.03
C ALA I 212 -7.85 -14.18 23.75
N THR I 213 -7.09 -14.55 24.77
CA THR I 213 -5.84 -15.34 24.64
CA THR I 213 -5.92 -15.42 24.56
C THR I 213 -5.87 -16.55 25.61
N VAL I 214 -5.18 -17.62 25.25
CA VAL I 214 -5.05 -18.80 26.13
C VAL I 214 -3.64 -18.82 26.75
N ASP I 215 -2.60 -18.66 25.92
CA ASP I 215 -1.19 -18.78 26.38
C ASP I 215 -0.50 -17.42 26.59
N SER I 216 -1.30 -16.36 26.44
CA SER I 216 -0.88 -14.96 26.49
C SER I 216 -0.29 -14.45 25.19
N GLY I 217 -0.07 -15.29 24.19
CA GLY I 217 0.32 -14.78 22.88
C GLY I 217 -0.85 -14.46 21.94
N VAL I 218 -0.57 -13.61 20.97
CA VAL I 218 -1.52 -13.28 19.94
C VAL I 218 -0.82 -13.46 18.58
N GLY I 219 -0.96 -14.66 18.02
CA GLY I 219 -0.34 -15.03 16.75
C GLY I 219 0.54 -16.24 16.95
N ASN I 220 0.52 -17.14 15.96
CA ASN I 220 1.25 -18.41 16.04
C ASN I 220 2.70 -18.16 15.64
N PRO I 221 3.65 -18.39 16.58
CA PRO I 221 5.07 -18.11 16.33
C PRO I 221 5.86 -19.27 15.69
N LYS I 222 5.17 -20.37 15.40
CA LYS I 222 5.84 -21.64 15.19
C LYS I 222 6.70 -21.75 13.93
N LYS I 223 6.53 -20.83 12.97
CA LYS I 223 7.42 -20.78 11.80
C LYS I 223 8.56 -19.76 11.94
N ALA I 224 8.76 -19.25 13.16
CA ALA I 224 9.84 -18.26 13.41
C ALA I 224 11.21 -18.90 13.19
N THR I 225 12.15 -18.11 12.71
CA THR I 225 13.53 -18.56 12.56
C THR I 225 14.46 -17.37 12.76
N ALA I 226 15.67 -17.61 13.26
CA ALA I 226 16.70 -16.58 13.40
C ALA I 226 16.97 -15.88 12.08
N GLU I 227 17.02 -16.65 10.99
CA GLU I 227 17.33 -16.08 9.68
C GLU I 227 16.25 -15.10 9.23
N LYS I 228 14.99 -15.40 9.52
CA LYS I 228 13.88 -14.46 9.25
C LYS I 228 14.01 -13.17 10.07
N GLY I 229 14.45 -13.28 11.32
CA GLY I 229 14.69 -12.13 12.19
C GLY I 229 15.82 -11.27 11.72
N GLU I 230 16.92 -11.91 11.37
CA GLU I 230 18.05 -11.20 10.82
C GLU I 230 17.68 -10.36 9.59
N ARG I 231 16.96 -10.96 8.63
CA ARG I 231 16.56 -10.23 7.40
C ARG I 231 15.56 -9.12 7.68
N TYR I 232 14.72 -9.28 8.69
CA TYR I 232 13.77 -8.21 9.07
C TYR I 232 14.48 -7.01 9.74
N VAL I 233 15.40 -7.26 10.67
CA VAL I 233 15.97 -6.15 11.42
C VAL I 233 17.01 -5.37 10.64
N LYS I 234 17.57 -5.95 9.57
CA LYS I 234 18.58 -5.24 8.76
C LYS I 234 18.09 -3.89 8.20
N PRO I 235 16.96 -3.85 7.46
CA PRO I 235 16.42 -2.58 7.02
C PRO I 235 15.86 -1.71 8.17
N ILE I 236 15.42 -2.32 9.26
CA ILE I 236 15.02 -1.54 10.45
C ILE I 236 16.24 -0.73 11.04
N VAL I 237 17.34 -1.42 11.32
CA VAL I 237 18.60 -0.78 11.78
C VAL I 237 19.06 0.31 10.82
N GLU I 238 19.01 0.00 9.51
CA GLU I 238 19.45 0.93 8.50
C GLU I 238 18.60 2.20 8.50
N LYS I 239 17.29 2.03 8.52
CA LYS I 239 16.35 3.18 8.62
C LYS I 239 16.48 4.04 9.90
N LEU I 240 16.66 3.40 11.04
CA LEU I 240 16.88 4.11 12.32
C LEU I 240 18.23 4.84 12.32
N ALA I 241 19.29 4.18 11.84
CA ALA I 241 20.57 4.85 11.66
C ALA I 241 20.44 6.14 10.84
N GLY I 242 19.64 6.09 9.78
CA GLY I 242 19.40 7.24 8.95
C GLY I 242 18.69 8.35 9.67
N LEU I 243 17.71 7.97 10.49
CA LEU I 243 17.00 8.91 11.35
C LEU I 243 17.96 9.60 12.32
N PHE I 244 18.80 8.81 12.97
CA PHE I 244 19.75 9.36 13.96
C PHE I 244 20.64 10.41 13.30
N GLU I 245 21.17 10.07 12.13
CA GLU I 245 22.00 10.95 11.34
C GLU I 245 21.28 12.26 11.03
N GLU I 246 20.05 12.15 10.55
CA GLU I 246 19.30 13.33 10.14
C GLU I 246 18.92 14.21 11.33
N MSE I 247 18.60 13.59 12.48
CA MSE I 247 18.32 14.30 13.74
C MSE I 247 19.55 15.02 14.23
O MSE I 247 19.45 16.13 14.74
CB MSE I 247 17.86 13.32 14.82
CG MSE I 247 16.44 12.86 14.67
SE MSE I 247 15.84 11.54 16.04
CE MSE I 247 15.56 12.80 17.58
N ALA I 248 20.72 14.39 14.08
CA ALA I 248 22.00 15.01 14.43
C ALA I 248 22.31 16.17 13.51
N GLN I 249 22.01 16.04 12.21
CA GLN I 249 22.53 16.98 11.19
C GLN I 249 21.56 18.10 10.73
N HIS I 250 20.27 17.98 11.05
CA HIS I 250 19.24 18.93 10.58
C HIS I 250 18.42 19.43 11.74
N ASP I 251 18.07 20.71 11.70
CA ASP I 251 17.04 21.25 12.57
C ASP I 251 15.73 20.63 12.08
N LEU I 252 14.72 20.64 12.94
CA LEU I 252 13.43 20.04 12.61
C LEU I 252 12.84 20.68 11.32
N TYR I 253 13.02 21.99 11.22
CA TYR I 253 12.61 22.73 10.06
C TYR I 253 13.78 23.55 9.57
N GLU I 254 13.86 23.71 8.25
CA GLU I 254 14.91 24.47 7.60
C GLU I 254 14.34 25.27 6.43
N MSE J 2 22.45 -18.64 33.99
CA MSE J 2 21.05 -18.24 33.70
C MSE J 2 20.06 -19.07 34.54
O MSE J 2 20.19 -20.29 34.63
CB MSE J 2 20.74 -18.40 32.20
CG MSE J 2 19.26 -18.33 31.81
SE MSE J 2 18.88 -18.52 29.86
CE MSE J 2 20.46 -17.35 29.24
N ASN J 3 19.10 -18.41 35.16
CA ASN J 3 18.13 -19.10 36.01
C ASN J 3 16.71 -18.56 35.88
N LYS J 4 15.95 -19.19 34.97
CA LYS J 4 14.59 -18.76 34.60
C LYS J 4 13.59 -18.97 35.70
N GLU J 5 13.95 -19.79 36.69
CA GLU J 5 13.08 -20.04 37.84
C GLU J 5 12.96 -18.83 38.80
N VAL J 6 14.05 -18.09 39.00
CA VAL J 6 14.08 -17.03 40.04
C VAL J 6 14.57 -15.65 39.55
N ASP J 7 14.89 -15.55 38.26
CA ASP J 7 15.36 -14.31 37.66
C ASP J 7 14.48 -14.00 36.46
N LEU J 8 13.54 -13.05 36.65
CA LEU J 8 12.59 -12.64 35.64
C LEU J 8 13.21 -12.04 34.39
N SER J 9 14.40 -11.43 34.55
CA SER J 9 15.12 -10.81 33.43
C SER J 9 15.48 -11.81 32.34
N VAL J 10 15.53 -13.11 32.67
CA VAL J 10 15.80 -14.16 31.66
C VAL J 10 14.60 -15.14 31.49
N SER J 11 13.56 -14.99 32.29
CA SER J 11 12.52 -15.99 32.44
C SER J 11 11.37 -15.81 31.43
N CYS J 12 10.48 -16.79 31.36
CA CYS J 12 9.33 -16.77 30.46
C CYS J 12 8.14 -17.40 31.16
N LEU J 13 6.93 -17.11 30.70
CA LEU J 13 5.68 -17.53 31.38
C LEU J 13 5.61 -19.06 31.52
N GLY J 14 6.03 -19.78 30.49
CA GLY J 14 6.07 -21.23 30.55
C GLY J 14 6.84 -21.83 31.73
N LYS J 15 7.94 -21.18 32.14
CA LYS J 15 8.76 -21.64 33.28
C LYS J 15 8.11 -21.31 34.62
N VAL J 16 7.40 -20.19 34.69
CA VAL J 16 6.91 -19.67 35.97
C VAL J 16 5.45 -20.06 36.30
N LYS J 17 4.65 -20.32 35.27
CA LYS J 17 3.20 -20.33 35.48
C LYS J 17 2.74 -21.48 36.34
N GLU J 18 3.46 -22.60 36.37
CA GLU J 18 3.00 -23.72 37.21
C GLU J 18 3.73 -23.84 38.56
N LEU J 19 4.48 -22.81 38.96
CA LEU J 19 5.24 -22.83 40.23
C LEU J 19 4.68 -21.87 41.24
N LYS J 20 4.77 -22.24 42.50
CA LYS J 20 4.40 -21.37 43.60
C LYS J 20 5.58 -20.50 44.00
N TYR J 21 5.33 -19.20 44.12
CA TYR J 21 6.32 -18.20 44.53
C TYR J 21 5.89 -17.69 45.86
N ASP J 22 6.83 -17.61 46.80
CA ASP J 22 6.55 -17.27 48.17
C ASP J 22 6.80 -15.80 48.47
N VAL J 23 7.94 -15.29 47.98
CA VAL J 23 8.35 -13.89 48.21
C VAL J 23 8.79 -13.26 46.89
N ILE J 24 8.51 -11.97 46.70
CA ILE J 24 8.97 -11.24 45.51
C ILE J 24 10.07 -10.28 45.97
N ILE J 25 11.16 -10.22 45.20
CA ILE J 25 12.33 -9.38 45.48
C ILE J 25 12.46 -8.39 44.36
N LEU J 26 12.50 -7.11 44.72
CA LEU J 26 12.59 -6.03 43.77
C LEU J 26 13.92 -5.28 43.93
N PRO J 27 14.90 -5.55 43.04
CA PRO J 27 16.11 -4.78 43.05
C PRO J 27 15.81 -3.34 42.66
N TRP J 28 16.39 -2.41 43.39
CA TRP J 28 16.16 -0.99 43.09
C TRP J 28 17.46 -0.23 43.10
N GLY J 29 17.85 0.25 41.93
CA GLY J 29 19.13 0.92 41.80
C GLY J 29 19.00 2.39 41.39
N ALA J 30 19.71 2.71 40.32
CA ALA J 30 20.01 4.06 39.94
C ALA J 30 20.78 3.98 38.63
N THR J 31 20.71 5.06 37.84
CA THR J 31 21.52 5.26 36.66
C THR J 31 22.47 6.43 36.99
N GLU J 32 23.73 6.12 37.30
CA GLU J 32 24.62 7.04 38.06
C GLU J 32 26.10 6.80 37.74
N PRO J 33 26.84 7.86 37.36
CA PRO J 33 28.28 7.64 37.24
C PRO J 33 28.90 7.10 38.54
N HIS J 34 29.81 6.11 38.41
CA HIS J 34 30.47 5.43 39.52
C HIS J 34 32.00 5.52 39.38
N ASN J 35 32.58 6.64 39.85
CA ASN J 35 34.00 6.94 39.54
C ASN J 35 34.15 6.79 38.00
N LEU J 36 35.35 6.48 37.53
CA LEU J 36 35.58 6.39 36.10
C LEU J 36 35.45 4.96 35.55
N HIS J 37 35.50 3.96 36.43
CA HIS J 37 35.67 2.53 36.06
C HIS J 37 34.44 1.64 36.22
N LEU J 38 33.48 2.01 37.07
CA LEU J 38 32.32 1.14 37.31
C LEU J 38 31.13 1.51 36.40
N PRO J 39 30.29 0.53 36.10
CA PRO J 39 29.12 0.79 35.26
C PRO J 39 28.12 1.83 35.81
N TYR J 40 27.53 2.61 34.90
CA TYR J 40 26.36 3.45 35.24
C TYR J 40 25.27 2.65 35.96
N LEU J 41 25.12 1.36 35.63
CA LEU J 41 24.09 0.51 36.26
C LEU J 41 24.49 -0.34 37.48
N THR J 42 25.62 -0.05 38.09
CA THR J 42 26.15 -0.78 39.27
C THR J 42 25.08 -0.99 40.33
N ASP J 43 24.30 0.04 40.64
CA ASP J 43 23.29 -0.08 41.67
C ASP J 43 22.12 -0.98 41.34
N CYS J 44 21.95 -1.27 40.05
CA CYS J 44 20.96 -2.26 39.63
C CYS J 44 21.60 -3.63 39.62
N ILE J 45 22.78 -3.72 39.01
CA ILE J 45 23.45 -5.01 38.80
C ILE J 45 23.71 -5.70 40.11
N LEU J 46 24.28 -4.98 41.08
CA LEU J 46 24.75 -5.67 42.28
C LEU J 46 23.64 -6.29 43.11
N PRO J 47 22.58 -5.53 43.47
CA PRO J 47 21.51 -6.20 44.21
C PRO J 47 20.78 -7.24 43.41
N HIS J 48 20.77 -7.12 42.09
CA HIS J 48 20.15 -8.15 41.27
C HIS J 48 20.87 -9.51 41.42
N ASP J 49 22.19 -9.46 41.27
CA ASP J 49 23.05 -10.65 41.38
C ASP J 49 23.07 -11.23 42.79
N ILE J 50 23.13 -10.35 43.80
CA ILE J 50 22.97 -10.77 45.18
C ILE J 50 21.63 -11.43 45.43
N ALA J 51 20.55 -10.77 45.00
CA ALA J 51 19.20 -11.32 45.22
C ALA J 51 19.05 -12.67 44.55
N VAL J 52 19.53 -12.82 43.33
CA VAL J 52 19.36 -14.11 42.63
C VAL J 52 20.08 -15.23 43.36
N GLU J 53 21.32 -14.97 43.76
CA GLU J 53 22.16 -15.90 44.54
C GLU J 53 21.48 -16.30 45.83
N ALA J 54 20.88 -15.33 46.53
CA ALA J 54 20.15 -15.62 47.76
C ALA J 54 18.86 -16.41 47.50
N ALA J 55 18.18 -16.13 46.39
CA ALA J 55 16.94 -16.88 46.06
C ALA J 55 17.30 -18.33 45.69
N GLU J 56 18.42 -18.48 44.98
CA GLU J 56 18.95 -19.81 44.66
C GLU J 56 19.29 -20.65 45.91
N LEU J 57 19.87 -20.01 46.93
CA LEU J 57 20.18 -20.64 48.22
C LEU J 57 18.95 -20.96 48.99
N ALA J 58 17.98 -20.03 49.08
CA ALA J 58 16.73 -20.31 49.80
C ALA J 58 15.96 -21.47 49.17
N LEU J 59 15.97 -21.56 47.84
CA LEU J 59 15.27 -22.64 47.16
C LEU J 59 15.92 -24.00 47.46
N SER J 60 17.23 -24.12 47.25
CA SER J 60 17.92 -25.40 47.45
C SER J 60 17.90 -25.83 48.91
N ARG J 61 18.05 -24.85 49.81
CA ARG J 61 18.14 -25.07 51.23
C ARG J 61 16.82 -25.39 51.93
N SER J 62 15.75 -24.65 51.60
CA SER J 62 14.46 -24.79 52.28
C SER J 62 13.28 -25.05 51.35
N GLY J 63 13.48 -25.13 50.04
CA GLY J 63 12.34 -25.17 49.11
C GLY J 63 11.49 -23.88 49.06
N VAL J 64 11.97 -22.79 49.64
CA VAL J 64 11.30 -21.50 49.53
C VAL J 64 11.67 -20.88 48.17
N ARG J 65 10.68 -20.46 47.38
CA ARG J 65 10.93 -19.97 46.03
C ARG J 65 10.55 -18.50 45.88
N CYS J 66 11.56 -17.68 45.53
CA CYS J 66 11.43 -16.24 45.35
C CYS J 66 11.71 -15.85 43.91
N MSE J 67 11.05 -14.77 43.46
CA MSE J 67 11.24 -14.21 42.11
C MSE J 67 11.92 -12.86 42.24
O MSE J 67 11.45 -11.98 42.97
CB MSE J 67 9.90 -14.06 41.38
CG MSE J 67 10.03 -13.44 39.99
SE MSE J 67 11.19 -14.48 38.86
CE MSE J 67 9.97 -15.86 38.27
N VAL J 68 13.03 -12.73 41.55
CA VAL J 68 13.78 -11.52 41.49
C VAL J 68 13.31 -10.76 40.24
N MSE J 69 12.63 -9.64 40.49
CA MSE J 69 12.03 -8.82 39.44
C MSE J 69 13.13 -8.01 38.73
O MSE J 69 14.26 -7.93 39.22
CB MSE J 69 11.02 -7.84 40.07
CG MSE J 69 9.85 -8.44 40.75
SE MSE J 69 8.73 -9.38 39.51
CE MSE J 69 8.08 -7.67 38.48
N PRO J 70 12.81 -7.44 37.56
CA PRO J 70 13.86 -6.68 36.90
C PRO J 70 14.23 -5.44 37.74
N PRO J 71 15.50 -5.07 37.73
CA PRO J 71 15.88 -3.92 38.59
C PRO J 71 15.27 -2.59 38.13
N VAL J 72 14.92 -1.72 39.07
CA VAL J 72 14.40 -0.41 38.75
C VAL J 72 15.60 0.54 38.64
N PRO J 73 15.84 1.10 37.44
CA PRO J 73 17.05 1.92 37.29
C PRO J 73 16.92 3.42 37.64
N PHE J 74 15.98 3.78 38.51
CA PHE J 74 15.58 5.17 38.79
C PHE J 74 15.83 5.56 40.23
N GLY J 75 16.99 6.16 40.48
CA GLY J 75 17.38 6.57 41.83
C GLY J 75 17.21 8.05 42.06
N ALA J 76 17.22 8.41 43.33
CA ALA J 76 17.20 9.79 43.82
C ALA J 76 18.63 10.22 44.02
N HIS J 77 19.02 11.33 43.37
CA HIS J 77 20.38 11.78 43.38
C HIS J 77 20.56 13.18 44.05
N ASN J 78 21.80 13.64 44.13
CA ASN J 78 22.21 14.80 44.91
C ASN J 78 22.53 16.00 44.02
N PRO J 79 22.62 17.20 44.62
CA PRO J 79 23.09 18.34 43.86
C PRO J 79 24.45 18.06 43.23
N GLY J 80 24.63 18.53 42.01
CA GLY J 80 25.84 18.25 41.23
C GLY J 80 25.87 16.98 40.40
N GLN J 81 25.05 15.98 40.73
CA GLN J 81 25.08 14.71 40.02
C GLN J 81 24.28 14.78 38.72
N ARG J 82 23.17 15.50 38.76
CA ARG J 82 22.23 15.62 37.64
C ARG J 82 22.90 16.25 36.40
N GLU J 83 23.91 17.07 36.61
CA GLU J 83 24.66 17.64 35.50
C GLU J 83 25.68 16.69 34.85
N LEU J 84 26.00 15.59 35.51
CA LEU J 84 26.90 14.58 34.96
C LEU J 84 26.17 13.78 33.84
N PRO J 85 26.84 13.57 32.69
CA PRO J 85 26.19 12.92 31.56
C PRO J 85 25.55 11.58 31.92
N PHE J 86 24.28 11.44 31.51
CA PHE J 86 23.51 10.21 31.65
C PHE J 86 23.08 9.84 33.07
N CYS J 87 23.28 10.72 34.03
CA CYS J 87 22.78 10.52 35.37
C CYS J 87 21.31 10.95 35.38
N ILE J 88 20.43 10.08 35.83
CA ILE J 88 19.01 10.37 35.87
C ILE J 88 18.53 10.54 37.28
N HIS J 89 18.21 11.78 37.68
CA HIS J 89 17.54 12.02 38.98
C HIS J 89 16.06 11.66 38.92
N THR J 90 15.59 10.91 39.89
CA THR J 90 14.19 10.53 39.99
C THR J 90 13.56 11.21 41.23
N ARG J 91 12.46 11.94 41.02
CA ARG J 91 11.73 12.53 42.12
C ARG J 91 11.13 11.44 43.00
N TYR J 92 10.97 11.71 44.29
CA TYR J 92 10.36 10.75 45.23
C TYR J 92 8.96 10.35 44.75
N ALA J 93 8.19 11.33 44.27
CA ALA J 93 6.83 11.12 43.76
C ALA J 93 6.84 10.16 42.56
N THR J 94 7.87 10.26 41.72
CA THR J 94 8.02 9.36 40.58
C THR J 94 8.30 7.95 41.03
N GLN J 95 9.21 7.78 41.99
CA GLN J 95 9.49 6.47 42.58
C GLN J 95 8.29 5.91 43.29
N GLN J 96 7.54 6.76 44.00
CA GLN J 96 6.35 6.28 44.66
C GLN J 96 5.31 5.78 43.66
N ALA J 97 5.11 6.49 42.55
CA ALA J 97 4.19 6.03 41.50
C ALA J 97 4.61 4.66 40.99
N ILE J 98 5.90 4.51 40.73
CA ILE J 98 6.49 3.22 40.30
C ILE J 98 6.16 2.10 41.27
N LEU J 99 6.50 2.25 42.56
CA LEU J 99 6.21 1.24 43.57
C LEU J 99 4.72 0.95 43.70
N GLU J 100 3.87 1.99 43.68
CA GLU J 100 2.40 1.84 43.65
C GLU J 100 1.93 0.94 42.50
N ASP J 101 2.45 1.14 41.30
CA ASP J 101 2.08 0.28 40.17
C ASP J 101 2.55 -1.18 40.32
N ILE J 102 3.76 -1.38 40.84
CA ILE J 102 4.28 -2.73 41.06
C ILE J 102 3.45 -3.44 42.11
N VAL J 103 3.19 -2.78 43.24
CA VAL J 103 2.43 -3.40 44.31
C VAL J 103 1.02 -3.70 43.84
N SER J 104 0.40 -2.75 43.14
CA SER J 104 -0.95 -2.97 42.63
C SER J 104 -1.06 -4.24 41.76
N SER J 105 -0.11 -4.41 40.84
CA SER J 105 -0.11 -5.58 39.95
C SER J 105 0.15 -6.85 40.74
N LEU J 106 1.22 -6.85 41.54
CA LEU J 106 1.57 -8.01 42.35
C LEU J 106 0.42 -8.45 43.24
N HIS J 107 -0.27 -7.48 43.88
CA HIS J 107 -1.41 -7.80 44.77
C HIS J 107 -2.55 -8.48 44.01
N VAL J 108 -2.82 -8.03 42.80
CA VAL J 108 -3.87 -8.63 41.98
C VAL J 108 -3.52 -10.07 41.60
N GLN J 109 -2.22 -10.32 41.48
CA GLN J 109 -1.70 -11.65 41.09
C GLN J 109 -1.66 -12.63 42.24
N GLY J 110 -2.00 -12.17 43.44
CA GLY J 110 -2.10 -13.03 44.59
C GLY J 110 -0.94 -12.95 45.55
N PHE J 111 0.07 -12.10 45.26
CA PHE J 111 1.28 -12.04 46.09
C PHE J 111 1.09 -11.10 47.28
N ARG J 112 1.71 -11.44 48.40
CA ARG J 112 1.51 -10.70 49.64
C ARG J 112 2.79 -10.29 50.39
N LYS J 113 3.96 -10.62 49.83
CA LYS J 113 5.27 -10.38 50.44
C LYS J 113 6.30 -9.93 49.42
N LEU J 114 6.88 -8.77 49.71
CA LEU J 114 7.82 -8.09 48.85
C LEU J 114 8.98 -7.49 49.64
N LEU J 115 10.18 -7.75 49.18
CA LEU J 115 11.37 -7.06 49.67
C LEU J 115 11.90 -6.14 48.59
N ILE J 116 12.10 -4.88 48.92
CA ILE J 116 12.86 -3.98 48.06
C ILE J 116 14.34 -4.11 48.46
N LEU J 117 15.19 -4.55 47.54
CA LEU J 117 16.63 -4.64 47.82
C LEU J 117 17.35 -3.58 47.02
N SER J 118 17.73 -2.53 47.70
CA SER J 118 18.26 -1.35 47.06
C SER J 118 19.76 -1.47 46.96
N GLY J 119 20.32 -0.99 45.81
CA GLY J 119 21.73 -0.77 45.68
C GLY J 119 22.17 0.68 45.68
N HIS J 120 21.28 1.61 46.00
CA HIS J 120 21.59 3.03 45.99
C HIS J 120 21.10 3.68 47.29
N GLY J 121 22.03 4.22 48.07
CA GLY J 121 21.74 4.80 49.36
C GLY J 121 20.94 6.09 49.33
N GLY J 122 20.92 6.77 48.18
CA GLY J 122 20.05 7.90 47.98
C GLY J 122 18.57 7.55 47.93
N ASN J 123 18.24 6.28 47.69
CA ASN J 123 16.85 5.82 47.74
C ASN J 123 16.41 5.64 49.18
N ASN J 124 15.20 6.09 49.48
CA ASN J 124 14.58 5.97 50.77
C ASN J 124 13.13 5.52 50.56
N PHE J 125 12.73 4.42 51.19
CA PHE J 125 11.43 3.75 50.92
C PHE J 125 10.50 3.67 52.12
N LYS J 126 10.88 4.21 53.27
CA LYS J 126 10.09 4.02 54.50
C LYS J 126 8.73 4.74 54.44
N GLY J 127 8.73 5.98 53.97
CA GLY J 127 7.48 6.73 53.72
C GLY J 127 6.53 6.02 52.75
N MSE J 128 7.09 5.54 51.64
CA MSE J 128 6.29 4.81 50.64
C MSE J 128 5.71 3.56 51.26
O MSE J 128 4.57 3.22 50.99
CB MSE J 128 7.13 4.34 49.43
CG MSE J 128 7.71 5.45 48.62
SE MSE J 128 8.78 4.83 47.20
CE MSE J 128 10.02 6.28 47.25
N ILE J 129 6.52 2.84 52.00
CA ILE J 129 6.02 1.64 52.69
C ILE J 129 4.93 1.97 53.74
N ARG J 130 5.10 3.07 54.48
CA ARG J 130 4.06 3.46 55.45
C ARG J 130 2.70 3.70 54.78
N ASP J 131 2.74 4.48 53.71
CA ASP J 131 1.54 4.87 52.95
C ASP J 131 0.91 3.66 52.26
N LEU J 132 1.75 2.78 51.71
CA LEU J 132 1.24 1.53 51.10
C LEU J 132 0.66 0.54 52.13
N ALA J 133 1.11 0.60 53.38
CA ALA J 133 0.61 -0.26 54.47
C ALA J 133 -0.85 0.03 54.76
N PHE J 134 -1.26 1.28 54.59
CA PHE J 134 -2.67 1.66 54.79
C PHE J 134 -3.50 1.31 53.54
N GLU J 135 -2.96 1.47 52.35
CA GLU J 135 -3.67 1.02 51.13
C GLU J 135 -3.82 -0.51 50.99
N TYR J 136 -2.76 -1.24 51.33
CA TYR J 136 -2.73 -2.69 51.15
C TYR J 136 -2.33 -3.36 52.48
N PRO J 137 -3.25 -3.36 53.49
CA PRO J 137 -2.93 -3.89 54.83
C PRO J 137 -2.46 -5.33 54.90
N ASP J 138 -2.80 -6.14 53.89
CA ASP J 138 -2.44 -7.56 53.85
C ASP J 138 -1.18 -7.84 53.06
N PHE J 139 -0.48 -6.79 52.64
CA PHE J 139 0.71 -6.87 51.79
C PHE J 139 1.92 -6.37 52.59
N LEU J 140 2.86 -7.27 52.83
CA LEU J 140 4.05 -7.01 53.56
C LEU J 140 5.17 -6.48 52.65
N ILE J 141 5.64 -5.26 52.90
CA ILE J 141 6.79 -4.73 52.20
C ILE J 141 7.91 -4.46 53.23
N ALA J 142 9.08 -5.05 52.97
CA ALA J 142 10.34 -4.78 53.68
C ALA J 142 11.30 -4.09 52.71
N ALA J 143 12.29 -3.41 53.25
CA ALA J 143 13.31 -2.68 52.47
C ALA J 143 14.71 -2.83 53.10
N ALA J 144 15.72 -3.00 52.25
CA ALA J 144 17.10 -3.10 52.71
C ALA J 144 18.04 -2.57 51.65
N ASN J 145 19.14 -1.92 52.08
CA ASN J 145 20.32 -1.76 51.23
C ASN J 145 21.19 -3.01 51.31
N TRP J 146 21.60 -3.56 50.18
CA TRP J 146 22.38 -4.78 50.25
C TRP J 146 23.70 -4.60 51.00
N PHE J 147 24.26 -3.39 50.94
CA PHE J 147 25.57 -3.08 51.52
C PHE J 147 25.48 -2.74 53.03
N GLU J 148 24.29 -2.77 53.61
CA GLU J 148 24.11 -2.66 55.04
C GLU J 148 23.74 -3.98 55.68
N VAL J 149 23.52 -5.03 54.91
CA VAL J 149 23.17 -6.35 55.49
C VAL J 149 24.33 -6.88 56.34
N VAL J 150 25.55 -6.68 55.87
CA VAL J 150 26.76 -7.02 56.66
C VAL J 150 27.67 -5.80 56.58
N SER J 151 28.18 -5.37 57.72
CA SER J 151 29.09 -4.22 57.74
C SER J 151 30.35 -4.54 56.95
N PRO J 152 30.80 -3.57 56.14
CA PRO J 152 32.05 -3.74 55.41
C PRO J 152 33.33 -3.70 56.26
N LYS J 153 33.28 -3.15 57.48
CA LYS J 153 34.51 -3.14 58.31
C LYS J 153 35.04 -4.57 58.43
N GLY J 154 36.33 -4.74 58.24
CA GLY J 154 36.92 -6.07 58.27
C GLY J 154 36.98 -6.74 56.90
N TYR J 155 36.19 -6.23 55.93
CA TYR J 155 36.23 -6.81 54.58
C TYR J 155 37.06 -6.02 53.62
N PHE J 156 37.17 -4.71 53.88
CA PHE J 156 37.87 -3.76 53.02
C PHE J 156 38.78 -2.81 53.83
N GLU J 157 39.81 -2.27 53.16
CA GLU J 157 40.84 -1.39 53.75
C GLU J 157 40.57 0.10 53.73
N ALA J 158 39.98 0.58 52.66
CA ALA J 158 39.82 2.01 52.44
C ALA J 158 39.12 2.70 53.60
N GLU J 159 39.61 3.89 53.90
CA GLU J 159 39.06 4.76 54.94
C GLU J 159 37.67 5.27 54.66
N ILE J 160 37.54 5.85 53.47
CA ILE J 160 36.26 6.31 52.93
C ILE J 160 35.82 5.37 51.81
N ASP J 161 34.56 4.98 51.86
CA ASP J 161 33.99 4.01 50.93
C ASP J 161 32.49 4.26 50.80
N ASP J 162 32.12 5.40 50.24
CA ASP J 162 30.72 5.81 50.20
C ASP J 162 30.08 5.52 48.86
N HIS J 163 30.84 5.65 47.78
CA HIS J 163 30.25 5.48 46.48
C HIS J 163 31.32 5.11 45.46
N ALA J 164 31.11 3.99 44.76
CA ALA J 164 32.02 3.51 43.71
C ALA J 164 33.41 3.19 44.30
N GLY J 165 33.42 2.85 45.59
CA GLY J 165 34.67 2.63 46.33
C GLY J 165 35.12 1.17 46.30
N GLU J 166 35.80 0.76 47.36
CA GLU J 166 36.43 -0.56 47.41
C GLU J 166 35.37 -1.69 47.47
N SER J 167 34.34 -1.52 48.30
CA SER J 167 33.31 -2.55 48.42
C SER J 167 32.51 -2.77 47.11
N GLU J 168 32.05 -1.69 46.49
CA GLU J 168 31.29 -1.78 45.25
C GLU J 168 32.18 -2.32 44.15
N THR J 169 33.41 -1.85 44.12
CA THR J 169 34.36 -2.25 43.09
C THR J 169 34.69 -3.74 43.22
N SER J 170 34.85 -4.21 44.45
CA SER J 170 35.24 -5.59 44.71
C SER J 170 34.11 -6.57 44.36
N VAL J 171 32.89 -6.22 44.71
CA VAL J 171 31.72 -7.05 44.41
C VAL J 171 31.46 -7.09 42.90
N MSE J 172 31.67 -5.97 42.19
CA MSE J 172 31.53 -5.96 40.73
C MSE J 172 32.62 -6.80 40.08
O MSE J 172 32.37 -7.47 39.10
CB MSE J 172 31.57 -4.52 40.16
CG MSE J 172 31.27 -4.43 38.67
SE MSE J 172 29.41 -5.04 38.19
CE MSE J 172 28.42 -3.40 38.82
N MSE J 173 33.84 -6.73 40.59
CA MSE J 173 34.93 -7.56 40.06
C MSE J 173 34.67 -9.03 40.21
O MSE J 173 35.11 -9.81 39.36
CB MSE J 173 36.24 -7.22 40.76
CG MSE J 173 36.79 -5.87 40.33
SE MSE J 173 38.31 -5.31 41.41
CE MSE J 173 39.72 -6.24 40.43
N HIS J 174 33.97 -9.39 41.28
CA HIS J 174 33.48 -10.73 41.51
C HIS J 174 32.37 -11.14 40.53
N TYR J 175 31.25 -10.43 40.55
CA TYR J 175 30.11 -10.78 39.73
C TYR J 175 30.34 -10.53 38.23
N HIS J 176 30.98 -9.42 37.86
CA HIS J 176 31.12 -9.03 36.46
C HIS J 176 32.46 -8.41 36.14
N PRO J 177 33.51 -9.24 36.16
CA PRO J 177 34.87 -8.81 35.86
C PRO J 177 35.02 -8.06 34.53
N GLU J 178 34.24 -8.47 33.54
CA GLU J 178 34.17 -7.87 32.22
C GLU J 178 33.58 -6.45 32.16
N LEU J 179 32.89 -6.05 33.22
CA LEU J 179 32.27 -4.72 33.29
C LEU J 179 33.13 -3.66 33.99
N VAL J 180 34.22 -4.05 34.63
CA VAL J 180 35.05 -3.08 35.35
C VAL J 180 36.53 -3.35 35.11
N ASN J 181 37.25 -2.28 34.76
CA ASN J 181 38.70 -2.27 34.66
C ASN J 181 39.26 -1.36 35.74
N LEU J 182 39.78 -1.98 36.79
CA LEU J 182 40.27 -1.24 37.94
C LEU J 182 41.34 -0.21 37.58
N ALA J 183 42.13 -0.48 36.55
CA ALA J 183 43.20 0.44 36.11
C ALA J 183 42.71 1.82 35.65
N GLU J 184 41.43 1.94 35.31
CA GLU J 184 40.84 3.21 34.83
C GLU J 184 40.26 4.06 35.96
N ALA J 185 40.24 3.52 37.18
CA ALA J 185 39.71 4.20 38.34
C ALA J 185 40.53 5.44 38.68
N GLY J 186 39.86 6.49 39.14
CA GLY J 186 40.50 7.61 39.83
C GLY J 186 40.54 7.34 41.32
N ASP J 187 41.12 8.26 42.09
CA ASP J 187 41.26 8.08 43.54
C ASP J 187 39.98 8.26 44.39
N GLY J 188 38.93 8.84 43.80
CA GLY J 188 37.69 9.10 44.50
C GLY J 188 37.83 10.05 45.66
N GLU J 189 38.71 11.06 45.54
CA GLU J 189 38.92 12.02 46.62
C GLU J 189 37.70 12.85 46.80
N SER J 190 37.36 13.11 48.05
CA SER J 190 36.17 13.87 48.38
C SER J 190 36.46 14.99 49.39
N LYS J 191 35.68 16.07 49.31
CA LYS J 191 35.76 17.20 50.23
C LYS J 191 34.60 17.24 51.22
N PRO J 192 34.87 17.55 52.51
CA PRO J 192 33.79 17.64 53.45
C PRO J 192 33.15 19.04 53.35
N PHE J 193 32.10 19.27 54.13
CA PHE J 193 31.45 20.60 54.19
C PHE J 193 32.36 21.60 54.92
N ALA J 194 32.07 22.88 54.79
CA ALA J 194 32.74 23.92 55.59
C ALA J 194 32.04 24.13 56.94
N ILE J 195 30.82 23.61 57.07
CA ILE J 195 30.07 23.62 58.33
C ILE J 195 30.35 22.34 59.14
N ALA J 196 31.17 22.50 60.17
CA ALA J 196 31.72 21.37 60.92
C ALA J 196 30.65 20.45 61.52
N SER J 197 29.59 21.03 62.05
CA SER J 197 28.48 20.24 62.59
C SER J 197 27.82 19.30 61.58
N LEU J 198 27.79 19.69 60.30
CA LEU J 198 27.26 18.80 59.26
C LEU J 198 28.19 17.59 59.08
N ASN J 199 29.49 17.84 59.15
CA ASN J 199 30.52 16.78 59.10
C ASN J 199 30.45 15.86 60.29
N GLU J 200 30.04 16.41 61.44
CA GLU J 200 29.84 15.61 62.66
C GLU J 200 28.42 15.01 62.76
N LYS J 201 27.58 15.28 61.75
CA LYS J 201 26.25 14.69 61.65
C LYS J 201 25.23 15.19 62.73
N VAL J 202 25.43 16.40 63.22
CA VAL J 202 24.44 17.07 64.05
C VAL J 202 23.13 17.17 63.22
N ALA J 203 23.27 17.52 61.93
CA ALA J 203 22.18 17.59 60.98
C ALA J 203 22.65 17.05 59.65
N TRP J 204 21.70 16.69 58.78
CA TRP J 204 21.99 16.07 57.49
C TRP J 204 21.69 17.06 56.38
N VAL J 205 22.66 17.22 55.48
CA VAL J 205 22.51 17.95 54.21
C VAL J 205 23.10 17.03 53.13
N PRO J 206 22.53 17.01 51.91
CA PRO J 206 23.15 16.15 50.90
C PRO J 206 24.50 16.67 50.44
N ARG J 207 25.45 15.76 50.24
CA ARG J 207 26.70 16.07 49.58
C ARG J 207 26.43 16.67 48.19
N HIS J 208 27.12 17.75 47.85
CA HIS J 208 27.07 18.33 46.51
C HIS J 208 28.24 17.72 45.74
N TRP J 209 27.95 16.94 44.70
CA TRP J 209 28.97 16.20 43.93
C TRP J 209 29.89 17.14 43.18
N ASP J 210 29.34 18.28 42.74
CA ASP J 210 30.15 19.25 42.00
C ASP J 210 31.22 19.91 42.89
N LYS J 211 30.94 20.06 44.18
CA LYS J 211 31.88 20.63 45.16
C LYS J 211 32.77 19.60 45.84
N ALA J 212 32.28 18.38 46.01
CA ALA J 212 32.86 17.41 46.94
C ALA J 212 33.63 16.28 46.28
N THR J 213 33.58 16.16 44.97
CA THR J 213 34.16 15.03 44.24
CA THR J 213 34.30 15.08 44.32
C THR J 213 34.88 15.53 42.99
N VAL J 214 35.76 14.71 42.46
CA VAL J 214 36.51 15.05 41.26
C VAL J 214 36.13 14.11 40.12
N ASP J 215 36.06 12.81 40.41
CA ASP J 215 35.80 11.80 39.36
C ASP J 215 34.44 11.13 39.51
N SER J 216 33.60 11.66 40.38
CA SER J 216 32.27 11.14 40.73
C SER J 216 32.30 10.04 41.78
N GLY J 217 33.49 9.58 42.18
CA GLY J 217 33.57 8.59 43.23
C GLY J 217 33.72 9.24 44.58
N VAL J 218 33.38 8.49 45.63
CA VAL J 218 33.61 8.90 46.99
C VAL J 218 34.25 7.72 47.71
N GLY J 219 35.59 7.71 47.69
CA GLY J 219 36.39 6.64 48.29
C GLY J 219 37.36 6.08 47.29
N ASN J 220 38.58 5.76 47.74
CA ASN J 220 39.60 5.14 46.87
C ASN J 220 39.26 3.67 46.66
N PRO J 221 39.00 3.26 45.40
CA PRO J 221 38.64 1.89 45.07
C PRO J 221 39.82 0.96 44.78
N LYS J 222 41.04 1.45 44.85
CA LYS J 222 42.18 0.76 44.20
C LYS J 222 42.72 -0.50 44.86
N LYS J 223 42.33 -0.79 46.10
CA LYS J 223 42.68 -2.07 46.75
C LYS J 223 41.56 -3.08 46.56
N ALA J 224 40.63 -2.75 45.67
CA ALA J 224 39.54 -3.66 45.32
C ALA J 224 40.06 -4.94 44.65
N THR J 225 39.51 -6.08 45.06
CA THR J 225 39.78 -7.36 44.42
C THR J 225 38.50 -8.20 44.28
N ALA J 226 38.47 -9.03 43.26
CA ALA J 226 37.38 -9.99 43.06
C ALA J 226 37.26 -10.92 44.27
N GLU J 227 38.40 -11.29 44.86
CA GLU J 227 38.44 -12.18 46.00
C GLU J 227 37.78 -11.53 47.21
N LYS J 228 38.06 -10.25 47.47
CA LYS J 228 37.39 -9.54 48.59
C LYS J 228 35.87 -9.43 48.41
N GLY J 229 35.46 -9.21 47.16
CA GLY J 229 34.04 -9.14 46.80
C GLY J 229 33.27 -10.40 47.08
N GLU J 230 33.86 -11.52 46.69
CA GLU J 230 33.35 -12.86 46.99
C GLU J 230 33.21 -13.14 48.47
N ARG J 231 34.21 -12.72 49.25
CA ARG J 231 34.20 -12.95 50.69
C ARG J 231 33.13 -12.15 51.38
N TYR J 232 32.94 -10.92 50.94
CA TYR J 232 31.91 -10.05 51.49
C TYR J 232 30.52 -10.52 51.10
N VAL J 233 30.30 -10.89 49.85
CA VAL J 233 28.92 -11.21 49.44
C VAL J 233 28.41 -12.51 50.06
N LYS J 234 29.31 -13.40 50.48
CA LYS J 234 28.93 -14.71 51.09
C LYS J 234 27.98 -14.60 52.28
N PRO J 235 28.37 -13.87 53.35
CA PRO J 235 27.42 -13.70 54.44
C PRO J 235 26.19 -12.81 54.12
N ILE J 236 26.30 -11.89 53.16
CA ILE J 236 25.14 -11.08 52.77
C ILE J 236 24.08 -12.00 52.16
N VAL J 237 24.50 -12.82 51.19
CA VAL J 237 23.61 -13.81 50.56
C VAL J 237 22.97 -14.73 51.60
N GLU J 238 23.78 -15.16 52.57
CA GLU J 238 23.32 -16.14 53.54
C GLU J 238 22.24 -15.51 54.41
N LYS J 239 22.49 -14.27 54.85
CA LYS J 239 21.52 -13.52 55.66
C LYS J 239 20.24 -13.15 54.93
N LEU J 240 20.36 -12.81 53.63
CA LEU J 240 19.18 -12.48 52.80
C LEU J 240 18.36 -13.72 52.54
N ALA J 241 19.01 -14.86 52.23
CA ALA J 241 18.32 -16.17 52.08
C ALA J 241 17.51 -16.53 53.30
N GLY J 242 18.09 -16.27 54.47
CA GLY J 242 17.41 -16.47 55.75
C GLY J 242 16.18 -15.60 55.94
N LEU J 243 16.29 -14.32 55.57
CA LEU J 243 15.14 -13.41 55.56
C LEU J 243 14.04 -13.90 54.64
N PHE J 244 14.44 -14.29 53.43
CA PHE J 244 13.45 -14.74 52.42
C PHE J 244 12.66 -15.90 53.04
N GLU J 245 13.38 -16.91 53.55
CA GLU J 245 12.79 -18.07 54.21
C GLU J 245 11.84 -17.71 55.30
N GLU J 246 12.27 -16.86 56.22
CA GLU J 246 11.46 -16.45 57.37
C GLU J 246 10.25 -15.68 56.91
N MSE J 247 10.41 -14.78 55.94
CA MSE J 247 9.26 -14.05 55.38
C MSE J 247 8.23 -14.99 54.80
O MSE J 247 7.06 -14.72 54.91
CB MSE J 247 9.70 -13.07 54.30
CG MSE J 247 10.38 -11.83 54.84
SE MSE J 247 10.96 -10.67 53.40
CE MSE J 247 9.18 -9.76 53.03
N ALA J 248 8.66 -16.08 54.17
CA ALA J 248 7.78 -17.08 53.56
C ALA J 248 7.12 -17.96 54.61
N GLN J 249 7.82 -18.19 55.71
CA GLN J 249 7.37 -19.18 56.70
C GLN J 249 6.68 -18.62 57.93
N HIS J 250 6.79 -17.31 58.16
CA HIS J 250 6.12 -16.66 59.29
C HIS J 250 5.23 -15.51 58.88
N ASP J 251 4.18 -15.28 59.65
CA ASP J 251 3.47 -14.00 59.66
C ASP J 251 4.38 -12.99 60.34
N LEU J 252 4.14 -11.71 60.09
CA LEU J 252 4.96 -10.66 60.68
C LEU J 252 4.98 -10.73 62.23
N TYR J 253 3.82 -10.95 62.82
CA TYR J 253 3.67 -11.14 64.25
C TYR J 253 2.95 -12.45 64.43
N GLU J 254 3.31 -13.18 65.48
CA GLU J 254 2.72 -14.49 65.75
C GLU J 254 2.44 -14.67 67.25
N MSE K 2 8.88 33.98 77.36
CA MSE K 2 8.32 34.35 76.03
C MSE K 2 9.34 35.19 75.28
O MSE K 2 9.74 36.24 75.75
CB MSE K 2 7.01 35.14 76.19
CG MSE K 2 6.56 35.89 74.93
SE MSE K 2 4.88 36.94 75.18
CE MSE K 2 3.88 35.43 76.05
N ASN K 3 9.74 34.73 74.10
CA ASN K 3 10.73 35.46 73.33
C ASN K 3 10.23 35.73 71.92
N LYS K 4 9.70 36.93 71.72
CA LYS K 4 9.17 37.32 70.42
C LYS K 4 10.25 37.48 69.37
N GLU K 5 11.52 37.56 69.76
CA GLU K 5 12.59 37.78 68.81
C GLU K 5 12.88 36.51 67.99
N VAL K 6 12.76 35.35 68.63
CA VAL K 6 13.17 34.08 68.01
C VAL K 6 12.07 32.99 67.99
N ASP K 7 10.86 33.27 68.52
CA ASP K 7 9.78 32.30 68.61
C ASP K 7 8.51 32.81 67.93
N LEU K 8 8.23 32.37 66.71
CA LEU K 8 7.11 32.92 65.94
C LEU K 8 5.75 32.60 66.53
N SER K 9 5.66 31.54 67.34
CA SER K 9 4.40 31.22 68.02
C SER K 9 3.89 32.32 68.97
N VAL K 10 4.78 33.21 69.40
CA VAL K 10 4.34 34.35 70.24
C VAL K 10 4.61 35.71 69.62
N SER K 11 5.33 35.74 68.51
CA SER K 11 5.83 36.97 67.93
C SER K 11 4.82 37.73 67.08
N CYS K 12 5.19 38.96 66.68
CA CYS K 12 4.35 39.80 65.84
C CYS K 12 5.21 40.59 64.85
N LEU K 13 4.61 41.17 63.80
CA LEU K 13 5.41 41.77 62.73
C LEU K 13 6.27 42.93 63.24
N GLY K 14 5.75 43.74 64.15
CA GLY K 14 6.48 44.87 64.70
C GLY K 14 7.79 44.46 65.35
N LYS K 15 7.80 43.31 66.04
CA LYS K 15 9.01 42.82 66.72
C LYS K 15 10.06 42.33 65.76
N VAL K 16 9.67 41.80 64.59
CA VAL K 16 10.60 41.08 63.69
C VAL K 16 10.98 41.85 62.43
N LYS K 17 10.23 42.90 62.08
CA LYS K 17 10.30 43.42 60.73
C LYS K 17 11.59 44.16 60.40
N GLU K 18 12.26 44.71 61.41
CA GLU K 18 13.50 45.45 61.18
C GLU K 18 14.74 44.60 61.49
N LEU K 19 14.53 43.38 61.99
CA LEU K 19 15.66 42.54 62.42
C LEU K 19 16.11 41.59 61.33
N LYS K 20 17.42 41.35 61.25
CA LYS K 20 17.96 40.43 60.26
C LYS K 20 18.01 39.01 60.86
N TYR K 21 17.55 38.02 60.10
CA TYR K 21 17.53 36.62 60.58
C TYR K 21 18.44 35.79 59.70
N ASP K 22 19.27 34.96 60.33
CA ASP K 22 20.29 34.17 59.66
C ASP K 22 19.85 32.75 59.28
N VAL K 23 19.07 32.12 60.16
CA VAL K 23 18.61 30.74 59.95
C VAL K 23 17.18 30.64 60.43
N ILE K 24 16.37 29.87 59.70
CA ILE K 24 14.98 29.57 60.05
C ILE K 24 15.02 28.14 60.56
N ILE K 25 14.36 27.87 61.69
CA ILE K 25 14.26 26.50 62.25
C ILE K 25 12.81 26.09 62.16
N LEU K 26 12.54 24.92 61.60
CA LEU K 26 11.20 24.41 61.48
C LEU K 26 11.03 23.16 62.33
N PRO K 27 10.38 23.28 63.51
CA PRO K 27 10.10 22.11 64.31
C PRO K 27 8.98 21.31 63.62
N TRP K 28 9.17 20.01 63.52
CA TRP K 28 8.23 19.16 62.81
C TRP K 28 7.96 17.95 63.67
N GLY K 29 6.70 17.86 64.10
CA GLY K 29 6.28 16.85 65.04
C GLY K 29 5.25 15.90 64.47
N ALA K 30 4.19 15.69 65.23
CA ALA K 30 3.21 14.64 64.98
C ALA K 30 2.07 14.83 66.00
N THR K 31 0.87 14.36 65.63
CA THR K 31 -0.30 14.27 66.53
C THR K 31 -0.54 12.79 66.90
N GLU K 32 -0.04 12.42 68.06
CA GLU K 32 0.27 11.02 68.31
C GLU K 32 0.18 10.69 69.77
N PRO K 33 -0.55 9.60 70.10
CA PRO K 33 -0.54 9.10 71.46
C PRO K 33 0.87 8.66 71.91
N HIS K 34 1.21 9.03 73.13
CA HIS K 34 2.52 8.82 73.73
C HIS K 34 2.32 8.15 75.07
N ASN K 35 2.13 6.82 75.07
CA ASN K 35 1.74 6.10 76.31
C ASN K 35 0.45 6.74 76.84
N LEU K 36 0.16 6.60 78.13
CA LEU K 36 -1.04 7.20 78.68
C LEU K 36 -0.82 8.58 79.19
N HIS K 37 0.45 8.96 79.38
CA HIS K 37 0.77 10.15 80.19
C HIS K 37 1.30 11.39 79.45
N LEU K 38 1.85 11.22 78.24
CA LEU K 38 2.49 12.34 77.58
C LEU K 38 1.53 13.01 76.61
N PRO K 39 1.69 14.32 76.38
CA PRO K 39 0.87 15.00 75.40
C PRO K 39 0.87 14.42 73.98
N TYR K 40 -0.30 14.48 73.32
CA TYR K 40 -0.44 14.15 71.91
C TYR K 40 0.51 14.95 71.08
N LEU K 41 0.77 16.19 71.50
CA LEU K 41 1.69 17.05 70.77
C LEU K 41 3.13 17.03 71.28
N THR K 42 3.53 15.99 72.01
CA THR K 42 4.91 15.84 72.51
C THR K 42 5.96 16.11 71.44
N ASP K 43 5.75 15.58 70.24
CA ASP K 43 6.77 15.68 69.19
C ASP K 43 6.89 17.03 68.56
N CYS K 44 5.88 17.88 68.79
CA CYS K 44 5.94 19.29 68.38
C CYS K 44 6.56 20.18 69.45
N ILE K 45 6.14 19.92 70.68
CA ILE K 45 6.53 20.73 71.85
C ILE K 45 8.01 20.63 72.10
N LEU K 46 8.53 19.40 72.10
CA LEU K 46 9.95 19.19 72.48
C LEU K 46 10.93 19.87 71.53
N PRO K 47 10.84 19.61 70.21
CA PRO K 47 11.75 20.33 69.31
C PRO K 47 11.59 21.83 69.31
N HIS K 48 10.36 22.28 69.47
CA HIS K 48 10.08 23.69 69.56
C HIS K 48 10.85 24.31 70.69
N ASP K 49 10.71 23.73 71.88
CA ASP K 49 11.33 24.31 73.07
C ASP K 49 12.85 24.26 73.03
N ILE K 50 13.38 23.16 72.52
CA ILE K 50 14.83 22.99 72.35
C ILE K 50 15.38 23.99 71.34
N ALA K 51 14.67 24.18 70.23
CA ALA K 51 15.07 25.14 69.21
C ALA K 51 15.06 26.59 69.74
N VAL K 52 14.05 26.94 70.51
CA VAL K 52 13.99 28.29 71.03
C VAL K 52 15.19 28.54 71.96
N GLU K 53 15.50 27.59 72.86
CA GLU K 53 16.71 27.66 73.70
C GLU K 53 18.00 27.78 72.90
N ALA K 54 18.16 26.93 71.89
CA ALA K 54 19.32 26.98 71.02
C ALA K 54 19.45 28.34 70.35
N ALA K 55 18.32 28.87 69.89
CA ALA K 55 18.26 30.17 69.21
C ALA K 55 18.63 31.33 70.16
N GLU K 56 18.20 31.23 71.40
CA GLU K 56 18.57 32.20 72.42
C GLU K 56 20.10 32.15 72.70
N LEU K 57 20.67 30.95 72.78
CA LEU K 57 22.12 30.81 72.98
C LEU K 57 22.92 31.36 71.80
N ALA K 58 22.50 31.05 70.59
CA ALA K 58 23.20 31.55 69.40
C ALA K 58 23.16 33.06 69.34
N LEU K 59 22.04 33.64 69.75
CA LEU K 59 21.89 35.11 69.76
C LEU K 59 22.74 35.76 70.84
N SER K 60 22.73 35.24 72.06
CA SER K 60 23.46 35.90 73.15
C SER K 60 24.96 35.76 72.97
N ARG K 61 25.37 34.59 72.47
CA ARG K 61 26.78 34.24 72.37
C ARG K 61 27.47 34.86 71.14
N SER K 62 26.83 34.79 69.97
CA SER K 62 27.46 35.23 68.73
C SER K 62 26.65 36.25 67.95
N GLY K 63 25.51 36.65 68.49
CA GLY K 63 24.64 37.59 67.75
C GLY K 63 24.11 37.00 66.44
N VAL K 64 23.99 35.68 66.37
CA VAL K 64 23.35 35.00 65.24
C VAL K 64 21.86 34.88 65.59
N ARG K 65 21.00 35.47 64.74
CA ARG K 65 19.55 35.48 65.00
C ARG K 65 18.80 34.47 64.11
N CYS K 66 18.09 33.57 64.78
CA CYS K 66 17.34 32.53 64.12
C CYS K 66 15.86 32.62 64.52
N MSE K 67 14.97 32.31 63.58
CA MSE K 67 13.54 32.29 63.86
C MSE K 67 13.05 30.86 63.87
O MSE K 67 13.23 30.12 62.88
CB MSE K 67 12.77 33.10 62.83
CG MSE K 67 11.29 33.05 63.06
SE MSE K 67 10.77 33.78 64.79
CE MSE K 67 10.80 35.64 64.22
N VAL K 68 12.42 30.50 65.00
CA VAL K 68 11.83 29.21 65.20
C VAL K 68 10.35 29.29 64.77
N MSE K 69 10.05 28.64 63.67
CA MSE K 69 8.72 28.68 63.09
C MSE K 69 7.78 27.91 63.99
O MSE K 69 8.23 27.14 64.85
CB MSE K 69 8.73 28.04 61.71
CG MSE K 69 9.55 28.79 60.73
SE MSE K 69 8.92 30.60 60.39
CE MSE K 69 7.21 30.17 59.44
N PRO K 70 6.45 28.08 63.79
CA PRO K 70 5.54 27.23 64.53
C PRO K 70 5.65 25.77 64.11
N PRO K 71 5.49 24.83 65.06
CA PRO K 71 5.63 23.40 64.77
C PRO K 71 4.57 22.83 63.82
N VAL K 72 4.98 21.87 62.99
CA VAL K 72 4.07 21.20 62.08
C VAL K 72 3.59 19.96 62.75
N PRO K 73 2.27 19.85 63.00
CA PRO K 73 1.77 18.69 63.77
C PRO K 73 1.39 17.46 62.94
N PHE K 74 1.94 17.36 61.74
CA PHE K 74 1.55 16.32 60.80
C PHE K 74 2.70 15.32 60.56
N GLY K 75 2.66 14.20 61.26
CA GLY K 75 3.68 13.17 61.16
C GLY K 75 3.23 11.95 60.39
N ALA K 76 4.21 11.15 59.98
CA ALA K 76 4.00 9.90 59.27
C ALA K 76 3.98 8.78 60.30
N HIS K 77 2.92 7.96 60.32
CA HIS K 77 2.68 6.96 61.36
C HIS K 77 2.58 5.53 60.85
N ASN K 78 2.52 4.59 61.78
CA ASN K 78 2.68 3.17 61.48
C ASN K 78 1.35 2.48 61.49
N PRO K 79 1.28 1.26 60.94
CA PRO K 79 0.05 0.47 61.05
C PRO K 79 -0.32 0.29 62.53
N GLY K 80 -1.62 0.31 62.80
CA GLY K 80 -2.09 0.25 64.18
C GLY K 80 -2.20 1.58 64.88
N GLN K 81 -1.50 2.60 64.40
CA GLN K 81 -1.55 3.91 65.07
C GLN K 81 -2.72 4.80 64.64
N ARG K 82 -3.09 4.70 63.37
CA ARG K 82 -4.17 5.52 62.82
C ARG K 82 -5.55 5.22 63.47
N GLU K 83 -5.75 3.98 63.91
CA GLU K 83 -6.96 3.58 64.63
C GLU K 83 -7.03 4.11 66.08
N LEU K 84 -5.94 4.65 66.61
CA LEU K 84 -5.91 5.21 67.93
C LEU K 84 -6.52 6.57 67.85
N PRO K 85 -7.38 6.91 68.83
CA PRO K 85 -8.13 8.16 68.76
C PRO K 85 -7.28 9.41 68.64
N PHE K 86 -7.65 10.25 67.68
CA PHE K 86 -6.98 11.52 67.41
C PHE K 86 -5.52 11.47 66.88
N CYS K 87 -5.01 10.28 66.57
CA CYS K 87 -3.75 10.14 65.84
C CYS K 87 -3.97 10.48 64.37
N ILE K 88 -3.14 11.36 63.80
CA ILE K 88 -3.35 11.78 62.42
C ILE K 88 -2.20 11.37 61.54
N HIS K 89 -2.41 10.35 60.70
CA HIS K 89 -1.38 9.90 59.73
C HIS K 89 -1.36 10.85 58.53
N THR K 90 -0.17 11.36 58.22
CA THR K 90 0.07 12.22 57.09
C THR K 90 0.89 11.49 56.00
N ARG K 91 0.36 11.42 54.79
CA ARG K 91 1.09 10.84 53.67
C ARG K 91 2.35 11.66 53.35
N TYR K 92 3.37 11.01 52.78
CA TYR K 92 4.59 11.68 52.37
C TYR K 92 4.26 12.83 51.49
N ALA K 93 3.37 12.62 50.54
CA ALA K 93 3.01 13.63 49.55
C ALA K 93 2.41 14.88 50.21
N THR K 94 1.69 14.66 51.30
CA THR K 94 1.09 15.76 52.02
C THR K 94 2.15 16.58 52.74
N GLN K 95 3.09 15.90 53.42
CA GLN K 95 4.24 16.57 54.06
C GLN K 95 5.09 17.29 53.03
N GLN K 96 5.33 16.65 51.89
CA GLN K 96 6.11 17.29 50.84
C GLN K 96 5.41 18.55 50.35
N ALA K 97 4.10 18.52 50.15
CA ALA K 97 3.36 19.71 49.72
C ALA K 97 3.46 20.82 50.77
N ILE K 98 3.40 20.48 52.04
CA ILE K 98 3.65 21.49 53.10
C ILE K 98 5.03 22.16 53.01
N LEU K 99 6.06 21.34 52.95
CA LEU K 99 7.46 21.82 52.95
C LEU K 99 7.69 22.69 51.76
N GLU K 100 7.20 22.23 50.60
CA GLU K 100 7.18 23.03 49.34
C GLU K 100 6.59 24.44 49.56
N ASP K 101 5.42 24.51 50.17
CA ASP K 101 4.77 25.80 50.45
C ASP K 101 5.58 26.66 51.45
N ILE K 102 6.18 26.04 52.48
CA ILE K 102 6.99 26.77 53.45
C ILE K 102 8.21 27.35 52.74
N VAL K 103 8.93 26.51 52.00
CA VAL K 103 10.17 26.89 51.33
C VAL K 103 9.87 27.99 50.31
N SER K 104 8.80 27.83 49.53
CA SER K 104 8.48 28.82 48.50
C SER K 104 8.25 30.19 49.11
N SER K 105 7.56 30.25 50.25
CA SER K 105 7.32 31.53 50.93
C SER K 105 8.59 32.11 51.54
N LEU K 106 9.34 31.29 52.28
CA LEU K 106 10.61 31.77 52.86
C LEU K 106 11.59 32.27 51.79
N HIS K 107 11.62 31.62 50.65
CA HIS K 107 12.51 32.02 49.60
C HIS K 107 12.14 33.38 49.01
N VAL K 108 10.86 33.59 48.75
CA VAL K 108 10.36 34.89 48.29
C VAL K 108 10.72 36.00 49.29
N GLN K 109 10.69 35.67 50.58
CA GLN K 109 11.06 36.57 51.67
C GLN K 109 12.57 36.83 51.73
N GLY K 110 13.38 36.09 50.97
CA GLY K 110 14.82 36.31 50.98
C GLY K 110 15.65 35.39 51.85
N PHE K 111 15.02 34.42 52.54
CA PHE K 111 15.72 33.50 53.41
C PHE K 111 16.36 32.42 52.59
N ARG K 112 17.52 31.93 53.02
CA ARG K 112 18.27 30.94 52.24
C ARG K 112 18.80 29.78 53.08
N LYS K 113 18.42 29.72 54.34
CA LYS K 113 18.90 28.66 55.23
C LYS K 113 17.80 28.20 56.19
N LEU K 114 17.54 26.89 56.18
CA LEU K 114 16.46 26.29 56.95
C LEU K 114 16.97 25.01 57.61
N LEU K 115 16.69 24.82 58.91
CA LEU K 115 16.87 23.54 59.57
C LEU K 115 15.52 22.96 59.91
N ILE K 116 15.24 21.74 59.44
CA ILE K 116 14.07 21.05 59.91
C ILE K 116 14.48 20.26 61.15
N LEU K 117 13.87 20.57 62.30
CA LEU K 117 14.18 19.88 63.53
C LEU K 117 13.01 19.01 63.92
N SER K 118 13.11 17.73 63.65
CA SER K 118 11.99 16.84 63.84
C SER K 118 11.95 16.30 65.27
N GLY K 119 10.74 16.07 65.75
CA GLY K 119 10.49 15.43 67.02
C GLY K 119 9.93 14.03 66.87
N HIS K 120 9.68 13.62 65.63
CA HIS K 120 9.07 12.33 65.33
C HIS K 120 9.95 11.53 64.37
N GLY K 121 10.37 10.34 64.79
CA GLY K 121 11.31 9.50 64.03
C GLY K 121 10.73 8.94 62.76
N GLY K 122 9.40 8.85 62.72
CA GLY K 122 8.64 8.44 61.54
C GLY K 122 8.72 9.40 60.38
N ASN K 123 9.04 10.66 60.66
CA ASN K 123 9.28 11.63 59.61
C ASN K 123 10.66 11.45 58.95
N ASN K 124 10.68 11.51 57.63
CA ASN K 124 11.88 11.31 56.85
C ASN K 124 11.84 12.38 55.80
N PHE K 125 12.90 13.18 55.72
CA PHE K 125 12.92 14.40 54.88
C PHE K 125 13.96 14.39 53.78
N LYS K 126 14.81 13.37 53.71
CA LYS K 126 15.92 13.38 52.79
C LYS K 126 15.50 13.47 51.30
N GLY K 127 14.48 12.70 50.89
CA GLY K 127 13.92 12.79 49.53
C GLY K 127 13.31 14.15 49.21
N MSE K 128 12.63 14.74 50.19
CA MSE K 128 12.02 16.02 50.01
C MSE K 128 13.08 17.08 49.76
O MSE K 128 12.94 17.92 48.83
CB MSE K 128 11.20 16.41 51.25
CG MSE K 128 9.92 15.69 51.43
SE MSE K 128 9.07 16.32 53.05
CE MSE K 128 8.26 14.54 53.57
N ILE K 129 14.12 17.03 50.59
CA ILE K 129 15.26 17.92 50.53
C ILE K 129 16.04 17.77 49.19
N ARG K 130 16.24 16.52 48.75
CA ARG K 130 16.86 16.28 47.43
C ARG K 130 16.08 16.94 46.31
N ASP K 131 14.76 16.80 46.32
CA ASP K 131 13.96 17.38 45.27
C ASP K 131 13.94 18.91 45.35
N LEU K 132 13.92 19.47 46.55
CA LEU K 132 13.91 20.91 46.71
C LEU K 132 15.28 21.55 46.37
N ALA K 133 16.35 20.78 46.50
CA ALA K 133 17.71 21.22 46.16
C ALA K 133 17.79 21.59 44.71
N PHE K 134 17.09 20.82 43.88
CA PHE K 134 17.07 21.12 42.45
C PHE K 134 16.14 22.29 42.09
N GLU K 135 15.01 22.45 42.79
CA GLU K 135 14.09 23.54 42.50
C GLU K 135 14.61 24.87 43.05
N TYR K 136 15.25 24.82 44.22
CA TYR K 136 15.81 26.03 44.85
C TYR K 136 17.29 25.78 45.19
N PRO K 137 18.17 25.86 44.18
CA PRO K 137 19.62 25.54 44.40
C PRO K 137 20.37 26.49 45.33
N ASP K 138 19.79 27.66 45.60
CA ASP K 138 20.37 28.63 46.52
C ASP K 138 19.81 28.54 47.94
N PHE K 139 18.96 27.56 48.22
CA PHE K 139 18.29 27.42 49.50
C PHE K 139 18.80 26.16 50.20
N LEU K 140 19.53 26.33 51.30
CA LEU K 140 20.06 25.26 52.08
C LEU K 140 19.02 24.74 53.04
N ILE K 141 18.76 23.44 52.97
CA ILE K 141 17.92 22.76 53.96
C ILE K 141 18.67 21.60 54.61
N ALA K 142 18.74 21.63 55.95
CA ALA K 142 19.27 20.55 56.75
C ALA K 142 18.13 19.92 57.54
N ALA K 143 18.30 18.65 57.93
CA ALA K 143 17.33 17.94 58.79
C ALA K 143 18.02 17.21 59.92
N ALA K 144 17.38 17.23 61.08
CA ALA K 144 17.84 16.53 62.28
C ALA K 144 16.67 16.05 63.12
N ASN K 145 16.81 14.90 63.76
CA ASN K 145 15.97 14.56 64.92
C ASN K 145 16.64 15.13 66.19
N TRP K 146 15.90 15.91 67.00
CA TRP K 146 16.52 16.52 68.20
C TRP K 146 17.11 15.40 69.07
N PHE K 147 16.46 14.23 69.09
CA PHE K 147 16.88 13.13 69.99
C PHE K 147 18.05 12.32 69.48
N GLU K 148 18.59 12.68 68.32
CA GLU K 148 19.81 12.07 67.80
C GLU K 148 20.97 13.02 67.86
N VAL K 149 20.75 14.26 68.29
CA VAL K 149 21.83 15.26 68.37
C VAL K 149 22.90 14.81 69.40
N VAL K 150 22.45 14.22 70.49
CA VAL K 150 23.31 13.57 71.49
C VAL K 150 22.64 12.24 71.81
N SER K 151 23.44 11.18 71.87
CA SER K 151 22.92 9.85 72.18
C SER K 151 22.40 9.89 73.60
N PRO K 152 21.24 9.24 73.84
CA PRO K 152 20.69 9.18 75.18
C PRO K 152 21.42 8.18 76.09
N LYS K 153 22.28 7.34 75.49
CA LYS K 153 23.17 6.43 76.21
C LYS K 153 23.94 7.10 77.37
N GLY K 154 23.69 6.60 78.57
CA GLY K 154 24.33 7.14 79.77
C GLY K 154 23.65 8.35 80.38
N TYR K 155 22.58 8.83 79.73
CA TYR K 155 21.72 9.87 80.34
C TYR K 155 20.47 9.30 81.01
N PHE K 156 20.13 8.04 80.67
CA PHE K 156 18.88 7.38 81.09
C PHE K 156 19.12 5.91 81.43
N GLU K 157 18.27 5.36 82.30
CA GLU K 157 18.47 4.00 82.84
C GLU K 157 17.81 2.90 82.02
N ALA K 158 16.59 3.16 81.52
CA ALA K 158 15.84 2.16 80.76
C ALA K 158 16.58 1.83 79.47
N GLU K 159 16.58 0.55 79.13
CA GLU K 159 17.29 0.07 77.93
C GLU K 159 16.46 0.22 76.64
N ILE K 160 15.20 -0.21 76.70
CA ILE K 160 14.24 0.15 75.64
C ILE K 160 13.64 1.55 75.94
N ASP K 161 13.70 2.42 74.93
CA ASP K 161 13.29 3.82 75.04
C ASP K 161 13.09 4.38 73.64
N ASP K 162 12.03 3.93 72.95
CA ASP K 162 11.80 4.30 71.54
C ASP K 162 10.75 5.36 71.38
N HIS K 163 9.68 5.27 72.15
CA HIS K 163 8.53 6.20 72.00
C HIS K 163 7.88 6.39 73.36
N ALA K 164 7.79 7.63 73.81
CA ALA K 164 7.09 7.96 75.07
C ALA K 164 7.78 7.32 76.30
N GLY K 165 9.07 6.99 76.17
CA GLY K 165 9.82 6.30 77.24
C GLY K 165 10.55 7.28 78.17
N GLU K 166 11.69 6.85 78.72
CA GLU K 166 12.33 7.64 79.79
C GLU K 166 12.82 9.00 79.30
N SER K 167 13.40 9.06 78.10
CA SER K 167 14.02 10.31 77.61
C SER K 167 12.99 11.35 77.23
N GLU K 168 11.97 10.98 76.45
CA GLU K 168 10.95 11.96 76.06
C GLU K 168 10.23 12.44 77.30
N THR K 169 9.86 11.51 78.18
CA THR K 169 9.23 11.88 79.45
C THR K 169 10.06 12.83 80.32
N SER K 170 11.36 12.54 80.48
CA SER K 170 12.22 13.39 81.28
C SER K 170 12.31 14.79 80.68
N VAL K 171 12.42 14.87 79.35
CA VAL K 171 12.57 16.19 78.69
C VAL K 171 11.26 16.99 78.83
N MSE K 172 10.12 16.30 78.68
CA MSE K 172 8.79 16.93 78.92
C MSE K 172 8.62 17.39 80.38
O MSE K 172 8.11 18.49 80.63
CB MSE K 172 7.66 15.93 78.53
CG MSE K 172 6.25 16.55 78.51
SE MSE K 172 6.04 18.18 77.41
CE MSE K 172 6.37 17.34 75.58
N MSE K 173 9.06 16.57 81.32
CA MSE K 173 9.05 16.97 82.75
C MSE K 173 9.92 18.21 83.00
O MSE K 173 9.61 19.06 83.84
CB MSE K 173 9.54 15.81 83.61
CG MSE K 173 8.50 14.73 83.73
SE MSE K 173 9.13 13.16 84.68
CE MSE K 173 8.58 13.61 86.62
N HIS K 174 11.03 18.29 82.27
CA HIS K 174 11.88 19.47 82.34
C HIS K 174 11.17 20.72 81.81
N TYR K 175 10.73 20.68 80.55
CA TYR K 175 10.12 21.86 79.93
C TYR K 175 8.72 22.19 80.34
N HIS K 176 7.87 21.18 80.52
CA HIS K 176 6.45 21.38 80.84
C HIS K 176 5.93 20.37 81.87
N PRO K 177 6.34 20.52 83.13
CA PRO K 177 5.92 19.52 84.15
C PRO K 177 4.39 19.48 84.35
N GLU K 178 3.73 20.60 84.05
CA GLU K 178 2.30 20.71 84.13
C GLU K 178 1.55 19.89 83.08
N LEU K 179 2.23 19.46 82.02
CA LEU K 179 1.60 18.69 80.92
C LEU K 179 1.73 17.17 81.07
N VAL K 180 2.46 16.71 82.08
CA VAL K 180 2.69 15.26 82.25
C VAL K 180 2.53 14.90 83.71
N ASN K 181 1.79 13.82 83.96
CA ASN K 181 1.70 13.23 85.29
C ASN K 181 2.18 11.80 85.19
N LEU K 182 3.44 11.59 85.59
CA LEU K 182 4.14 10.32 85.45
C LEU K 182 3.45 9.11 86.10
N ALA K 183 2.69 9.36 87.16
CA ALA K 183 1.91 8.30 87.81
C ALA K 183 0.91 7.61 86.88
N GLU K 184 0.46 8.31 85.83
CA GLU K 184 -0.49 7.76 84.86
C GLU K 184 0.14 6.87 83.78
N ALA K 185 1.47 6.89 83.65
CA ALA K 185 2.16 6.10 82.60
C ALA K 185 1.99 4.62 82.83
N GLY K 186 1.79 3.89 81.74
CA GLY K 186 1.92 2.45 81.76
C GLY K 186 3.35 2.02 81.46
N ASP K 187 3.58 0.71 81.49
CA ASP K 187 4.94 0.13 81.37
C ASP K 187 5.63 0.29 80.01
N GLY K 188 4.87 0.64 78.97
CA GLY K 188 5.40 0.71 77.61
C GLY K 188 5.97 -0.62 77.09
N GLU K 189 5.32 -1.73 77.44
CA GLU K 189 5.85 -3.04 77.02
C GLU K 189 5.64 -3.18 75.51
N SER K 190 6.65 -3.70 74.82
CA SER K 190 6.63 -3.90 73.38
C SER K 190 6.90 -5.36 73.02
N LYS K 191 6.45 -5.75 71.83
CA LYS K 191 6.60 -7.09 71.31
C LYS K 191 7.38 -7.01 70.01
N PRO K 192 8.36 -7.90 69.82
CA PRO K 192 9.11 -7.93 68.58
C PRO K 192 8.35 -8.64 67.44
N PHE K 193 8.94 -8.67 66.24
CA PHE K 193 8.41 -9.40 65.08
C PHE K 193 8.64 -10.90 65.25
N ALA K 194 7.81 -11.71 64.57
CA ALA K 194 8.04 -13.16 64.47
C ALA K 194 9.06 -13.53 63.41
N ILE K 195 9.45 -12.56 62.56
CA ILE K 195 10.50 -12.76 61.53
C ILE K 195 11.77 -12.22 62.15
N ALA K 196 12.65 -13.14 62.51
CA ALA K 196 13.86 -12.84 63.30
C ALA K 196 14.80 -11.85 62.59
N SER K 197 14.99 -12.05 61.29
CA SER K 197 15.85 -11.18 60.50
C SER K 197 15.38 -9.73 60.56
N LEU K 198 14.08 -9.52 60.76
CA LEU K 198 13.56 -8.16 60.90
C LEU K 198 13.94 -7.57 62.27
N ASN K 199 13.92 -8.40 63.32
CA ASN K 199 14.41 -7.95 64.64
C ASN K 199 15.92 -7.69 64.61
N GLU K 200 16.65 -8.46 63.80
CA GLU K 200 18.09 -8.30 63.61
C GLU K 200 18.45 -7.17 62.64
N LYS K 201 17.44 -6.56 62.03
CA LYS K 201 17.59 -5.38 61.18
C LYS K 201 18.28 -5.66 59.85
N VAL K 202 18.10 -6.88 59.36
CA VAL K 202 18.55 -7.27 58.03
C VAL K 202 17.77 -6.48 56.99
N ALA K 203 16.47 -6.37 57.23
CA ALA K 203 15.57 -5.51 56.45
C ALA K 203 14.69 -4.74 57.43
N TRP K 204 14.05 -3.69 56.93
CA TRP K 204 13.11 -2.85 57.70
C TRP K 204 11.65 -3.00 57.25
N VAL K 205 10.79 -3.11 58.25
CA VAL K 205 9.34 -3.13 58.15
C VAL K 205 8.88 -2.25 59.33
N PRO K 206 7.82 -1.46 59.13
CA PRO K 206 7.34 -0.66 60.27
C PRO K 206 6.70 -1.53 61.38
N ARG K 207 6.92 -1.15 62.62
CA ARG K 207 6.32 -1.82 63.76
C ARG K 207 4.85 -1.58 63.63
N HIS K 208 4.03 -2.61 63.89
CA HIS K 208 2.58 -2.50 63.95
C HIS K 208 2.13 -2.30 65.39
N TRP K 209 1.57 -1.12 65.66
CA TRP K 209 1.28 -0.69 67.03
C TRP K 209 0.22 -1.54 67.73
N ASP K 210 -0.75 -2.01 66.95
CA ASP K 210 -1.80 -2.91 67.44
C ASP K 210 -1.26 -4.27 67.89
N LYS K 211 -0.15 -4.72 67.30
CA LYS K 211 0.46 -6.00 67.67
C LYS K 211 1.60 -5.86 68.65
N ALA K 212 2.27 -4.70 68.61
CA ALA K 212 3.55 -4.49 69.23
C ALA K 212 3.46 -3.78 70.56
N THR K 213 2.40 -3.00 70.81
CA THR K 213 2.32 -2.18 72.03
C THR K 213 0.95 -2.40 72.73
N VAL K 214 0.88 -1.99 73.99
CA VAL K 214 -0.27 -2.22 74.88
C VAL K 214 -0.91 -0.87 75.20
N ASP K 215 -0.08 0.06 75.65
CA ASP K 215 -0.51 1.42 76.04
C ASP K 215 -0.08 2.50 75.03
N SER K 216 0.45 2.06 73.88
CA SER K 216 0.92 2.90 72.78
C SER K 216 2.34 3.42 72.97
N GLY K 217 2.91 3.24 74.16
CA GLY K 217 4.33 3.58 74.36
C GLY K 217 5.23 2.41 74.00
N VAL K 218 6.51 2.72 73.74
CA VAL K 218 7.57 1.73 73.57
C VAL K 218 8.74 2.11 74.49
N GLY K 219 8.81 1.45 75.64
CA GLY K 219 9.85 1.71 76.65
C GLY K 219 9.24 2.15 77.96
N ASN K 220 9.79 1.65 79.07
CA ASN K 220 9.30 2.00 80.40
C ASN K 220 9.81 3.39 80.79
N PRO K 221 8.90 4.36 81.00
CA PRO K 221 9.24 5.74 81.37
C PRO K 221 9.31 6.00 82.87
N LYS K 222 9.12 4.97 83.69
CA LYS K 222 8.85 5.18 85.11
CA LYS K 222 8.89 5.13 85.15
C LYS K 222 10.00 5.81 85.92
N LYS K 223 11.23 5.71 85.41
CA LYS K 223 12.39 6.31 86.08
C LYS K 223 12.68 7.73 85.61
N ALA K 224 11.82 8.27 84.75
CA ALA K 224 11.97 9.64 84.27
C ALA K 224 11.92 10.64 85.41
N THR K 225 12.72 11.71 85.27
CA THR K 225 12.69 12.86 86.16
C THR K 225 13.04 14.10 85.35
N ALA K 226 12.56 15.25 85.80
CA ALA K 226 12.93 16.56 85.18
C ALA K 226 14.45 16.83 85.19
N GLU K 227 15.14 16.35 86.23
CA GLU K 227 16.56 16.55 86.38
CA GLU K 227 16.60 16.56 86.36
C GLU K 227 17.32 15.81 85.25
N LYS K 228 16.92 14.56 85.01
CA LYS K 228 17.51 13.75 83.91
C LYS K 228 17.25 14.40 82.54
N GLY K 229 16.07 15.03 82.37
CA GLY K 229 15.72 15.73 81.14
C GLY K 229 16.55 16.97 80.92
N GLU K 230 16.73 17.76 81.98
CA GLU K 230 17.54 18.99 81.89
C GLU K 230 19.01 18.73 81.50
N ARG K 231 19.55 17.66 82.08
CA ARG K 231 20.92 17.27 81.89
C ARG K 231 21.17 16.84 80.44
N TYR K 232 20.19 16.15 79.85
CA TYR K 232 20.26 15.65 78.47
C TYR K 232 20.16 16.76 77.45
N VAL K 233 19.27 17.71 77.67
CA VAL K 233 19.04 18.78 76.69
C VAL K 233 20.15 19.79 76.67
N LYS K 234 20.91 19.93 77.74
CA LYS K 234 21.97 20.94 77.75
C LYS K 234 22.97 20.76 76.60
N PRO K 235 23.57 19.54 76.44
CA PRO K 235 24.45 19.37 75.28
C PRO K 235 23.74 19.41 73.90
N ILE K 236 22.47 19.00 73.84
CA ILE K 236 21.68 19.08 72.60
C ILE K 236 21.56 20.57 72.21
N VAL K 237 21.14 21.43 73.15
CA VAL K 237 20.98 22.88 72.92
C VAL K 237 22.29 23.54 72.49
N GLU K 238 23.36 23.13 73.16
CA GLU K 238 24.70 23.63 72.84
C GLU K 238 25.14 23.25 71.44
N LYS K 239 24.95 21.99 71.05
CA LYS K 239 25.34 21.54 69.68
C LYS K 239 24.53 22.23 68.58
N LEU K 240 23.21 22.33 68.79
CA LEU K 240 22.34 22.99 67.84
C LEU K 240 22.69 24.46 67.72
N ALA K 241 23.05 25.11 68.83
CA ALA K 241 23.49 26.51 68.80
C ALA K 241 24.76 26.68 67.98
N GLY K 242 25.69 25.75 68.13
CA GLY K 242 26.88 25.71 67.24
C GLY K 242 26.56 25.51 65.75
N LEU K 243 25.68 24.56 65.45
CA LEU K 243 25.23 24.37 64.08
C LEU K 243 24.72 25.71 63.51
N PHE K 244 23.83 26.38 64.24
CA PHE K 244 23.27 27.64 63.76
C PHE K 244 24.37 28.65 63.52
N GLU K 245 25.28 28.78 64.47
CA GLU K 245 26.39 29.72 64.33
C GLU K 245 27.20 29.41 63.06
N GLU K 246 27.54 28.15 62.85
CA GLU K 246 28.33 27.75 61.66
C GLU K 246 27.58 27.93 60.36
N MSE K 247 26.29 27.53 60.33
CA MSE K 247 25.40 27.84 59.19
C MSE K 247 25.38 29.33 58.86
O MSE K 247 25.49 29.74 57.71
CB MSE K 247 24.00 27.38 59.48
CG MSE K 247 23.86 25.90 59.37
SE MSE K 247 22.13 25.27 59.78
CE MSE K 247 21.21 25.49 57.99
N ALA K 248 25.21 30.17 59.89
CA ALA K 248 25.25 31.62 59.72
C ALA K 248 26.60 32.13 59.22
N GLN K 249 27.69 31.47 59.54
CA GLN K 249 29.02 32.05 59.30
C GLN K 249 29.84 31.42 58.17
N HIS K 250 29.38 30.30 57.63
CA HIS K 250 30.10 29.62 56.59
C HIS K 250 29.16 29.19 55.52
N ASP K 251 29.64 29.21 54.28
CA ASP K 251 28.97 28.55 53.18
C ASP K 251 29.11 27.04 53.36
N LEU K 252 28.23 26.30 52.71
CA LEU K 252 28.20 24.85 52.85
C LEU K 252 29.58 24.27 52.49
N TYR K 253 30.20 24.84 51.45
CA TYR K 253 31.55 24.49 51.01
C TYR K 253 32.34 25.77 50.80
N GLU K 254 33.63 25.75 51.13
CA GLU K 254 34.52 26.93 50.98
C GLU K 254 35.93 26.60 50.42
N MSE L 2 -6.60 24.86 81.72
CA MSE L 2 -6.14 23.65 80.95
C MSE L 2 -7.17 22.53 81.04
O MSE L 2 -7.52 22.09 82.14
CB MSE L 2 -4.78 23.14 81.43
CG MSE L 2 -4.50 21.65 81.13
SE MSE L 2 -2.70 21.02 81.65
CE MSE L 2 -1.67 22.69 81.04
N ASN L 3 -7.62 22.04 79.89
CA ASN L 3 -8.67 21.04 79.86
C ASN L 3 -8.37 19.88 78.95
N LYS L 4 -7.85 18.79 79.52
CA LYS L 4 -7.41 17.65 78.72
C LYS L 4 -8.57 16.84 78.10
N GLU L 5 -9.77 17.08 78.59
CA GLU L 5 -10.91 16.32 78.13
C GLU L 5 -11.36 16.77 76.73
N VAL L 6 -11.21 18.06 76.43
CA VAL L 6 -11.71 18.62 75.17
C VAL L 6 -10.65 19.41 74.33
N ASP L 7 -9.40 19.52 74.79
CA ASP L 7 -8.34 20.24 74.11
C ASP L 7 -7.14 19.35 73.86
N LEU L 8 -6.98 18.85 72.63
CA LEU L 8 -5.95 17.86 72.30
C LEU L 8 -4.54 18.41 72.40
N SER L 9 -4.40 19.74 72.32
CA SER L 9 -3.12 20.39 72.46
C SER L 9 -2.48 20.23 73.85
N VAL L 10 -3.28 19.97 74.86
CA VAL L 10 -2.80 19.63 76.19
C VAL L 10 -3.12 18.20 76.65
N SER L 11 -3.88 17.44 75.85
CA SER L 11 -4.37 16.13 76.28
C SER L 11 -3.36 15.01 76.07
N CYS L 12 -3.66 13.86 76.70
CA CYS L 12 -2.93 12.63 76.57
C CYS L 12 -3.91 11.47 76.48
N LEU L 13 -3.43 10.31 76.02
CA LEU L 13 -4.30 9.18 75.70
C LEU L 13 -5.03 8.66 76.92
N GLY L 14 -4.36 8.70 78.09
CA GLY L 14 -5.00 8.27 79.32
C GLY L 14 -6.24 9.04 79.70
N LYS L 15 -6.28 10.33 79.38
CA LYS L 15 -7.43 11.18 79.70
C LYS L 15 -8.54 10.97 78.68
N VAL L 16 -8.23 10.56 77.44
CA VAL L 16 -9.28 10.45 76.41
C VAL L 16 -9.83 9.05 76.09
N LYS L 17 -9.04 7.99 76.37
CA LYS L 17 -9.33 6.63 75.84
C LYS L 17 -10.63 5.95 76.30
N GLU L 18 -11.15 6.34 77.46
CA GLU L 18 -12.38 5.72 77.98
C GLU L 18 -13.64 6.59 77.78
N LEU L 19 -13.48 7.75 77.12
CA LEU L 19 -14.59 8.68 76.94
C LEU L 19 -15.13 8.57 75.51
N LYS L 20 -16.43 8.80 75.38
CA LYS L 20 -17.13 8.83 74.08
C LYS L 20 -17.10 10.27 73.55
N TYR L 21 -16.68 10.47 72.31
CA TYR L 21 -16.68 11.83 71.73
C TYR L 21 -17.68 11.90 70.60
N ASP L 22 -18.45 13.00 70.53
CA ASP L 22 -19.59 13.08 69.62
C ASP L 22 -19.21 13.86 68.37
N VAL L 23 -18.55 15.01 68.54
CA VAL L 23 -18.12 15.84 67.41
C VAL L 23 -16.63 16.19 67.52
N ILE L 24 -15.97 16.34 66.37
CA ILE L 24 -14.60 16.79 66.30
C ILE L 24 -14.63 18.21 65.78
N ILE L 25 -13.85 19.09 66.41
CA ILE L 25 -13.68 20.47 65.96
C ILE L 25 -12.24 20.65 65.53
N LEU L 26 -12.06 21.13 64.31
CA LEU L 26 -10.76 21.41 63.75
C LEU L 26 -10.60 22.92 63.56
N PRO L 27 -9.86 23.61 64.45
CA PRO L 27 -9.55 25.00 64.19
C PRO L 27 -8.61 25.05 63.00
N TRP L 28 -8.82 26.00 62.10
CA TRP L 28 -7.95 26.16 60.95
C TRP L 28 -7.63 27.64 60.80
N GLY L 29 -6.34 27.96 60.96
CA GLY L 29 -5.84 29.32 60.87
C GLY L 29 -4.93 29.57 59.71
N ALA L 30 -3.86 30.31 60.03
CA ALA L 30 -2.89 30.88 59.13
C ALA L 30 -1.67 31.31 59.95
N THR L 31 -0.51 31.36 59.30
CA THR L 31 0.69 32.03 59.81
C THR L 31 0.85 33.34 59.02
N GLU L 32 0.48 34.45 59.65
CA GLU L 32 0.19 35.67 58.92
C GLU L 32 0.45 36.88 59.81
N PRO L 33 1.17 37.88 59.30
CA PRO L 33 1.26 39.18 59.95
C PRO L 33 -0.12 39.78 60.15
N HIS L 34 -0.35 40.33 61.33
CA HIS L 34 -1.58 40.97 61.73
C HIS L 34 -1.31 42.38 62.26
N ASN L 35 -1.20 43.37 61.37
CA ASN L 35 -0.73 44.69 61.74
C ASN L 35 0.64 44.49 62.45
N LEU L 36 1.03 45.43 63.30
CA LEU L 36 2.30 45.34 63.95
C LEU L 36 2.23 44.62 65.29
N HIS L 37 1.04 44.43 65.84
CA HIS L 37 0.85 44.13 67.28
C HIS L 37 0.28 42.75 67.66
N LEU L 38 -0.45 42.12 66.75
CA LEU L 38 -1.07 40.85 67.04
C LEU L 38 -0.13 39.72 66.58
N PRO L 39 -0.20 38.55 67.26
CA PRO L 39 0.57 37.36 66.91
C PRO L 39 0.39 36.85 65.48
N TYR L 40 1.46 36.29 64.94
CA TYR L 40 1.44 35.64 63.64
C TYR L 40 0.45 34.50 63.65
N LEU L 41 0.21 33.89 64.82
CA LEU L 41 -0.73 32.77 64.94
C LEU L 41 -2.14 33.14 65.43
N THR L 42 -2.49 34.44 65.38
CA THR L 42 -3.83 34.92 65.75
C THR L 42 -4.96 34.05 65.20
N ASP L 43 -4.88 33.68 63.92
CA ASP L 43 -5.98 32.92 63.29
C ASP L 43 -6.07 31.49 63.71
N CYS L 44 -5.04 30.97 64.37
CA CYS L 44 -5.07 29.65 65.00
C CYS L 44 -5.63 29.73 66.43
N ILE L 45 -5.08 30.66 67.19
CA ILE L 45 -5.29 30.79 68.61
C ILE L 45 -6.74 31.14 68.92
N LEU L 46 -7.31 32.06 68.14
CA LEU L 46 -8.69 32.51 68.38
C LEU L 46 -9.75 31.43 68.16
N PRO L 47 -9.80 30.80 66.96
CA PRO L 47 -10.78 29.70 66.84
C PRO L 47 -10.50 28.56 67.80
N HIS L 48 -9.26 28.37 68.21
CA HIS L 48 -8.96 27.34 69.18
C HIS L 48 -9.58 27.63 70.52
N ASP L 49 -9.34 28.83 71.02
CA ASP L 49 -9.85 29.24 72.34
C ASP L 49 -11.36 29.31 72.37
N ILE L 50 -11.97 29.86 71.34
CA ILE L 50 -13.42 29.87 71.23
C ILE L 50 -14.00 28.45 71.19
N ALA L 51 -13.40 27.59 70.38
CA ALA L 51 -13.86 26.21 70.19
C ALA L 51 -13.79 25.40 71.49
N VAL L 52 -12.71 25.55 72.26
CA VAL L 52 -12.58 24.93 73.64
C VAL L 52 -13.65 25.45 74.63
N GLU L 53 -13.91 26.74 74.64
CA GLU L 53 -14.97 27.30 75.47
C GLU L 53 -16.33 26.70 75.06
N ALA L 54 -16.58 26.62 73.77
CA ALA L 54 -17.83 26.12 73.28
C ALA L 54 -18.00 24.65 73.58
N ALA L 55 -16.91 23.88 73.52
CA ALA L 55 -16.96 22.46 73.87
C ALA L 55 -17.20 22.28 75.36
N GLU L 56 -16.55 23.08 76.18
CA GLU L 56 -16.77 23.07 77.62
C GLU L 56 -18.23 23.37 77.99
N LEU L 57 -18.80 24.35 77.30
CA LEU L 57 -20.20 24.68 77.50
C LEU L 57 -21.10 23.52 77.05
N ALA L 58 -20.88 22.97 75.85
CA ALA L 58 -21.73 21.89 75.37
C ALA L 58 -21.68 20.70 76.31
N LEU L 59 -20.52 20.42 76.91
CA LEU L 59 -20.38 19.24 77.77
C LEU L 59 -21.10 19.42 79.10
N SER L 60 -20.94 20.60 79.72
CA SER L 60 -21.56 20.91 81.01
C SER L 60 -23.06 21.03 80.91
N ARG L 61 -23.53 21.61 79.80
CA ARG L 61 -24.93 21.90 79.60
C ARG L 61 -25.70 20.67 79.11
N SER L 62 -25.10 19.90 78.20
CA SER L 62 -25.82 18.81 77.52
C SER L 62 -25.25 17.43 77.70
N GLY L 63 -24.02 17.32 78.19
CA GLY L 63 -23.29 16.07 78.17
C GLY L 63 -22.75 15.68 76.79
N VAL L 64 -22.81 16.62 75.84
CA VAL L 64 -22.26 16.39 74.50
C VAL L 64 -20.77 16.66 74.56
N ARG L 65 -19.94 15.65 74.27
CA ARG L 65 -18.49 15.78 74.41
C ARG L 65 -17.80 15.88 73.04
N CYS L 66 -17.08 16.99 72.86
CA CYS L 66 -16.43 17.32 71.59
C CYS L 66 -14.92 17.43 71.82
N MSE L 67 -14.13 16.97 70.84
CA MSE L 67 -12.69 17.14 70.86
C MSE L 67 -12.23 18.28 69.94
O MSE L 67 -12.60 18.33 68.76
CB MSE L 67 -11.97 15.85 70.50
CG MSE L 67 -10.44 15.91 70.61
SE MSE L 67 -9.76 16.62 72.29
CE MSE L 67 -9.83 14.95 73.34
N VAL L 68 -11.49 19.22 70.51
CA VAL L 68 -10.87 20.30 69.75
C VAL L 68 -9.44 19.84 69.38
N MSE L 69 -9.23 19.65 68.09
CA MSE L 69 -7.97 19.23 67.55
C MSE L 69 -6.97 20.39 67.52
O MSE L 69 -7.36 21.55 67.66
CB MSE L 69 -8.17 18.70 66.12
CG MSE L 69 -9.11 17.53 65.99
SE MSE L 69 -8.42 15.91 66.83
CE MSE L 69 -6.85 15.52 65.54
N PRO L 70 -5.65 20.08 67.36
CA PRO L 70 -4.66 21.13 67.19
C PRO L 70 -4.94 22.02 65.97
N PRO L 71 -4.75 23.33 66.09
CA PRO L 71 -5.03 24.18 64.96
C PRO L 71 -4.09 23.93 63.77
N VAL L 72 -4.65 24.06 62.58
CA VAL L 72 -3.88 23.97 61.35
C VAL L 72 -3.36 25.38 61.05
N PRO L 73 -2.03 25.56 61.04
CA PRO L 73 -1.50 26.91 60.79
C PRO L 73 -1.29 27.29 59.31
N PHE L 74 -1.99 26.64 58.39
CA PHE L 74 -1.70 26.71 56.96
C PHE L 74 -2.85 27.36 56.21
N GLY L 75 -2.74 28.68 55.98
CA GLY L 75 -3.82 29.45 55.41
C GLY L 75 -3.50 29.77 53.97
N ALA L 76 -4.51 30.17 53.20
CA ALA L 76 -4.31 30.66 51.82
C ALA L 76 -4.23 32.20 51.86
N HIS L 77 -3.23 32.77 51.20
CA HIS L 77 -2.95 34.22 51.28
C HIS L 77 -3.01 34.92 49.94
N ASN L 78 -2.89 36.24 50.01
CA ASN L 78 -3.12 37.12 48.89
C ASN L 78 -1.79 37.64 48.34
N PRO L 79 -1.84 38.15 47.11
CA PRO L 79 -0.65 38.80 46.59
C PRO L 79 -0.14 39.86 47.56
N GLY L 80 1.18 39.90 47.73
CA GLY L 80 1.83 40.86 48.62
C GLY L 80 1.96 40.40 50.07
N GLN L 81 1.21 39.37 50.48
CA GLN L 81 1.39 38.89 51.85
C GLN L 81 2.58 37.95 51.97
N ARG L 82 2.83 37.19 50.89
CA ARG L 82 3.84 36.16 50.86
C ARG L 82 5.28 36.70 51.00
N GLU L 83 5.49 37.94 50.57
CA GLU L 83 6.78 38.63 50.68
C GLU L 83 7.01 39.23 52.07
N LEU L 84 6.00 39.29 52.93
CA LEU L 84 6.18 39.64 54.33
C LEU L 84 6.82 38.50 55.11
N PRO L 85 7.77 38.83 56.00
CA PRO L 85 8.54 37.81 56.66
C PRO L 85 7.66 36.84 57.47
N PHE L 86 7.91 35.56 57.27
CA PHE L 86 7.27 34.47 58.01
C PHE L 86 5.81 34.20 57.69
N CYS L 87 5.27 34.87 56.67
CA CYS L 87 3.92 34.61 56.16
C CYS L 87 3.97 33.41 55.25
N ILE L 88 3.24 32.36 55.57
CA ILE L 88 3.29 31.11 54.77
C ILE L 88 2.01 30.90 53.95
N HIS L 89 2.11 31.08 52.64
CA HIS L 89 1.00 30.79 51.74
C HIS L 89 0.89 29.28 51.46
N THR L 90 -0.30 28.74 51.65
CA THR L 90 -0.58 27.33 51.44
C THR L 90 -1.45 27.18 50.22
N ARG L 91 -1.06 26.34 49.26
CA ARG L 91 -1.90 26.13 48.10
C ARG L 91 -3.12 25.37 48.52
N TYR L 92 -4.20 25.57 47.76
CA TYR L 92 -5.45 24.87 47.99
C TYR L 92 -5.23 23.35 48.02
N ALA L 93 -4.46 22.84 47.06
CA ALA L 93 -4.22 21.40 46.95
C ALA L 93 -3.45 20.89 48.18
N THR L 94 -2.66 21.75 48.82
CA THR L 94 -1.95 21.39 50.05
C THR L 94 -2.92 21.26 51.21
N GLN L 95 -3.74 22.29 51.38
CA GLN L 95 -4.82 22.27 52.35
C GLN L 95 -5.72 21.04 52.15
N GLN L 96 -6.11 20.76 50.90
CA GLN L 96 -6.95 19.60 50.64
C GLN L 96 -6.28 18.30 51.03
N ALA L 97 -5.00 18.19 50.79
CA ALA L 97 -4.25 16.99 51.17
C ALA L 97 -4.22 16.85 52.68
N ILE L 98 -4.04 17.97 53.38
CA ILE L 98 -4.14 17.98 54.86
C ILE L 98 -5.51 17.48 55.33
N LEU L 99 -6.59 18.08 54.85
CA LEU L 99 -7.94 17.71 55.31
C LEU L 99 -8.25 16.27 54.98
N GLU L 100 -7.84 15.80 53.79
CA GLU L 100 -7.99 14.38 53.43
C GLU L 100 -7.36 13.44 54.46
N ASP L 101 -6.13 13.76 54.88
CA ASP L 101 -5.40 12.94 55.85
C ASP L 101 -6.05 12.98 57.24
N ILE L 102 -6.52 14.14 57.67
CA ILE L 102 -7.28 14.27 58.92
C ILE L 102 -8.60 13.43 58.86
N VAL L 103 -9.38 13.59 57.80
CA VAL L 103 -10.65 12.91 57.68
C VAL L 103 -10.45 11.40 57.60
N SER L 104 -9.45 10.97 56.86
CA SER L 104 -9.15 9.54 56.74
C SER L 104 -8.83 8.90 58.07
N SER L 105 -8.02 9.57 58.90
CA SER L 105 -7.66 9.03 60.20
C SER L 105 -8.88 9.03 61.13
N LEU L 106 -9.64 10.12 61.16
CA LEU L 106 -10.79 10.24 62.06
C LEU L 106 -11.88 9.22 61.70
N HIS L 107 -12.07 8.99 60.42
CA HIS L 107 -13.03 8.00 59.94
C HIS L 107 -12.67 6.58 60.38
N VAL L 108 -11.41 6.21 60.22
CA VAL L 108 -10.86 4.94 60.69
C VAL L 108 -11.10 4.77 62.20
N GLN L 109 -11.01 5.87 62.94
CA GLN L 109 -11.24 5.87 64.37
C GLN L 109 -12.74 5.79 64.75
N GLY L 110 -13.65 5.87 63.79
CA GLY L 110 -15.10 5.73 64.04
C GLY L 110 -15.85 7.06 64.15
N PHE L 111 -15.16 8.17 63.97
CA PHE L 111 -15.78 9.48 64.04
C PHE L 111 -16.47 9.80 62.73
N ARG L 112 -17.59 10.52 62.81
CA ARG L 112 -18.47 10.77 61.69
C ARG L 112 -18.99 12.19 61.61
N LYS L 113 -18.49 13.09 62.44
CA LYS L 113 -18.96 14.46 62.43
C LYS L 113 -17.79 15.40 62.73
N LEU L 114 -17.62 16.41 61.88
CA LEU L 114 -16.50 17.35 62.00
C LEU L 114 -16.96 18.77 61.67
N LEU L 115 -16.57 19.71 62.49
CA LEU L 115 -16.73 21.12 62.17
C LEU L 115 -15.34 21.71 62.02
N ILE L 116 -15.10 22.35 60.88
CA ILE L 116 -13.91 23.12 60.62
C ILE L 116 -14.24 24.54 61.07
N LEU L 117 -13.56 25.02 62.09
CA LEU L 117 -13.79 26.37 62.59
C LEU L 117 -12.59 27.20 62.17
N SER L 118 -12.78 28.00 61.13
CA SER L 118 -11.67 28.77 60.55
C SER L 118 -11.47 30.11 61.26
N GLY L 119 -10.21 30.51 61.45
CA GLY L 119 -9.88 31.86 61.88
C GLY L 119 -9.39 32.76 60.77
N HIS L 120 -9.32 32.26 59.54
CA HIS L 120 -8.78 33.03 58.42
C HIS L 120 -9.73 32.99 57.22
N GLY L 121 -10.23 34.16 56.83
CA GLY L 121 -11.24 34.29 55.79
C GLY L 121 -10.73 33.92 54.42
N GLY L 122 -9.44 33.98 54.20
CA GLY L 122 -8.84 33.47 52.97
C GLY L 122 -8.97 31.97 52.78
N ASN L 123 -9.30 31.26 53.85
CA ASN L 123 -9.55 29.81 53.77
C ASN L 123 -10.96 29.57 53.25
N ASN L 124 -11.06 28.71 52.22
CA ASN L 124 -12.34 28.28 51.64
C ASN L 124 -12.40 26.74 51.60
N PHE L 125 -13.40 26.16 52.24
CA PHE L 125 -13.51 24.73 52.42
C PHE L 125 -14.66 24.10 51.68
N LYS L 126 -15.49 24.86 50.99
CA LYS L 126 -16.72 24.27 50.42
C LYS L 126 -16.44 23.17 49.40
N GLY L 127 -15.52 23.46 48.47
CA GLY L 127 -15.08 22.51 47.44
C GLY L 127 -14.45 21.23 47.98
N MSE L 128 -13.62 21.39 48.99
CA MSE L 128 -13.02 20.24 49.70
C MSE L 128 -14.08 19.39 50.33
O MSE L 128 -13.99 18.17 50.32
CB MSE L 128 -12.11 20.76 50.83
CG MSE L 128 -10.93 21.52 50.35
SE MSE L 128 -9.76 21.94 51.84
CE MSE L 128 -9.03 23.52 51.12
N ILE L 129 -15.05 20.04 50.95
CA ILE L 129 -16.13 19.34 51.67
C ILE L 129 -16.99 18.58 50.67
N ARG L 130 -17.25 19.20 49.51
CA ARG L 130 -18.04 18.53 48.47
C ARG L 130 -17.39 17.27 47.94
N ASP L 131 -16.10 17.36 47.65
CA ASP L 131 -15.34 16.21 47.12
C ASP L 131 -15.24 15.09 48.19
N LEU L 132 -15.11 15.49 49.45
CA LEU L 132 -15.05 14.51 50.54
C LEU L 132 -16.39 13.83 50.79
N ALA L 133 -17.48 14.53 50.51
CA ALA L 133 -18.83 14.00 50.73
C ALA L 133 -19.07 12.77 49.88
N PHE L 134 -18.47 12.74 48.71
CA PHE L 134 -18.59 11.58 47.82
C PHE L 134 -17.60 10.49 48.20
N GLU L 135 -16.43 10.85 48.74
CA GLU L 135 -15.46 9.85 49.20
C GLU L 135 -15.92 9.21 50.51
N TYR L 136 -16.45 10.03 51.42
CA TYR L 136 -16.93 9.56 52.74
C TYR L 136 -18.40 9.97 52.95
N PRO L 137 -19.33 9.27 52.32
CA PRO L 137 -20.73 9.72 52.38
C PRO L 137 -21.34 9.68 53.78
N ASP L 138 -20.71 8.96 54.69
CA ASP L 138 -21.21 8.84 56.06
C ASP L 138 -20.57 9.82 57.04
N PHE L 139 -19.74 10.73 56.56
CA PHE L 139 -18.95 11.62 57.40
C PHE L 139 -19.44 13.05 57.14
N LEU L 140 -20.04 13.64 58.15
CA LEU L 140 -20.59 14.99 58.03
C LEU L 140 -19.51 15.98 58.37
N ILE L 141 -19.29 16.93 57.45
CA ILE L 141 -18.32 18.00 57.61
C ILE L 141 -19.03 19.34 57.41
N ALA L 142 -18.87 20.22 58.40
CA ALA L 142 -19.39 21.58 58.37
C ALA L 142 -18.22 22.51 58.47
N ALA L 143 -18.44 23.76 58.06
CA ALA L 143 -17.42 24.81 58.06
C ALA L 143 -17.98 26.16 58.48
N ALA L 144 -17.29 26.87 59.36
CA ALA L 144 -17.68 28.21 59.78
C ALA L 144 -16.46 29.08 60.05
N ASN L 145 -16.52 30.37 59.72
CA ASN L 145 -15.55 31.34 60.25
C ASN L 145 -16.08 31.78 61.62
N TRP L 146 -15.25 31.74 62.66
CA TRP L 146 -15.71 32.10 64.03
C TRP L 146 -16.20 33.56 64.04
N PHE L 147 -15.61 34.38 63.19
CA PHE L 147 -15.88 35.80 63.22
C PHE L 147 -17.14 36.15 62.43
N GLU L 148 -17.82 35.16 61.86
CA GLU L 148 -19.08 35.38 61.16
C GLU L 148 -20.26 34.80 61.94
N VAL L 149 -20.02 34.13 63.05
CA VAL L 149 -21.12 33.52 63.83
C VAL L 149 -22.08 34.65 64.34
N VAL L 150 -21.48 35.73 64.86
CA VAL L 150 -22.22 36.86 65.40
C VAL L 150 -21.75 38.13 64.68
N SER L 151 -22.70 38.97 64.27
CA SER L 151 -22.41 40.26 63.67
C SER L 151 -21.69 41.15 64.65
N PRO L 152 -20.70 41.90 64.17
CA PRO L 152 -19.97 42.81 65.04
C PRO L 152 -20.76 44.07 65.49
N LYS L 153 -21.94 44.32 64.88
CA LYS L 153 -22.76 45.50 65.19
C LYS L 153 -23.18 45.56 66.65
N GLY L 154 -22.83 46.65 67.32
CA GLY L 154 -23.19 46.79 68.70
C GLY L 154 -22.05 46.35 69.60
N TYR L 155 -21.08 45.59 69.07
CA TYR L 155 -19.93 45.18 69.90
C TYR L 155 -18.65 46.05 69.68
N PHE L 156 -18.45 46.53 68.44
CA PHE L 156 -17.25 47.26 68.04
C PHE L 156 -17.63 48.57 67.34
N GLU L 157 -16.75 49.57 67.45
CA GLU L 157 -17.00 50.91 66.92
C GLU L 157 -16.48 51.08 65.50
N ALA L 158 -15.22 50.68 65.27
CA ALA L 158 -14.55 50.79 63.96
C ALA L 158 -15.47 50.23 62.91
N GLU L 159 -15.56 50.95 61.79
CA GLU L 159 -16.44 50.57 60.69
C GLU L 159 -15.71 49.57 59.79
N ILE L 160 -14.46 49.89 59.42
CA ILE L 160 -13.63 48.97 58.67
C ILE L 160 -12.88 48.10 59.68
N ASP L 161 -13.01 46.80 59.50
CA ASP L 161 -12.45 45.83 60.41
C ASP L 161 -12.34 44.49 59.69
N ASP L 162 -11.39 44.39 58.76
CA ASP L 162 -11.25 43.15 57.98
C ASP L 162 -10.11 42.24 58.45
N HIS L 163 -9.02 42.81 58.95
CA HIS L 163 -7.91 42.00 59.39
C HIS L 163 -7.07 42.71 60.42
N ALA L 164 -6.92 42.06 61.59
CA ALA L 164 -6.13 42.60 62.73
C ALA L 164 -6.70 43.94 63.24
N GLY L 165 -8.02 44.12 63.06
CA GLY L 165 -8.73 45.33 63.48
C GLY L 165 -9.27 45.18 64.90
N GLU L 166 -10.34 45.90 65.20
CA GLU L 166 -10.81 46.07 66.58
C GLU L 166 -11.34 44.76 67.18
N SER L 167 -12.03 43.98 66.34
CA SER L 167 -12.62 42.71 66.80
C SER L 167 -11.57 41.66 67.11
N GLU L 168 -10.68 41.36 66.17
CA GLU L 168 -9.59 40.42 66.46
C GLU L 168 -8.70 40.89 67.61
N THR L 169 -8.35 42.18 67.61
CA THR L 169 -7.52 42.72 68.69
C THR L 169 -8.18 42.57 70.06
N SER L 170 -9.48 42.88 70.11
CA SER L 170 -10.26 42.82 71.34
C SER L 170 -10.35 41.40 71.85
N VAL L 171 -10.64 40.47 70.94
CA VAL L 171 -10.75 39.04 71.32
C VAL L 171 -9.40 38.48 71.80
N MSE L 172 -8.31 38.83 71.13
CA MSE L 172 -6.96 38.45 71.59
C MSE L 172 -6.63 39.06 72.98
O MSE L 172 -6.06 38.39 73.82
CB MSE L 172 -5.90 38.83 70.54
CG MSE L 172 -4.47 38.35 70.86
SE MSE L 172 -4.34 36.38 70.99
CE MSE L 172 -4.53 36.14 69.12
N MSE L 173 -6.98 40.33 73.20
CA MSE L 173 -6.75 41.00 74.51
C MSE L 173 -7.50 40.28 75.62
O MSE L 173 -6.97 40.14 76.70
CB MSE L 173 -7.12 42.48 74.46
CG MSE L 173 -6.14 43.34 73.67
SE MSE L 173 -6.82 45.13 73.33
CE MSE L 173 -6.33 46.04 75.01
N HIS L 174 -8.71 39.81 75.30
CA HIS L 174 -9.48 38.97 76.23
C HIS L 174 -8.77 37.66 76.52
N TYR L 175 -8.56 36.84 75.50
CA TYR L 175 -7.97 35.51 75.71
C TYR L 175 -6.47 35.50 76.07
N HIS L 176 -5.66 36.30 75.37
CA HIS L 176 -4.24 36.31 75.63
C HIS L 176 -3.70 37.72 75.68
N PRO L 177 -3.95 38.42 76.80
CA PRO L 177 -3.47 39.82 76.85
C PRO L 177 -1.93 39.93 76.78
N GLU L 178 -1.22 38.93 77.27
CA GLU L 178 0.25 38.92 77.21
C GLU L 178 0.83 38.88 75.81
N LEU L 179 0.02 38.48 74.83
CA LEU L 179 0.52 38.30 73.46
C LEU L 179 0.25 39.53 72.60
N VAL L 180 -0.41 40.54 73.15
CA VAL L 180 -0.75 41.71 72.37
C VAL L 180 -0.47 42.99 73.16
N ASN L 181 0.33 43.88 72.57
CA ASN L 181 0.54 45.26 73.09
C ASN L 181 -0.12 46.23 72.11
N LEU L 182 -1.25 46.82 72.51
CA LEU L 182 -2.06 47.63 71.59
C LEU L 182 -1.32 48.89 71.17
N ALA L 183 -0.42 49.37 72.03
CA ALA L 183 0.37 50.59 71.79
C ALA L 183 1.24 50.53 70.54
N GLU L 184 1.63 49.31 70.17
CA GLU L 184 2.47 49.06 69.00
C GLU L 184 1.70 49.06 67.68
N ALA L 185 0.36 49.02 67.74
CA ALA L 185 -0.47 48.88 66.54
C ALA L 185 -0.29 50.09 65.60
N GLY L 186 -0.29 49.86 64.29
CA GLY L 186 -0.44 50.94 63.31
C GLY L 186 -1.95 51.16 63.09
N ASP L 187 -2.30 52.17 62.31
CA ASP L 187 -3.72 52.54 62.09
CA ASP L 187 -3.72 52.55 62.10
C ASP L 187 -4.51 51.58 61.20
N GLY L 188 -3.82 50.66 60.52
CA GLY L 188 -4.46 49.73 59.57
C GLY L 188 -5.15 50.43 58.39
N GLU L 189 -4.53 51.48 57.84
CA GLU L 189 -5.11 52.17 56.69
C GLU L 189 -5.05 51.23 55.49
N SER L 190 -6.17 51.17 54.76
CA SER L 190 -6.30 50.37 53.53
C SER L 190 -6.62 51.26 52.31
N LYS L 191 -6.12 50.87 51.14
CA LYS L 191 -6.43 51.56 49.88
C LYS L 191 -7.28 50.63 49.00
N PRO L 192 -8.28 51.20 48.32
CA PRO L 192 -9.16 50.34 47.53
C PRO L 192 -8.57 50.10 46.12
N PHE L 193 -9.27 49.36 45.28
CA PHE L 193 -8.87 49.18 43.89
C PHE L 193 -9.12 50.46 43.05
N ALA L 194 -8.41 50.58 41.93
CA ALA L 194 -8.65 51.62 40.92
C ALA L 194 -9.80 51.22 39.94
N ILE L 195 -10.23 49.95 40.01
CA ILE L 195 -11.37 49.47 39.23
C ILE L 195 -12.61 49.60 40.12
N ALA L 196 -13.44 50.61 39.84
CA ALA L 196 -14.63 50.93 40.67
C ALA L 196 -15.53 49.73 40.94
N SER L 197 -15.89 49.01 39.87
CA SER L 197 -16.80 47.85 39.96
C SER L 197 -16.33 46.77 40.93
N LEU L 198 -15.00 46.63 41.08
CA LEU L 198 -14.44 45.71 42.07
C LEU L 198 -14.65 46.19 43.49
N ASN L 199 -14.54 47.49 43.71
CA ASN L 199 -14.87 48.08 45.02
C ASN L 199 -16.38 47.96 45.33
N GLU L 200 -17.20 48.00 44.27
CA GLU L 200 -18.65 47.83 44.37
C GLU L 200 -19.05 46.37 44.45
N LYS L 201 -18.06 45.48 44.37
CA LYS L 201 -18.26 44.02 44.51
C LYS L 201 -19.05 43.38 43.37
N VAL L 202 -18.97 43.97 42.19
CA VAL L 202 -19.57 43.36 40.99
C VAL L 202 -18.86 42.04 40.68
N ALA L 203 -17.54 42.02 40.89
CA ALA L 203 -16.73 40.80 40.82
C ALA L 203 -15.68 40.84 41.91
N TRP L 204 -15.11 39.67 42.22
CA TRP L 204 -14.09 39.49 43.25
C TRP L 204 -12.69 39.36 42.64
N VAL L 205 -11.75 40.16 43.16
CA VAL L 205 -10.29 40.00 42.96
C VAL L 205 -9.67 40.00 44.38
N PRO L 206 -8.60 39.20 44.59
CA PRO L 206 -7.98 39.37 45.90
C PRO L 206 -7.28 40.73 46.05
N ARG L 207 -7.42 41.29 47.25
CA ARG L 207 -6.70 42.48 47.66
C ARG L 207 -5.18 42.22 47.59
N HIS L 208 -4.43 43.16 47.05
CA HIS L 208 -2.96 43.07 47.04
C HIS L 208 -2.45 43.80 48.26
N TRP L 209 -1.82 43.08 49.16
CA TRP L 209 -1.39 43.66 50.43
C TRP L 209 -0.28 44.72 50.30
N ASP L 210 0.66 44.47 49.38
CA ASP L 210 1.72 45.43 49.06
C ASP L 210 1.18 46.80 48.58
N LYS L 211 0.01 46.81 47.93
CA LYS L 211 -0.57 48.02 47.39
C LYS L 211 -1.63 48.63 48.30
N ALA L 212 -2.31 47.78 49.06
CA ALA L 212 -3.53 48.15 49.75
C ALA L 212 -3.35 48.48 51.22
N THR L 213 -2.23 48.09 51.82
CA THR L 213 -2.00 48.18 53.26
CA THR L 213 -2.04 48.39 53.23
C THR L 213 -0.60 48.74 53.49
N VAL L 214 -0.38 49.35 54.65
CA VAL L 214 0.89 49.95 55.02
C VAL L 214 1.55 49.10 56.14
N ASP L 215 0.79 48.71 57.15
CA ASP L 215 1.32 47.94 58.29
C ASP L 215 0.88 46.45 58.32
N SER L 216 0.18 46.05 57.27
CA SER L 216 -0.41 44.69 57.08
C SER L 216 -1.82 44.54 57.65
N GLY L 217 -2.28 45.52 58.43
CA GLY L 217 -3.61 45.50 58.94
C GLY L 217 -4.59 46.14 57.97
N VAL L 218 -5.86 45.77 58.15
CA VAL L 218 -7.00 46.37 57.43
C VAL L 218 -8.09 46.70 58.46
N GLY L 219 -8.02 47.92 58.97
CA GLY L 219 -8.98 48.41 59.96
C GLY L 219 -8.25 48.86 61.21
N ASN L 220 -8.71 49.96 61.79
CA ASN L 220 -8.03 50.58 62.91
C ASN L 220 -8.41 49.83 64.17
N PRO L 221 -7.40 49.29 64.90
CA PRO L 221 -7.62 48.49 66.11
C PRO L 221 -7.62 49.28 67.41
N LYS L 222 -7.46 50.60 67.33
CA LYS L 222 -7.02 51.40 68.47
C LYS L 222 -8.06 51.51 69.56
N LYS L 223 -9.33 51.33 69.20
CA LYS L 223 -10.39 51.32 70.20
C LYS L 223 -10.65 49.94 70.82
N ALA L 224 -9.76 48.99 70.56
CA ALA L 224 -9.86 47.65 71.14
C ALA L 224 -9.69 47.61 72.66
N THR L 225 -10.51 46.80 73.31
CA THR L 225 -10.31 46.50 74.71
C THR L 225 -10.60 45.04 75.00
N ALA L 226 -10.05 44.51 76.08
CA ALA L 226 -10.30 43.13 76.52
C ALA L 226 -11.78 42.90 76.82
N GLU L 227 -12.46 43.92 77.34
CA GLU L 227 -13.85 43.83 77.75
C GLU L 227 -14.76 43.65 76.54
N LYS L 228 -14.49 44.42 75.49
CA LYS L 228 -15.22 44.30 74.23
C LYS L 228 -15.08 42.89 73.64
N GLY L 229 -13.92 42.29 73.84
CA GLY L 229 -13.62 40.94 73.37
C GLY L 229 -14.37 39.89 74.15
N GLU L 230 -14.34 40.04 75.48
CA GLU L 230 -15.03 39.13 76.38
C GLU L 230 -16.51 39.10 76.08
N ARG L 231 -17.06 40.27 75.74
CA ARG L 231 -18.48 40.42 75.52
C ARG L 231 -18.89 39.80 74.19
N TYR L 232 -18.12 40.05 73.12
CA TYR L 232 -18.36 39.47 71.78
C TYR L 232 -18.31 37.94 71.71
N VAL L 233 -17.32 37.32 72.37
CA VAL L 233 -17.18 35.88 72.30
C VAL L 233 -18.28 35.13 73.02
N LYS L 234 -19.03 35.77 73.94
CA LYS L 234 -20.09 35.02 74.67
C LYS L 234 -21.19 34.44 73.79
N PRO L 235 -21.82 35.28 72.94
CA PRO L 235 -22.82 34.74 72.01
C PRO L 235 -22.25 33.76 70.97
N ILE L 236 -20.99 33.96 70.57
CA ILE L 236 -20.28 33.09 69.59
C ILE L 236 -20.11 31.72 70.21
N VAL L 237 -19.55 31.69 71.40
CA VAL L 237 -19.42 30.46 72.16
C VAL L 237 -20.76 29.78 72.36
N GLU L 238 -21.81 30.54 72.66
CA GLU L 238 -23.14 29.95 72.88
C GLU L 238 -23.76 29.37 71.61
N LYS L 239 -23.66 30.08 70.50
CA LYS L 239 -24.14 29.60 69.20
C LYS L 239 -23.42 28.33 68.73
N LEU L 240 -22.10 28.31 68.85
CA LEU L 240 -21.33 27.12 68.48
C LEU L 240 -21.64 25.93 69.38
N ALA L 241 -21.71 26.13 70.70
CA ALA L 241 -22.14 25.03 71.60
C ALA L 241 -23.48 24.43 71.15
N GLY L 242 -24.44 25.29 70.83
CA GLY L 242 -25.74 24.81 70.30
C GLY L 242 -25.61 23.97 69.05
N LEU L 243 -24.76 24.42 68.11
CA LEU L 243 -24.46 23.65 66.88
C LEU L 243 -23.85 22.30 67.18
N PHE L 244 -22.89 22.27 68.09
CA PHE L 244 -22.24 21.02 68.49
C PHE L 244 -23.28 20.04 69.02
N GLU L 245 -24.14 20.53 69.93
CA GLU L 245 -25.21 19.74 70.53
C GLU L 245 -26.16 19.18 69.46
N GLU L 246 -26.65 20.04 68.58
CA GLU L 246 -27.53 19.63 67.47
C GLU L 246 -26.88 18.64 66.49
N MSE L 247 -25.60 18.85 66.15
CA MSE L 247 -24.82 17.89 65.35
C MSE L 247 -24.70 16.52 66.01
O MSE L 247 -24.78 15.47 65.33
CB MSE L 247 -23.40 18.42 65.09
CG MSE L 247 -23.35 19.46 64.00
SE MSE L 247 -21.56 20.26 63.71
CE MSE L 247 -20.77 18.74 62.67
N ALA L 248 -24.52 16.53 67.34
CA ALA L 248 -24.49 15.33 68.15
C ALA L 248 -25.87 14.62 68.25
N GLN L 249 -26.95 15.40 68.32
CA GLN L 249 -28.26 14.84 68.62
C GLN L 249 -29.23 14.67 67.44
N HIS L 250 -28.88 15.17 66.25
CA HIS L 250 -29.73 15.03 65.05
C HIS L 250 -28.96 14.60 63.82
N ASP L 251 -29.61 13.84 62.97
CA ASP L 251 -29.10 13.57 61.63
C ASP L 251 -29.28 14.83 60.77
N LEU L 252 -28.49 14.94 59.71
CA LEU L 252 -28.56 16.11 58.84
C LEU L 252 -29.99 16.39 58.38
N TYR L 253 -30.69 15.32 58.00
CA TYR L 253 -32.07 15.35 57.57
C TYR L 253 -32.87 14.29 58.34
N GLU L 254 -34.09 14.60 58.73
CA GLU L 254 -34.90 13.66 59.53
C GLU L 254 -36.33 13.44 58.96
ZN ZN M . -14.03 -7.76 -19.68
ZN ZN N . -15.92 -5.46 -18.10
CA CA O . -1.29 14.02 -12.12
CL CL P . -8.05 -14.93 -15.87
ZN ZN Q . -17.39 4.56 -46.96
ZN ZN R . -20.26 6.38 -46.27
C1 EDO S . -18.03 -7.65 -32.33
O1 EDO S . -18.28 -6.59 -31.41
C2 EDO S . -18.28 -7.12 -33.73
O2 EDO S . -19.66 -7.24 -34.05
CL CL T . -12.86 3.46 -56.06
ZN ZN U . -14.15 -19.78 -63.77
ZN ZN V . -14.46 -19.98 -67.15
CA CA W . -10.92 3.25 -76.61
C1 EDO X . -15.26 -29.19 -50.40
O1 EDO X . -15.40 -29.71 -49.08
C2 EDO X . -16.59 -29.00 -51.09
O2 EDO X . -16.35 -28.70 -52.48
C1 EDO Y . 2.90 -15.57 -63.47
O1 EDO Y . 2.94 -14.39 -64.28
C2 EDO Y . 3.90 -16.57 -64.05
O2 EDO Y . 5.22 -16.05 -64.02
CL CL Z . -21.30 -17.49 -57.13
ZN ZN AA . 15.86 -22.69 -63.33
ZN ZN BA . 16.10 -24.18 -66.33
CA CA CA . 26.85 -7.64 -64.29
CA CA DA . 12.54 -48.67 -62.32
C1 EDO EA . -8.63 -30.98 -47.00
O1 EDO EA . -8.33 -29.82 -46.19
C2 EDO EA . -9.11 -32.15 -46.16
O2 EDO EA . -9.66 -33.23 -46.93
C1 EDO FA . 17.22 -7.33 -56.53
O1 EDO FA . 17.16 -5.91 -56.27
C2 EDO FA . 17.60 -7.58 -57.96
O2 EDO FA . 18.13 -8.89 -58.09
CL CL GA . 23.07 -21.00 -56.36
ZN ZN HA . 19.39 -34.58 -36.23
ZN ZN IA . 22.25 -35.58 -34.72
CA CA JA . 8.51 -49.62 -35.31
CA CA KA . 40.91 -23.12 -46.51
C1 EDO LA . 19.56 -16.92 -29.87
O1 EDO LA . 20.42 -16.92 -28.73
C2 EDO LA . 20.02 -18.02 -30.82
O2 EDO LA . 21.27 -17.65 -31.43
CL CL MA . 5.05 -38.58 -35.14
CL CL NA . 14.91 -38.36 -44.44
ZN ZN OA . 15.83 -9.99 -19.06
ZN ZN PA . 17.82 -11.10 -16.48
CA CA QA . 3.07 -25.30 -1.69
CL CL RA . 9.95 -1.92 -19.38
ZN ZN SA . -26.36 25.19 39.08
ZN ZN TA . -28.67 26.99 37.33
CA CA UA . -20.69 50.98 36.51
C1 EDO VA . -13.02 27.12 27.58
O1 EDO VA . -13.46 28.45 27.31
C2 EDO VA . -13.32 26.29 26.35
O2 EDO VA . -12.42 26.62 25.28
CL CL WA . -25.58 23.97 49.10
ZN ZN XA . -8.15 19.73 15.51
ZN ZN YA . -10.65 20.18 13.20
CL CL ZA . 1.06 16.34 14.37
ZN ZN AB . 4.25 -5.86 24.52
ZN ZN BB . 6.41 -7.86 22.82
CA CA CB . -9.28 -17.34 30.03
CA CA DB . 17.14 6.65 5.36
CL CL EB . -5.52 -3.78 22.33
ZN ZN FB . 24.38 5.04 44.03
ZN ZN GB . 26.62 2.44 43.69
CA CA HB . 19.49 -16.02 59.57
C1 EDO IB . 9.56 -3.94 38.03
O1 EDO IB . 10.80 -4.54 38.39
C2 EDO IB . 9.53 -3.64 36.53
O2 EDO IB . 10.15 -4.69 35.80
CL CL JB . 24.56 12.56 50.89
ZN ZN KB . 6.56 10.29 67.55
ZN ZN LB . 7.43 11.34 70.61
C1 EDO MB . 3.69 27.45 59.71
O1 EDO MB . 2.93 27.73 60.88
C2 EDO MB . 4.40 26.12 59.93
O2 EDO MB . 5.67 26.37 60.49
C1 EDO NB . -5.42 1.84 60.12
O1 EDO NB . -6.54 1.01 59.80
C2 EDO NB . -4.43 1.15 61.04
O2 EDO NB . -4.69 1.57 62.37
CL CL OB . 9.11 1.61 63.14
ZN ZN PB . -6.13 35.94 58.41
ZN ZN QB . -6.70 37.14 61.63
CA CA RB . -28.80 27.74 69.12
C1 EDO SB . -4.38 18.74 62.98
O1 EDO SB . -5.45 19.11 63.85
C2 EDO SB . -3.64 17.54 63.57
O2 EDO SB . -2.96 17.96 64.75
CL CL TB . -9.48 39.72 49.65
#